data_7ZAX
#
_entry.id   7ZAX
#
loop_
_entity.id
_entity.type
_entity.pdbx_description
1 polymer 'Lipopolysaccharide export system protein LptA'
2 polymer 'Thanatin-like derivative'
#
loop_
_entity_poly.entity_id
_entity_poly.type
_entity_poly.pdbx_seq_one_letter_code
_entity_poly.pdbx_strand_id
1 'polypeptide(L)'
;GKTGDTDQPIHIESDQQSLDMQGNVVTFTGNVVVTQGTIKINADKVVVTRPGNEKGKEVIEGFGNPATFYQMQDNGKPVK
GRASKMRYELQNDYVVLTGNAYLEQLDSNIKGDKITYLVKEQKMQAFSDKGRR
;
A
2 'polypeptide(L)' (EU0)(HYP)ITY(LE1)NR(DAB)T(4FO)KC(DAB)RY B
#
# COMPACT_ATOMS: atom_id res chain seq x y z
N GLY A 1 -4.73 -8.02 -18.80
CA GLY A 1 -3.58 -7.45 -18.09
C GLY A 1 -2.37 -8.27 -18.45
N LYS A 2 -1.62 -8.73 -17.46
CA LYS A 2 -0.84 -9.98 -17.54
C LYS A 2 -1.63 -11.09 -16.84
N THR A 3 -0.93 -12.13 -16.37
CA THR A 3 -1.50 -13.26 -15.62
C THR A 3 -0.80 -13.38 -14.27
N GLY A 4 -1.58 -13.55 -13.19
CA GLY A 4 -1.10 -13.62 -11.80
C GLY A 4 -1.81 -12.64 -10.86
N ASP A 5 -2.42 -11.59 -11.42
CA ASP A 5 -3.11 -10.47 -10.74
C ASP A 5 -4.36 -10.86 -9.91
N THR A 6 -4.73 -12.14 -9.90
CA THR A 6 -5.77 -12.76 -9.06
C THR A 6 -5.42 -14.19 -8.59
N ASP A 7 -4.16 -14.60 -8.76
CA ASP A 7 -3.56 -15.78 -8.10
C ASP A 7 -2.82 -15.35 -6.83
N GLN A 8 -2.01 -14.29 -6.95
CA GLN A 8 -1.35 -13.63 -5.82
C GLN A 8 -2.16 -12.38 -5.38
N PRO A 9 -2.81 -12.39 -4.20
CA PRO A 9 -3.53 -11.25 -3.65
C PRO A 9 -2.57 -10.26 -2.95
N ILE A 10 -3.12 -9.22 -2.31
CA ILE A 10 -2.50 -8.66 -1.10
C ILE A 10 -2.66 -9.69 0.03
N HIS A 11 -1.57 -10.28 0.52
CA HIS A 11 -1.61 -11.18 1.67
C HIS A 11 -1.21 -10.47 2.98
N ILE A 12 -1.98 -10.73 4.05
CA ILE A 12 -1.79 -10.12 5.38
C ILE A 12 -1.96 -11.17 6.49
N GLU A 13 -0.84 -11.71 6.97
CA GLU A 13 -0.68 -12.20 8.35
C GLU A 13 -0.51 -11.02 9.32
N SER A 14 -0.97 -11.16 10.57
CA SER A 14 -1.03 -10.02 11.50
C SER A 14 -1.24 -10.40 12.97
N ASP A 15 -0.69 -9.57 13.86
CA ASP A 15 -1.14 -9.51 15.27
C ASP A 15 -2.37 -8.61 15.43
N GLN A 16 -2.23 -7.32 15.75
CA GLN A 16 -3.33 -6.49 16.25
C GLN A 16 -4.24 -5.97 15.11
N GLN A 17 -5.06 -6.88 14.58
CA GLN A 17 -6.02 -6.64 13.51
C GLN A 17 -7.47 -6.47 14.00
N SER A 18 -8.24 -5.70 13.24
CA SER A 18 -9.69 -5.51 13.36
C SER A 18 -10.33 -5.41 11.97
N LEU A 19 -11.54 -5.97 11.82
CA LEU A 19 -12.28 -6.12 10.57
C LEU A 19 -13.76 -5.78 10.84
N ASP A 20 -14.26 -4.66 10.32
CA ASP A 20 -15.66 -4.23 10.53
C ASP A 20 -16.67 -4.98 9.65
N MET A 21 -17.88 -5.21 10.17
CA MET A 21 -19.00 -5.84 9.47
C MET A 21 -19.84 -4.86 8.64
N GLN A 22 -19.87 -3.57 8.99
CA GLN A 22 -20.90 -2.62 8.54
C GLN A 22 -20.48 -1.76 7.34
N GLY A 23 -19.45 -0.92 7.51
CA GLY A 23 -18.77 -0.19 6.42
C GLY A 23 -17.53 -0.93 5.88
N ASN A 24 -17.07 -1.94 6.61
CA ASN A 24 -15.89 -2.78 6.36
C ASN A 24 -14.56 -2.01 6.33
N VAL A 25 -14.38 -1.05 7.24
CA VAL A 25 -13.05 -0.50 7.53
C VAL A 25 -12.20 -1.59 8.21
N VAL A 26 -10.96 -1.73 7.79
CA VAL A 26 -10.02 -2.75 8.30
C VAL A 26 -8.76 -2.07 8.78
N THR A 27 -8.17 -2.57 9.88
CA THR A 27 -6.89 -2.05 10.37
C THR A 27 -6.06 -3.18 10.97
N PHE A 28 -4.75 -3.17 10.68
CA PHE A 28 -3.74 -4.10 11.18
C PHE A 28 -2.65 -3.30 11.91
N THR A 29 -2.08 -3.86 12.98
CA THR A 29 -1.21 -3.11 13.91
C THR A 29 -0.13 -4.01 14.53
N GLY A 30 1.00 -3.43 14.91
CA GLY A 30 2.03 -4.03 15.79
C GLY A 30 2.93 -5.03 15.09
N ASN A 31 2.35 -5.98 14.35
CA ASN A 31 3.05 -6.81 13.38
C ASN A 31 2.12 -7.11 12.21
N VAL A 32 2.56 -6.80 10.99
CA VAL A 32 1.74 -6.88 9.77
C VAL A 32 2.61 -7.28 8.58
N VAL A 33 2.14 -8.26 7.80
CA VAL A 33 2.71 -8.62 6.48
C VAL A 33 1.97 -7.84 5.40
N VAL A 34 2.68 -7.29 4.40
CA VAL A 34 2.05 -6.76 3.17
C VAL A 34 2.93 -7.06 1.95
N THR A 35 2.50 -8.02 1.14
CA THR A 35 3.04 -8.31 -0.20
C THR A 35 1.89 -8.50 -1.19
N GLN A 36 2.12 -8.10 -2.45
CA GLN A 36 1.17 -8.30 -3.56
C GLN A 36 1.90 -8.35 -4.90
N GLY A 37 1.55 -9.28 -5.80
CA GLY A 37 2.08 -9.32 -7.17
C GLY A 37 3.62 -9.26 -7.26
N THR A 38 4.15 -8.07 -7.56
CA THR A 38 5.60 -7.77 -7.63
C THR A 38 6.04 -6.65 -6.67
N ILE A 39 5.25 -6.41 -5.61
CA ILE A 39 5.33 -5.30 -4.66
C ILE A 39 5.43 -5.81 -3.21
N LYS A 40 6.20 -5.10 -2.38
CA LYS A 40 6.25 -5.27 -0.92
C LYS A 40 6.07 -3.92 -0.21
N ILE A 41 5.41 -3.93 0.94
CA ILE A 41 5.30 -2.77 1.85
C ILE A 41 5.73 -3.23 3.25
N ASN A 42 6.38 -2.35 4.02
CA ASN A 42 6.66 -2.57 5.45
C ASN A 42 6.11 -1.41 6.29
N ALA A 43 5.43 -1.76 7.39
CA ALA A 43 4.64 -0.88 8.24
C ALA A 43 4.43 -1.48 9.64
N ASP A 44 4.17 -0.63 10.64
CA ASP A 44 3.66 -0.99 11.99
C ASP A 44 2.13 -0.86 12.08
N LYS A 45 1.53 -0.02 11.22
CA LYS A 45 0.11 0.26 11.08
C LYS A 45 -0.29 0.16 9.60
N VAL A 46 -1.38 -0.54 9.31
CA VAL A 46 -1.98 -0.62 7.97
C VAL A 46 -3.50 -0.48 8.09
N VAL A 47 -4.13 0.26 7.17
CA VAL A 47 -5.59 0.46 7.11
C VAL A 47 -6.06 0.25 5.66
N VAL A 48 -7.23 -0.39 5.48
CA VAL A 48 -7.91 -0.48 4.17
C VAL A 48 -9.40 -0.18 4.31
N THR A 49 -9.93 0.56 3.34
CA THR A 49 -11.32 1.02 3.28
C THR A 49 -11.82 1.04 1.84
N ARG A 50 -13.14 1.14 1.66
CA ARG A 50 -13.84 0.94 0.38
C ARG A 50 -14.84 2.06 0.09
N PRO A 51 -14.50 3.07 -0.74
CA PRO A 51 -15.46 3.99 -1.36
C PRO A 51 -16.29 3.31 -2.48
N GLY A 52 -16.65 2.04 -2.28
CA GLY A 52 -16.97 1.06 -3.30
C GLY A 52 -18.33 0.38 -3.09
N ASN A 53 -19.27 0.84 -3.91
CA ASN A 53 -20.44 0.12 -4.40
C ASN A 53 -20.03 -0.93 -5.46
N GLU A 54 -19.17 -0.54 -6.39
CA GLU A 54 -18.33 -1.41 -7.22
C GLU A 54 -17.04 -1.81 -6.46
N LYS A 55 -16.31 -2.82 -6.94
CA LYS A 55 -15.18 -3.48 -6.24
C LYS A 55 -13.81 -3.19 -6.85
N GLY A 56 -12.76 -3.45 -6.07
CA GLY A 56 -11.37 -3.17 -6.41
C GLY A 56 -11.00 -1.69 -6.33
N LYS A 57 -12.00 -0.78 -6.37
CA LYS A 57 -11.94 0.63 -5.95
C LYS A 57 -11.84 0.78 -4.42
N GLU A 58 -10.92 0.01 -3.83
CA GLU A 58 -10.48 0.02 -2.45
C GLU A 58 -9.24 0.92 -2.29
N VAL A 59 -9.05 1.48 -1.09
CA VAL A 59 -7.94 2.40 -0.77
C VAL A 59 -7.24 1.92 0.49
N ILE A 60 -5.90 1.89 0.46
CA ILE A 60 -5.03 1.35 1.51
C ILE A 60 -4.02 2.41 1.93
N GLU A 61 -3.73 2.50 3.23
CA GLU A 61 -2.61 3.28 3.77
C GLU A 61 -1.76 2.46 4.76
N GLY A 62 -0.46 2.71 4.76
CA GLY A 62 0.55 2.06 5.59
C GLY A 62 1.51 3.07 6.23
N PHE A 63 1.82 2.84 7.50
CA PHE A 63 2.60 3.70 8.37
C PHE A 63 3.59 2.81 9.15
N GLY A 64 4.89 3.11 9.06
CA GLY A 64 5.98 2.34 9.71
C GLY A 64 6.91 3.18 10.56
N ASN A 65 6.58 4.47 10.72
CA ASN A 65 7.38 5.48 11.42
C ASN A 65 8.90 5.50 11.06
N PRO A 66 9.30 5.49 9.77
CA PRO A 66 8.49 5.62 8.54
C PRO A 66 8.15 4.28 7.86
N ALA A 67 7.06 4.25 7.08
CA ALA A 67 6.75 3.15 6.15
C ALA A 67 7.74 3.10 4.98
N THR A 68 7.87 1.93 4.34
CA THR A 68 8.62 1.75 3.09
C THR A 68 7.83 0.94 2.06
N PHE A 69 8.01 1.26 0.78
CA PHE A 69 7.43 0.60 -0.39
C PHE A 69 8.54 0.12 -1.31
N TYR A 70 8.36 -1.05 -1.92
CA TYR A 70 9.30 -1.68 -2.85
C TYR A 70 8.53 -2.30 -4.02
N GLN A 71 9.00 -2.07 -5.24
CA GLN A 71 8.34 -2.45 -6.50
C GLN A 71 9.40 -3.00 -7.47
N MET A 72 9.29 -4.28 -7.79
CA MET A 72 9.88 -4.80 -9.04
C MET A 72 8.99 -4.31 -10.18
N GLN A 73 9.43 -3.23 -10.84
CA GLN A 73 8.68 -2.56 -11.91
C GLN A 73 8.88 -3.34 -13.22
N ASP A 74 7.75 -3.65 -13.87
CA ASP A 74 7.64 -4.45 -15.10
C ASP A 74 8.81 -4.30 -16.07
N ASN A 75 9.12 -3.06 -16.43
CA ASN A 75 9.90 -2.81 -17.63
C ASN A 75 11.42 -2.82 -17.41
N GLY A 76 11.87 -3.33 -16.27
CA GLY A 76 13.28 -3.32 -15.86
C GLY A 76 13.76 -2.01 -15.24
N LYS A 77 12.84 -1.22 -14.65
CA LYS A 77 13.16 0.05 -13.94
C LYS A 77 12.60 0.02 -12.50
N PRO A 78 13.08 -0.89 -11.63
CA PRO A 78 12.55 -1.08 -10.27
C PRO A 78 12.72 0.17 -9.39
N VAL A 79 11.85 0.28 -8.37
CA VAL A 79 11.73 1.47 -7.52
C VAL A 79 11.43 1.08 -6.06
N LYS A 80 11.87 1.93 -5.14
CA LYS A 80 11.58 1.83 -3.71
C LYS A 80 11.55 3.21 -3.06
N GLY A 81 10.78 3.34 -1.98
CA GLY A 81 10.54 4.61 -1.31
C GLY A 81 10.16 4.47 0.17
N ARG A 82 10.11 5.61 0.85
CA ARG A 82 10.03 5.73 2.32
C ARG A 82 9.32 7.02 2.73
N ALA A 83 8.36 6.95 3.66
CA ALA A 83 7.59 8.10 4.14
C ALA A 83 6.87 7.83 5.47
N SER A 84 6.44 8.87 6.20
CA SER A 84 5.62 8.72 7.41
C SER A 84 4.29 8.03 7.14
N LYS A 85 3.64 8.33 6.00
CA LYS A 85 2.57 7.54 5.40
C LYS A 85 2.85 7.19 3.94
N MET A 86 2.40 6.01 3.53
CA MET A 86 2.34 5.55 2.14
C MET A 86 0.95 4.99 1.83
N ARG A 87 0.48 5.14 0.59
CA ARG A 87 -0.92 4.99 0.18
C ARG A 87 -1.00 4.29 -1.18
N TYR A 88 -1.98 3.41 -1.41
CA TYR A 88 -2.28 2.82 -2.73
C TYR A 88 -3.79 2.59 -2.94
N GLU A 89 -4.20 2.41 -4.20
CA GLU A 89 -5.59 2.42 -4.70
C GLU A 89 -5.78 1.28 -5.72
N LEU A 90 -6.68 0.33 -5.44
CA LEU A 90 -6.53 -1.05 -5.95
C LEU A 90 -7.05 -1.35 -7.37
N GLN A 91 -7.62 -0.36 -8.04
CA GLN A 91 -8.07 -0.41 -9.44
C GLN A 91 -7.30 0.62 -10.31
N ASN A 92 -6.15 1.11 -9.81
CA ASN A 92 -5.63 2.42 -10.16
C ASN A 92 -4.08 2.43 -10.24
N ASP A 93 -3.52 3.50 -10.83
CA ASP A 93 -2.07 3.71 -10.90
C ASP A 93 -1.43 4.12 -9.57
N TYR A 94 -2.18 4.87 -8.76
CA TYR A 94 -1.57 5.91 -7.93
C TYR A 94 -1.14 5.44 -6.54
N VAL A 95 0.14 5.68 -6.25
CA VAL A 95 0.71 5.70 -4.91
C VAL A 95 0.92 7.15 -4.47
N VAL A 96 0.67 7.47 -3.20
CA VAL A 96 1.07 8.75 -2.61
C VAL A 96 1.79 8.55 -1.28
N LEU A 97 2.74 9.44 -1.00
CA LEU A 97 3.69 9.42 0.11
C LEU A 97 3.66 10.79 0.80
N THR A 98 3.68 10.83 2.13
CA THR A 98 3.69 12.10 2.89
C THR A 98 4.46 11.98 4.20
N GLY A 99 5.17 13.04 4.57
CA GLY A 99 6.13 13.10 5.67
C GLY A 99 7.46 12.44 5.29
N ASN A 100 8.51 13.24 5.10
CA ASN A 100 9.87 12.82 4.71
C ASN A 100 9.93 11.90 3.46
N ALA A 101 8.92 12.02 2.59
CA ALA A 101 8.76 11.26 1.36
C ALA A 101 10.03 11.23 0.49
N TYR A 102 10.55 10.02 0.29
CA TYR A 102 11.70 9.76 -0.56
C TYR A 102 11.39 8.58 -1.50
N LEU A 103 11.80 8.68 -2.76
CA LEU A 103 11.67 7.64 -3.78
C LEU A 103 12.94 7.59 -4.63
N GLU A 104 13.35 6.38 -5.05
CA GLU A 104 14.43 6.20 -6.01
C GLU A 104 14.21 5.01 -6.97
N GLN A 105 14.37 5.32 -8.25
CA GLN A 105 14.15 4.45 -9.42
C GLN A 105 15.31 4.62 -10.41
N LEU A 106 15.45 3.70 -11.37
CA LEU A 106 16.45 3.79 -12.46
C LEU A 106 16.33 5.12 -13.24
N ASP A 107 15.13 5.67 -13.35
CA ASP A 107 14.82 6.92 -14.05
C ASP A 107 15.14 8.20 -13.23
N SER A 108 14.94 8.20 -11.90
CA SER A 108 15.07 9.38 -11.03
C SER A 108 15.04 9.02 -9.53
N ASN A 109 15.57 9.92 -8.69
CA ASN A 109 15.29 9.94 -7.24
C ASN A 109 14.92 11.35 -6.72
N ILE A 110 14.02 11.42 -5.74
CA ILE A 110 13.52 12.68 -5.16
C ILE A 110 13.36 12.54 -3.64
N LYS A 111 13.82 13.54 -2.87
CA LYS A 111 13.36 13.85 -1.51
C LYS A 111 12.37 15.01 -1.57
N GLY A 112 11.27 14.87 -0.85
CA GLY A 112 10.29 15.91 -0.54
C GLY A 112 9.49 15.48 0.69
N ASP A 113 8.30 16.03 0.89
CA ASP A 113 7.47 15.67 2.05
C ASP A 113 6.00 15.39 1.66
N LYS A 114 5.67 15.47 0.37
CA LYS A 114 4.34 15.24 -0.23
C LYS A 114 4.51 14.87 -1.72
N ILE A 115 4.56 13.57 -2.05
CA ILE A 115 4.95 13.03 -3.37
C ILE A 115 3.97 11.94 -3.85
N THR A 116 3.64 11.95 -5.14
CA THR A 116 2.82 10.94 -5.82
C THR A 116 3.63 10.16 -6.88
N TYR A 117 3.31 8.88 -7.10
CA TYR A 117 3.96 7.92 -7.99
C TYR A 117 2.92 7.02 -8.70
N LEU A 118 3.31 6.36 -9.81
CA LEU A 118 2.45 5.51 -10.64
C LEU A 118 3.06 4.10 -10.81
N VAL A 119 2.46 3.05 -10.22
CA VAL A 119 3.06 1.69 -10.10
C VAL A 119 3.35 0.98 -11.42
N LYS A 120 2.59 1.32 -12.47
CA LYS A 120 2.80 0.85 -13.85
C LYS A 120 4.02 1.52 -14.54
N GLU A 121 4.74 2.41 -13.86
CA GLU A 121 5.55 3.45 -14.51
C GLU A 121 6.85 3.84 -13.79
N GLN A 122 7.55 4.80 -14.39
CA GLN A 122 8.81 5.40 -13.93
C GLN A 122 8.73 6.93 -13.70
N LYS A 123 7.56 7.45 -13.29
CA LYS A 123 7.34 8.89 -13.07
C LYS A 123 6.68 9.22 -11.73
N MET A 124 7.08 10.37 -11.20
CA MET A 124 6.80 10.87 -9.85
C MET A 124 6.53 12.38 -9.90
N GLN A 125 5.80 12.92 -8.91
CA GLN A 125 5.59 14.38 -8.78
C GLN A 125 5.49 14.80 -7.30
N ALA A 126 6.11 15.93 -6.95
CA ALA A 126 6.00 16.58 -5.63
C ALA A 126 5.03 17.77 -5.70
N PHE A 127 4.28 18.04 -4.61
CA PHE A 127 3.17 19.03 -4.63
C PHE A 127 3.31 20.14 -3.57
N SER A 128 4.31 21.00 -3.75
CA SER A 128 4.70 22.10 -2.83
C SER A 128 3.61 23.16 -2.64
N ASP A 129 2.73 22.93 -1.66
CA ASP A 129 1.54 23.71 -1.33
C ASP A 129 1.85 25.15 -0.83
N LYS A 130 0.82 26.00 -0.80
CA LYS A 130 0.81 27.30 -0.10
C LYS A 130 -0.63 27.77 0.21
N GLY A 131 -1.55 26.83 0.47
CA GLY A 131 -2.97 27.11 0.68
C GLY A 131 -3.81 26.99 -0.60
N ARG A 132 -3.36 26.21 -1.60
CA ARG A 132 -3.97 26.13 -2.94
C ARG A 132 -5.26 25.27 -2.99
N ARG A 133 -6.02 25.27 -1.91
CA ARG A 133 -7.18 24.39 -1.70
C ARG A 133 -8.32 25.12 -0.98
NT1 EU0 B 1 -5.44 -6.89 -9.75
CT EU0 B 1 -5.65 -5.98 -8.86
NT2 EU0 B 1 -5.85 -4.78 -9.26
N EU0 B 1 -5.69 -6.25 -7.59
CA EU0 B 1 -5.64 -7.60 -6.97
CB EU0 B 1 -4.20 -7.95 -6.45
CG1 EU0 B 1 -3.10 -7.82 -7.52
CG2 EU0 B 1 -3.76 -7.10 -5.26
C EU0 B 1 -6.68 -7.74 -5.85
O EU0 B 1 -7.03 -6.75 -5.20
HT12 EU0 B 1 -5.24 -7.86 -9.45
HT22 EU0 B 1 -5.91 -4.58 -10.27
HT21 EU0 B 1 -6.12 -4.02 -8.60
H EU0 B 1 -5.86 -5.45 -6.95
HA EU0 B 1 -5.88 -8.33 -7.71
HB EU0 B 1 -4.24 -8.99 -6.15
HG11 EU0 B 1 -2.94 -6.77 -7.80
HG13 EU0 B 1 -3.35 -8.39 -8.42
HG12 EU0 B 1 -2.16 -8.20 -7.12
HG23 EU0 B 1 -3.65 -6.06 -5.54
HG22 EU0 B 1 -2.81 -7.46 -4.89
HG21 EU0 B 1 -4.47 -7.17 -4.43
HT11 EU0 B 1 -5.26 -6.61 -10.71
N HYP B 2 -7.18 -8.96 -5.54
CA HYP B 2 -7.92 -9.21 -4.30
C HYP B 2 -7.06 -8.93 -3.06
O HYP B 2 -5.84 -9.03 -3.12
CB HYP B 2 -8.33 -10.69 -4.35
CG HYP B 2 -8.24 -11.07 -5.83
CD HYP B 2 -7.10 -10.18 -6.33
OD1 HYP B 2 -9.45 -10.77 -6.49
HA HYP B 2 -8.81 -8.58 -4.29
HB2 HYP B 2 -7.62 -11.30 -3.79
HB3 HYP B 2 -9.33 -10.84 -3.95
HG HYP B 2 -8.00 -12.13 -5.95
HD22 HYP B 2 -6.14 -10.68 -6.15
HD23 HYP B 2 -7.23 -9.98 -7.40
HD1 HYP B 2 -9.38 -11.07 -7.40
N ILE B 3 -7.69 -8.71 -1.90
CA ILE B 3 -7.04 -8.77 -0.59
C ILE B 3 -7.39 -10.12 0.05
N THR B 4 -6.45 -10.76 0.76
CA THR B 4 -6.68 -12.01 1.50
C THR B 4 -5.92 -12.01 2.82
N TYR B 5 -6.66 -11.80 3.91
CA TYR B 5 -6.15 -11.58 5.26
C TYR B 5 -6.50 -12.74 6.18
O LE1 B 6 -5.02 -12.63 9.92
C LE1 B 6 -5.75 -13.57 9.60
CA LE1 B 6 -5.78 -14.09 8.13
N LE1 B 6 -5.68 -12.96 7.20
CB LE1 B 6 -4.69 -15.16 7.81
C9 LE1 B 6 -4.72 -16.37 8.75
C8 LE1 B 6 -3.29 -14.61 7.91
SG LE1 B 6 -4.84 -15.67 6.03
HA LE1 B 6 -6.75 -14.56 8.01
H LE1 B 6 -4.86 -12.36 7.29
H9 LE1 B 6 -5.71 -16.79 8.78
H9A LE1 B 6 -4.42 -16.06 9.75
H9B LE1 B 6 -4.02 -17.13 8.39
H8 LE1 B 6 -3.13 -14.19 8.91
H8A LE1 B 6 -3.11 -13.84 7.17
H8B LE1 B 6 -2.57 -15.40 7.73
N ASN B 7 -6.60 -14.10 10.49
CA ASN B 7 -6.75 -13.59 11.86
C ASN B 7 -6.03 -14.47 12.88
N ARG B 8 -5.24 -13.86 13.78
CA ARG B 8 -4.52 -14.55 14.87
C ARG B 8 -5.40 -15.47 15.73
N DAB B 9 -6.66 -15.11 15.97
CA DAB B 9 -7.53 -15.81 16.89
C DAB B 9 -8.26 -17.04 16.27
O DAB B 9 -9.01 -17.71 16.95
CB DAB B 9 -8.51 -14.79 17.50
CG DAB B 9 -9.32 -15.37 18.66
ND DAB B 9 -10.17 -14.33 19.26
H DAB B 9 -7.01 -14.28 15.48
HA DAB B 9 -6.92 -16.21 17.70
HB2 DAB B 9 -7.93 -13.93 17.85
HB3 DAB B 9 -9.19 -14.46 16.71
HG2 DAB B 9 -9.94 -16.19 18.29
HG3 DAB B 9 -8.63 -15.78 19.40
HD1 DAB B 9 -10.82 -13.96 18.57
HD2 DAB B 9 -9.60 -13.57 19.62
HD3 DAB B 9 -10.71 -14.72 20.02
N THR B 10 -8.05 -17.29 14.97
CA THR B 10 -8.51 -18.51 14.29
C THR B 10 -7.40 -19.18 13.46
N 4FO B 11 -6.32 -18.45 13.14
CA 4FO B 11 -5.22 -18.91 12.29
C 4FO B 11 -5.62 -19.07 10.81
O 4FO B 11 -4.80 -19.52 10.00
CB 4FO B 11 -4.04 -17.94 12.51
CG 4FO B 11 -2.66 -18.52 12.16
NZ 4FO B 11 -2.36 -18.44 10.71
H 4FO B 11 -6.32 -17.47 13.40
HA 4FO B 11 -4.92 -19.90 12.65
HB2 4FO B 11 -4.00 -17.69 13.57
HB3 4FO B 11 -4.20 -17.01 11.97
HG3 4FO B 11 -1.90 -17.95 12.70
HG2 4FO B 11 -2.62 -19.56 12.49
HZ3 4FO B 11 -3.08 -18.85 10.14
HZ2 4FO B 11 -1.46 -18.83 10.49
HZ1 4FO B 11 -2.20 -17.45 10.44
N LYS B 12 -6.87 -18.71 10.44
CA LYS B 12 -7.48 -18.90 9.12
C LYS B 12 -8.20 -17.64 8.62
N CYS B 13 -8.63 -17.68 7.35
CA CYS B 13 -8.53 -16.54 6.45
C CYS B 13 -9.85 -16.09 5.82
N DAB B 14 -9.84 -14.92 5.18
CA DAB B 14 -10.91 -14.45 4.29
C DAB B 14 -10.36 -13.58 3.14
O DAB B 14 -9.32 -12.94 3.28
CB DAB B 14 -11.88 -13.60 5.11
CG DAB B 14 -12.56 -14.31 6.27
ND DAB B 14 -13.45 -13.37 6.95
H DAB B 14 -8.98 -14.37 5.21
HA DAB B 14 -11.43 -15.30 3.87
HB2 DAB B 14 -11.29 -12.78 5.53
HB3 DAB B 14 -12.64 -13.18 4.45
HG2 DAB B 14 -13.11 -15.18 5.89
HG3 DAB B 14 -11.79 -14.69 6.95
HD1 DAB B 14 -13.90 -13.80 7.75
HD2 DAB B 14 -14.16 -13.02 6.32
HD3 DAB B 14 -12.92 -12.56 7.26
N ARG B 15 -11.16 -13.43 2.07
CA ARG B 15 -11.02 -12.32 1.12
C ARG B 15 -11.69 -11.02 1.63
N TYR B 16 -11.46 -9.93 0.91
CA TYR B 16 -12.19 -8.66 1.00
C TYR B 16 -12.90 -8.35 -0.32
N GLY A 1 -2.70 -17.16 -0.56
CA GLY A 1 -4.16 -17.35 -0.55
C GLY A 1 -4.45 -18.83 -0.67
N LYS A 2 -5.61 -19.21 -1.23
CA LYS A 2 -5.96 -20.61 -1.52
C LYS A 2 -7.05 -20.68 -2.60
N THR A 3 -6.66 -20.91 -3.85
CA THR A 3 -7.51 -20.89 -5.08
C THR A 3 -8.20 -19.54 -5.36
N GLY A 4 -8.83 -18.92 -4.36
CA GLY A 4 -8.82 -17.46 -4.19
C GLY A 4 -7.39 -17.03 -3.88
N ASP A 5 -6.63 -16.84 -4.97
CA ASP A 5 -5.17 -16.69 -5.03
C ASP A 5 -4.74 -16.22 -6.43
N THR A 6 -5.42 -16.73 -7.47
CA THR A 6 -5.34 -16.21 -8.85
C THR A 6 -5.93 -14.79 -9.02
N ASP A 7 -6.43 -14.21 -7.92
CA ASP A 7 -6.64 -12.76 -7.76
C ASP A 7 -5.35 -11.94 -7.90
N GLN A 8 -4.17 -12.58 -7.82
CA GLN A 8 -2.86 -11.98 -7.56
C GLN A 8 -2.90 -10.90 -6.47
N PRO A 9 -3.40 -11.24 -5.26
CA PRO A 9 -4.00 -10.28 -4.35
C PRO A 9 -2.99 -9.41 -3.61
N ILE A 10 -3.51 -8.35 -3.00
CA ILE A 10 -2.93 -7.61 -1.89
C ILE A 10 -2.94 -8.53 -0.67
N HIS A 11 -1.89 -9.33 -0.50
CA HIS A 11 -1.77 -10.29 0.57
C HIS A 11 -1.22 -9.64 1.85
N ILE A 12 -1.86 -9.92 2.99
CA ILE A 12 -1.56 -9.27 4.28
C ILE A 12 -1.29 -10.33 5.37
N GLU A 13 -0.22 -10.10 6.14
CA GLU A 13 0.08 -10.72 7.44
C GLU A 13 0.26 -9.61 8.49
N SER A 14 -0.04 -9.89 9.75
CA SER A 14 0.14 -8.95 10.87
C SER A 14 0.61 -9.67 12.12
N ASP A 15 0.40 -9.12 13.31
CA ASP A 15 0.19 -9.96 14.51
C ASP A 15 -1.25 -9.83 15.00
N GLN A 16 -1.72 -8.59 15.10
CA GLN A 16 -3.06 -8.20 15.54
C GLN A 16 -3.80 -7.45 14.43
N GLN A 17 -5.14 -7.41 14.49
CA GLN A 17 -5.99 -6.87 13.44
C GLN A 17 -7.42 -6.64 13.93
N SER A 18 -8.12 -5.68 13.31
CA SER A 18 -9.47 -5.22 13.69
C SER A 18 -10.34 -4.98 12.45
N LEU A 19 -11.67 -5.12 12.59
CA LEU A 19 -12.65 -5.07 11.49
C LEU A 19 -13.93 -4.36 11.97
N ASP A 20 -14.37 -3.34 11.23
CA ASP A 20 -15.71 -2.75 11.34
C ASP A 20 -16.50 -2.96 10.03
N MET A 21 -17.61 -3.69 10.13
CA MET A 21 -18.47 -4.03 9.01
C MET A 21 -19.49 -2.93 8.67
N GLN A 22 -19.77 -2.00 9.59
CA GLN A 22 -20.65 -0.85 9.33
C GLN A 22 -19.87 0.32 8.76
N GLY A 23 -18.77 0.74 9.40
CA GLY A 23 -17.87 1.76 8.86
C GLY A 23 -17.06 1.28 7.64
N ASN A 24 -17.08 -0.03 7.34
CA ASN A 24 -16.32 -0.66 6.25
C ASN A 24 -14.82 -0.32 6.33
N VAL A 25 -14.23 -0.67 7.48
CA VAL A 25 -12.85 -0.39 7.87
C VAL A 25 -12.16 -1.66 8.35
N VAL A 26 -10.89 -1.82 8.00
CA VAL A 26 -9.99 -2.85 8.52
C VAL A 26 -8.74 -2.18 9.11
N THR A 27 -8.06 -2.85 10.03
CA THR A 27 -6.79 -2.42 10.59
C THR A 27 -5.90 -3.63 10.85
N PHE A 28 -4.60 -3.46 10.66
CA PHE A 28 -3.58 -4.47 10.99
C PHE A 28 -2.48 -3.80 11.82
N THR A 29 -1.94 -4.51 12.80
CA THR A 29 -0.90 -4.04 13.74
C THR A 29 0.08 -5.16 14.11
N GLY A 30 1.24 -4.81 14.65
CA GLY A 30 2.35 -5.74 14.88
C GLY A 30 3.28 -5.77 13.68
N ASN A 31 3.84 -6.93 13.34
CA ASN A 31 4.84 -7.11 12.26
C ASN A 31 4.26 -6.98 10.82
N VAL A 32 3.50 -5.93 10.51
CA VAL A 32 2.60 -5.90 9.34
C VAL A 32 3.37 -5.98 8.02
N VAL A 33 3.09 -7.05 7.28
CA VAL A 33 3.67 -7.39 5.97
C VAL A 33 2.55 -7.33 4.94
N VAL A 34 2.75 -6.55 3.88
CA VAL A 34 1.79 -6.40 2.78
C VAL A 34 2.52 -6.66 1.46
N THR A 35 2.14 -7.72 0.74
CA THR A 35 2.84 -8.19 -0.47
C THR A 35 1.85 -8.47 -1.61
N GLN A 36 2.24 -8.13 -2.84
CA GLN A 36 1.36 -8.18 -4.01
C GLN A 36 2.21 -8.50 -5.25
N GLY A 37 2.59 -9.77 -5.37
CA GLY A 37 3.54 -10.26 -6.37
C GLY A 37 4.92 -9.59 -6.22
N THR A 38 5.31 -8.80 -7.21
CA THR A 38 6.56 -8.01 -7.21
C THR A 38 6.54 -6.85 -6.19
N ILE A 39 5.36 -6.36 -5.80
CA ILE A 39 5.17 -5.25 -4.87
C ILE A 39 5.32 -5.73 -3.41
N LYS A 40 6.09 -4.98 -2.61
CA LYS A 40 6.41 -5.28 -1.19
C LYS A 40 6.23 -4.02 -0.34
N ILE A 41 5.55 -4.12 0.80
CA ILE A 41 5.21 -2.99 1.68
C ILE A 41 5.34 -3.43 3.15
N ASN A 42 5.97 -2.59 3.99
CA ASN A 42 5.98 -2.73 5.44
C ASN A 42 5.58 -1.41 6.10
N ALA A 43 4.62 -1.51 7.03
CA ALA A 43 4.01 -0.40 7.74
C ALA A 43 3.24 -0.93 8.97
N ASP A 44 3.92 -1.00 10.11
CA ASP A 44 3.51 -1.76 11.30
C ASP A 44 2.24 -1.25 12.03
N LYS A 45 1.58 -0.21 11.49
CA LYS A 45 0.12 -0.15 11.44
C LYS A 45 -0.40 0.10 10.02
N VAL A 46 -1.38 -0.69 9.59
CA VAL A 46 -2.22 -0.42 8.40
C VAL A 46 -3.65 -0.03 8.80
N VAL A 47 -4.29 0.78 7.96
CA VAL A 47 -5.73 1.01 7.82
C VAL A 47 -6.16 0.57 6.42
N VAL A 48 -7.34 -0.05 6.30
CA VAL A 48 -8.10 -0.19 5.04
C VAL A 48 -9.47 0.42 5.27
N THR A 49 -10.06 1.06 4.27
CA THR A 49 -11.35 1.76 4.35
C THR A 49 -12.07 1.77 3.00
N ARG A 50 -13.41 1.86 2.99
CA ARG A 50 -14.27 2.01 1.79
C ARG A 50 -14.84 3.44 1.66
N PRO A 51 -14.02 4.46 1.33
CA PRO A 51 -14.48 5.85 1.26
C PRO A 51 -15.32 6.17 0.02
N GLY A 52 -15.23 5.38 -1.05
CA GLY A 52 -16.28 5.30 -2.06
C GLY A 52 -17.22 4.15 -1.70
N ASN A 53 -18.53 4.37 -1.73
CA ASN A 53 -19.57 3.46 -1.23
C ASN A 53 -19.82 2.19 -2.08
N GLU A 54 -18.78 1.60 -2.65
CA GLU A 54 -18.84 0.49 -3.61
C GLU A 54 -17.69 -0.51 -3.41
N LYS A 55 -17.94 -1.77 -3.79
CA LYS A 55 -16.91 -2.79 -4.02
C LYS A 55 -15.74 -2.27 -4.87
N GLY A 56 -14.53 -2.31 -4.34
CA GLY A 56 -13.31 -1.90 -5.02
C GLY A 56 -13.01 -0.39 -4.96
N LYS A 57 -13.90 0.44 -4.39
CA LYS A 57 -13.62 1.87 -4.10
C LYS A 57 -13.04 2.04 -2.69
N GLU A 58 -12.14 1.12 -2.36
CA GLU A 58 -11.38 1.06 -1.12
C GLU A 58 -10.07 1.86 -1.20
N VAL A 59 -9.52 2.22 -0.05
CA VAL A 59 -8.20 2.82 0.13
C VAL A 59 -7.47 2.09 1.24
N ILE A 60 -6.16 1.90 1.08
CA ILE A 60 -5.23 1.37 2.07
C ILE A 60 -4.27 2.50 2.47
N GLU A 61 -4.04 2.68 3.76
CA GLU A 61 -2.96 3.55 4.26
C GLU A 61 -2.10 2.81 5.29
N GLY A 62 -0.80 2.76 5.03
CA GLY A 62 0.21 2.13 5.89
C GLY A 62 1.03 3.18 6.61
N PHE A 63 1.00 3.17 7.94
CA PHE A 63 1.71 4.05 8.85
C PHE A 63 2.90 3.30 9.47
N GLY A 64 3.99 4.00 9.75
CA GLY A 64 5.12 3.40 10.48
C GLY A 64 6.14 4.40 11.01
N ASN A 65 6.51 5.41 10.22
CA ASN A 65 7.53 6.41 10.58
C ASN A 65 8.83 5.77 11.16
N PRO A 66 9.57 4.96 10.38
CA PRO A 66 9.46 4.80 8.92
C PRO A 66 8.41 3.76 8.46
N ALA A 67 7.91 3.95 7.25
CA ALA A 67 7.17 2.98 6.44
C ALA A 67 7.82 2.90 5.04
N THR A 68 7.80 1.72 4.43
CA THR A 68 8.56 1.45 3.19
C THR A 68 7.78 0.65 2.16
N PHE A 69 8.01 0.98 0.89
CA PHE A 69 7.36 0.45 -0.31
C PHE A 69 8.43 0.02 -1.35
N TYR A 70 8.17 -1.04 -2.11
CA TYR A 70 8.98 -1.52 -3.24
C TYR A 70 8.07 -2.00 -4.38
N GLN A 71 8.50 -1.82 -5.63
CA GLN A 71 7.94 -2.47 -6.82
C GLN A 71 9.02 -2.73 -7.88
N MET A 72 8.82 -3.75 -8.72
CA MET A 72 9.57 -4.01 -9.96
C MET A 72 8.64 -3.89 -11.17
N GLN A 73 9.09 -3.26 -12.26
CA GLN A 73 8.37 -3.15 -13.52
C GLN A 73 9.03 -3.98 -14.65
N ASP A 74 8.20 -4.36 -15.61
CA ASP A 74 8.52 -5.06 -16.86
C ASP A 74 9.64 -4.40 -17.68
N ASN A 75 9.79 -3.07 -17.59
CA ASN A 75 10.83 -2.28 -18.27
C ASN A 75 12.23 -2.42 -17.59
N GLY A 76 12.55 -3.61 -17.07
CA GLY A 76 13.84 -3.96 -16.46
C GLY A 76 14.22 -3.17 -15.21
N LYS A 77 13.26 -2.54 -14.53
CA LYS A 77 13.51 -1.44 -13.57
C LYS A 77 12.74 -1.58 -12.25
N PRO A 78 13.41 -1.45 -11.09
CA PRO A 78 12.74 -1.34 -9.80
C PRO A 78 12.49 0.12 -9.38
N VAL A 79 11.68 0.26 -8.33
CA VAL A 79 11.47 1.48 -7.54
C VAL A 79 11.27 1.11 -6.07
N LYS A 80 11.72 1.95 -5.14
CA LYS A 80 11.30 1.90 -3.74
C LYS A 80 11.06 3.29 -3.14
N GLY A 81 10.25 3.35 -2.09
CA GLY A 81 9.82 4.57 -1.42
C GLY A 81 9.83 4.44 0.09
N ARG A 82 10.09 5.54 0.79
CA ARG A 82 10.47 5.58 2.22
C ARG A 82 9.95 6.87 2.85
N ALA A 83 9.04 6.75 3.82
CA ALA A 83 8.22 7.86 4.32
C ALA A 83 7.72 7.63 5.76
N SER A 84 6.93 8.55 6.30
CA SER A 84 6.15 8.37 7.53
C SER A 84 4.93 7.46 7.30
N LYS A 85 4.27 7.62 6.15
CA LYS A 85 3.07 6.90 5.72
C LYS A 85 3.08 6.63 4.21
N MET A 86 2.44 5.55 3.78
CA MET A 86 2.11 5.23 2.38
C MET A 86 0.59 5.22 2.21
N ARG A 87 0.08 5.61 1.03
CA ARG A 87 -1.25 5.24 0.53
C ARG A 87 -1.15 4.28 -0.66
N TYR A 88 -2.15 3.42 -0.81
CA TYR A 88 -2.53 2.75 -2.07
C TYR A 88 -4.07 2.75 -2.21
N GLU A 89 -4.61 2.70 -3.43
CA GLU A 89 -6.06 2.72 -3.70
C GLU A 89 -6.52 1.52 -4.55
N LEU A 90 -7.70 0.96 -4.25
CA LEU A 90 -8.17 -0.26 -4.91
C LEU A 90 -8.77 0.01 -6.30
N GLN A 91 -9.36 1.19 -6.51
CA GLN A 91 -10.03 1.59 -7.76
C GLN A 91 -9.04 2.02 -8.85
N ASN A 92 -7.85 2.50 -8.47
CA ASN A 92 -6.79 2.91 -9.39
C ASN A 92 -5.45 2.70 -8.67
N ASP A 93 -4.46 2.11 -9.33
CA ASP A 93 -3.22 1.60 -8.68
C ASP A 93 -2.21 2.70 -8.27
N TYR A 94 -2.71 3.86 -7.84
CA TYR A 94 -2.00 5.03 -7.34
C TYR A 94 -1.36 4.80 -5.97
N VAL A 95 -0.19 5.42 -5.76
CA VAL A 95 0.56 5.44 -4.50
C VAL A 95 1.06 6.86 -4.23
N VAL A 96 0.96 7.29 -2.98
CA VAL A 96 1.66 8.48 -2.48
C VAL A 96 2.48 8.16 -1.23
N LEU A 97 3.77 8.49 -1.29
CA LEU A 97 4.69 8.45 -0.17
C LEU A 97 4.54 9.77 0.59
N THR A 98 4.27 9.70 1.90
CA THR A 98 3.67 10.80 2.68
C THR A 98 4.38 11.02 4.02
N GLY A 99 4.83 12.25 4.27
CA GLY A 99 5.62 12.64 5.44
C GLY A 99 7.07 12.16 5.33
N ASN A 100 8.04 13.07 5.51
CA ASN A 100 9.48 12.82 5.31
C ASN A 100 9.87 12.24 3.93
N ALA A 101 8.96 12.19 2.96
CA ALA A 101 8.96 11.25 1.84
C ALA A 101 10.21 11.28 0.94
N TYR A 102 10.60 10.08 0.52
CA TYR A 102 11.64 9.81 -0.46
C TYR A 102 11.20 8.69 -1.41
N LEU A 103 11.60 8.79 -2.68
CA LEU A 103 11.41 7.77 -3.72
C LEU A 103 12.70 7.62 -4.52
N GLU A 104 13.04 6.39 -4.87
CA GLU A 104 14.23 6.04 -5.64
C GLU A 104 13.91 5.01 -6.73
N GLN A 105 14.07 5.42 -7.98
CA GLN A 105 13.81 4.67 -9.21
C GLN A 105 15.03 4.72 -10.13
N LEU A 106 15.14 3.76 -11.05
CA LEU A 106 16.14 3.72 -12.13
C LEU A 106 16.28 5.07 -12.89
N ASP A 107 15.18 5.78 -13.13
CA ASP A 107 15.18 7.09 -13.82
C ASP A 107 15.57 8.29 -12.93
N SER A 108 15.29 8.24 -11.61
CA SER A 108 15.43 9.38 -10.70
C SER A 108 15.27 8.96 -9.23
N ASN A 109 15.87 9.73 -8.33
CA ASN A 109 15.37 9.86 -6.95
C ASN A 109 14.62 11.18 -6.75
N ILE A 110 13.66 11.21 -5.82
CA ILE A 110 12.89 12.39 -5.43
C ILE A 110 12.90 12.49 -3.90
N LYS A 111 13.09 13.71 -3.38
CA LYS A 111 12.81 14.09 -1.99
C LYS A 111 11.59 15.03 -1.97
N GLY A 112 10.75 14.92 -0.94
CA GLY A 112 9.71 15.92 -0.66
C GLY A 112 8.96 15.62 0.65
N ASP A 113 7.82 16.27 0.86
CA ASP A 113 6.84 15.84 1.87
C ASP A 113 5.88 14.76 1.34
N LYS A 114 5.48 14.91 0.06
CA LYS A 114 4.51 14.09 -0.69
C LYS A 114 5.19 13.70 -2.01
N ILE A 115 5.12 12.44 -2.45
CA ILE A 115 5.64 12.00 -3.77
C ILE A 115 4.66 11.01 -4.42
N THR A 116 4.32 11.24 -5.69
CA THR A 116 3.34 10.47 -6.46
C THR A 116 3.98 9.40 -7.34
N TYR A 117 3.39 8.20 -7.33
CA TYR A 117 3.69 7.08 -8.21
C TYR A 117 2.42 6.24 -8.49
N LEU A 118 2.46 5.29 -9.42
CA LEU A 118 1.44 4.24 -9.53
C LEU A 118 2.16 2.89 -9.71
N VAL A 119 1.70 1.79 -9.12
CA VAL A 119 2.44 0.50 -9.12
C VAL A 119 2.47 -0.23 -10.47
N LYS A 120 2.08 0.42 -11.58
CA LYS A 120 2.34 -0.02 -12.96
C LYS A 120 3.00 1.06 -13.83
N GLU A 121 3.38 2.19 -13.24
CA GLU A 121 4.00 3.32 -13.94
C GLU A 121 5.50 3.10 -14.19
N GLN A 122 5.98 3.57 -15.34
CA GLN A 122 7.34 3.44 -15.84
C GLN A 122 8.19 4.72 -15.56
N LYS A 123 7.63 5.75 -14.90
CA LYS A 123 8.30 6.99 -14.42
C LYS A 123 7.83 7.35 -12.99
N MET A 124 7.93 8.61 -12.54
CA MET A 124 7.56 9.08 -11.18
C MET A 124 7.33 10.61 -11.17
N GLN A 125 6.53 11.15 -10.23
CA GLN A 125 6.14 12.57 -10.27
C GLN A 125 6.07 13.28 -8.90
N ALA A 126 6.43 14.57 -8.90
CA ALA A 126 6.20 15.56 -7.85
C ALA A 126 5.85 16.94 -8.48
N PHE A 127 5.75 18.01 -7.69
CA PHE A 127 5.49 19.38 -8.16
C PHE A 127 6.39 20.41 -7.47
N SER A 128 6.53 21.59 -8.09
CA SER A 128 7.24 22.77 -7.53
C SER A 128 6.33 24.00 -7.42
N ASP A 129 5.02 23.77 -7.33
CA ASP A 129 3.96 24.77 -7.36
C ASP A 129 2.79 24.34 -6.44
N LYS A 130 1.59 24.94 -6.55
CA LYS A 130 0.43 24.78 -5.63
C LYS A 130 0.73 25.11 -4.14
N GLY A 131 1.92 25.62 -3.81
CA GLY A 131 2.50 25.77 -2.47
C GLY A 131 1.82 26.74 -1.48
N ARG A 132 0.54 27.12 -1.72
CA ARG A 132 -0.30 27.95 -0.81
C ARG A 132 -0.43 27.32 0.57
N ARG A 133 -0.31 25.99 0.66
CA ARG A 133 0.12 25.35 1.90
C ARG A 133 1.12 24.20 1.68
NT1 EU0 B 1 -7.59 -3.45 -7.00
CT EU0 B 1 -6.49 -3.43 -7.67
NT2 EU0 B 1 -6.22 -2.36 -8.33
N EU0 B 1 -5.70 -4.46 -7.71
CA EU0 B 1 -6.07 -5.91 -7.44
CB EU0 B 1 -4.83 -6.82 -7.69
CG1 EU0 B 1 -4.32 -6.71 -9.14
CG2 EU0 B 1 -3.67 -6.52 -6.73
C EU0 B 1 -6.79 -6.23 -6.10
O EU0 B 1 -6.74 -5.42 -5.18
HT12 EU0 B 1 -7.59 -4.08 -6.18
HT22 EU0 B 1 -6.84 -1.55 -8.25
HT21 EU0 B 1 -5.28 -2.22 -8.77
H EU0 B 1 -4.78 -4.27 -8.11
HA EU0 B 1 -6.78 -6.18 -8.21
HB EU0 B 1 -5.15 -7.84 -7.54
HG11 EU0 B 1 -5.12 -6.93 -9.85
HG13 EU0 B 1 -3.51 -7.43 -9.30
HG12 EU0 B 1 -3.92 -5.71 -9.35
HG23 EU0 B 1 -3.39 -5.46 -6.73
HG22 EU0 B 1 -2.80 -7.12 -7.00
HG21 EU0 B 1 -3.96 -6.81 -5.72
HT11 EU0 B 1 -8.15 -2.58 -7.00
N HYP B 2 -7.53 -7.36 -5.94
CA HYP B 2 -8.29 -7.70 -4.71
C HYP B 2 -7.41 -7.93 -3.47
O HYP B 2 -6.21 -8.14 -3.61
CB HYP B 2 -9.10 -8.97 -5.03
CG HYP B 2 -9.17 -9.00 -6.55
CD HYP B 2 -7.83 -8.37 -6.96
OD1 HYP B 2 -10.24 -8.21 -7.02
HA HYP B 2 -8.99 -6.89 -4.50
HB2 HYP B 2 -8.56 -9.85 -4.69
HB3 HYP B 2 -10.08 -8.94 -4.57
HG HYP B 2 -9.25 -10.01 -6.94
HD22 HYP B 2 -7.06 -9.12 -6.96
HD23 HYP B 2 -7.93 -7.93 -7.95
HD1 HYP B 2 -11.06 -8.63 -6.73
N ILE B 3 -7.98 -7.97 -2.26
CA ILE B 3 -7.25 -8.16 -1.00
C ILE B 3 -7.36 -9.62 -0.50
N THR B 4 -6.35 -10.09 0.22
CA THR B 4 -6.36 -11.36 0.98
C THR B 4 -5.58 -11.20 2.28
N TYR B 5 -6.10 -11.71 3.40
CA TYR B 5 -5.43 -11.62 4.70
C TYR B 5 -5.58 -12.91 5.52
O LE1 B 6 -4.32 -12.62 9.08
C LE1 B 6 -4.69 -13.76 8.79
CA LE1 B 6 -4.61 -14.28 7.35
N LE1 B 6 -4.61 -13.16 6.39
CB LE1 B 6 -3.41 -15.24 7.09
C9 LE1 B 6 -3.26 -16.37 8.13
C8 LE1 B 6 -2.07 -14.49 7.08
SG LE1 B 6 -3.61 -15.98 5.41
HA LE1 B 6 -5.50 -14.88 7.20
H LE1 B 6 -3.85 -12.50 6.46
H9 LE1 B 6 -2.52 -17.09 7.78
H9A LE1 B 6 -4.20 -16.87 8.30
H9B LE1 B 6 -2.90 -15.96 9.08
H8 LE1 B 6 -1.24 -15.19 6.94
H8A LE1 B 6 -1.92 -13.95 8.02
H8B LE1 B 6 -2.04 -13.76 6.27
N ASN B 7 -5.24 -14.55 9.73
CA ASN B 7 -5.43 -14.18 11.13
C ASN B 7 -4.78 -15.24 12.05
N ARG B 8 -3.80 -14.81 12.86
CA ARG B 8 -3.09 -15.68 13.80
C ARG B 8 -3.99 -16.27 14.89
N DAB B 9 -5.05 -15.59 15.26
CA DAB B 9 -5.98 -16.01 16.30
C DAB B 9 -7.15 -16.89 15.80
O DAB B 9 -7.95 -17.34 16.62
CB DAB B 9 -6.43 -14.74 17.08
CG DAB B 9 -7.00 -15.01 18.48
ND DAB B 9 -8.42 -15.41 18.44
H DAB B 9 -5.28 -14.75 14.74
HA DAB B 9 -5.41 -16.64 17.01
HB2 DAB B 9 -5.55 -14.12 17.21
HB3 DAB B 9 -7.14 -14.18 16.48
HG2 DAB B 9 -6.39 -15.79 18.96
HG3 DAB B 9 -6.90 -14.10 19.06
HD1 DAB B 9 -8.52 -16.27 17.89
HD2 DAB B 9 -8.99 -14.70 18.01
HD3 DAB B 9 -8.78 -15.61 19.37
N THR B 10 -7.28 -17.13 14.49
CA THR B 10 -8.17 -18.17 13.93
C THR B 10 -7.40 -19.28 13.20
N 4FO B 11 -6.12 -19.06 12.88
CA 4FO B 11 -5.35 -20.02 12.10
C 4FO B 11 -5.72 -20.02 10.60
O 4FO B 11 -5.21 -20.85 9.85
CB 4FO B 11 -3.85 -19.75 12.36
CG 4FO B 11 -2.95 -20.97 12.13
NZ 4FO B 11 -2.67 -21.21 10.70
H 4FO B 11 -5.73 -18.13 13.03
HA 4FO B 11 -5.58 -21.01 12.49
HB2 4FO B 11 -3.74 -19.49 13.42
HB3 4FO B 11 -3.51 -18.90 11.78
HG3 4FO B 11 -2.01 -20.83 12.66
HG2 4FO B 11 -3.44 -21.86 12.56
HZ3 4FO B 11 -2.12 -22.04 10.56
HZ2 4FO B 11 -2.18 -20.41 10.28
HZ1 4FO B 11 -3.55 -21.32 10.18
N LYS B 12 -6.63 -19.12 10.17
CA LYS B 12 -7.31 -19.14 8.87
C LYS B 12 -7.27 -17.77 8.19
N CYS B 13 -7.73 -17.71 6.94
CA CYS B 13 -7.59 -16.55 6.05
C CYS B 13 -8.91 -16.15 5.38
N DAB B 14 -8.94 -15.01 4.70
CA DAB B 14 -10.05 -14.55 3.86
C DAB B 14 -9.54 -13.74 2.64
O DAB B 14 -8.53 -13.06 2.75
CB DAB B 14 -10.96 -13.64 4.68
CG DAB B 14 -11.47 -14.25 5.97
ND DAB B 14 -12.32 -13.29 6.69
H DAB B 14 -8.09 -14.45 4.69
HA DAB B 14 -10.61 -15.41 3.49
HB2 DAB B 14 -10.39 -12.74 4.92
HB3 DAB B 14 -11.81 -13.34 4.06
HG2 DAB B 14 -12.03 -15.16 5.73
HG3 DAB B 14 -10.62 -14.54 6.59
HD1 DAB B 14 -13.10 -13.00 6.11
HD2 DAB B 14 -11.79 -12.46 6.93
HD3 DAB B 14 -12.67 -13.69 7.55
N ARG B 15 -10.34 -13.66 1.56
CA ARG B 15 -10.29 -12.50 0.64
C ARG B 15 -11.11 -11.32 1.19
N TYR B 16 -10.90 -10.14 0.61
CA TYR B 16 -11.75 -8.95 0.69
C TYR B 16 -11.73 -8.24 -0.68
N GLY A 1 -3.64 -26.54 1.92
CA GLY A 1 -3.22 -25.26 1.32
C GLY A 1 -4.43 -24.36 1.15
N LYS A 2 -4.23 -23.11 0.68
CA LYS A 2 -5.30 -22.12 0.53
C LYS A 2 -5.11 -21.38 -0.81
N THR A 3 -5.77 -21.88 -1.86
CA THR A 3 -5.69 -21.37 -3.24
C THR A 3 -6.36 -20.00 -3.42
N GLY A 4 -6.23 -19.44 -4.62
CA GLY A 4 -6.83 -18.15 -5.01
C GLY A 4 -6.32 -17.69 -6.38
N ASP A 5 -6.06 -18.64 -7.29
CA ASP A 5 -4.98 -18.52 -8.27
C ASP A 5 -5.35 -17.82 -9.58
N THR A 6 -6.65 -17.59 -9.78
CA THR A 6 -7.20 -16.55 -10.67
C THR A 6 -6.94 -15.14 -10.17
N ASP A 7 -6.71 -14.98 -8.86
CA ASP A 7 -6.72 -13.69 -8.18
C ASP A 7 -5.31 -13.25 -7.80
N GLN A 8 -4.46 -14.19 -7.37
CA GLN A 8 -3.15 -13.97 -6.73
C GLN A 8 -3.20 -12.79 -5.71
N PRO A 9 -4.06 -12.91 -4.68
CA PRO A 9 -4.62 -11.77 -3.94
C PRO A 9 -3.59 -11.05 -3.07
N ILE A 10 -3.90 -9.82 -2.65
CA ILE A 10 -3.12 -9.04 -1.69
C ILE A 10 -3.15 -9.77 -0.34
N HIS A 11 -2.09 -10.52 -0.06
CA HIS A 11 -2.03 -11.38 1.12
C HIS A 11 -1.52 -10.62 2.35
N ILE A 12 -2.24 -10.74 3.48
CA ILE A 12 -1.96 -9.96 4.70
C ILE A 12 -1.93 -10.85 5.95
N GLU A 13 -0.88 -10.70 6.75
CA GLU A 13 -0.70 -11.28 8.10
C GLU A 13 -0.59 -10.16 9.14
N SER A 14 -1.21 -10.33 10.32
CA SER A 14 -0.89 -9.57 11.55
C SER A 14 -1.57 -10.17 12.80
N ASP A 15 -0.99 -9.96 13.98
CA ASP A 15 -1.39 -10.60 15.25
C ASP A 15 -2.53 -9.85 15.99
N GLN A 16 -2.62 -8.54 15.74
CA GLN A 16 -3.79 -7.70 16.02
C GLN A 16 -4.40 -7.26 14.68
N GLN A 17 -5.71 -7.45 14.52
CA GLN A 17 -6.46 -7.10 13.31
C GLN A 17 -7.96 -6.95 13.61
N SER A 18 -8.65 -6.10 12.85
CA SER A 18 -10.10 -5.88 12.98
C SER A 18 -10.71 -5.38 11.67
N LEU A 19 -12.01 -5.66 11.45
CA LEU A 19 -12.78 -5.28 10.26
C LEU A 19 -14.16 -4.71 10.66
N ASP A 20 -14.57 -3.64 9.99
CA ASP A 20 -15.89 -3.00 10.03
C ASP A 20 -16.52 -2.99 8.62
N MET A 21 -17.86 -2.95 8.56
CA MET A 21 -18.63 -2.80 7.32
C MET A 21 -19.46 -1.51 7.24
N GLN A 22 -19.63 -0.74 8.33
CA GLN A 22 -20.52 0.44 8.37
C GLN A 22 -19.84 1.74 7.91
N GLY A 23 -18.60 1.99 8.31
CA GLY A 23 -17.65 2.87 7.62
C GLY A 23 -16.87 2.13 6.52
N ASN A 24 -16.82 0.79 6.63
CA ASN A 24 -16.20 -0.15 5.71
C ASN A 24 -14.66 -0.02 5.72
N VAL A 25 -14.03 -0.78 6.62
CA VAL A 25 -12.63 -0.63 7.05
C VAL A 25 -12.05 -1.99 7.41
N VAL A 26 -10.78 -2.26 7.10
CA VAL A 26 -9.97 -3.33 7.72
C VAL A 26 -8.64 -2.77 8.25
N THR A 27 -8.11 -3.36 9.32
CA THR A 27 -6.98 -2.83 10.11
C THR A 27 -6.05 -3.94 10.58
N PHE A 28 -4.75 -3.66 10.66
CA PHE A 28 -3.67 -4.63 10.94
C PHE A 28 -2.54 -3.99 11.78
N THR A 29 -2.00 -4.72 12.77
CA THR A 29 -0.86 -4.34 13.65
C THR A 29 -0.20 -5.59 14.25
N GLY A 30 1.09 -5.52 14.59
CA GLY A 30 1.89 -6.63 15.14
C GLY A 30 3.09 -6.94 14.24
N ASN A 31 3.36 -8.22 14.00
CA ASN A 31 4.20 -8.65 12.87
C ASN A 31 3.39 -8.52 11.56
N VAL A 32 3.19 -7.28 11.10
CA VAL A 32 2.44 -7.00 9.87
C VAL A 32 3.28 -7.42 8.65
N VAL A 33 2.68 -8.18 7.73
CA VAL A 33 3.27 -8.50 6.42
C VAL A 33 2.21 -8.33 5.33
N VAL A 34 2.58 -7.66 4.23
CA VAL A 34 1.74 -7.48 3.04
C VAL A 34 2.51 -7.95 1.81
N THR A 35 1.92 -8.85 1.02
CA THR A 35 2.52 -9.39 -0.21
C THR A 35 1.55 -9.34 -1.38
N GLN A 36 1.95 -8.68 -2.48
CA GLN A 36 1.13 -8.57 -3.71
C GLN A 36 2.02 -8.48 -4.96
N GLY A 37 2.51 -9.62 -5.43
CA GLY A 37 3.33 -9.72 -6.64
C GLY A 37 4.69 -9.00 -6.54
N THR A 38 4.98 -8.14 -7.51
CA THR A 38 6.23 -7.35 -7.55
C THR A 38 6.32 -6.33 -6.42
N ILE A 39 5.20 -5.73 -6.00
CA ILE A 39 5.12 -4.73 -4.93
C ILE A 39 5.47 -5.35 -3.55
N LYS A 40 6.16 -4.58 -2.70
CA LYS A 40 6.31 -4.82 -1.26
C LYS A 40 6.16 -3.50 -0.48
N ILE A 41 5.55 -3.61 0.71
CA ILE A 41 5.19 -2.49 1.60
C ILE A 41 5.48 -2.93 3.04
N ASN A 42 6.13 -2.09 3.85
CA ASN A 42 6.42 -2.40 5.26
C ASN A 42 6.10 -1.20 6.18
N ALA A 43 5.39 -1.47 7.27
CA ALA A 43 5.01 -0.52 8.33
C ALA A 43 4.55 -1.31 9.59
N ASP A 44 4.44 -0.64 10.74
CA ASP A 44 3.82 -1.18 11.97
C ASP A 44 2.29 -1.31 11.90
N LYS A 45 1.70 -0.63 10.92
CA LYS A 45 0.27 -0.35 10.76
C LYS A 45 -0.08 -0.54 9.30
N VAL A 46 -1.16 -1.25 9.00
CA VAL A 46 -1.82 -1.20 7.69
C VAL A 46 -3.31 -1.13 7.91
N VAL A 47 -3.98 -0.26 7.14
CA VAL A 47 -5.43 -0.12 7.09
C VAL A 47 -5.88 -0.06 5.63
N VAL A 48 -7.12 -0.48 5.37
CA VAL A 48 -7.75 -0.34 4.06
C VAL A 48 -9.22 0.05 4.27
N THR A 49 -9.78 0.97 3.47
CA THR A 49 -11.13 1.50 3.71
C THR A 49 -11.87 1.96 2.44
N ARG A 50 -13.20 1.73 2.44
CA ARG A 50 -14.12 1.73 1.28
C ARG A 50 -15.20 2.85 1.29
N PRO A 51 -14.94 4.08 1.78
CA PRO A 51 -15.99 5.08 2.02
C PRO A 51 -16.57 5.69 0.73
N GLY A 52 -15.80 5.69 -0.36
CA GLY A 52 -16.32 5.91 -1.72
C GLY A 52 -16.61 4.57 -2.37
N ASN A 53 -17.90 4.25 -2.56
CA ASN A 53 -18.39 2.87 -2.54
C ASN A 53 -18.35 2.15 -3.91
N GLU A 54 -17.30 2.37 -4.69
CA GLU A 54 -17.22 1.86 -6.06
C GLU A 54 -16.58 0.48 -6.21
N LYS A 55 -17.21 -0.34 -7.05
CA LYS A 55 -17.22 -1.80 -6.90
C LYS A 55 -15.95 -2.42 -7.51
N GLY A 56 -14.87 -2.40 -6.71
CA GLY A 56 -13.53 -2.81 -7.13
C GLY A 56 -12.41 -1.88 -6.62
N LYS A 57 -12.73 -0.73 -6.00
CA LYS A 57 -11.74 0.17 -5.39
C LYS A 57 -11.90 0.33 -3.88
N GLU A 58 -10.78 0.62 -3.24
CA GLU A 58 -10.61 0.79 -1.79
C GLU A 58 -9.25 1.46 -1.53
N VAL A 59 -9.15 2.34 -0.53
CA VAL A 59 -7.92 3.09 -0.24
C VAL A 59 -7.13 2.40 0.88
N ILE A 60 -5.85 2.09 0.62
CA ILE A 60 -4.87 1.54 1.57
C ILE A 60 -4.12 2.70 2.25
N GLU A 61 -3.76 2.55 3.53
CA GLU A 61 -2.71 3.35 4.17
C GLU A 61 -1.86 2.51 5.16
N GLY A 62 -0.59 2.85 5.33
CA GLY A 62 0.30 2.26 6.35
C GLY A 62 1.32 3.26 6.90
N PHE A 63 1.62 3.17 8.21
CA PHE A 63 2.29 4.23 8.96
C PHE A 63 3.82 4.04 9.05
N GLY A 64 4.31 3.21 9.98
CA GLY A 64 5.73 2.89 10.19
C GLY A 64 6.57 4.02 10.79
N ASN A 65 6.54 5.22 10.19
CA ASN A 65 7.41 6.36 10.49
C ASN A 65 8.90 5.94 10.71
N PRO A 66 9.53 5.27 9.73
CA PRO A 66 9.14 5.23 8.32
C PRO A 66 8.30 4.02 7.90
N ALA A 67 7.37 4.24 6.97
CA ALA A 67 6.94 3.22 6.00
C ALA A 67 7.95 3.14 4.86
N THR A 68 8.13 1.96 4.26
CA THR A 68 8.96 1.74 3.07
C THR A 68 8.23 0.92 2.01
N PHE A 69 8.56 1.20 0.75
CA PHE A 69 7.95 0.69 -0.47
C PHE A 69 9.01 0.17 -1.44
N TYR A 70 8.66 -0.85 -2.23
CA TYR A 70 9.43 -1.39 -3.34
C TYR A 70 8.52 -1.88 -4.47
N GLN A 71 8.94 -1.72 -5.74
CA GLN A 71 8.23 -2.20 -6.93
C GLN A 71 9.24 -2.52 -8.06
N MET A 72 8.86 -3.38 -9.01
CA MET A 72 9.65 -3.77 -10.19
C MET A 72 8.78 -3.74 -11.45
N GLN A 73 9.36 -3.42 -12.61
CA GLN A 73 8.63 -3.24 -13.87
C GLN A 73 9.33 -3.88 -15.08
N ASP A 74 8.54 -4.12 -16.13
CA ASP A 74 8.90 -4.17 -17.56
C ASP A 74 10.32 -4.64 -17.95
N ASN A 75 11.31 -3.74 -17.90
CA ASN A 75 12.68 -3.89 -18.35
C ASN A 75 13.60 -4.45 -17.24
N GLY A 76 13.00 -5.10 -16.23
CA GLY A 76 13.67 -5.52 -14.99
C GLY A 76 13.98 -4.37 -14.03
N LYS A 77 13.51 -3.14 -14.30
CA LYS A 77 13.88 -1.96 -13.49
C LYS A 77 13.12 -1.93 -12.15
N PRO A 78 13.82 -1.71 -11.02
CA PRO A 78 13.20 -1.50 -9.72
C PRO A 78 12.89 -0.02 -9.46
N VAL A 79 12.00 0.22 -8.48
CA VAL A 79 11.91 1.47 -7.73
C VAL A 79 11.81 1.18 -6.23
N LYS A 80 12.27 2.12 -5.42
CA LYS A 80 12.10 2.13 -3.96
C LYS A 80 11.40 3.43 -3.55
N GLY A 81 10.67 3.39 -2.43
CA GLY A 81 10.14 4.58 -1.78
C GLY A 81 10.13 4.47 -0.26
N ARG A 82 9.96 5.60 0.43
CA ARG A 82 9.87 5.70 1.90
C ARG A 82 9.12 6.97 2.32
N ALA A 83 8.35 6.93 3.39
CA ALA A 83 7.63 8.09 3.95
C ALA A 83 7.28 7.92 5.44
N SER A 84 6.64 8.93 6.04
CA SER A 84 5.98 8.87 7.36
C SER A 84 4.63 8.14 7.30
N LYS A 85 3.97 8.13 6.13
CA LYS A 85 2.85 7.26 5.75
C LYS A 85 2.93 6.93 4.25
N MET A 86 2.56 5.70 3.87
CA MET A 86 2.30 5.32 2.48
C MET A 86 0.79 5.13 2.29
N ARG A 87 0.25 5.60 1.16
CA ARG A 87 -1.12 5.34 0.68
C ARG A 87 -1.10 4.69 -0.70
N TYR A 88 -2.10 3.85 -0.99
CA TYR A 88 -2.23 3.09 -2.24
C TYR A 88 -3.72 2.78 -2.50
N GLU A 89 -4.10 2.17 -3.63
CA GLU A 89 -5.50 1.93 -4.01
C GLU A 89 -5.72 0.55 -4.66
N LEU A 90 -6.95 0.03 -4.61
CA LEU A 90 -7.32 -1.29 -5.12
C LEU A 90 -7.63 -1.35 -6.63
N GLN A 91 -8.04 -0.27 -7.30
CA GLN A 91 -8.27 -0.26 -8.76
C GLN A 91 -7.21 0.56 -9.49
N ASN A 92 -6.96 1.79 -9.02
CA ASN A 92 -5.99 2.70 -9.62
C ASN A 92 -4.57 2.33 -9.15
N ASP A 93 -3.57 2.47 -10.05
CA ASP A 93 -2.15 2.25 -9.74
C ASP A 93 -1.51 3.27 -8.79
N TYR A 94 -2.31 4.12 -8.14
CA TYR A 94 -1.92 5.35 -7.48
C TYR A 94 -1.37 5.11 -6.06
N VAL A 95 -0.08 5.41 -5.90
CA VAL A 95 0.65 5.46 -4.63
C VAL A 95 0.88 6.91 -4.21
N VAL A 96 0.77 7.17 -2.91
CA VAL A 96 1.25 8.38 -2.25
C VAL A 96 2.29 8.01 -1.19
N LEU A 97 3.34 8.82 -1.09
CA LEU A 97 4.37 8.78 -0.07
C LEU A 97 4.32 10.11 0.68
N THR A 98 3.79 10.11 1.90
CA THR A 98 3.31 11.31 2.60
C THR A 98 4.03 11.53 3.93
N GLY A 99 4.52 12.76 4.12
CA GLY A 99 5.34 13.18 5.26
C GLY A 99 6.77 12.69 5.11
N ASN A 100 7.74 13.61 5.01
CA ASN A 100 9.17 13.31 4.96
C ASN A 100 9.49 12.23 3.89
N ALA A 101 8.99 12.45 2.67
CA ALA A 101 8.92 11.46 1.59
C ALA A 101 10.22 11.30 0.79
N TYR A 102 10.37 10.15 0.14
CA TYR A 102 11.48 9.84 -0.77
C TYR A 102 11.06 8.76 -1.77
N LEU A 103 11.39 8.94 -3.05
CA LEU A 103 11.26 7.93 -4.12
C LEU A 103 12.55 7.88 -4.93
N GLU A 104 13.01 6.68 -5.30
CA GLU A 104 14.31 6.44 -5.94
C GLU A 104 14.23 5.41 -7.08
N GLN A 105 14.82 5.79 -8.23
CA GLN A 105 14.70 5.15 -9.54
C GLN A 105 15.93 5.47 -10.42
N LEU A 106 16.08 4.75 -11.53
CA LEU A 106 17.18 4.84 -12.51
C LEU A 106 17.35 6.23 -13.17
N ASP A 107 16.27 7.01 -13.33
CA ASP A 107 16.30 8.36 -13.92
C ASP A 107 16.52 9.49 -12.89
N SER A 108 15.85 9.43 -11.73
CA SER A 108 15.82 10.50 -10.75
C SER A 108 15.46 10.00 -9.35
N ASN A 109 15.98 10.68 -8.33
CA ASN A 109 16.03 10.19 -6.94
C ASN A 109 15.66 11.34 -5.98
N ILE A 110 14.37 11.40 -5.61
CA ILE A 110 13.68 12.65 -5.26
C ILE A 110 13.20 12.60 -3.80
N LYS A 111 13.76 13.49 -2.98
CA LYS A 111 13.30 13.81 -1.62
C LYS A 111 12.12 14.81 -1.69
N GLY A 112 11.23 14.80 -0.70
CA GLY A 112 10.17 15.80 -0.56
C GLY A 112 9.42 15.72 0.77
N ASP A 113 8.36 16.51 0.92
CA ASP A 113 7.40 16.35 2.02
C ASP A 113 6.27 15.37 1.65
N LYS A 114 5.82 15.37 0.39
CA LYS A 114 4.79 14.48 -0.17
C LYS A 114 5.06 14.19 -1.66
N ILE A 115 4.87 12.94 -2.07
CA ILE A 115 5.22 12.41 -3.39
C ILE A 115 4.09 11.52 -3.95
N THR A 116 3.82 11.65 -5.24
CA THR A 116 2.93 10.82 -6.06
C THR A 116 3.76 9.77 -6.81
N TYR A 117 3.28 8.54 -6.90
CA TYR A 117 3.83 7.49 -7.75
C TYR A 117 2.71 6.62 -8.37
N LEU A 118 3.02 5.91 -9.46
CA LEU A 118 2.08 5.11 -10.26
C LEU A 118 2.71 3.75 -10.58
N VAL A 119 2.22 2.63 -10.03
CA VAL A 119 2.98 1.36 -10.02
C VAL A 119 3.23 0.71 -11.38
N LYS A 120 2.46 1.05 -12.42
CA LYS A 120 2.70 0.65 -13.83
C LYS A 120 3.67 1.56 -14.60
N GLU A 121 3.95 2.76 -14.09
CA GLU A 121 4.67 3.84 -14.77
C GLU A 121 5.97 4.19 -14.04
N GLN A 122 6.94 4.74 -14.77
CA GLN A 122 8.28 5.04 -14.30
C GLN A 122 8.47 6.52 -13.93
N LYS A 123 7.47 7.15 -13.29
CA LYS A 123 7.45 8.62 -13.07
C LYS A 123 6.92 9.03 -11.69
N MET A 124 7.35 10.22 -11.25
CA MET A 124 7.05 10.86 -9.97
C MET A 124 6.31 12.18 -10.23
N GLN A 125 5.38 12.58 -9.35
CA GLN A 125 4.81 13.93 -9.33
C GLN A 125 4.73 14.49 -7.90
N ALA A 126 5.07 15.77 -7.72
CA ALA A 126 4.96 16.48 -6.45
C ALA A 126 4.46 17.91 -6.66
N PHE A 127 3.90 18.51 -5.61
CA PHE A 127 3.39 19.89 -5.60
C PHE A 127 3.47 20.48 -4.20
N SER A 128 3.62 21.80 -4.08
CA SER A 128 3.50 22.52 -2.79
C SER A 128 3.18 24.00 -3.01
N ASP A 129 2.67 24.66 -1.98
CA ASP A 129 2.15 26.02 -2.04
C ASP A 129 2.35 26.78 -0.70
N LYS A 130 2.27 28.12 -0.75
CA LYS A 130 2.40 29.06 0.38
C LYS A 130 1.10 29.84 0.70
N GLY A 131 0.02 29.69 -0.07
CA GLY A 131 -1.30 30.25 0.22
C GLY A 131 -2.05 29.46 1.30
N ARG A 132 -2.72 30.14 2.24
CA ARG A 132 -3.41 29.48 3.36
C ARG A 132 -4.92 29.66 3.25
N ARG A 133 -5.67 28.57 3.40
CA ARG A 133 -7.14 28.63 3.34
C ARG A 133 -7.74 29.23 4.62
NT1 EU0 B 1 -7.43 -5.12 -6.96
CT EU0 B 1 -6.36 -5.35 -7.63
NT2 EU0 B 1 -5.84 -4.37 -8.28
N EU0 B 1 -5.78 -6.51 -7.68
CA EU0 B 1 -6.35 -7.81 -7.21
CB EU0 B 1 -5.24 -8.89 -7.34
CG1 EU0 B 1 -4.77 -9.06 -8.80
CG2 EU0 B 1 -4.03 -8.64 -6.44
C EU0 B 1 -7.00 -7.80 -5.81
O EU0 B 1 -6.66 -6.94 -4.99
HT12 EU0 B 1 -7.55 -5.66 -6.10
HT22 EU0 B 1 -6.27 -3.44 -8.15
HT21 EU0 B 1 -4.93 -4.45 -8.74
H EU0 B 1 -4.92 -6.57 -8.23
HA EU0 B 1 -7.12 -8.07 -7.91
HB EU0 B 1 -5.71 -9.82 -7.03
HG11 EU0 B 1 -4.07 -9.90 -8.86
HG13 EU0 B 1 -4.24 -8.16 -9.16
HG12 EU0 B 1 -5.61 -9.27 -9.45
HG23 EU0 B 1 -3.57 -7.67 -6.64
HG22 EU0 B 1 -3.29 -9.42 -6.61
HG21 EU0 B 1 -4.32 -8.69 -5.39
HT11 EU0 B 1 -7.79 -4.15 -6.99
N HYP B 2 -7.99 -8.65 -5.50
CA HYP B 2 -8.68 -8.66 -4.20
C HYP B 2 -7.74 -8.89 -3.01
O HYP B 2 -6.63 -9.37 -3.17
CB HYP B 2 -9.74 -9.76 -4.28
CG HYP B 2 -10.05 -9.85 -5.77
CD HYP B 2 -8.68 -9.57 -6.40
OD1 HYP B 2 -10.97 -8.84 -6.15
HA HYP B 2 -9.18 -7.70 -4.06
HB2 HYP B 2 -9.32 -10.72 -3.95
HB3 HYP B 2 -10.62 -9.52 -3.69
HG HYP B 2 -10.43 -10.84 -6.05
HD22 HYP B 2 -8.11 -10.49 -6.49
HD23 HYP B 2 -8.83 -9.14 -7.40
HD1 HYP B 2 -11.78 -8.96 -5.64
N ILE B 3 -8.22 -8.60 -1.80
CA ILE B 3 -7.48 -8.81 -0.55
C ILE B 3 -7.71 -10.23 -0.05
N THR B 4 -6.71 -10.81 0.62
CA THR B 4 -6.88 -12.01 1.45
C THR B 4 -6.07 -11.84 2.74
N TYR B 5 -6.75 -11.77 3.88
CA TYR B 5 -6.10 -11.63 5.18
C TYR B 5 -6.27 -12.88 6.04
O LE1 B 6 -4.33 -13.17 9.52
C LE1 B 6 -5.09 -14.04 9.10
CA LE1 B 6 -5.17 -14.44 7.61
N LE1 B 6 -5.22 -13.24 6.77
CB LE1 B 6 -4.09 -15.44 7.14
C9 LE1 B 6 -3.74 -16.50 8.20
C8 LE1 B 6 -2.77 -14.74 6.76
SG LE1 B 6 -4.67 -16.28 5.61
HA LE1 B 6 -6.11 -14.96 7.51
H LE1 B 6 -4.39 -12.66 6.72
H9 LE1 B 6 -3.12 -17.28 7.75
H9A LE1 B 6 -4.64 -16.96 8.60
H9B LE1 B 6 -3.17 -16.04 9.01
H8 LE1 B 6 -2.90 -14.16 5.84
H8A LE1 B 6 -1.98 -15.47 6.61
H8B LE1 B 6 -2.48 -14.06 7.55
N ASN B 7 -5.94 -14.67 9.93
CA ASN B 7 -6.09 -14.37 11.35
C ASN B 7 -5.19 -15.27 12.18
N ARG B 8 -3.94 -14.81 12.40
CA ARG B 8 -2.98 -15.33 13.38
C ARG B 8 -3.65 -15.79 14.68
N DAB B 9 -4.50 -14.93 15.20
CA DAB B 9 -5.02 -15.02 16.56
C DAB B 9 -6.20 -15.99 16.76
O DAB B 9 -6.67 -16.13 17.89
CB DAB B 9 -5.34 -13.57 16.96
CG DAB B 9 -5.51 -13.41 18.47
ND DAB B 9 -5.59 -11.96 18.79
H DAB B 9 -4.64 -14.07 14.69
HA DAB B 9 -4.20 -15.38 17.19
HB2 DAB B 9 -4.52 -12.93 16.64
HB3 DAB B 9 -6.26 -13.26 16.46
HG2 DAB B 9 -6.42 -13.93 18.80
HG3 DAB B 9 -4.65 -13.86 18.97
HD1 DAB B 9 -5.64 -11.82 19.79
HD2 DAB B 9 -6.40 -11.56 18.35
HD3 DAB B 9 -4.77 -11.49 18.41
N THR B 10 -6.69 -16.66 15.71
CA THR B 10 -7.71 -17.72 15.78
C THR B 10 -7.52 -18.86 14.78
N 4FO B 11 -6.71 -18.69 13.73
CA 4FO B 11 -6.20 -19.78 12.89
C 4FO B 11 -6.90 -19.98 11.52
O 4FO B 11 -6.66 -21.00 10.88
CB 4FO B 11 -4.67 -19.57 12.77
CG 4FO B 11 -3.88 -20.85 12.47
NZ 4FO B 11 -3.96 -21.27 11.05
H 4FO B 11 -6.28 -17.78 13.59
HA 4FO B 11 -6.35 -20.71 13.44
HB2 4FO B 11 -4.30 -19.20 13.71
HB3 4FO B 11 -4.47 -18.81 12.00
HG3 4FO B 11 -2.83 -20.66 12.73
HG2 4FO B 11 -4.25 -21.65 13.12
HZ3 4FO B 11 -3.44 -22.12 10.91
HZ2 4FO B 11 -3.58 -20.56 10.44
HZ1 4FO B 11 -4.93 -21.44 10.78
N LYS B 12 -7.73 -19.03 11.05
CA LYS B 12 -8.43 -19.07 9.74
C LYS B 12 -8.26 -17.76 8.95
N CYS B 13 -8.80 -17.66 7.74
CA CYS B 13 -8.58 -16.52 6.83
C CYS B 13 -9.89 -15.92 6.28
N DAB B 14 -9.80 -14.76 5.63
CA DAB B 14 -10.89 -14.10 4.89
C DAB B 14 -10.38 -13.48 3.56
O DAB B 14 -9.20 -13.19 3.43
CB DAB B 14 -11.49 -13.00 5.77
CG DAB B 14 -11.80 -13.36 7.22
ND DAB B 14 -12.75 -14.49 7.31
H DAB B 14 -8.87 -14.33 5.54
HA DAB B 14 -11.65 -14.84 4.64
HB2 DAB B 14 -10.76 -12.19 5.80
HB3 DAB B 14 -12.39 -12.61 5.29
HG2 DAB B 14 -10.86 -13.61 7.72
HG3 DAB B 14 -12.22 -12.47 7.71
HD1 DAB B 14 -12.98 -14.68 8.27
HD2 DAB B 14 -12.31 -15.32 6.92
HD3 DAB B 14 -13.61 -14.29 6.81
N ARG B 15 -11.31 -13.16 2.64
CA ARG B 15 -11.06 -12.29 1.47
C ARG B 15 -11.94 -11.05 1.54
N TYR B 16 -11.50 -9.96 0.91
CA TYR B 16 -12.14 -8.63 0.97
C TYR B 16 -11.85 -7.81 -0.30
N GLY A 1 1.18 -19.02 -4.90
CA GLY A 1 0.41 -20.18 -4.43
C GLY A 1 -0.19 -19.92 -3.07
N LYS A 2 -1.29 -19.16 -3.03
CA LYS A 2 -2.24 -19.02 -1.90
C LYS A 2 -3.65 -18.99 -2.51
N THR A 3 -4.68 -18.63 -1.74
CA THR A 3 -6.11 -18.75 -2.10
C THR A 3 -6.61 -17.75 -3.15
N GLY A 4 -5.84 -17.56 -4.24
CA GLY A 4 -6.21 -16.64 -5.32
C GLY A 4 -5.24 -16.34 -6.45
N ASP A 5 -4.17 -17.09 -6.72
CA ASP A 5 -3.12 -16.69 -7.70
C ASP A 5 -3.60 -16.16 -9.09
N THR A 6 -4.76 -16.59 -9.62
CA THR A 6 -5.33 -16.06 -10.89
C THR A 6 -6.14 -14.76 -10.75
N ASP A 7 -6.51 -14.38 -9.54
CA ASP A 7 -7.16 -13.12 -9.14
C ASP A 7 -6.42 -12.63 -7.88
N GLN A 8 -5.10 -12.50 -8.05
CA GLN A 8 -4.11 -12.46 -6.97
C GLN A 8 -4.38 -11.29 -6.01
N PRO A 9 -4.76 -11.56 -4.74
CA PRO A 9 -5.14 -10.49 -3.83
C PRO A 9 -3.93 -9.73 -3.30
N ILE A 10 -4.12 -8.45 -2.96
CA ILE A 10 -3.15 -7.73 -2.13
C ILE A 10 -3.20 -8.34 -0.73
N HIS A 11 -2.15 -9.08 -0.38
CA HIS A 11 -2.07 -9.80 0.88
C HIS A 11 -1.52 -8.89 1.98
N ILE A 12 -2.17 -8.87 3.15
CA ILE A 12 -1.72 -8.16 4.35
C ILE A 12 -1.51 -9.19 5.46
N GLU A 13 -0.35 -9.19 6.12
CA GLU A 13 -0.01 -10.17 7.16
C GLU A 13 0.57 -9.45 8.38
N SER A 14 0.04 -9.74 9.58
CA SER A 14 0.20 -8.91 10.77
C SER A 14 0.06 -9.72 12.08
N ASP A 15 0.54 -9.16 13.19
CA ASP A 15 0.45 -9.78 14.52
C ASP A 15 -0.89 -9.48 15.22
N GLN A 16 -1.42 -8.27 14.99
CA GLN A 16 -2.74 -7.82 15.40
C GLN A 16 -3.58 -7.43 14.18
N GLN A 17 -4.89 -7.59 14.26
CA GLN A 17 -5.85 -7.17 13.24
C GLN A 17 -7.26 -7.19 13.84
N SER A 18 -8.10 -6.21 13.49
CA SER A 18 -9.52 -6.20 13.81
C SER A 18 -10.33 -5.83 12.55
N LEU A 19 -11.55 -6.35 12.50
CA LEU A 19 -12.45 -6.34 11.34
C LEU A 19 -13.62 -5.39 11.65
N ASP A 20 -13.29 -4.11 11.65
CA ASP A 20 -14.12 -3.03 12.17
C ASP A 20 -15.19 -2.59 11.16
N MET A 21 -16.08 -3.53 10.84
CA MET A 21 -17.20 -3.34 9.92
C MET A 21 -18.19 -2.27 10.40
N GLN A 22 -18.15 -1.90 11.69
CA GLN A 22 -18.88 -0.77 12.29
C GLN A 22 -18.64 0.57 11.58
N GLY A 23 -17.50 0.71 10.88
CA GLY A 23 -17.21 1.80 9.95
C GLY A 23 -16.59 1.34 8.64
N ASN A 24 -16.79 0.06 8.27
CA ASN A 24 -16.15 -0.61 7.12
C ASN A 24 -14.62 -0.41 7.07
N VAL A 25 -13.90 -0.85 8.12
CA VAL A 25 -12.44 -0.72 8.26
C VAL A 25 -11.78 -2.08 8.54
N VAL A 26 -10.49 -2.26 8.19
CA VAL A 26 -9.61 -3.31 8.75
C VAL A 26 -8.31 -2.67 9.25
N THR A 27 -7.86 -3.04 10.45
CA THR A 27 -7.09 -2.15 11.35
C THR A 27 -5.70 -2.66 11.83
N PHE A 28 -5.05 -3.51 11.03
CA PHE A 28 -3.78 -4.25 11.28
C PHE A 28 -2.68 -3.53 12.10
N THR A 29 -2.00 -4.24 13.02
CA THR A 29 -0.78 -3.79 13.74
C THR A 29 0.27 -4.90 13.80
N GLY A 30 1.53 -4.56 14.05
CA GLY A 30 2.63 -5.51 14.31
C GLY A 30 3.82 -5.23 13.41
N ASN A 31 4.64 -6.23 13.09
CA ASN A 31 5.61 -6.11 11.99
C ASN A 31 4.91 -6.33 10.65
N VAL A 32 3.98 -5.43 10.30
CA VAL A 32 3.02 -5.68 9.21
C VAL A 32 3.74 -5.75 7.86
N VAL A 33 3.36 -6.75 7.07
CA VAL A 33 3.80 -6.96 5.69
C VAL A 33 2.62 -6.74 4.75
N VAL A 34 2.85 -6.13 3.60
CA VAL A 34 1.93 -6.20 2.45
C VAL A 34 2.66 -6.79 1.25
N THR A 35 2.02 -7.73 0.54
CA THR A 35 2.58 -8.41 -0.62
C THR A 35 1.59 -8.44 -1.78
N GLN A 36 2.04 -8.02 -2.96
CA GLN A 36 1.34 -8.21 -4.24
C GLN A 36 2.39 -8.46 -5.33
N GLY A 37 2.92 -9.69 -5.38
CA GLY A 37 3.97 -10.10 -6.32
C GLY A 37 5.25 -9.25 -6.22
N THR A 38 5.40 -8.30 -7.13
CA THR A 38 6.52 -7.34 -7.20
C THR A 38 6.37 -6.17 -6.22
N ILE A 39 5.15 -5.87 -5.75
CA ILE A 39 4.87 -4.89 -4.68
C ILE A 39 5.12 -5.52 -3.31
N LYS A 40 5.93 -4.86 -2.48
CA LYS A 40 6.25 -5.22 -1.09
C LYS A 40 6.19 -3.96 -0.20
N ILE A 41 5.54 -4.02 0.96
CA ILE A 41 5.41 -2.85 1.88
C ILE A 41 5.60 -3.31 3.33
N ASN A 42 6.22 -2.49 4.18
CA ASN A 42 6.31 -2.71 5.63
C ASN A 42 6.01 -1.47 6.46
N ALA A 43 5.31 -1.66 7.58
CA ALA A 43 4.93 -0.64 8.55
C ALA A 43 4.48 -1.25 9.89
N ASP A 44 4.48 -0.47 10.99
CA ASP A 44 3.92 -0.86 12.29
C ASP A 44 2.39 -1.01 12.27
N LYS A 45 1.72 -0.24 11.42
CA LYS A 45 0.27 -0.28 11.19
C LYS A 45 -0.06 -0.25 9.69
N VAL A 46 -1.09 -1.00 9.33
CA VAL A 46 -1.77 -0.90 8.03
C VAL A 46 -3.27 -0.77 8.29
N VAL A 47 -3.95 -0.02 7.45
CA VAL A 47 -5.40 0.26 7.51
C VAL A 47 -5.99 0.14 6.11
N VAL A 48 -7.24 -0.28 5.99
CA VAL A 48 -8.07 -0.14 4.78
C VAL A 48 -9.47 0.26 5.19
N THR A 49 -10.14 1.13 4.42
CA THR A 49 -11.56 1.45 4.60
C THR A 49 -12.24 1.74 3.26
N ARG A 50 -13.54 1.43 3.18
CA ARG A 50 -14.17 0.94 1.96
C ARG A 50 -15.15 1.92 1.28
N PRO A 51 -14.69 2.69 0.28
CA PRO A 51 -15.56 3.12 -0.82
C PRO A 51 -15.91 1.94 -1.75
N GLY A 52 -15.20 0.81 -1.63
CA GLY A 52 -15.37 -0.47 -2.35
C GLY A 52 -16.66 -1.25 -2.09
N ASN A 53 -17.75 -0.53 -1.80
CA ASN A 53 -19.13 -0.97 -1.97
C ASN A 53 -19.46 -1.11 -3.46
N GLU A 54 -18.83 -0.28 -4.30
CA GLU A 54 -18.52 -0.65 -5.69
C GLU A 54 -17.48 -1.79 -5.64
N LYS A 55 -17.96 -3.04 -5.74
CA LYS A 55 -17.21 -4.32 -5.72
C LYS A 55 -15.68 -4.18 -5.81
N GLY A 56 -15.03 -4.17 -4.63
CA GLY A 56 -13.58 -4.27 -4.49
C GLY A 56 -12.77 -2.99 -4.73
N LYS A 57 -13.41 -1.81 -4.85
CA LYS A 57 -12.73 -0.51 -4.98
C LYS A 57 -12.17 -0.03 -3.62
N GLU A 58 -11.28 -0.83 -3.05
CA GLU A 58 -10.66 -0.60 -1.74
C GLU A 58 -9.46 0.35 -1.79
N VAL A 59 -9.15 1.00 -0.66
CA VAL A 59 -8.00 1.89 -0.51
C VAL A 59 -7.26 1.65 0.80
N ILE A 60 -5.97 1.32 0.68
CA ILE A 60 -5.06 0.89 1.75
C ILE A 60 -4.15 2.05 2.15
N GLU A 61 -3.84 2.17 3.44
CA GLU A 61 -2.79 3.03 3.98
C GLU A 61 -1.86 2.25 4.92
N GLY A 62 -0.57 2.57 4.94
CA GLY A 62 0.42 1.93 5.81
C GLY A 62 1.35 2.97 6.44
N PHE A 63 1.57 2.90 7.75
CA PHE A 63 2.32 3.90 8.50
C PHE A 63 2.96 3.36 9.79
N GLY A 64 4.06 3.98 10.19
CA GLY A 64 4.85 3.61 11.37
C GLY A 64 5.89 4.66 11.78
N ASN A 65 6.32 5.52 10.84
CA ASN A 65 7.38 6.50 11.04
C ASN A 65 8.72 5.83 11.47
N PRO A 66 9.30 4.96 10.62
CA PRO A 66 9.14 4.90 9.16
C PRO A 66 8.08 3.92 8.64
N ALA A 67 7.82 3.99 7.33
CA ALA A 67 7.19 2.97 6.50
C ALA A 67 7.94 2.88 5.16
N THR A 68 8.06 1.69 4.57
CA THR A 68 8.85 1.46 3.35
C THR A 68 8.13 0.59 2.31
N PHE A 69 8.50 0.79 1.05
CA PHE A 69 7.83 0.25 -0.15
C PHE A 69 8.85 -0.20 -1.18
N TYR A 70 8.59 -1.31 -1.88
CA TYR A 70 9.33 -1.81 -3.02
C TYR A 70 8.36 -2.18 -4.17
N GLN A 71 8.74 -1.87 -5.41
CA GLN A 71 8.05 -2.31 -6.63
C GLN A 71 9.09 -2.69 -7.69
N MET A 72 9.14 -3.98 -8.02
CA MET A 72 10.00 -4.49 -9.10
C MET A 72 9.31 -4.26 -10.46
N GLN A 73 9.69 -3.20 -11.18
CA GLN A 73 9.13 -2.91 -12.49
C GLN A 73 9.79 -3.75 -13.59
N ASP A 74 8.98 -4.17 -14.57
CA ASP A 74 9.36 -4.84 -15.83
C ASP A 74 10.69 -4.33 -16.43
N ASN A 75 10.81 -3.01 -16.55
CA ASN A 75 11.61 -2.40 -17.61
C ASN A 75 13.10 -2.24 -17.26
N GLY A 76 13.66 -3.23 -16.56
CA GLY A 76 15.05 -3.27 -16.07
C GLY A 76 15.37 -2.30 -14.92
N LYS A 77 14.38 -1.53 -14.46
CA LYS A 77 14.57 -0.34 -13.61
C LYS A 77 13.67 -0.40 -12.36
N PRO A 78 14.03 -1.20 -11.33
CA PRO A 78 13.22 -1.36 -10.11
C PRO A 78 13.22 -0.10 -9.24
N VAL A 79 12.22 0.01 -8.35
CA VAL A 79 12.04 1.18 -7.45
C VAL A 79 11.69 0.77 -6.03
N LYS A 80 12.17 1.58 -5.07
CA LYS A 80 11.81 1.52 -3.67
C LYS A 80 11.54 2.92 -3.11
N GLY A 81 10.86 3.00 -1.98
CA GLY A 81 10.46 4.25 -1.35
C GLY A 81 10.33 4.14 0.18
N ARG A 82 10.35 5.30 0.83
CA ARG A 82 10.42 5.48 2.28
C ARG A 82 9.59 6.70 2.68
N ALA A 83 8.88 6.64 3.80
CA ALA A 83 8.06 7.74 4.32
C ALA A 83 7.79 7.54 5.82
N SER A 84 6.92 8.37 6.42
CA SER A 84 6.19 7.97 7.62
C SER A 84 4.89 7.25 7.31
N LYS A 85 4.25 7.59 6.17
CA LYS A 85 2.98 7.04 5.66
C LYS A 85 2.98 6.79 4.15
N MET A 86 2.28 5.75 3.73
CA MET A 86 1.95 5.37 2.35
C MET A 86 0.43 5.21 2.16
N ARG A 87 -0.06 5.38 0.93
CA ARG A 87 -1.43 5.07 0.46
C ARG A 87 -1.39 4.36 -0.90
N TYR A 88 -2.28 3.40 -1.14
CA TYR A 88 -2.42 2.60 -2.38
C TYR A 88 -3.88 2.15 -2.60
N GLU A 89 -4.29 1.76 -3.81
CA GLU A 89 -5.70 1.59 -4.21
C GLU A 89 -5.92 0.41 -5.18
N LEU A 90 -7.12 -0.20 -5.20
CA LEU A 90 -7.39 -1.51 -5.84
C LEU A 90 -7.95 -1.47 -7.28
N GLN A 91 -8.38 -0.30 -7.76
CA GLN A 91 -8.84 -0.05 -9.13
C GLN A 91 -7.82 0.75 -9.95
N ASN A 92 -7.08 1.66 -9.30
CA ASN A 92 -6.13 2.59 -9.90
C ASN A 92 -4.73 2.36 -9.33
N ASP A 93 -3.71 2.29 -10.19
CA ASP A 93 -2.32 2.00 -9.82
C ASP A 93 -1.59 3.17 -9.09
N TYR A 94 -2.32 4.01 -8.35
CA TYR A 94 -1.81 5.24 -7.75
C TYR A 94 -1.32 4.99 -6.32
N VAL A 95 -0.05 5.29 -6.06
CA VAL A 95 0.53 5.41 -4.72
C VAL A 95 0.81 6.88 -4.38
N VAL A 96 0.60 7.20 -3.10
CA VAL A 96 1.12 8.42 -2.46
C VAL A 96 2.01 8.04 -1.28
N LEU A 97 3.15 8.72 -1.15
CA LEU A 97 3.97 8.75 0.08
C LEU A 97 3.82 10.10 0.79
N THR A 98 3.92 10.12 2.11
CA THR A 98 3.72 11.32 2.94
C THR A 98 4.55 11.26 4.23
N GLY A 99 5.12 12.40 4.62
CA GLY A 99 6.02 12.55 5.75
C GLY A 99 7.43 12.06 5.39
N ASN A 100 8.35 13.01 5.18
CA ASN A 100 9.72 12.80 4.70
C ASN A 100 9.82 11.88 3.46
N ALA A 101 8.79 11.91 2.60
CA ALA A 101 8.64 11.05 1.44
C ALA A 101 9.87 11.01 0.52
N TYR A 102 10.40 9.82 0.29
CA TYR A 102 11.55 9.58 -0.58
C TYR A 102 11.24 8.38 -1.48
N LEU A 103 11.45 8.53 -2.79
CA LEU A 103 11.12 7.51 -3.80
C LEU A 103 12.22 7.50 -4.87
N GLU A 104 12.79 6.32 -5.11
CA GLU A 104 14.12 6.18 -5.69
C GLU A 104 14.22 4.95 -6.61
N GLN A 105 13.94 5.18 -7.89
CA GLN A 105 14.05 4.21 -8.98
C GLN A 105 15.46 4.21 -9.57
N LEU A 106 15.84 3.12 -10.26
CA LEU A 106 17.00 3.10 -11.17
C LEU A 106 16.65 3.83 -12.49
N ASP A 107 16.14 5.06 -12.37
CA ASP A 107 15.56 5.88 -13.45
C ASP A 107 15.50 7.36 -13.02
N SER A 108 14.85 7.62 -11.88
CA SER A 108 14.78 8.92 -11.22
C SER A 108 14.60 8.76 -9.70
N ASN A 109 14.99 9.78 -8.93
CA ASN A 109 14.86 9.82 -7.48
C ASN A 109 14.35 11.18 -6.97
N ILE A 110 13.39 11.16 -6.03
CA ILE A 110 12.70 12.34 -5.50
C ILE A 110 12.68 12.27 -3.97
N LYS A 111 13.15 13.34 -3.31
CA LYS A 111 12.95 13.64 -1.88
C LYS A 111 12.00 14.83 -1.78
N GLY A 112 10.76 14.57 -1.34
CA GLY A 112 9.74 15.57 -1.03
C GLY A 112 9.12 15.28 0.34
N ASP A 113 8.03 15.94 0.72
CA ASP A 113 7.30 15.54 1.95
C ASP A 113 5.85 15.10 1.68
N LYS A 114 5.40 15.20 0.43
CA LYS A 114 4.50 14.26 -0.25
C LYS A 114 5.02 13.92 -1.65
N ILE A 115 4.78 12.69 -2.13
CA ILE A 115 5.13 12.22 -3.47
C ILE A 115 3.97 11.42 -4.08
N THR A 116 3.68 11.68 -5.35
CA THR A 116 2.77 10.94 -6.25
C THR A 116 3.57 9.94 -7.07
N TYR A 117 3.05 8.72 -7.25
CA TYR A 117 3.70 7.67 -8.06
C TYR A 117 2.65 6.74 -8.69
N LEU A 118 2.70 6.55 -10.01
CA LEU A 118 1.89 5.56 -10.73
C LEU A 118 2.64 4.21 -10.80
N VAL A 119 2.29 3.24 -9.96
CA VAL A 119 3.07 1.99 -9.77
C VAL A 119 3.02 1.01 -10.93
N LYS A 120 2.27 1.34 -11.99
CA LYS A 120 2.24 0.66 -13.29
C LYS A 120 3.42 1.06 -14.20
N GLU A 121 4.12 2.14 -13.88
CA GLU A 121 4.96 2.89 -14.83
C GLU A 121 6.14 3.61 -14.16
N GLN A 122 7.08 4.12 -14.95
CA GLN A 122 8.34 4.73 -14.53
C GLN A 122 8.14 6.21 -14.10
N LYS A 123 7.02 6.51 -13.43
CA LYS A 123 6.41 7.85 -13.41
C LYS A 123 6.01 8.29 -12.00
N MET A 124 6.88 9.14 -11.44
CA MET A 124 6.79 9.75 -10.11
C MET A 124 6.78 11.28 -10.20
N GLN A 125 6.18 11.97 -9.23
CA GLN A 125 6.07 13.42 -9.18
C GLN A 125 5.99 13.95 -7.74
N ALA A 126 6.48 15.16 -7.50
CA ALA A 126 6.19 15.95 -6.29
C ALA A 126 5.38 17.22 -6.63
N PHE A 127 4.68 17.75 -5.65
CA PHE A 127 3.97 19.04 -5.70
C PHE A 127 3.87 19.62 -4.28
N SER A 128 3.95 20.94 -4.16
CA SER A 128 3.81 21.63 -2.86
C SER A 128 2.35 21.72 -2.41
N ASP A 129 2.13 21.95 -1.12
CA ASP A 129 0.81 22.33 -0.59
C ASP A 129 0.48 23.81 -0.84
N LYS A 130 -0.82 24.14 -0.81
CA LYS A 130 -1.34 25.53 -0.81
C LYS A 130 -2.75 25.59 -0.19
N GLY A 131 -2.83 25.28 1.10
CA GLY A 131 -4.07 25.24 1.86
C GLY A 131 -3.85 25.11 3.37
N ARG A 132 -4.94 25.03 4.13
CA ARG A 132 -4.92 24.87 5.60
C ARG A 132 -6.17 24.15 6.08
N ARG A 133 -6.09 23.47 7.22
CA ARG A 133 -7.27 22.88 7.85
C ARG A 133 -8.32 23.91 8.29
NT1 EU0 B 1 -9.66 -8.47 -9.92
CT EU0 B 1 -9.37 -7.29 -9.49
NT2 EU0 B 1 -9.78 -6.28 -10.18
N EU0 B 1 -8.68 -7.05 -8.42
CA EU0 B 1 -8.25 -8.06 -7.43
CB EU0 B 1 -6.72 -8.27 -7.47
CG1 EU0 B 1 -6.22 -8.77 -8.84
CG2 EU0 B 1 -5.91 -7.02 -7.06
C EU0 B 1 -8.77 -7.73 -6.03
O EU0 B 1 -9.08 -6.58 -5.75
HT12 EU0 B 1 -9.36 -9.33 -9.40
HT22 EU0 B 1 -10.28 -6.44 -11.05
HT21 EU0 B 1 -9.55 -5.34 -9.86
H EU0 B 1 -8.59 -6.08 -8.11
HA EU0 B 1 -8.68 -9.01 -7.70
HB EU0 B 1 -6.51 -9.05 -6.74
HG11 EU0 B 1 -5.15 -9.02 -8.77
HG13 EU0 B 1 -6.35 -8.02 -9.60
HG12 EU0 B 1 -6.75 -9.68 -9.12
HG23 EU0 B 1 -6.15 -6.18 -7.70
HG22 EU0 B 1 -4.84 -7.23 -7.14
HG21 EU0 B 1 -6.14 -6.75 -6.02
HT11 EU0 B 1 -10.20 -8.61 -10.77
N HYP B 2 -8.86 -8.71 -5.10
CA HYP B 2 -9.32 -8.48 -3.73
C HYP B 2 -8.18 -8.02 -2.82
O HYP B 2 -7.01 -8.01 -3.21
CB HYP B 2 -9.93 -9.83 -3.27
CG HYP B 2 -9.72 -10.80 -4.44
CD HYP B 2 -8.68 -10.14 -5.31
OD1 HYP B 2 -10.92 -11.00 -5.17
HA HYP B 2 -10.10 -7.72 -3.72
HB2 HYP B 2 -9.40 -10.21 -2.40
HB3 HYP B 2 -10.99 -9.70 -3.04
HG HYP B 2 -9.35 -11.76 -4.06
HD22 HYP B 2 -7.69 -10.43 -4.98
HD23 HYP B 2 -8.80 -10.44 -6.33
HD1 HYP B 2 -10.67 -11.37 -6.05
N ILE B 3 -8.50 -7.78 -1.55
CA ILE B 3 -7.55 -7.86 -0.44
C ILE B 3 -7.63 -9.26 0.19
N THR B 4 -6.59 -9.73 0.86
CA THR B 4 -6.63 -10.96 1.68
C THR B 4 -5.70 -10.83 2.87
N TYR B 5 -6.03 -11.48 3.98
CA TYR B 5 -5.18 -11.54 5.16
C TYR B 5 -5.30 -12.87 5.90
O LE1 B 6 -3.31 -12.92 9.27
C LE1 B 6 -3.99 -13.93 9.00
CA LE1 B 6 -4.18 -14.38 7.55
N LE1 B 6 -4.27 -13.21 6.66
CB LE1 B 6 -3.08 -15.39 7.08
C9 LE1 B 6 -2.88 -16.57 8.04
C8 LE1 B 6 -1.71 -14.70 6.94
SG LE1 B 6 -3.51 -16.01 5.40
HA LE1 B 6 -5.13 -14.91 7.52
H LE1 B 6 -3.52 -12.53 6.75
H9 LE1 B 6 -2.41 -16.24 8.97
H9A LE1 B 6 -2.23 -17.31 7.58
H9B LE1 B 6 -3.83 -17.04 8.29
H8 LE1 B 6 -0.96 -15.44 6.62
H8A LE1 B 6 -1.39 -14.26 7.88
H8B LE1 B 6 -1.75 -13.93 6.18
N ASN B 7 -4.58 -14.62 9.97
CA ASN B 7 -4.59 -14.24 11.38
C ASN B 7 -3.51 -14.96 12.20
N ARG B 8 -2.60 -14.20 12.82
CA ARG B 8 -1.52 -14.70 13.69
C ARG B 8 -2.05 -15.66 14.77
N DAB B 9 -3.15 -15.30 15.43
CA DAB B 9 -3.73 -16.09 16.50
C DAB B 9 -4.55 -17.30 16.01
O DAB B 9 -4.25 -18.43 16.40
CB DAB B 9 -4.53 -15.17 17.43
CG DAB B 9 -5.03 -15.92 18.66
ND DAB B 9 -5.80 -15.02 19.54
H DAB B 9 -3.62 -14.46 15.11
HA DAB B 9 -2.89 -16.50 17.09
HB2 DAB B 9 -3.89 -14.34 17.74
HB3 DAB B 9 -5.38 -14.76 16.88
HG2 DAB B 9 -5.65 -16.76 18.35
HG3 DAB B 9 -4.17 -16.32 19.20
HD1 DAB B 9 -5.24 -14.24 19.84
HD2 DAB B 9 -6.13 -15.51 20.36
HD3 DAB B 9 -6.61 -14.64 19.06
N THR B 10 -5.56 -17.12 15.16
CA THR B 10 -6.49 -18.21 14.79
C THR B 10 -5.95 -19.13 13.70
N 4FO B 11 -4.87 -18.77 13.01
CA 4FO B 11 -4.23 -19.62 11.99
C 4FO B 11 -4.85 -19.48 10.57
O 4FO B 11 -4.36 -20.11 9.64
CB 4FO B 11 -2.71 -19.44 12.04
CG 4FO B 11 -2.07 -20.11 13.26
NZ 4FO B 11 -2.35 -19.38 14.51
H 4FO B 11 -4.56 -17.79 13.06
HA 4FO B 11 -4.44 -20.66 12.25
HB2 4FO B 11 -2.44 -18.38 11.99
HB3 4FO B 11 -2.29 -19.93 11.15
HG3 4FO B 11 -2.44 -21.13 13.33
HG2 4FO B 11 -0.99 -20.17 13.10
HZ3 4FO B 11 -1.93 -19.85 15.31
HZ2 4FO B 11 -3.34 -19.31 14.69
HZ1 4FO B 11 -1.96 -18.43 14.49
N LYS B 12 -5.97 -18.76 10.43
CA LYS B 12 -6.88 -18.85 9.28
C LYS B 12 -6.86 -17.59 8.41
N CYS B 13 -7.35 -17.72 7.17
CA CYS B 13 -7.19 -16.71 6.11
C CYS B 13 -8.54 -16.25 5.51
N DAB B 14 -8.57 -15.03 4.97
CA DAB B 14 -9.82 -14.33 4.65
C DAB B 14 -9.64 -13.31 3.51
O DAB B 14 -9.07 -12.24 3.72
CB DAB B 14 -10.24 -13.66 5.98
CG DAB B 14 -11.54 -12.86 5.99
ND DAB B 14 -11.37 -11.50 5.45
H DAB B 14 -7.71 -14.48 5.04
HA DAB B 14 -10.58 -15.06 4.37
HB2 DAB B 14 -10.36 -14.45 6.72
HB3 DAB B 14 -9.42 -13.02 6.33
HG2 DAB B 14 -12.32 -13.41 5.45
HG3 DAB B 14 -11.86 -12.78 7.03
HD1 DAB B 14 -11.21 -11.53 4.45
HD2 DAB B 14 -10.60 -11.01 5.87
HD3 DAB B 14 -12.20 -10.94 5.56
N ARG B 15 -10.29 -13.53 2.34
CA ARG B 15 -10.50 -12.50 1.31
C ARG B 15 -11.32 -11.31 1.85
N TYR B 16 -11.18 -10.13 1.26
CA TYR B 16 -11.90 -8.90 1.60
C TYR B 16 -12.06 -8.00 0.38
N GLY A 1 3.72 -24.24 -11.07
CA GLY A 1 3.39 -23.23 -10.04
C GLY A 1 1.91 -22.91 -10.10
N LYS A 2 1.52 -21.70 -9.67
CA LYS A 2 0.18 -21.11 -9.88
C LYS A 2 0.35 -19.68 -10.42
N THR A 3 -0.71 -19.13 -11.02
CA THR A 3 -0.79 -17.74 -11.45
C THR A 3 -2.26 -17.33 -11.52
N GLY A 4 -2.67 -16.29 -10.78
CA GLY A 4 -4.04 -15.75 -10.83
C GLY A 4 -4.29 -14.72 -9.73
N ASP A 5 -4.99 -13.62 -10.06
CA ASP A 5 -5.35 -12.57 -9.09
C ASP A 5 -6.47 -13.02 -8.12
N THR A 6 -7.28 -13.98 -8.58
CA THR A 6 -8.18 -14.86 -7.82
C THR A 6 -7.46 -15.62 -6.72
N ASP A 7 -6.32 -16.22 -7.08
CA ASP A 7 -5.56 -17.17 -6.27
C ASP A 7 -4.57 -16.45 -5.33
N GLN A 8 -4.13 -15.25 -5.72
CA GLN A 8 -3.04 -14.50 -5.10
C GLN A 8 -3.41 -13.01 -4.85
N PRO A 9 -4.48 -12.73 -4.08
CA PRO A 9 -4.84 -11.38 -3.65
C PRO A 9 -3.78 -10.76 -2.71
N ILE A 10 -3.96 -9.49 -2.32
CA ILE A 10 -3.08 -8.84 -1.32
C ILE A 10 -3.26 -9.55 0.03
N HIS A 11 -2.22 -10.19 0.55
CA HIS A 11 -2.32 -11.19 1.62
C HIS A 11 -1.66 -10.74 2.94
N ILE A 12 -2.36 -10.88 4.07
CA ILE A 12 -1.95 -10.31 5.38
C ILE A 12 -2.12 -11.32 6.53
N GLU A 13 -1.08 -11.50 7.33
CA GLU A 13 -1.13 -11.97 8.74
C GLU A 13 -0.86 -10.78 9.67
N SER A 14 -1.42 -10.76 10.88
CA SER A 14 -1.30 -9.63 11.80
C SER A 14 -1.60 -10.06 13.24
N ASP A 15 -0.75 -9.72 14.21
CA ASP A 15 -0.88 -10.17 15.60
C ASP A 15 -2.10 -9.56 16.33
N GLN A 16 -2.50 -8.35 15.94
CA GLN A 16 -3.81 -7.80 16.28
C GLN A 16 -4.42 -7.03 15.09
N GLN A 17 -5.73 -7.21 14.92
CA GLN A 17 -6.54 -6.68 13.82
C GLN A 17 -7.94 -6.30 14.27
N SER A 18 -8.62 -5.42 13.52
CA SER A 18 -10.06 -5.17 13.67
C SER A 18 -10.73 -4.80 12.34
N LEU A 19 -12.03 -5.08 12.22
CA LEU A 19 -12.89 -4.65 11.11
C LEU A 19 -14.24 -4.19 11.68
N ASP A 20 -14.61 -2.95 11.40
CA ASP A 20 -15.96 -2.43 11.64
C ASP A 20 -16.60 -1.98 10.32
N MET A 21 -17.89 -2.29 10.15
CA MET A 21 -18.69 -1.98 8.97
C MET A 21 -19.44 -0.64 9.09
N GLN A 22 -19.54 -0.05 10.29
CA GLN A 22 -20.31 1.16 10.56
C GLN A 22 -19.54 2.42 10.15
N GLY A 23 -18.26 2.51 10.51
CA GLY A 23 -17.28 3.38 9.88
C GLY A 23 -16.65 2.79 8.61
N ASN A 24 -16.82 1.48 8.38
CA ASN A 24 -16.34 0.74 7.20
C ASN A 24 -14.81 0.80 7.00
N VAL A 25 -14.06 0.31 8.00
CA VAL A 25 -12.59 0.30 8.04
C VAL A 25 -12.06 -1.03 8.57
N VAL A 26 -11.02 -1.54 7.90
CA VAL A 26 -10.14 -2.66 8.35
C VAL A 26 -8.84 -2.10 8.93
N THR A 27 -8.26 -2.76 9.92
CA THR A 27 -7.01 -2.35 10.59
C THR A 27 -6.15 -3.55 10.96
N PHE A 28 -4.83 -3.40 10.83
CA PHE A 28 -3.82 -4.44 11.12
C PHE A 28 -2.64 -3.84 11.87
N THR A 29 -2.05 -4.62 12.79
CA THR A 29 -0.90 -4.27 13.65
C THR A 29 -0.13 -5.53 14.04
N GLY A 30 1.16 -5.39 14.36
CA GLY A 30 2.11 -6.48 14.61
C GLY A 30 3.03 -6.77 13.42
N ASN A 31 3.21 -8.04 13.08
CA ASN A 31 4.06 -8.51 11.97
C ASN A 31 3.38 -8.32 10.60
N VAL A 32 2.94 -7.10 10.29
CA VAL A 32 2.06 -6.78 9.14
C VAL A 32 2.86 -6.69 7.83
N VAL A 33 3.34 -7.85 7.38
CA VAL A 33 3.82 -8.01 6.00
C VAL A 33 2.64 -7.84 5.03
N VAL A 34 2.81 -7.01 4.01
CA VAL A 34 1.80 -6.81 2.96
C VAL A 34 2.48 -6.86 1.60
N THR A 35 2.09 -7.83 0.78
CA THR A 35 2.71 -8.09 -0.53
C THR A 35 1.65 -8.40 -1.60
N GLN A 36 2.04 -8.18 -2.86
CA GLN A 36 1.23 -8.47 -4.04
C GLN A 36 2.14 -8.70 -5.26
N GLY A 37 2.65 -9.93 -5.41
CA GLY A 37 3.52 -10.31 -6.52
C GLY A 37 4.80 -9.45 -6.61
N THR A 38 4.78 -8.47 -7.49
CA THR A 38 5.87 -7.49 -7.69
C THR A 38 5.88 -6.33 -6.68
N ILE A 39 4.80 -6.13 -5.92
CA ILE A 39 4.64 -5.07 -4.91
C ILE A 39 4.95 -5.60 -3.50
N LYS A 40 5.65 -4.80 -2.69
CA LYS A 40 5.83 -5.00 -1.23
C LYS A 40 5.64 -3.67 -0.50
N ILE A 41 5.08 -3.74 0.70
CA ILE A 41 4.91 -2.63 1.64
C ILE A 41 5.49 -3.05 3.00
N ASN A 42 6.22 -2.15 3.66
CA ASN A 42 6.70 -2.35 5.02
C ASN A 42 6.16 -1.24 5.96
N ALA A 43 5.41 -1.67 6.98
CA ALA A 43 4.62 -0.87 7.91
C ALA A 43 4.31 -1.70 9.19
N ASP A 44 3.68 -1.08 10.19
CA ASP A 44 2.95 -1.77 11.27
C ASP A 44 1.44 -1.47 11.17
N LYS A 45 0.97 -0.30 11.63
CA LYS A 45 -0.45 0.08 11.71
C LYS A 45 -1.07 0.38 10.34
N VAL A 46 -1.28 -0.67 9.55
CA VAL A 46 -1.95 -0.61 8.25
C VAL A 46 -3.46 -0.43 8.43
N VAL A 47 -4.04 0.44 7.61
CA VAL A 47 -5.48 0.74 7.56
C VAL A 47 -5.98 0.42 6.15
N VAL A 48 -7.19 -0.13 6.02
CA VAL A 48 -7.81 -0.43 4.72
C VAL A 48 -9.30 -0.02 4.72
N THR A 49 -9.83 0.49 3.61
CA THR A 49 -11.27 0.82 3.49
C THR A 49 -11.75 0.84 2.04
N ARG A 50 -12.99 0.39 1.80
CA ARG A 50 -13.74 0.48 0.54
C ARG A 50 -14.84 1.54 0.68
N PRO A 51 -14.54 2.85 0.54
CA PRO A 51 -15.51 3.91 0.86
C PRO A 51 -16.64 4.00 -0.17
N GLY A 52 -16.31 3.97 -1.47
CA GLY A 52 -17.31 3.98 -2.54
C GLY A 52 -18.10 2.67 -2.58
N ASN A 53 -19.41 2.76 -2.86
CA ASN A 53 -20.26 1.57 -2.92
C ASN A 53 -20.28 0.85 -4.28
N GLU A 54 -19.79 1.51 -5.34
CA GLU A 54 -19.42 0.84 -6.58
C GLU A 54 -17.98 0.33 -6.59
N LYS A 55 -17.82 -0.85 -7.19
CA LYS A 55 -16.82 -1.84 -6.74
C LYS A 55 -15.52 -1.80 -7.54
N GLY A 56 -14.47 -2.37 -6.95
CA GLY A 56 -13.10 -2.31 -7.48
C GLY A 56 -12.34 -1.01 -7.17
N LYS A 57 -12.75 -0.25 -6.15
CA LYS A 57 -11.94 0.84 -5.57
C LYS A 57 -12.03 0.84 -4.05
N GLU A 58 -10.86 0.98 -3.45
CA GLU A 58 -10.52 0.70 -2.06
C GLU A 58 -9.18 1.39 -1.78
N VAL A 59 -8.87 1.66 -0.51
CA VAL A 59 -7.70 2.41 -0.06
C VAL A 59 -6.94 1.55 0.94
N ILE A 60 -5.61 1.46 0.80
CA ILE A 60 -4.67 0.96 1.81
C ILE A 60 -3.79 2.14 2.26
N GLU A 61 -3.61 2.32 3.56
CA GLU A 61 -2.64 3.25 4.14
C GLU A 61 -1.68 2.53 5.09
N GLY A 62 -0.37 2.66 4.82
CA GLY A 62 0.72 2.06 5.60
C GLY A 62 1.43 3.09 6.47
N PHE A 63 1.54 2.82 7.77
CA PHE A 63 2.18 3.67 8.76
C PHE A 63 3.42 2.96 9.33
N GLY A 64 4.50 3.70 9.61
CA GLY A 64 5.69 3.12 10.25
C GLY A 64 6.72 4.14 10.74
N ASN A 65 6.96 5.22 9.98
CA ASN A 65 7.99 6.24 10.27
C ASN A 65 9.35 5.63 10.71
N PRO A 66 10.06 4.90 9.84
CA PRO A 66 9.84 4.81 8.40
C PRO A 66 8.76 3.78 7.98
N ALA A 67 8.01 4.13 6.94
CA ALA A 67 7.26 3.22 6.08
C ALA A 67 7.96 3.19 4.71
N THR A 68 7.94 2.04 4.03
CA THR A 68 8.62 1.85 2.73
C THR A 68 7.80 1.06 1.73
N PHE A 69 8.05 1.35 0.46
CA PHE A 69 7.37 0.78 -0.70
C PHE A 69 8.40 0.26 -1.72
N TYR A 70 8.12 -0.90 -2.30
CA TYR A 70 8.88 -1.47 -3.41
C TYR A 70 7.93 -1.99 -4.48
N GLN A 71 8.18 -1.60 -5.73
CA GLN A 71 7.60 -2.14 -6.95
C GLN A 71 8.71 -2.80 -7.78
N MET A 72 8.46 -3.98 -8.35
CA MET A 72 9.19 -4.47 -9.52
C MET A 72 8.37 -4.20 -10.80
N GLN A 73 9.01 -3.90 -11.92
CA GLN A 73 8.39 -4.03 -13.24
C GLN A 73 9.31 -4.75 -14.21
N ASP A 74 8.71 -5.70 -14.93
CA ASP A 74 9.25 -6.48 -16.04
C ASP A 74 9.75 -5.60 -17.20
N ASN A 75 9.28 -4.34 -17.24
CA ASN A 75 9.77 -3.22 -18.05
C ASN A 75 11.25 -2.81 -17.77
N GLY A 76 12.00 -3.59 -16.97
CA GLY A 76 13.35 -3.30 -16.48
C GLY A 76 13.43 -2.27 -15.36
N LYS A 77 12.30 -1.94 -14.71
CA LYS A 77 12.13 -0.76 -13.84
C LYS A 77 11.59 -1.17 -12.45
N PRO A 78 12.44 -1.58 -11.50
CA PRO A 78 12.08 -1.53 -10.08
C PRO A 78 11.97 -0.07 -9.62
N VAL A 79 11.06 0.22 -8.69
CA VAL A 79 10.81 1.57 -8.14
C VAL A 79 10.67 1.49 -6.61
N LYS A 80 11.25 2.47 -5.91
CA LYS A 80 11.53 2.41 -4.47
C LYS A 80 11.11 3.73 -3.80
N GLY A 81 10.34 3.66 -2.71
CA GLY A 81 9.84 4.82 -1.97
C GLY A 81 9.93 4.67 -0.46
N ARG A 82 10.11 5.79 0.26
CA ARG A 82 10.39 5.88 1.69
C ARG A 82 9.71 7.11 2.29
N ALA A 83 9.03 6.98 3.43
CA ALA A 83 8.27 8.08 4.05
C ALA A 83 7.99 7.84 5.54
N SER A 84 7.30 8.76 6.20
CA SER A 84 6.54 8.49 7.43
C SER A 84 5.37 7.54 7.17
N LYS A 85 4.64 7.76 6.06
CA LYS A 85 3.42 7.03 5.68
C LYS A 85 3.28 6.88 4.16
N MET A 86 2.62 5.81 3.74
CA MET A 86 2.25 5.44 2.37
C MET A 86 0.72 5.33 2.23
N ARG A 87 0.18 5.59 1.03
CA ARG A 87 -1.20 5.30 0.61
C ARG A 87 -1.23 4.72 -0.81
N TYR A 88 -2.07 3.72 -1.07
CA TYR A 88 -2.21 3.02 -2.36
C TYR A 88 -3.67 2.61 -2.58
N GLU A 89 -4.18 2.73 -3.82
CA GLU A 89 -5.62 2.71 -4.08
C GLU A 89 -6.00 1.78 -5.25
N LEU A 90 -7.03 0.97 -5.07
CA LEU A 90 -7.25 -0.30 -5.80
C LEU A 90 -7.95 -0.19 -7.15
N GLN A 91 -8.27 1.03 -7.61
CA GLN A 91 -8.42 1.27 -9.05
C GLN A 91 -7.05 1.18 -9.79
N ASN A 92 -5.99 1.00 -8.98
CA ASN A 92 -4.68 0.41 -9.25
C ASN A 92 -3.68 1.33 -9.95
N ASP A 93 -3.85 2.64 -9.78
CA ASP A 93 -3.18 3.71 -10.56
C ASP A 93 -1.80 4.11 -10.01
N TYR A 94 -1.72 4.33 -8.69
CA TYR A 94 -0.57 4.95 -8.04
C TYR A 94 -0.31 4.44 -6.62
N VAL A 95 0.88 4.77 -6.12
CA VAL A 95 1.18 4.97 -4.70
C VAL A 95 1.40 6.47 -4.46
N VAL A 96 1.00 6.95 -3.28
CA VAL A 96 1.44 8.24 -2.73
C VAL A 96 2.13 8.05 -1.38
N LEU A 97 3.03 8.97 -1.08
CA LEU A 97 3.79 9.07 0.16
C LEU A 97 3.45 10.41 0.82
N THR A 98 3.30 10.47 2.14
CA THR A 98 2.96 11.73 2.85
C THR A 98 3.51 11.76 4.27
N GLY A 99 4.41 12.72 4.49
CA GLY A 99 5.30 12.83 5.65
C GLY A 99 6.72 12.45 5.23
N ASN A 100 7.61 13.44 5.10
CA ASN A 100 9.02 13.31 4.73
C ASN A 100 9.33 12.43 3.50
N ALA A 101 8.43 12.40 2.51
CA ALA A 101 8.51 11.51 1.35
C ALA A 101 9.84 11.60 0.56
N TYR A 102 10.31 10.43 0.12
CA TYR A 102 11.51 10.22 -0.69
C TYR A 102 11.26 9.11 -1.72
N LEU A 103 11.74 9.31 -2.95
CA LEU A 103 11.75 8.32 -4.02
C LEU A 103 13.16 8.22 -4.62
N GLU A 104 13.62 6.99 -4.83
CA GLU A 104 15.05 6.67 -4.93
C GLU A 104 15.32 5.67 -6.06
N GLN A 105 15.32 6.20 -7.29
CA GLN A 105 15.39 5.45 -8.54
C GLN A 105 16.82 5.20 -9.01
N LEU A 106 16.99 4.25 -9.95
CA LEU A 106 18.22 4.03 -10.72
C LEU A 106 18.62 5.23 -11.61
N ASP A 107 17.64 6.09 -11.95
CA ASP A 107 17.76 7.28 -12.79
C ASP A 107 18.07 8.55 -11.97
N SER A 108 17.33 8.77 -10.89
CA SER A 108 17.37 10.00 -10.09
C SER A 108 16.77 9.76 -8.69
N ASN A 109 16.94 10.71 -7.77
CA ASN A 109 16.30 10.65 -6.45
C ASN A 109 15.64 11.99 -6.09
N ILE A 110 14.48 11.92 -5.43
CA ILE A 110 13.56 13.04 -5.22
C ILE A 110 13.18 13.07 -3.74
N LYS A 111 13.43 14.18 -3.05
CA LYS A 111 13.02 14.42 -1.66
C LYS A 111 11.97 15.53 -1.58
N GLY A 112 10.98 15.35 -0.72
CA GLY A 112 10.05 16.40 -0.31
C GLY A 112 9.40 16.09 1.04
N ASP A 113 8.14 16.48 1.18
CA ASP A 113 7.21 16.05 2.23
C ASP A 113 6.20 15.03 1.71
N LYS A 114 5.73 15.18 0.46
CA LYS A 114 4.75 14.33 -0.22
C LYS A 114 5.16 14.04 -1.67
N ILE A 115 5.11 12.78 -2.10
CA ILE A 115 5.52 12.31 -3.44
C ILE A 115 4.51 11.27 -3.95
N THR A 116 4.28 11.21 -5.26
CA THR A 116 3.42 10.25 -5.97
C THR A 116 4.26 9.45 -6.97
N TYR A 117 3.93 8.17 -7.14
CA TYR A 117 4.43 7.33 -8.24
C TYR A 117 3.25 6.57 -8.88
N LEU A 118 3.05 6.77 -10.17
CA LEU A 118 2.05 6.08 -10.98
C LEU A 118 2.57 4.68 -11.35
N VAL A 119 2.07 3.63 -10.69
CA VAL A 119 2.40 2.23 -11.00
C VAL A 119 1.84 1.79 -12.37
N LYS A 120 0.71 2.36 -12.77
CA LYS A 120 -0.08 2.04 -13.98
C LYS A 120 0.43 2.73 -15.25
N GLU A 121 1.23 3.79 -15.08
CA GLU A 121 1.96 4.50 -16.14
C GLU A 121 3.25 5.08 -15.53
N GLN A 122 4.36 4.33 -15.61
CA GLN A 122 5.54 4.45 -14.72
C GLN A 122 6.21 5.84 -14.63
N LYS A 123 5.66 6.74 -13.81
CA LYS A 123 6.04 8.17 -13.70
C LYS A 123 6.01 8.68 -12.25
N MET A 124 6.90 9.62 -11.95
CA MET A 124 7.08 10.23 -10.61
C MET A 124 6.47 11.65 -10.57
N GLN A 125 5.97 12.08 -9.40
CA GLN A 125 5.28 13.36 -9.22
C GLN A 125 5.47 13.91 -7.78
N ALA A 126 5.39 15.23 -7.60
CA ALA A 126 5.30 15.90 -6.29
C ALA A 126 3.94 16.61 -6.11
N PHE A 127 3.58 16.91 -4.86
CA PHE A 127 2.33 17.62 -4.51
C PHE A 127 2.47 19.14 -4.58
N SER A 128 1.41 19.82 -5.02
CA SER A 128 1.18 21.26 -4.83
C SER A 128 0.39 21.52 -3.54
N ASP A 129 -0.77 20.87 -3.37
CA ASP A 129 -1.51 20.85 -2.12
C ASP A 129 -0.81 19.93 -1.10
N LYS A 130 -0.05 20.57 -0.21
CA LYS A 130 0.76 19.91 0.81
C LYS A 130 0.06 19.75 2.16
N GLY A 131 -1.09 20.38 2.35
CA GLY A 131 -1.96 20.13 3.50
C GLY A 131 -2.99 19.01 3.25
N ARG A 132 -4.15 19.16 3.89
CA ARG A 132 -5.43 18.58 3.45
C ARG A 132 -6.63 19.45 3.85
N ARG A 133 -6.60 20.02 5.04
CA ARG A 133 -7.39 21.22 5.39
C ARG A 133 -6.50 22.27 6.06
NT1 EU0 B 1 -6.46 -7.20 -9.63
CT EU0 B 1 -6.27 -6.20 -8.84
NT2 EU0 B 1 -5.81 -5.12 -9.35
N EU0 B 1 -6.51 -6.25 -7.57
CA EU0 B 1 -6.73 -7.46 -6.73
CB EU0 B 1 -5.40 -8.04 -6.20
CG1 EU0 B 1 -4.75 -9.06 -7.15
CG2 EU0 B 1 -4.36 -6.96 -5.86
C EU0 B 1 -7.66 -7.18 -5.53
O EU0 B 1 -7.63 -6.06 -5.00
HT12 EU0 B 1 -6.83 -8.11 -9.26
HT22 EU0 B 1 -5.53 -5.13 -10.34
HT21 EU0 B 1 -5.45 -4.37 -8.75
H EU0 B 1 -6.47 -5.36 -7.05
HA EU0 B 1 -7.22 -8.22 -7.31
HB EU0 B 1 -5.63 -8.58 -5.29
HG11 EU0 B 1 -4.52 -8.61 -8.11
HG13 EU0 B 1 -5.43 -9.91 -7.28
HG12 EU0 B 1 -3.83 -9.46 -6.72
HG23 EU0 B 1 -3.94 -6.52 -6.77
HG22 EU0 B 1 -3.55 -7.43 -5.29
HG21 EU0 B 1 -4.82 -6.18 -5.25
HT11 EU0 B 1 -6.34 -7.10 -10.64
N HYP B 2 -8.37 -8.19 -4.98
CA HYP B 2 -8.87 -8.15 -3.60
C HYP B 2 -7.78 -7.96 -2.55
O HYP B 2 -6.63 -8.32 -2.76
CB HYP B 2 -9.52 -9.53 -3.37
CG HYP B 2 -9.84 -10.06 -4.75
CD HYP B 2 -8.73 -9.45 -5.63
OD1 HYP B 2 -11.15 -9.62 -5.12
HA HYP B 2 -9.62 -7.37 -3.52
HB2 HYP B 2 -8.81 -10.21 -2.89
HB3 HYP B 2 -10.39 -9.42 -2.73
HG HYP B 2 -9.81 -11.16 -4.77
HD22 HYP B 2 -7.88 -10.12 -5.64
HD23 HYP B 2 -9.10 -9.28 -6.64
HD1 HYP B 2 -11.27 -9.83 -6.05
N ILE B 3 -8.22 -7.57 -1.34
CA ILE B 3 -7.47 -7.71 -0.10
C ILE B 3 -8.00 -8.93 0.66
N THR B 4 -7.08 -9.71 1.25
CA THR B 4 -7.36 -10.86 2.11
C THR B 4 -6.48 -10.81 3.35
N TYR B 5 -7.11 -10.90 4.53
CA TYR B 5 -6.41 -11.10 5.80
C TYR B 5 -6.73 -12.47 6.38
O LE1 B 6 -4.46 -13.94 9.43
C LE1 B 6 -5.50 -14.42 8.99
CA LE1 B 6 -5.81 -14.48 7.48
N LE1 B 6 -5.71 -13.14 6.92
CB LE1 B 6 -5.01 -15.51 6.64
C9 LE1 B 6 -5.02 -16.90 7.28
C8 LE1 B 6 -3.54 -15.10 6.46
SG LE1 B 6 -5.74 -15.56 4.93
HA LE1 B 6 -6.84 -14.81 7.43
H LE1 B 6 -4.79 -12.69 6.93
H9 LE1 B 6 -4.57 -17.64 6.61
H9A LE1 B 6 -6.04 -17.21 7.53
H9B LE1 B 6 -4.42 -16.88 8.20
H8 LE1 B 6 -3.47 -14.23 5.81
H8A LE1 B 6 -2.99 -15.92 5.99
H8B LE1 B 6 -3.10 -14.88 7.41
N ASN B 7 -6.50 -14.76 9.81
CA ASN B 7 -6.53 -14.34 11.22
C ASN B 7 -5.51 -15.12 12.05
N ARG B 8 -4.47 -14.43 12.54
CA ARG B 8 -3.34 -14.98 13.32
C ARG B 8 -3.73 -16.04 14.35
N DAB B 9 -4.78 -15.76 15.12
CA DAB B 9 -5.21 -16.61 16.24
C DAB B 9 -6.12 -17.81 15.87
O DAB B 9 -6.50 -18.56 16.76
CB DAB B 9 -5.85 -15.68 17.30
CG DAB B 9 -6.08 -16.40 18.63
ND DAB B 9 -6.55 -15.45 19.67
H DAB B 9 -5.24 -14.88 14.94
HA DAB B 9 -4.32 -17.04 16.67
HB2 DAB B 9 -5.16 -14.84 17.47
HB3 DAB B 9 -6.79 -15.30 16.92
HG2 DAB B 9 -6.82 -17.19 18.50
HG3 DAB B 9 -5.15 -16.87 18.96
HD1 DAB B 9 -7.43 -15.02 19.38
HD2 DAB B 9 -5.87 -14.71 19.82
HD3 DAB B 9 -6.70 -15.93 20.55
N THR B 10 -6.50 -18.00 14.59
CA THR B 10 -7.29 -19.17 14.11
C THR B 10 -6.79 -19.75 12.78
N 4FO B 11 -5.94 -19.04 12.05
CA 4FO B 11 -5.44 -19.44 10.74
C 4FO B 11 -6.51 -19.35 9.61
O 4FO B 11 -6.25 -19.79 8.49
CB 4FO B 11 -4.22 -18.56 10.41
CG 4FO B 11 -3.10 -18.70 11.44
NZ 4FO B 11 -1.96 -17.83 11.08
H 4FO B 11 -5.76 -18.08 12.34
HA 4FO B 11 -5.13 -20.48 10.78
HB2 4FO B 11 -4.53 -17.52 10.35
HB3 4FO B 11 -3.83 -18.85 9.43
HG3 4FO B 11 -3.47 -18.45 12.43
HG2 4FO B 11 -2.78 -19.74 11.45
HZ3 4FO B 11 -1.70 -17.89 10.09
HZ2 4FO B 11 -1.16 -17.94 11.67
HZ1 4FO B 11 -2.18 -16.83 11.05
N LYS B 12 -7.69 -18.77 9.88
CA LYS B 12 -8.82 -18.72 8.92
C LYS B 12 -8.88 -17.39 8.18
N CYS B 13 -9.09 -17.46 6.87
CA CYS B 13 -9.00 -16.31 5.97
C CYS B 13 -10.29 -15.49 5.85
N DAB B 14 -10.16 -14.22 5.53
CA DAB B 14 -11.21 -13.24 5.30
C DAB B 14 -10.83 -12.33 4.11
O DAB B 14 -9.90 -11.52 4.22
CB DAB B 14 -11.38 -12.38 6.59
CG DAB B 14 -12.22 -13.01 7.71
ND DAB B 14 -11.53 -14.14 8.36
H DAB B 14 -9.20 -13.84 5.48
HA DAB B 14 -12.16 -13.73 5.08
HB2 DAB B 14 -10.40 -12.10 6.97
HB3 DAB B 14 -11.89 -11.46 6.30
HG2 DAB B 14 -12.43 -12.24 8.45
HG3 DAB B 14 -13.17 -13.35 7.29
HD1 DAB B 14 -11.32 -14.85 7.67
HD2 DAB B 14 -12.09 -14.55 9.09
HD3 DAB B 14 -10.66 -13.84 8.81
N ARG B 15 -11.57 -12.42 3.00
CA ARG B 15 -11.54 -11.40 1.94
C ARG B 15 -12.36 -10.17 2.41
N TYR B 16 -12.00 -8.97 1.96
CA TYR B 16 -12.76 -7.72 2.11
C TYR B 16 -13.31 -7.28 0.76
N GLY A 1 -12.46 -18.71 -15.12
CA GLY A 1 -11.64 -18.52 -16.33
C GLY A 1 -10.20 -18.89 -16.03
N LYS A 2 -9.24 -18.40 -16.82
CA LYS A 2 -7.80 -18.52 -16.50
C LYS A 2 -7.47 -17.81 -15.18
N THR A 3 -6.48 -18.33 -14.44
CA THR A 3 -5.99 -17.75 -13.18
C THR A 3 -5.16 -16.47 -13.38
N GLY A 4 -5.24 -15.59 -12.38
CA GLY A 4 -4.55 -14.30 -12.20
C GLY A 4 -4.83 -13.80 -10.78
N ASP A 5 -4.80 -12.50 -10.50
CA ASP A 5 -4.93 -11.92 -9.14
C ASP A 5 -6.27 -12.20 -8.38
N THR A 6 -7.24 -12.90 -9.00
CA THR A 6 -8.39 -13.50 -8.29
C THR A 6 -8.05 -14.80 -7.55
N ASP A 7 -6.97 -15.47 -7.94
CA ASP A 7 -6.34 -16.62 -7.27
C ASP A 7 -5.49 -16.13 -6.09
N GLN A 8 -4.76 -15.03 -6.30
CA GLN A 8 -3.77 -14.46 -5.38
C GLN A 8 -4.02 -12.94 -5.19
N PRO A 9 -5.04 -12.54 -4.40
CA PRO A 9 -5.33 -11.14 -4.04
C PRO A 9 -4.33 -10.56 -3.03
N ILE A 10 -4.34 -9.23 -2.83
CA ILE A 10 -3.30 -8.50 -2.09
C ILE A 10 -3.09 -9.07 -0.67
N HIS A 11 -1.94 -9.69 -0.46
CA HIS A 11 -1.68 -10.59 0.66
C HIS A 11 -1.02 -9.90 1.86
N ILE A 12 -1.48 -10.23 3.07
CA ILE A 12 -0.99 -9.70 4.36
C ILE A 12 -0.98 -10.82 5.41
N GLU A 13 0.13 -10.95 6.16
CA GLU A 13 0.16 -11.63 7.46
C GLU A 13 -0.15 -10.61 8.57
N SER A 14 -1.25 -10.79 9.32
CA SER A 14 -1.68 -9.90 10.41
C SER A 14 -1.69 -10.62 11.77
N ASP A 15 -1.27 -9.93 12.84
CA ASP A 15 -1.19 -10.48 14.21
C ASP A 15 -2.28 -9.94 15.14
N GLN A 16 -2.05 -8.79 15.81
CA GLN A 16 -3.10 -8.03 16.49
C GLN A 16 -3.83 -7.10 15.50
N GLN A 17 -5.16 -7.11 15.59
CA GLN A 17 -6.04 -6.61 14.52
C GLN A 17 -7.49 -6.39 14.98
N SER A 18 -8.23 -5.52 14.26
CA SER A 18 -9.67 -5.35 14.43
C SER A 18 -10.33 -4.88 13.12
N LEU A 19 -11.64 -5.12 12.96
CA LEU A 19 -12.40 -4.81 11.76
C LEU A 19 -13.81 -4.29 12.12
N ASP A 20 -14.13 -3.07 11.67
CA ASP A 20 -15.43 -2.45 11.80
C ASP A 20 -16.27 -2.66 10.53
N MET A 21 -17.35 -3.43 10.67
CA MET A 21 -18.31 -3.71 9.58
C MET A 21 -19.32 -2.57 9.35
N GLN A 22 -19.43 -1.60 10.27
CA GLN A 22 -20.27 -0.41 10.11
C GLN A 22 -19.51 0.66 9.31
N GLY A 23 -18.34 1.09 9.78
CA GLY A 23 -17.45 2.01 9.07
C GLY A 23 -16.75 1.39 7.85
N ASN A 24 -16.82 0.06 7.68
CA ASN A 24 -16.14 -0.68 6.61
C ASN A 24 -14.61 -0.45 6.61
N VAL A 25 -14.01 -0.56 7.80
CA VAL A 25 -12.57 -0.33 8.05
C VAL A 25 -11.95 -1.57 8.68
N VAL A 26 -10.77 -1.98 8.21
CA VAL A 26 -9.89 -2.97 8.88
C VAL A 26 -8.66 -2.26 9.45
N THR A 27 -8.10 -2.78 10.53
CA THR A 27 -6.93 -2.24 11.23
C THR A 27 -5.97 -3.35 11.66
N PHE A 28 -4.68 -3.13 11.48
CA PHE A 28 -3.57 -4.01 11.89
C PHE A 28 -2.49 -3.19 12.59
N THR A 29 -1.83 -3.77 13.60
CA THR A 29 -0.84 -3.06 14.45
C THR A 29 0.45 -3.83 14.70
N GLY A 30 1.56 -3.10 14.77
CA GLY A 30 2.86 -3.48 15.31
C GLY A 30 3.67 -4.52 14.52
N ASN A 31 3.04 -5.44 13.79
CA ASN A 31 3.67 -6.64 13.23
C ASN A 31 2.99 -7.03 11.89
N VAL A 32 3.16 -6.22 10.85
CA VAL A 32 2.39 -6.30 9.58
C VAL A 32 3.28 -6.13 8.33
N VAL A 33 2.94 -6.81 7.23
CA VAL A 33 3.56 -6.66 5.89
C VAL A 33 2.51 -6.77 4.78
N VAL A 34 2.79 -6.23 3.59
CA VAL A 34 1.97 -6.43 2.38
C VAL A 34 2.84 -7.00 1.26
N THR A 35 2.39 -8.08 0.59
CA THR A 35 3.27 -8.95 -0.21
C THR A 35 2.69 -9.37 -1.58
N GLN A 36 2.07 -8.44 -2.34
CA GLN A 36 1.52 -8.76 -3.67
C GLN A 36 2.61 -8.88 -4.75
N GLY A 37 3.18 -10.08 -4.88
CA GLY A 37 4.13 -10.40 -5.94
C GLY A 37 5.40 -9.55 -5.86
N THR A 38 5.62 -8.64 -6.81
CA THR A 38 6.70 -7.65 -6.73
C THR A 38 6.44 -6.59 -5.65
N ILE A 39 5.20 -6.09 -5.52
CA ILE A 39 4.80 -5.08 -4.53
C ILE A 39 5.02 -5.62 -3.11
N LYS A 40 5.91 -4.95 -2.36
CA LYS A 40 6.34 -5.29 -1.00
C LYS A 40 6.23 -4.06 -0.12
N ILE A 41 5.50 -4.10 1.00
CA ILE A 41 5.31 -2.93 1.89
C ILE A 41 5.50 -3.35 3.35
N ASN A 42 6.14 -2.50 4.15
CA ASN A 42 6.17 -2.63 5.60
C ASN A 42 5.88 -1.29 6.32
N ALA A 43 5.17 -1.42 7.43
CA ALA A 43 4.62 -0.36 8.28
C ALA A 43 4.34 -0.95 9.68
N ASP A 44 4.08 -0.10 10.67
CA ASP A 44 3.59 -0.50 12.01
C ASP A 44 2.06 -0.59 12.03
N LYS A 45 1.37 0.44 11.53
CA LYS A 45 -0.09 0.52 11.51
C LYS A 45 -0.60 0.48 10.09
N VAL A 46 -1.48 -0.47 9.78
CA VAL A 46 -2.03 -0.68 8.43
C VAL A 46 -3.55 -0.66 8.50
N VAL A 47 -4.18 0.03 7.54
CA VAL A 47 -5.62 0.28 7.48
C VAL A 47 -6.13 -0.04 6.08
N VAL A 48 -7.32 -0.63 5.96
CA VAL A 48 -7.98 -0.93 4.66
C VAL A 48 -9.46 -0.54 4.72
N THR A 49 -10.00 0.21 3.75
CA THR A 49 -11.38 0.73 3.80
C THR A 49 -11.99 1.12 2.44
N ARG A 50 -13.31 0.90 2.30
CA ARG A 50 -14.02 0.88 1.02
C ARG A 50 -14.48 2.29 0.56
N PRO A 51 -13.97 2.83 -0.57
CA PRO A 51 -14.23 4.20 -1.01
C PRO A 51 -15.50 4.31 -1.89
N GLY A 52 -16.56 3.57 -1.56
CA GLY A 52 -17.80 3.49 -2.34
C GLY A 52 -18.60 2.22 -2.05
N ASN A 53 -19.69 2.01 -2.79
CA ASN A 53 -20.49 0.77 -2.76
C ASN A 53 -20.23 -0.12 -3.99
N GLU A 54 -19.69 0.46 -5.06
CA GLU A 54 -19.43 -0.14 -6.36
C GLU A 54 -18.31 -1.19 -6.29
N LYS A 55 -18.60 -2.38 -6.83
CA LYS A 55 -18.18 -3.66 -6.24
C LYS A 55 -16.86 -4.17 -6.79
N GLY A 56 -15.87 -3.28 -6.76
CA GLY A 56 -14.52 -3.51 -7.28
C GLY A 56 -13.49 -2.45 -6.86
N LYS A 57 -13.71 -1.76 -5.73
CA LYS A 57 -12.90 -0.63 -5.23
C LYS A 57 -12.51 -0.82 -3.75
N GLU A 58 -11.33 -0.34 -3.36
CA GLU A 58 -10.82 -0.38 -1.96
C GLU A 58 -9.65 0.62 -1.78
N VAL A 59 -9.23 0.89 -0.54
CA VAL A 59 -8.06 1.73 -0.17
C VAL A 59 -7.20 0.98 0.85
N ILE A 60 -5.87 0.98 0.67
CA ILE A 60 -4.90 0.55 1.69
C ILE A 60 -4.06 1.77 2.10
N GLU A 61 -3.96 2.05 3.40
CA GLU A 61 -2.96 2.95 3.96
C GLU A 61 -2.04 2.23 4.96
N GLY A 62 -0.80 2.70 5.09
CA GLY A 62 0.18 2.18 6.03
C GLY A 62 1.06 3.28 6.62
N PHE A 63 1.27 3.25 7.94
CA PHE A 63 2.02 4.24 8.71
C PHE A 63 3.12 3.56 9.53
N GLY A 64 4.29 4.18 9.66
CA GLY A 64 5.39 3.63 10.46
C GLY A 64 6.46 4.62 10.90
N ASN A 65 6.68 5.71 10.15
CA ASN A 65 7.67 6.74 10.50
C ASN A 65 9.07 6.15 10.86
N PRO A 66 9.71 5.35 9.98
CA PRO A 66 9.40 5.20 8.55
C PRO A 66 8.47 4.00 8.21
N ALA A 67 7.92 4.07 7.00
CA ALA A 67 7.30 2.97 6.25
C ALA A 67 7.91 2.95 4.83
N THR A 68 7.97 1.77 4.21
CA THR A 68 8.70 1.56 2.93
C THR A 68 7.95 0.63 1.99
N PHE A 69 8.07 0.89 0.69
CA PHE A 69 7.43 0.17 -0.40
C PHE A 69 8.44 -0.12 -1.53
N TYR A 70 8.57 -1.39 -1.91
CA TYR A 70 9.36 -1.84 -3.07
C TYR A 70 8.42 -2.28 -4.21
N GLN A 71 8.76 -1.89 -5.44
CA GLN A 71 8.19 -2.38 -6.68
C GLN A 71 9.31 -2.71 -7.68
N MET A 72 9.04 -3.59 -8.64
CA MET A 72 9.92 -3.89 -9.77
C MET A 72 9.10 -4.07 -11.03
N GLN A 73 9.54 -3.45 -12.12
CA GLN A 73 8.79 -3.43 -13.38
C GLN A 73 9.18 -4.56 -14.34
N ASP A 74 8.21 -4.92 -15.17
CA ASP A 74 8.33 -5.31 -16.59
C ASP A 74 9.43 -4.55 -17.36
N ASN A 75 9.47 -3.22 -17.29
CA ASN A 75 10.54 -2.36 -17.80
C ASN A 75 11.83 -2.41 -16.94
N GLY A 76 12.17 -3.58 -16.41
CA GLY A 76 13.41 -3.98 -15.74
C GLY A 76 13.72 -3.35 -14.38
N LYS A 77 13.22 -2.15 -14.10
CA LYS A 77 13.71 -1.29 -13.01
C LYS A 77 13.14 -1.67 -11.62
N PRO A 78 13.98 -1.84 -10.58
CA PRO A 78 13.55 -1.93 -9.19
C PRO A 78 13.48 -0.53 -8.55
N VAL A 79 12.27 -0.11 -8.16
CA VAL A 79 11.91 1.28 -7.83
C VAL A 79 11.09 1.32 -6.54
N LYS A 80 11.45 2.21 -5.60
CA LYS A 80 11.01 2.11 -4.20
C LYS A 80 10.59 3.47 -3.63
N GLY A 81 9.57 3.44 -2.78
CA GLY A 81 9.11 4.57 -1.98
C GLY A 81 9.44 4.41 -0.49
N ARG A 82 9.64 5.52 0.20
CA ARG A 82 9.81 5.60 1.67
C ARG A 82 9.11 6.86 2.19
N ALA A 83 8.43 6.77 3.34
CA ALA A 83 7.67 7.88 3.93
C ALA A 83 7.40 7.64 5.43
N SER A 84 6.60 8.50 6.09
CA SER A 84 5.95 8.16 7.37
C SER A 84 4.58 7.50 7.20
N LYS A 85 3.82 7.92 6.17
CA LYS A 85 2.58 7.33 5.65
C LYS A 85 2.72 7.01 4.16
N MET A 86 2.16 5.89 3.73
CA MET A 86 1.80 5.56 2.35
C MET A 86 0.28 5.32 2.22
N ARG A 87 -0.27 5.61 1.03
CA ARG A 87 -1.59 5.16 0.54
C ARG A 87 -1.47 4.55 -0.86
N TYR A 88 -2.19 3.46 -1.09
CA TYR A 88 -2.53 2.91 -2.40
C TYR A 88 -4.04 2.65 -2.45
N GLU A 89 -4.63 2.56 -3.65
CA GLU A 89 -6.06 2.27 -3.80
C GLU A 89 -6.30 1.18 -4.85
N LEU A 90 -7.12 0.20 -4.52
CA LEU A 90 -7.54 -0.88 -5.40
C LEU A 90 -8.50 -0.41 -6.51
N GLN A 91 -8.97 0.84 -6.46
CA GLN A 91 -9.70 1.53 -7.53
C GLN A 91 -8.77 2.23 -8.55
N ASN A 92 -7.45 2.08 -8.43
CA ASN A 92 -6.47 3.03 -8.94
C ASN A 92 -5.14 2.35 -9.30
N ASP A 93 -4.26 3.09 -9.98
CA ASP A 93 -2.82 2.77 -10.04
C ASP A 93 -1.96 3.78 -9.25
N TYR A 94 -2.51 4.92 -8.82
CA TYR A 94 -1.79 5.94 -8.06
C TYR A 94 -1.52 5.57 -6.59
N VAL A 95 -0.41 6.09 -6.08
CA VAL A 95 0.12 5.96 -4.72
C VAL A 95 0.42 7.37 -4.18
N VAL A 96 0.23 7.58 -2.88
CA VAL A 96 0.59 8.84 -2.19
C VAL A 96 1.51 8.54 -1.01
N LEU A 97 2.50 9.40 -0.79
CA LEU A 97 3.50 9.33 0.28
C LEU A 97 3.48 10.63 1.10
N THR A 98 3.71 10.56 2.41
CA THR A 98 3.80 11.74 3.29
C THR A 98 4.69 11.47 4.51
N GLY A 99 5.50 12.46 4.86
CA GLY A 99 6.47 12.43 5.96
C GLY A 99 7.87 12.10 5.43
N ASN A 100 8.66 13.16 5.24
CA ASN A 100 10.05 13.14 4.74
C ASN A 100 10.31 12.16 3.57
N ALA A 101 9.35 12.09 2.65
CA ALA A 101 9.27 11.01 1.68
C ALA A 101 10.39 11.02 0.62
N TYR A 102 10.60 9.84 0.04
CA TYR A 102 11.66 9.55 -0.93
C TYR A 102 11.18 8.56 -1.99
N LEU A 103 11.65 8.72 -3.23
CA LEU A 103 11.34 7.84 -4.36
C LEU A 103 12.55 7.76 -5.31
N GLU A 104 12.97 6.55 -5.68
CA GLU A 104 14.21 6.32 -6.45
C GLU A 104 14.03 5.68 -7.83
N GLN A 105 14.91 6.07 -8.77
CA GLN A 105 15.04 5.48 -10.10
C GLN A 105 16.47 5.69 -10.64
N LEU A 106 16.90 4.84 -11.58
CA LEU A 106 18.24 4.88 -12.20
C LEU A 106 18.57 6.25 -12.85
N ASP A 107 17.54 6.93 -13.35
CA ASP A 107 17.58 8.29 -13.92
C ASP A 107 17.86 9.38 -12.86
N SER A 108 17.12 9.37 -11.75
CA SER A 108 17.25 10.30 -10.62
C SER A 108 16.39 9.86 -9.42
N ASN A 109 16.79 10.31 -8.22
CA ASN A 109 16.06 10.09 -6.97
C ASN A 109 15.49 11.40 -6.43
N ILE A 110 14.29 11.32 -5.84
CA ILE A 110 13.53 12.45 -5.28
C ILE A 110 13.52 12.32 -3.76
N LYS A 111 13.81 13.42 -3.04
CA LYS A 111 13.41 13.64 -1.65
C LYS A 111 12.45 14.84 -1.61
N GLY A 112 11.17 14.55 -1.52
CA GLY A 112 10.11 15.54 -1.35
C GLY A 112 9.20 15.08 -0.21
N ASP A 113 8.91 15.93 0.76
CA ASP A 113 8.36 15.45 2.04
C ASP A 113 6.92 14.91 1.93
N LYS A 114 6.28 15.13 0.78
CA LYS A 114 5.14 14.37 0.23
C LYS A 114 5.40 14.07 -1.25
N ILE A 115 5.03 12.89 -1.74
CA ILE A 115 5.27 12.45 -3.14
C ILE A 115 4.01 11.79 -3.72
N THR A 116 3.80 11.97 -5.02
CA THR A 116 2.77 11.28 -5.81
C THR A 116 3.45 10.25 -6.72
N TYR A 117 3.03 9.00 -6.60
CA TYR A 117 3.68 7.84 -7.22
C TYR A 117 2.59 6.92 -7.82
N LEU A 118 2.95 5.76 -8.37
CA LEU A 118 2.04 4.74 -8.90
C LEU A 118 2.62 3.35 -8.61
N VAL A 119 1.78 2.32 -8.58
CA VAL A 119 2.25 0.91 -8.62
C VAL A 119 2.73 0.48 -10.02
N LYS A 120 2.55 1.34 -11.03
CA LYS A 120 3.08 1.21 -12.39
C LYS A 120 4.05 2.37 -12.65
N GLU A 121 5.35 2.16 -12.44
CA GLU A 121 6.31 3.26 -12.60
C GLU A 121 6.57 3.54 -14.09
N GLN A 122 6.01 4.65 -14.56
CA GLN A 122 6.38 5.30 -15.83
C GLN A 122 6.63 6.82 -15.71
N LYS A 123 6.24 7.47 -14.60
CA LYS A 123 6.21 8.95 -14.48
C LYS A 123 5.95 9.43 -13.03
N MET A 124 7.00 9.50 -12.21
CA MET A 124 6.98 10.07 -10.85
C MET A 124 6.44 11.52 -10.78
N GLN A 125 5.79 11.91 -9.67
CA GLN A 125 5.09 13.20 -9.55
C GLN A 125 5.27 13.87 -8.16
N ALA A 126 5.21 15.19 -8.12
CA ALA A 126 5.24 16.01 -6.90
C ALA A 126 3.94 16.81 -6.72
N PHE A 127 3.72 17.33 -5.51
CA PHE A 127 2.56 18.16 -5.15
C PHE A 127 2.96 19.20 -4.07
N SER A 128 2.02 19.93 -3.49
CA SER A 128 2.26 20.80 -2.32
C SER A 128 1.02 20.89 -1.44
N ASP A 129 1.14 20.46 -0.19
CA ASP A 129 0.09 20.49 0.84
C ASP A 129 0.74 20.53 2.24
N LYS A 130 0.07 21.20 3.19
CA LYS A 130 0.43 21.18 4.62
C LYS A 130 -0.19 19.98 5.34
N GLY A 131 -1.48 19.71 5.14
CA GLY A 131 -2.20 18.61 5.77
C GLY A 131 -2.04 18.60 7.30
N ARG A 132 -1.75 17.42 7.87
CA ARG A 132 -1.24 17.19 9.25
C ARG A 132 -2.09 17.74 10.41
N ARG A 133 -3.27 18.29 10.14
CA ARG A 133 -3.92 19.28 11.00
C ARG A 133 -3.11 20.58 11.08
NT1 EU0 B 1 -10.69 -5.38 -9.04
CT EU0 B 1 -9.95 -4.59 -8.38
NT2 EU0 B 1 -10.16 -3.35 -8.50
N EU0 B 1 -8.98 -5.00 -7.62
CA EU0 B 1 -8.83 -6.39 -7.09
CB EU0 B 1 -7.50 -7.04 -7.57
CG1 EU0 B 1 -7.44 -7.16 -9.10
CG2 EU0 B 1 -6.24 -6.32 -7.07
C EU0 B 1 -9.02 -6.47 -5.55
O EU0 B 1 -8.99 -5.43 -4.89
HT12 EU0 B 1 -10.43 -6.37 -9.10
HT22 EU0 B 1 -11.14 -3.01 -8.61
HT21 EU0 B 1 -9.51 -2.65 -8.09
H EU0 B 1 -8.47 -4.28 -7.11
HA EU0 B 1 -9.62 -7.01 -7.49
HB EU0 B 1 -7.47 -8.06 -7.17
HG11 EU0 B 1 -7.40 -6.18 -9.57
HG13 EU0 B 1 -8.29 -7.72 -9.48
HG12 EU0 B 1 -6.53 -7.71 -9.39
HG23 EU0 B 1 -6.17 -5.30 -7.45
HG22 EU0 B 1 -5.35 -6.87 -7.41
HG21 EU0 B 1 -6.22 -6.32 -5.98
HT11 EU0 B 1 -11.30 -4.97 -9.75
N HYP B 2 -9.22 -7.66 -4.95
CA HYP B 2 -9.45 -7.82 -3.51
C HYP B 2 -8.16 -7.79 -2.67
O HYP B 2 -7.05 -7.81 -3.21
CB HYP B 2 -10.20 -9.16 -3.35
CG HYP B 2 -10.59 -9.58 -4.76
CD HYP B 2 -9.50 -8.95 -5.60
OD1 HYP B 2 -11.84 -9.04 -5.14
HA HYP B 2 -10.11 -7.03 -3.16
HB2 HYP B 2 -9.53 -9.92 -2.93
HB3 HYP B 2 -11.08 -9.06 -2.70
HG HYP B 2 -10.59 -10.67 -4.87
HD22 HYP B 2 -8.60 -9.56 -5.59
HD23 HYP B 2 -9.86 -8.84 -6.63
HD1 HYP B 2 -12.47 -9.20 -4.43
N ILE B 3 -8.33 -7.85 -1.35
CA ILE B 3 -7.27 -7.97 -0.33
C ILE B 3 -7.51 -9.24 0.49
N THR B 4 -6.46 -9.80 1.11
CA THR B 4 -6.56 -11.02 1.93
C THR B 4 -5.57 -10.99 3.10
N TYR B 5 -6.10 -11.32 4.27
CA TYR B 5 -5.44 -11.26 5.57
C TYR B 5 -5.34 -12.66 6.15
O LE1 B 6 -2.51 -13.29 8.52
C LE1 B 6 -3.26 -14.23 8.28
CA LE1 B 6 -3.84 -14.48 6.87
N LE1 B 6 -4.14 -13.20 6.22
CB LE1 B 6 -3.01 -15.40 5.93
C9 LE1 B 6 -2.57 -16.70 6.61
C8 LE1 B 6 -1.74 -14.70 5.42
SG LE1 B 6 -4.02 -15.79 4.43
HA LE1 B 6 -4.76 -15.01 7.03
H LE1 B 6 -3.34 -12.64 5.93
H9 LE1 B 6 -2.16 -17.39 5.88
H9A LE1 B 6 -3.41 -17.17 7.12
H9B LE1 B 6 -1.80 -16.48 7.35
H8 LE1 B 6 -1.20 -14.25 6.24
H8A LE1 B 6 -2.00 -13.91 4.71
H8B LE1 B 6 -1.09 -15.41 4.91
N ASN B 7 -3.76 -14.95 9.28
CA ASN B 7 -3.55 -14.63 10.69
C ASN B 7 -2.25 -15.27 11.20
N ARG B 8 -1.20 -14.48 11.45
CA ARG B 8 0.08 -14.96 12.04
C ARG B 8 0.02 -15.21 13.55
N DAB B 9 -1.12 -15.69 14.02
CA DAB B 9 -1.24 -16.43 15.28
C DAB B 9 -2.10 -17.72 15.19
O DAB B 9 -2.26 -18.40 16.19
CB DAB B 9 -1.70 -15.46 16.39
CG DAB B 9 -0.62 -15.26 17.46
ND DAB B 9 0.46 -14.39 16.97
H DAB B 9 -1.87 -15.75 13.35
HA DAB B 9 -0.25 -16.79 15.54
HB2 DAB B 9 -1.99 -14.49 15.98
HB3 DAB B 9 -2.59 -15.88 16.89
HG2 DAB B 9 -1.07 -14.82 18.35
HG3 DAB B 9 -0.22 -16.24 17.75
HD1 DAB B 9 0.11 -13.44 16.79
HD2 DAB B 9 0.86 -14.66 16.08
HD3 DAB B 9 1.21 -14.24 17.63
N THR B 10 -2.59 -18.09 13.99
CA THR B 10 -3.33 -19.35 13.72
C THR B 10 -3.05 -19.98 12.35
N 4FO B 11 -2.58 -19.20 11.36
CA 4FO B 11 -2.43 -19.68 9.99
C 4FO B 11 -3.77 -19.82 9.20
O 4FO B 11 -3.74 -20.24 8.05
CB 4FO B 11 -1.51 -18.72 9.22
CG 4FO B 11 -0.11 -18.52 9.81
NZ 4FO B 11 0.69 -17.73 8.86
H 4FO B 11 -2.52 -18.21 11.52
HA 4FO B 11 -1.97 -20.68 10.00
HB2 4FO B 11 -2.01 -17.75 9.19
HB3 4FO B 11 -1.40 -19.09 8.20
HG3 4FO B 11 -0.20 -17.99 10.77
HG2 4FO B 11 0.35 -19.49 9.99
HZ3 4FO B 11 1.60 -17.39 9.19
HZ2 4FO B 11 0.28 -16.80 8.68
HZ1 4FO B 11 0.82 -18.15 7.96
N LYS B 12 -4.90 -19.34 9.74
CA LYS B 12 -6.17 -19.23 9.00
C LYS B 12 -6.29 -17.88 8.27
N CYS B 13 -7.12 -17.81 7.23
CA CYS B 13 -7.21 -16.64 6.33
C CYS B 13 -8.59 -15.98 6.29
N DAB B 14 -8.64 -14.72 5.84
CA DAB B 14 -9.86 -13.94 5.62
C DAB B 14 -9.71 -13.07 4.35
O DAB B 14 -8.62 -12.55 4.12
CB DAB B 14 -10.14 -13.03 6.85
CG DAB B 14 -9.70 -13.60 8.20
ND DAB B 14 -8.31 -13.19 8.50
H DAB B 14 -7.76 -14.28 5.57
HA DAB B 14 -10.70 -14.62 5.48
HB2 DAB B 14 -9.67 -12.06 6.70
HB3 DAB B 14 -11.22 -12.86 6.89
HG2 DAB B 14 -10.37 -13.24 8.98
HG3 DAB B 14 -9.78 -14.69 8.16
HD1 DAB B 14 -7.94 -13.69 9.32
HD2 DAB B 14 -8.22 -12.20 8.66
HD3 DAB B 14 -7.68 -13.45 7.75
N ARG B 15 -10.76 -12.88 3.54
CA ARG B 15 -10.72 -12.06 2.30
C ARG B 15 -11.58 -10.80 2.45
N TYR B 16 -11.29 -9.76 1.65
CA TYR B 16 -11.94 -8.43 1.71
C TYR B 16 -12.00 -7.78 0.32
N GLY A 1 2.28 -16.40 -17.74
CA GLY A 1 1.82 -15.11 -18.28
C GLY A 1 1.54 -14.22 -17.09
N LYS A 2 0.26 -13.96 -16.80
CA LYS A 2 -0.20 -14.01 -15.40
C LYS A 2 0.09 -15.40 -14.80
N THR A 3 0.08 -15.51 -13.47
CA THR A 3 0.42 -16.75 -12.73
C THR A 3 -0.56 -17.13 -11.61
N GLY A 4 -1.72 -16.46 -11.54
CA GLY A 4 -2.78 -16.77 -10.56
C GLY A 4 -3.23 -15.58 -9.73
N ASP A 5 -3.50 -14.42 -10.33
CA ASP A 5 -3.96 -13.19 -9.66
C ASP A 5 -5.42 -13.24 -9.11
N THR A 6 -6.07 -14.41 -9.20
CA THR A 6 -7.32 -14.78 -8.51
C THR A 6 -7.12 -15.82 -7.40
N ASP A 7 -5.95 -16.46 -7.36
CA ASP A 7 -5.46 -17.48 -6.42
C ASP A 7 -4.51 -16.85 -5.37
N GLN A 8 -3.73 -15.85 -5.79
CA GLN A 8 -2.74 -15.10 -5.01
C GLN A 8 -3.25 -13.68 -4.68
N PRO A 9 -3.99 -13.50 -3.57
CA PRO A 9 -4.48 -12.19 -3.10
C PRO A 9 -3.35 -11.31 -2.52
N ILE A 10 -3.67 -10.04 -2.27
CA ILE A 10 -2.87 -9.17 -1.40
C ILE A 10 -2.86 -9.78 0.01
N HIS A 11 -1.72 -10.34 0.42
CA HIS A 11 -1.57 -10.91 1.76
C HIS A 11 -1.33 -9.82 2.81
N ILE A 12 -1.95 -9.95 3.99
CA ILE A 12 -1.71 -9.10 5.16
C ILE A 12 -1.67 -9.95 6.45
N GLU A 13 -0.71 -9.67 7.32
CA GLU A 13 -0.64 -10.22 8.68
C GLU A 13 -0.45 -9.11 9.74
N SER A 14 -0.55 -9.48 11.02
CA SER A 14 -0.68 -8.54 12.15
C SER A 14 -0.48 -9.25 13.48
N ASP A 15 -0.01 -8.56 14.52
CA ASP A 15 -0.19 -8.98 15.91
C ASP A 15 -1.53 -8.52 16.50
N GLN A 16 -1.96 -7.29 16.20
CA GLN A 16 -3.27 -6.76 16.61
C GLN A 16 -4.05 -6.21 15.42
N GLN A 17 -5.25 -6.75 15.21
CA GLN A 17 -6.15 -6.44 14.11
C GLN A 17 -7.60 -6.24 14.54
N SER A 18 -8.36 -5.47 13.76
CA SER A 18 -9.80 -5.27 13.92
C SER A 18 -10.50 -5.12 12.55
N LEU A 19 -11.78 -5.52 12.48
CA LEU A 19 -12.59 -5.64 11.27
C LEU A 19 -13.99 -5.04 11.53
N ASP A 20 -14.28 -3.85 11.02
CA ASP A 20 -15.55 -3.16 11.27
C ASP A 20 -16.72 -3.69 10.40
N MET A 21 -17.76 -4.20 11.06
CA MET A 21 -18.97 -4.72 10.43
C MET A 21 -19.84 -3.65 9.75
N GLN A 22 -19.77 -2.38 10.21
CA GLN A 22 -20.72 -1.32 9.83
C GLN A 22 -20.04 -0.10 9.17
N GLY A 23 -18.92 0.39 9.70
CA GLY A 23 -18.10 1.41 9.05
C GLY A 23 -17.09 0.85 8.03
N ASN A 24 -16.90 -0.48 8.00
CA ASN A 24 -16.04 -1.21 7.05
C ASN A 24 -14.59 -0.71 6.94
N VAL A 25 -14.06 -0.15 8.03
CA VAL A 25 -12.62 0.11 8.23
C VAL A 25 -11.96 -1.12 8.88
N VAL A 26 -10.75 -1.44 8.43
CA VAL A 26 -9.93 -2.55 8.92
C VAL A 26 -8.56 -2.00 9.26
N THR A 27 -7.96 -2.42 10.37
CA THR A 27 -6.55 -2.06 10.67
C THR A 27 -5.76 -3.23 11.24
N PHE A 28 -4.45 -3.18 11.00
CA PHE A 28 -3.42 -4.16 11.35
C PHE A 28 -2.27 -3.46 12.08
N THR A 29 -1.57 -4.15 12.98
CA THR A 29 -0.61 -3.57 13.94
C THR A 29 0.50 -4.56 14.30
N GLY A 30 1.72 -4.06 14.54
CA GLY A 30 2.85 -4.84 15.04
C GLY A 30 3.72 -5.39 13.92
N ASN A 31 4.02 -6.69 13.95
CA ASN A 31 4.53 -7.40 12.79
C ASN A 31 3.45 -7.36 11.69
N VAL A 32 3.71 -6.60 10.62
CA VAL A 32 2.78 -6.37 9.51
C VAL A 32 3.57 -6.31 8.21
N VAL A 33 3.29 -7.22 7.28
CA VAL A 33 3.86 -7.24 5.92
C VAL A 33 2.75 -7.31 4.89
N VAL A 34 2.95 -6.64 3.74
CA VAL A 34 2.00 -6.66 2.63
C VAL A 34 2.74 -6.86 1.31
N THR A 35 2.26 -7.80 0.49
CA THR A 35 2.80 -8.09 -0.85
C THR A 35 1.69 -8.43 -1.82
N GLN A 36 1.83 -8.00 -3.07
CA GLN A 36 0.92 -8.35 -4.16
C GLN A 36 1.63 -8.21 -5.52
N GLY A 37 1.66 -9.29 -6.31
CA GLY A 37 2.31 -9.31 -7.62
C GLY A 37 3.75 -8.78 -7.61
N THR A 38 3.96 -7.62 -8.22
CA THR A 38 5.26 -6.93 -8.35
C THR A 38 5.60 -5.97 -7.19
N ILE A 39 4.77 -5.91 -6.14
CA ILE A 39 4.83 -4.89 -5.07
C ILE A 39 5.10 -5.50 -3.68
N LYS A 40 5.90 -4.79 -2.87
CA LYS A 40 6.22 -5.11 -1.47
C LYS A 40 6.08 -3.86 -0.60
N ILE A 41 5.45 -3.99 0.56
CA ILE A 41 5.17 -2.89 1.51
C ILE A 41 5.39 -3.39 2.95
N ASN A 42 5.94 -2.54 3.83
CA ASN A 42 6.02 -2.77 5.27
C ASN A 42 5.90 -1.44 6.05
N ALA A 43 5.15 -1.48 7.15
CA ALA A 43 4.86 -0.39 8.08
C ALA A 43 4.20 -0.95 9.37
N ASP A 44 4.51 -0.41 10.56
CA ASP A 44 4.02 -0.87 11.87
C ASP A 44 2.49 -0.91 12.02
N LYS A 45 1.77 -0.09 11.25
CA LYS A 45 0.33 -0.23 11.01
C LYS A 45 0.00 -0.21 9.53
N VAL A 46 -1.06 -0.95 9.17
CA VAL A 46 -1.75 -0.90 7.88
C VAL A 46 -3.25 -0.72 8.12
N VAL A 47 -3.93 -0.03 7.22
CA VAL A 47 -5.37 0.25 7.23
C VAL A 47 -5.94 -0.10 5.85
N VAL A 48 -7.15 -0.67 5.78
CA VAL A 48 -7.90 -0.85 4.52
C VAL A 48 -9.39 -0.63 4.71
N THR A 49 -10.06 -0.04 3.73
CA THR A 49 -11.53 0.12 3.70
C THR A 49 -12.07 0.11 2.26
N ARG A 50 -13.36 -0.22 2.12
CA ARG A 50 -14.09 -0.38 0.85
C ARG A 50 -15.13 0.76 0.67
N PRO A 51 -14.72 1.98 0.25
CA PRO A 51 -15.64 3.08 -0.04
C PRO A 51 -16.49 2.83 -1.30
N GLY A 52 -16.05 1.96 -2.21
CA GLY A 52 -16.88 1.49 -3.32
C GLY A 52 -18.02 0.57 -2.87
N ASN A 53 -19.07 0.50 -3.69
CA ASN A 53 -19.94 -0.68 -3.76
C ASN A 53 -19.36 -1.73 -4.73
N GLU A 54 -18.61 -1.27 -5.74
CA GLU A 54 -17.78 -2.09 -6.61
C GLU A 54 -16.61 -2.71 -5.81
N LYS A 55 -16.47 -4.03 -5.90
CA LYS A 55 -15.22 -4.73 -5.52
C LYS A 55 -14.07 -4.27 -6.43
N GLY A 56 -12.88 -4.09 -5.86
CA GLY A 56 -11.74 -3.48 -6.55
C GLY A 56 -11.68 -1.95 -6.37
N LYS A 57 -12.50 -1.38 -5.48
CA LYS A 57 -12.48 0.05 -5.10
C LYS A 57 -12.29 0.21 -3.59
N GLU A 58 -11.28 -0.50 -3.10
CA GLU A 58 -10.75 -0.47 -1.74
C GLU A 58 -9.48 0.39 -1.69
N VAL A 59 -9.28 1.08 -0.56
CA VAL A 59 -8.17 2.00 -0.32
C VAL A 59 -7.34 1.48 0.84
N ILE A 60 -6.02 1.37 0.64
CA ILE A 60 -5.04 0.89 1.63
C ILE A 60 -4.13 2.05 2.05
N GLU A 61 -3.91 2.21 3.35
CA GLU A 61 -2.84 3.05 3.90
C GLU A 61 -1.89 2.25 4.81
N GLY A 62 -0.69 2.78 5.05
CA GLY A 62 0.25 2.25 6.04
C GLY A 62 1.09 3.34 6.70
N PHE A 63 1.41 3.17 7.98
CA PHE A 63 2.12 4.13 8.83
C PHE A 63 3.21 3.45 9.67
N GLY A 64 4.35 4.13 9.86
CA GLY A 64 5.41 3.65 10.76
C GLY A 64 6.58 4.62 10.97
N ASN A 65 6.92 5.43 9.95
CA ASN A 65 8.07 6.35 9.99
C ASN A 65 9.40 5.63 10.40
N PRO A 66 9.76 4.50 9.78
CA PRO A 66 9.54 4.23 8.36
C PRO A 66 8.25 3.45 8.02
N ALA A 67 7.62 3.86 6.93
CA ALA A 67 6.84 3.01 6.04
C ALA A 67 7.60 2.92 4.70
N THR A 68 7.77 1.73 4.15
CA THR A 68 8.56 1.49 2.93
C THR A 68 7.82 0.68 1.88
N PHE A 69 8.12 0.98 0.62
CA PHE A 69 7.46 0.49 -0.59
C PHE A 69 8.50 0.11 -1.65
N TYR A 70 8.22 -0.95 -2.41
CA TYR A 70 8.94 -1.35 -3.62
C TYR A 70 7.96 -1.78 -4.72
N GLN A 71 8.29 -1.45 -5.97
CA GLN A 71 7.58 -1.81 -7.19
C GLN A 71 8.60 -2.29 -8.23
N MET A 72 8.46 -3.53 -8.71
CA MET A 72 9.16 -3.98 -9.92
C MET A 72 8.45 -3.45 -11.17
N GLN A 73 9.18 -2.86 -12.12
CA GLN A 73 8.63 -2.37 -13.40
C GLN A 73 9.29 -3.05 -14.59
N ASP A 74 8.46 -3.56 -15.51
CA ASP A 74 8.83 -4.53 -16.55
C ASP A 74 9.87 -4.00 -17.56
N ASN A 75 9.88 -2.68 -17.83
CA ASN A 75 10.88 -2.00 -18.66
C ASN A 75 12.28 -1.88 -17.99
N GLY A 76 12.62 -2.77 -17.06
CA GLY A 76 13.89 -2.78 -16.33
C GLY A 76 14.06 -1.65 -15.32
N LYS A 77 12.96 -1.12 -14.76
CA LYS A 77 12.98 0.06 -13.84
C LYS A 77 12.37 -0.19 -12.45
N PRO A 78 12.78 -1.23 -11.71
CA PRO A 78 12.32 -1.44 -10.33
C PRO A 78 12.68 -0.22 -9.44
N VAL A 79 11.73 0.23 -8.62
CA VAL A 79 11.82 1.47 -7.82
C VAL A 79 11.34 1.24 -6.39
N LYS A 80 11.80 2.07 -5.45
CA LYS A 80 11.44 2.00 -4.03
C LYS A 80 11.24 3.38 -3.40
N GLY A 81 10.47 3.44 -2.32
CA GLY A 81 10.17 4.66 -1.58
C GLY A 81 9.95 4.45 -0.09
N ARG A 82 10.09 5.53 0.69
CA ARG A 82 10.29 5.51 2.15
C ARG A 82 9.77 6.80 2.78
N ALA A 83 8.85 6.70 3.75
CA ALA A 83 8.07 7.83 4.27
C ALA A 83 7.52 7.59 5.70
N SER A 84 6.70 8.51 6.20
CA SER A 84 5.88 8.38 7.42
C SER A 84 4.60 7.58 7.17
N LYS A 85 3.92 7.92 6.07
CA LYS A 85 2.63 7.39 5.55
C LYS A 85 2.81 6.92 4.10
N MET A 86 2.06 5.88 3.72
CA MET A 86 1.80 5.47 2.34
C MET A 86 0.27 5.36 2.10
N ARG A 87 -0.20 5.61 0.86
CA ARG A 87 -1.50 5.14 0.36
C ARG A 87 -1.36 4.45 -1.00
N TYR A 88 -2.18 3.42 -1.23
CA TYR A 88 -2.37 2.70 -2.49
C TYR A 88 -3.85 2.28 -2.64
N GLU A 89 -4.28 1.88 -3.84
CA GLU A 89 -5.67 1.52 -4.14
C GLU A 89 -5.78 0.26 -4.99
N LEU A 90 -6.84 -0.52 -4.76
CA LEU A 90 -7.13 -1.75 -5.49
C LEU A 90 -7.41 -1.57 -6.99
N GLN A 91 -7.69 -0.32 -7.38
CA GLN A 91 -7.84 0.14 -8.76
C GLN A 91 -6.55 0.06 -9.59
N ASN A 92 -5.38 0.04 -8.94
CA ASN A 92 -4.04 0.13 -9.53
C ASN A 92 -3.86 1.32 -10.51
N ASP A 93 -3.53 2.50 -9.98
CA ASP A 93 -3.13 3.65 -10.80
C ASP A 93 -1.91 4.39 -10.23
N TYR A 94 -1.98 4.81 -8.96
CA TYR A 94 -0.84 5.39 -8.24
C TYR A 94 -0.66 4.90 -6.80
N VAL A 95 0.58 5.04 -6.33
CA VAL A 95 1.01 5.04 -4.94
C VAL A 95 1.29 6.50 -4.54
N VAL A 96 0.99 6.87 -3.30
CA VAL A 96 1.47 8.13 -2.71
C VAL A 96 2.20 7.87 -1.40
N LEU A 97 3.29 8.61 -1.19
CA LEU A 97 4.16 8.60 -0.03
C LEU A 97 4.11 9.98 0.63
N THR A 98 4.03 10.06 1.95
CA THR A 98 3.77 11.33 2.66
C THR A 98 4.39 11.37 4.05
N GLY A 99 4.92 12.53 4.44
CA GLY A 99 5.78 12.75 5.60
C GLY A 99 7.16 12.11 5.40
N ASN A 100 8.24 12.86 5.60
CA ASN A 100 9.63 12.43 5.36
C ASN A 100 9.91 11.85 3.94
N ALA A 101 8.98 11.99 2.98
CA ALA A 101 8.87 11.12 1.82
C ALA A 101 10.10 11.18 0.90
N TYR A 102 10.55 10.00 0.49
CA TYR A 102 11.68 9.77 -0.40
C TYR A 102 11.31 8.69 -1.44
N LEU A 103 11.74 8.87 -2.69
CA LEU A 103 11.55 7.92 -3.79
C LEU A 103 12.88 7.84 -4.57
N GLU A 104 13.45 6.65 -4.69
CA GLU A 104 14.85 6.48 -5.11
C GLU A 104 15.05 5.43 -6.22
N GLN A 105 15.83 5.83 -7.24
CA GLN A 105 16.06 5.14 -8.51
C GLN A 105 17.44 5.55 -9.06
N LEU A 106 18.08 4.67 -9.84
CA LEU A 106 19.36 4.92 -10.51
C LEU A 106 19.39 6.24 -11.29
N ASP A 107 18.28 6.56 -11.98
CA ASP A 107 18.12 7.76 -12.80
C ASP A 107 17.94 9.06 -11.99
N SER A 108 17.34 8.99 -10.79
CA SER A 108 17.03 10.16 -9.94
C SER A 108 16.48 9.75 -8.57
N ASN A 109 16.81 10.51 -7.52
CA ASN A 109 16.18 10.43 -6.20
C ASN A 109 15.43 11.73 -5.87
N ILE A 110 14.23 11.61 -5.31
CA ILE A 110 13.31 12.72 -5.01
C ILE A 110 12.95 12.70 -3.53
N LYS A 111 12.85 13.89 -2.91
CA LYS A 111 12.58 14.13 -1.49
C LYS A 111 11.49 15.19 -1.33
N GLY A 112 10.62 15.06 -0.32
CA GLY A 112 9.70 16.12 0.10
C GLY A 112 8.73 15.66 1.19
N ASP A 113 7.70 16.45 1.47
CA ASP A 113 6.60 16.04 2.35
C ASP A 113 5.60 15.10 1.66
N LYS A 114 5.54 15.12 0.33
CA LYS A 114 4.60 14.35 -0.50
C LYS A 114 5.29 13.94 -1.80
N ILE A 115 5.21 12.66 -2.18
CA ILE A 115 5.68 12.14 -3.48
C ILE A 115 4.63 11.15 -3.99
N THR A 116 4.32 11.20 -5.29
CA THR A 116 3.26 10.39 -5.91
C THR A 116 3.85 9.60 -7.07
N TYR A 117 3.91 8.27 -6.93
CA TYR A 117 4.43 7.39 -7.97
C TYR A 117 3.26 6.74 -8.73
N LEU A 118 3.07 7.14 -9.99
CA LEU A 118 2.03 6.67 -10.90
C LEU A 118 2.45 5.28 -11.42
N VAL A 119 2.24 4.24 -10.59
CA VAL A 119 2.66 2.86 -10.88
C VAL A 119 2.18 2.35 -12.24
N LYS A 120 1.00 2.79 -12.69
CA LYS A 120 0.38 2.43 -13.98
C LYS A 120 0.91 3.24 -15.18
N GLU A 121 1.56 4.38 -14.95
CA GLU A 121 2.39 5.07 -15.96
C GLU A 121 3.87 4.67 -15.89
N GLN A 122 4.28 4.02 -14.80
CA GLN A 122 5.67 3.90 -14.33
C GLN A 122 6.37 5.25 -14.00
N LYS A 123 5.60 6.35 -13.86
CA LYS A 123 6.12 7.74 -13.76
C LYS A 123 6.18 8.29 -12.33
N MET A 124 7.14 9.20 -12.12
CA MET A 124 7.31 10.01 -10.91
C MET A 124 6.48 11.30 -10.98
N GLN A 125 5.90 11.73 -9.86
CA GLN A 125 5.11 12.96 -9.70
C GLN A 125 5.18 13.41 -8.21
N ALA A 126 4.83 14.66 -7.90
CA ALA A 126 4.78 15.15 -6.52
C ALA A 126 3.78 16.31 -6.36
N PHE A 127 2.69 16.08 -5.63
CA PHE A 127 1.71 17.11 -5.30
C PHE A 127 2.29 18.13 -4.32
N SER A 128 2.69 19.31 -4.84
CA SER A 128 3.30 20.43 -4.09
C SER A 128 2.31 21.22 -3.20
N ASP A 129 1.32 20.54 -2.59
CA ASP A 129 0.45 21.11 -1.56
C ASP A 129 1.13 21.04 -0.17
N LYS A 130 0.81 22.01 0.69
CA LYS A 130 1.10 21.96 2.14
C LYS A 130 0.20 20.97 2.89
N GLY A 131 -1.09 20.87 2.53
CA GLY A 131 -2.11 20.12 3.26
C GLY A 131 -2.68 20.89 4.45
N ARG A 132 -3.41 20.20 5.33
CA ARG A 132 -4.08 20.80 6.51
C ARG A 132 -3.98 19.99 7.80
N ARG A 133 -4.02 18.66 7.71
CA ARG A 133 -3.65 17.72 8.79
C ARG A 133 -2.55 16.77 8.33
NT1 EU0 B 1 -6.86 -7.68 -9.69
CT EU0 B 1 -6.83 -6.85 -8.71
NT2 EU0 B 1 -6.96 -5.60 -8.98
N EU0 B 1 -6.69 -7.25 -7.48
CA EU0 B 1 -6.78 -8.63 -6.92
CB EU0 B 1 -5.37 -9.31 -6.82
CG1 EU0 B 1 -4.59 -9.33 -8.14
CG2 EU0 B 1 -4.47 -8.69 -5.75
C EU0 B 1 -7.48 -8.60 -5.57
O EU0 B 1 -7.46 -7.54 -4.94
HT12 EU0 B 1 -6.63 -8.67 -9.50
HT22 EU0 B 1 -7.09 -5.28 -9.94
HT21 EU0 B 1 -6.98 -4.89 -8.23
H EU0 B 1 -6.70 -6.52 -6.75
HA EU0 B 1 -7.37 -9.25 -7.59
HB EU0 B 1 -5.56 -10.35 -6.54
HG11 EU0 B 1 -4.26 -8.32 -8.41
HG13 EU0 B 1 -5.20 -9.75 -8.93
HG12 EU0 B 1 -3.70 -9.95 -8.02
HG23 EU0 B 1 -4.27 -7.64 -5.97
HG22 EU0 B 1 -3.52 -9.24 -5.70
HG21 EU0 B 1 -4.94 -8.77 -4.76
HT11 EU0 B 1 -6.93 -7.35 -10.65
N HYP B 2 -8.08 -9.68 -5.02
CA HYP B 2 -8.68 -9.63 -3.67
C HYP B 2 -7.66 -9.32 -2.57
O HYP B 2 -6.48 -9.64 -2.71
CB HYP B 2 -9.32 -11.00 -3.45
CG HYP B 2 -9.55 -11.55 -4.86
CD HYP B 2 -8.36 -10.96 -5.64
OD1 HYP B 2 -10.76 -11.07 -5.39
HA HYP B 2 -9.46 -8.87 -3.67
HB2 HYP B 2 -8.63 -11.67 -2.93
HB3 HYP B 2 -10.25 -10.93 -2.89
HG HYP B 2 -9.53 -12.64 -4.89
HD22 HYP B 2 -7.49 -11.61 -5.55
HD23 HYP B 2 -8.63 -10.84 -6.70
HD1 HYP B 2 -11.42 -11.01 -4.68
N ILE B 3 -8.13 -8.80 -1.43
CA ILE B 3 -7.33 -8.75 -0.19
C ILE B 3 -7.55 -10.05 0.58
N THR B 4 -6.56 -10.52 1.33
CA THR B 4 -6.69 -11.65 2.26
C THR B 4 -5.76 -11.46 3.46
N TYR B 5 -6.33 -11.59 4.66
CA TYR B 5 -5.67 -11.26 5.91
C TYR B 5 -5.78 -12.40 6.93
O LE1 B 6 -3.75 -12.54 10.53
C LE1 B 6 -4.59 -13.31 10.08
CA LE1 B 6 -4.58 -13.76 8.60
N LE1 B 6 -4.70 -12.64 7.66
CB LE1 B 6 -3.40 -14.69 8.24
C9 LE1 B 6 -3.27 -15.86 9.24
C8 LE1 B 6 -2.03 -13.97 8.20
SG LE1 B 6 -3.68 -15.35 6.54
HA LE1 B 6 -5.45 -14.39 8.49
H LE1 B 6 -3.88 -12.04 7.51
H9 LE1 B 6 -2.58 -16.61 8.86
H9A LE1 B 6 -4.25 -16.32 9.42
H9B LE1 B 6 -2.89 -15.50 10.19
H8 LE1 B 6 -1.24 -14.69 7.95
H8A LE1 B 6 -1.80 -13.53 9.17
H8B LE1 B 6 -2.04 -13.20 7.44
N ASN B 7 -5.59 -13.77 10.84
CA ASN B 7 -5.96 -13.21 12.13
C ASN B 7 -5.24 -13.93 13.28
N ARG B 8 -4.32 -13.23 13.97
CA ARG B 8 -3.45 -13.77 15.03
C ARG B 8 -4.25 -14.38 16.18
N DAB B 9 -5.40 -13.80 16.51
CA DAB B 9 -6.24 -14.25 17.62
C DAB B 9 -7.26 -15.38 17.26
O DAB B 9 -8.07 -15.72 18.12
CB DAB B 9 -6.90 -13.00 18.26
CG DAB B 9 -7.54 -13.33 19.62
ND DAB B 9 -8.10 -12.11 20.24
H DAB B 9 -5.66 -12.98 15.97
HA DAB B 9 -5.58 -14.69 18.37
HB2 DAB B 9 -6.13 -12.25 18.41
HB3 DAB B 9 -7.66 -12.62 17.59
HG2 DAB B 9 -8.33 -14.07 19.49
HG3 DAB B 9 -6.77 -13.77 20.28
HD1 DAB B 9 -7.39 -11.42 20.40
HD2 DAB B 9 -8.52 -12.35 21.14
HD3 DAB B 9 -8.83 -11.73 19.66
N THR B 10 -7.26 -15.91 16.03
CA THR B 10 -8.06 -17.10 15.66
C THR B 10 -7.27 -18.12 14.82
N 4FO B 11 -6.05 -17.79 14.40
CA 4FO B 11 -5.15 -18.71 13.72
C 4FO B 11 -5.44 -18.84 12.19
O 4FO B 11 -4.55 -19.21 11.42
CB 4FO B 11 -3.70 -18.28 14.07
CG 4FO B 11 -2.67 -19.41 13.93
NZ 4FO B 11 -2.12 -19.51 12.56
H 4FO B 11 -5.76 -16.82 14.48
HA 4FO B 11 -5.31 -19.70 14.14
HB2 4FO B 11 -3.70 -17.99 15.12
HB3 4FO B 11 -3.41 -17.41 13.48
HG3 4FO B 11 -1.86 -19.23 14.64
HG2 4FO B 11 -3.15 -20.36 14.21
HZ3 4FO B 11 -1.50 -20.29 12.47
HZ2 4FO B 11 -1.63 -18.66 12.31
HZ1 4FO B 11 -2.89 -19.62 11.90
N LYS B 12 -6.67 -18.54 11.76
CA LYS B 12 -7.16 -18.64 10.38
C LYS B 12 -7.21 -17.29 9.66
N CYS B 13 -7.44 -17.33 8.35
CA CYS B 13 -7.53 -16.16 7.48
C CYS B 13 -8.98 -15.86 7.03
N DAB B 14 -9.18 -14.70 6.42
CA DAB B 14 -10.34 -14.40 5.56
C DAB B 14 -9.94 -13.51 4.36
O DAB B 14 -8.97 -12.75 4.43
CB DAB B 14 -11.49 -13.74 6.36
CG DAB B 14 -11.16 -13.34 7.79
ND DAB B 14 -12.22 -12.48 8.35
H DAB B 14 -8.38 -14.07 6.36
HA DAB B 14 -10.71 -15.33 5.14
HB2 DAB B 14 -11.79 -12.83 5.83
HB3 DAB B 14 -12.34 -14.40 6.36
HG2 DAB B 14 -11.03 -14.25 8.39
HG3 DAB B 14 -10.20 -12.81 7.79
HD1 DAB B 14 -12.02 -12.21 9.30
HD2 DAB B 14 -13.13 -12.92 8.30
HD3 DAB B 14 -12.27 -11.62 7.78
N ARG B 15 -10.76 -13.53 3.29
CA ARG B 15 -10.78 -12.48 2.25
C ARG B 15 -11.41 -11.18 2.77
N TYR B 16 -11.20 -10.09 2.04
CA TYR B 16 -12.13 -8.97 1.92
C TYR B 16 -12.93 -9.19 0.63
N GLY A 1 -1.31 -12.24 -22.12
CA GLY A 1 -1.25 -11.11 -21.15
C GLY A 1 -0.39 -11.51 -19.97
N LYS A 2 -0.47 -10.77 -18.86
CA LYS A 2 0.16 -11.11 -17.56
C LYS A 2 -0.83 -10.78 -16.44
N THR A 3 -0.94 -11.65 -15.43
CA THR A 3 -1.75 -11.47 -14.21
C THR A 3 -1.07 -12.23 -13.05
N GLY A 4 -1.64 -12.16 -11.85
CA GLY A 4 -1.25 -13.04 -10.73
C GLY A 4 -2.10 -12.84 -9.48
N ASP A 5 -2.61 -11.61 -9.32
CA ASP A 5 -3.74 -11.24 -8.47
C ASP A 5 -5.04 -12.03 -8.78
N THR A 6 -5.16 -12.57 -9.99
CA THR A 6 -6.24 -13.48 -10.42
C THR A 6 -6.24 -14.86 -9.75
N ASP A 7 -5.15 -15.24 -9.06
CA ASP A 7 -4.97 -16.54 -8.40
C ASP A 7 -4.50 -16.37 -6.95
N GLN A 8 -3.56 -15.44 -6.73
CA GLN A 8 -2.99 -15.07 -5.43
C GLN A 8 -3.30 -13.59 -5.11
N PRO A 9 -4.57 -13.22 -4.85
CA PRO A 9 -4.97 -11.83 -4.60
C PRO A 9 -4.40 -11.28 -3.28
N ILE A 10 -3.98 -10.00 -3.31
CA ILE A 10 -3.18 -9.28 -2.30
C ILE A 10 -3.30 -9.85 -0.89
N HIS A 11 -2.18 -10.31 -0.32
CA HIS A 11 -2.10 -10.65 1.09
C HIS A 11 -1.79 -9.41 1.93
N ILE A 12 -2.55 -9.21 3.01
CA ILE A 12 -2.25 -8.30 4.12
C ILE A 12 -2.21 -9.12 5.41
N GLU A 13 -1.07 -9.12 6.09
CA GLU A 13 -0.82 -9.95 7.27
C GLU A 13 -0.14 -9.14 8.39
N SER A 14 -0.16 -9.66 9.61
CA SER A 14 0.32 -8.95 10.80
C SER A 14 0.67 -9.87 11.97
N ASP A 15 1.01 -9.30 13.12
CA ASP A 15 0.83 -10.00 14.40
C ASP A 15 -0.64 -9.98 14.81
N GLN A 16 -1.19 -8.79 15.06
CA GLN A 16 -2.57 -8.64 15.52
C GLN A 16 -3.35 -7.65 14.66
N GLN A 17 -4.67 -7.89 14.60
CA GLN A 17 -5.53 -7.40 13.52
C GLN A 17 -6.98 -7.24 13.99
N SER A 18 -7.72 -6.34 13.36
CA SER A 18 -9.10 -5.99 13.68
C SER A 18 -9.94 -5.75 12.41
N LEU A 19 -11.24 -6.00 12.48
CA LEU A 19 -12.22 -5.93 11.39
C LEU A 19 -13.52 -5.33 11.93
N ASP A 20 -13.92 -4.17 11.41
CA ASP A 20 -15.13 -3.45 11.79
C ASP A 20 -16.33 -3.85 10.90
N MET A 21 -17.48 -4.12 11.53
CA MET A 21 -18.71 -4.58 10.88
C MET A 21 -19.64 -3.44 10.44
N GLN A 22 -19.44 -2.19 10.89
CA GLN A 22 -20.37 -1.07 10.70
C GLN A 22 -19.72 0.25 10.24
N GLY A 23 -18.51 0.58 10.69
CA GLY A 23 -17.67 1.63 10.09
C GLY A 23 -16.68 1.07 9.05
N ASN A 24 -16.55 -0.26 8.97
CA ASN A 24 -15.76 -1.02 8.00
C ASN A 24 -14.29 -0.57 7.82
N VAL A 25 -13.65 -0.12 8.90
CA VAL A 25 -12.19 -0.05 9.02
C VAL A 25 -11.61 -1.45 9.28
N VAL A 26 -10.48 -1.80 8.65
CA VAL A 26 -9.74 -3.05 8.92
C VAL A 26 -8.28 -2.71 9.20
N THR A 27 -7.74 -3.17 10.32
CA THR A 27 -6.47 -2.66 10.88
C THR A 27 -5.52 -3.79 11.23
N PHE A 28 -4.21 -3.55 11.03
CA PHE A 28 -3.13 -4.53 11.11
C PHE A 28 -1.94 -3.93 11.87
N THR A 29 -1.36 -4.70 12.79
CA THR A 29 -0.34 -4.24 13.76
C THR A 29 0.75 -5.28 14.06
N GLY A 30 1.95 -4.84 14.41
CA GLY A 30 3.09 -5.69 14.78
C GLY A 30 3.94 -6.09 13.56
N ASN A 31 4.18 -7.40 13.35
CA ASN A 31 4.99 -7.86 12.21
C ASN A 31 4.16 -7.83 10.91
N VAL A 32 3.94 -6.64 10.36
CA VAL A 32 2.98 -6.37 9.28
C VAL A 32 3.59 -6.56 7.89
N VAL A 33 2.79 -7.13 6.99
CA VAL A 33 3.12 -7.39 5.58
C VAL A 33 1.98 -6.91 4.68
N VAL A 34 2.32 -6.28 3.55
CA VAL A 34 1.40 -6.08 2.41
C VAL A 34 2.12 -6.51 1.14
N THR A 35 1.53 -7.45 0.39
CA THR A 35 2.20 -8.15 -0.71
C THR A 35 1.28 -8.48 -1.87
N GLN A 36 1.71 -8.14 -3.09
CA GLN A 36 1.17 -8.67 -4.34
C GLN A 36 2.28 -8.77 -5.39
N GLY A 37 2.78 -9.99 -5.65
CA GLY A 37 3.85 -10.21 -6.64
C GLY A 37 5.09 -9.36 -6.34
N THR A 38 5.42 -8.41 -7.23
CA THR A 38 6.55 -7.49 -7.06
C THR A 38 6.32 -6.38 -6.02
N ILE A 39 5.07 -6.02 -5.70
CA ILE A 39 4.72 -4.96 -4.72
C ILE A 39 5.00 -5.40 -3.28
N LYS A 40 5.55 -4.49 -2.45
CA LYS A 40 5.84 -4.65 -1.01
C LYS A 40 5.73 -3.33 -0.23
N ILE A 41 5.47 -3.43 1.07
CA ILE A 41 5.45 -2.34 2.06
C ILE A 41 6.12 -2.83 3.37
N ASN A 42 6.81 -1.97 4.12
CA ASN A 42 7.06 -2.20 5.55
C ASN A 42 6.47 -1.04 6.39
N ALA A 43 5.58 -1.37 7.31
CA ALA A 43 4.96 -0.45 8.26
C ALA A 43 4.26 -1.24 9.39
N ASP A 44 4.67 -1.09 10.65
CA ASP A 44 4.12 -1.86 11.81
C ASP A 44 2.65 -1.54 12.14
N LYS A 45 2.07 -0.56 11.44
CA LYS A 45 0.67 -0.16 11.48
C LYS A 45 0.19 -0.02 10.04
N VAL A 46 -0.82 -0.79 9.66
CA VAL A 46 -1.52 -0.70 8.36
C VAL A 46 -3.02 -0.69 8.61
N VAL A 47 -3.75 0.00 7.75
CA VAL A 47 -5.22 0.09 7.74
C VAL A 47 -5.73 -0.04 6.30
N VAL A 48 -6.92 -0.59 6.13
CA VAL A 48 -7.61 -0.66 4.84
C VAL A 48 -9.12 -0.46 5.00
N THR A 49 -9.77 0.15 4.02
CA THR A 49 -11.23 0.24 3.95
C THR A 49 -11.77 0.25 2.51
N ARG A 50 -13.04 -0.13 2.34
CA ARG A 50 -13.77 -0.27 1.07
C ARG A 50 -14.71 0.93 0.85
N PRO A 51 -14.27 2.00 0.14
CA PRO A 51 -15.21 2.89 -0.55
C PRO A 51 -15.88 2.18 -1.74
N GLY A 52 -15.24 1.14 -2.29
CA GLY A 52 -15.71 0.30 -3.39
C GLY A 52 -16.98 -0.46 -3.05
N ASN A 53 -18.12 0.21 -3.21
CA ASN A 53 -19.45 -0.37 -3.41
C ASN A 53 -19.62 -0.74 -4.91
N GLU A 54 -18.53 -1.27 -5.46
CA GLU A 54 -18.14 -1.50 -6.86
C GLU A 54 -16.84 -2.34 -6.78
N LYS A 55 -16.49 -3.10 -7.82
CA LYS A 55 -15.29 -3.96 -7.80
C LYS A 55 -13.97 -3.16 -7.67
N GLY A 56 -13.07 -3.66 -6.83
CA GLY A 56 -11.65 -3.28 -6.80
C GLY A 56 -11.36 -1.80 -6.53
N LYS A 57 -11.96 -1.22 -5.49
CA LYS A 57 -11.70 0.14 -4.98
C LYS A 57 -11.60 0.11 -3.45
N GLU A 58 -10.42 -0.28 -2.98
CA GLU A 58 -10.14 -0.53 -1.56
C GLU A 58 -8.84 0.21 -1.20
N VAL A 59 -8.92 1.15 -0.26
CA VAL A 59 -7.82 2.08 0.07
C VAL A 59 -6.97 1.49 1.18
N ILE A 60 -5.72 1.13 0.88
CA ILE A 60 -4.71 0.68 1.85
C ILE A 60 -3.89 1.90 2.30
N GLU A 61 -3.60 2.01 3.58
CA GLU A 61 -2.69 3.01 4.15
C GLU A 61 -1.78 2.39 5.23
N GLY A 62 -0.50 2.77 5.25
CA GLY A 62 0.52 2.15 6.11
C GLY A 62 1.54 3.15 6.64
N PHE A 63 1.77 3.13 7.95
CA PHE A 63 2.60 4.11 8.66
C PHE A 63 3.49 3.46 9.73
N GLY A 64 4.67 3.01 9.31
CA GLY A 64 5.74 2.63 10.24
C GLY A 64 6.32 3.83 11.00
N ASN A 65 6.10 5.06 10.49
CA ASN A 65 6.60 6.31 11.06
C ASN A 65 8.12 6.29 11.40
N PRO A 66 9.01 5.82 10.50
CA PRO A 66 8.86 5.79 9.03
C PRO A 66 8.36 4.46 8.44
N ALA A 67 7.80 4.53 7.23
CA ALA A 67 7.36 3.41 6.39
C ALA A 67 8.28 3.22 5.17
N THR A 68 8.27 2.04 4.55
CA THR A 68 8.95 1.74 3.28
C THR A 68 7.97 1.24 2.21
N PHE A 69 8.36 1.38 0.94
CA PHE A 69 7.66 0.88 -0.24
C PHE A 69 8.66 0.20 -1.20
N TYR A 70 8.22 -0.84 -1.90
CA TYR A 70 8.94 -1.41 -3.03
C TYR A 70 7.98 -1.87 -4.14
N GLN A 71 8.42 -1.71 -5.38
CA GLN A 71 7.84 -2.35 -6.56
C GLN A 71 8.96 -2.71 -7.55
N MET A 72 8.73 -3.69 -8.41
CA MET A 72 9.47 -3.83 -9.67
C MET A 72 8.47 -3.87 -10.83
N GLN A 73 8.64 -2.93 -11.77
CA GLN A 73 7.83 -2.88 -12.98
C GLN A 73 8.32 -3.89 -14.02
N ASP A 74 7.35 -4.45 -14.74
CA ASP A 74 7.52 -5.46 -15.79
C ASP A 74 8.46 -5.02 -16.94
N ASN A 75 8.62 -3.71 -17.13
CA ASN A 75 9.62 -3.10 -18.00
C ASN A 75 11.05 -3.11 -17.40
N GLY A 76 11.38 -4.12 -16.58
CA GLY A 76 12.71 -4.41 -16.04
C GLY A 76 13.24 -3.44 -14.97
N LYS A 77 12.36 -2.73 -14.23
CA LYS A 77 12.76 -1.53 -13.46
C LYS A 77 12.32 -1.59 -11.98
N PRO A 78 13.26 -1.70 -11.03
CA PRO A 78 12.98 -1.65 -9.59
C PRO A 78 12.82 -0.21 -9.09
N VAL A 79 11.78 0.04 -8.29
CA VAL A 79 11.46 1.34 -7.68
C VAL A 79 11.29 1.15 -6.16
N LYS A 80 11.88 2.06 -5.39
CA LYS A 80 12.04 1.95 -3.93
C LYS A 80 11.52 3.24 -3.31
N GLY A 81 10.91 3.16 -2.13
CA GLY A 81 10.34 4.32 -1.44
C GLY A 81 10.44 4.26 0.07
N ARG A 82 10.37 5.44 0.68
CA ARG A 82 10.30 5.65 2.13
C ARG A 82 9.38 6.84 2.43
N ALA A 83 8.61 6.77 3.51
CA ALA A 83 7.69 7.82 3.92
C ALA A 83 7.60 7.91 5.46
N SER A 84 6.74 8.78 5.99
CA SER A 84 6.14 8.53 7.30
C SER A 84 4.92 7.63 7.17
N LYS A 85 4.09 7.92 6.14
CA LYS A 85 2.89 7.18 5.75
C LYS A 85 2.81 6.98 4.23
N MET A 86 2.41 5.80 3.79
CA MET A 86 2.07 5.45 2.40
C MET A 86 0.57 5.23 2.27
N ARG A 87 -0.02 5.56 1.12
CA ARG A 87 -1.37 5.19 0.69
C ARG A 87 -1.37 4.57 -0.71
N TYR A 88 -2.25 3.60 -0.93
CA TYR A 88 -2.42 2.85 -2.17
C TYR A 88 -3.91 2.48 -2.37
N GLU A 89 -4.29 2.09 -3.58
CA GLU A 89 -5.65 1.71 -3.97
C GLU A 89 -5.63 0.35 -4.68
N LEU A 90 -6.60 -0.51 -4.37
CA LEU A 90 -6.96 -1.69 -5.14
C LEU A 90 -7.59 -1.37 -6.51
N GLN A 91 -7.87 -0.10 -6.80
CA GLN A 91 -8.09 0.44 -8.15
C GLN A 91 -6.77 0.64 -8.95
N ASN A 92 -5.63 0.32 -8.32
CA ASN A 92 -4.30 -0.02 -8.86
C ASN A 92 -3.47 1.05 -9.59
N ASP A 93 -3.99 2.24 -9.90
CA ASP A 93 -3.27 3.17 -10.77
C ASP A 93 -2.02 3.85 -10.16
N TYR A 94 -2.08 4.24 -8.89
CA TYR A 94 -1.00 4.99 -8.23
C TYR A 94 -0.86 4.74 -6.72
N VAL A 95 0.33 5.08 -6.21
CA VAL A 95 0.76 5.10 -4.80
C VAL A 95 1.05 6.54 -4.39
N VAL A 96 0.76 6.91 -3.14
CA VAL A 96 1.15 8.18 -2.52
C VAL A 96 2.03 7.91 -1.31
N LEU A 97 3.11 8.65 -1.17
CA LEU A 97 4.04 8.68 -0.05
C LEU A 97 3.90 10.05 0.63
N THR A 98 3.92 10.12 1.96
CA THR A 98 3.56 11.34 2.72
C THR A 98 4.24 11.42 4.09
N GLY A 99 4.40 12.65 4.59
CA GLY A 99 4.99 13.00 5.89
C GLY A 99 6.52 12.90 5.97
N ASN A 100 7.17 12.12 5.10
CA ASN A 100 8.64 12.09 5.02
C ASN A 100 9.18 11.55 3.67
N ALA A 101 8.43 11.77 2.59
CA ALA A 101 8.54 11.01 1.34
C ALA A 101 9.90 11.13 0.60
N TYR A 102 10.44 9.97 0.26
CA TYR A 102 11.56 9.71 -0.64
C TYR A 102 11.16 8.60 -1.63
N LEU A 103 11.56 8.71 -2.89
CA LEU A 103 11.40 7.65 -3.90
C LEU A 103 12.58 7.64 -4.87
N GLU A 104 12.96 6.48 -5.37
CA GLU A 104 13.98 6.32 -6.41
C GLU A 104 13.61 5.20 -7.39
N GLN A 105 14.05 5.33 -8.66
CA GLN A 105 13.81 4.34 -9.71
C GLN A 105 15.11 3.68 -10.17
N LEU A 106 15.36 3.53 -11.49
CA LEU A 106 16.61 2.98 -12.03
C LEU A 106 17.80 3.95 -11.98
N ASP A 107 17.52 5.24 -11.83
CA ASP A 107 18.47 6.36 -11.94
C ASP A 107 18.16 7.40 -10.84
N SER A 108 17.19 8.28 -11.08
CA SER A 108 16.95 9.44 -10.24
C SER A 108 16.23 9.11 -8.92
N ASN A 109 16.65 9.82 -7.88
CA ASN A 109 15.99 9.92 -6.57
C ASN A 109 15.18 11.24 -6.44
N ILE A 110 14.12 11.21 -5.64
CA ILE A 110 13.25 12.36 -5.32
C ILE A 110 13.05 12.39 -3.80
N LYS A 111 13.07 13.60 -3.21
CA LYS A 111 12.62 13.88 -1.84
C LYS A 111 11.62 15.05 -1.89
N GLY A 112 10.50 14.92 -1.19
CA GLY A 112 9.61 16.04 -0.82
C GLY A 112 9.44 16.07 0.70
N ASP A 113 8.21 16.20 1.18
CA ASP A 113 7.72 15.29 2.24
C ASP A 113 6.45 14.53 1.84
N LYS A 114 5.85 14.85 0.68
CA LYS A 114 4.95 13.96 -0.06
C LYS A 114 5.36 13.79 -1.53
N ILE A 115 5.16 12.59 -2.07
CA ILE A 115 5.46 12.19 -3.46
C ILE A 115 4.33 11.24 -3.92
N THR A 116 3.84 11.41 -5.16
CA THR A 116 2.99 10.43 -5.84
C THR A 116 3.83 9.63 -6.83
N TYR A 117 3.60 8.32 -6.90
CA TYR A 117 4.18 7.41 -7.89
C TYR A 117 3.07 6.68 -8.64
N LEU A 118 3.03 6.81 -9.96
CA LEU A 118 2.02 6.17 -10.79
C LEU A 118 2.47 4.72 -11.04
N VAL A 119 1.88 3.77 -10.32
CA VAL A 119 2.30 2.35 -10.26
C VAL A 119 1.70 1.49 -11.39
N LYS A 120 0.81 2.06 -12.20
CA LYS A 120 0.40 1.54 -13.52
C LYS A 120 1.15 2.29 -14.65
N GLU A 121 2.38 2.70 -14.38
CA GLU A 121 3.17 3.68 -15.13
C GLU A 121 4.63 3.66 -14.61
N GLN A 122 5.51 4.54 -15.11
CA GLN A 122 6.95 4.61 -14.83
C GLN A 122 7.37 6.02 -14.37
N LYS A 123 6.42 6.83 -13.87
CA LYS A 123 6.59 8.27 -13.59
C LYS A 123 6.00 8.69 -12.24
N MET A 124 6.45 9.84 -11.74
CA MET A 124 6.20 10.38 -10.41
C MET A 124 5.76 11.85 -10.47
N GLN A 125 5.21 12.37 -9.38
CA GLN A 125 5.04 13.81 -9.17
C GLN A 125 5.20 14.19 -7.69
N ALA A 126 5.70 15.40 -7.44
CA ALA A 126 5.84 16.02 -6.11
C ALA A 126 5.18 17.42 -6.11
N PHE A 127 5.42 18.21 -5.06
CA PHE A 127 4.92 19.58 -4.93
C PHE A 127 5.94 20.43 -4.14
N SER A 128 5.78 21.75 -4.15
CA SER A 128 6.61 22.71 -3.41
C SER A 128 6.35 22.71 -1.89
N ASP A 129 6.41 21.55 -1.25
CA ASP A 129 6.24 21.37 0.20
C ASP A 129 7.44 21.94 0.95
N LYS A 130 7.47 23.28 1.11
CA LYS A 130 8.54 24.03 1.77
C LYS A 130 8.11 24.69 3.08
N GLY A 131 6.94 25.32 3.13
CA GLY A 131 6.38 25.88 4.37
C GLY A 131 5.97 24.79 5.36
N ARG A 132 6.38 24.92 6.63
CA ARG A 132 6.06 23.99 7.74
C ARG A 132 5.72 24.76 9.01
N ARG A 133 5.03 24.11 9.93
CA ARG A 133 4.83 24.56 11.31
C ARG A 133 5.05 23.41 12.30
NT1 EU0 B 1 -7.56 -6.95 -8.88
CT EU0 B 1 -7.82 -6.15 -7.92
NT2 EU0 B 1 -7.38 -4.96 -8.00
N EU0 B 1 -8.49 -6.51 -6.86
CA EU0 B 1 -9.03 -7.83 -6.41
CB EU0 B 1 -8.12 -9.08 -6.61
CG1 EU0 B 1 -8.22 -9.78 -7.98
CG2 EU0 B 1 -6.65 -8.84 -6.19
C EU0 B 1 -9.41 -7.76 -4.92
O EU0 B 1 -8.63 -7.22 -4.13
HT12 EU0 B 1 -7.74 -7.94 -8.74
HT22 EU0 B 1 -6.84 -4.66 -8.83
HT21 EU0 B 1 -7.76 -4.18 -7.43
H EU0 B 1 -8.55 -5.79 -6.13
HA EU0 B 1 -9.94 -8.02 -6.96
HB EU0 B 1 -8.51 -9.83 -5.90
HG11 EU0 B 1 -8.22 -10.86 -7.83
HG13 EU0 B 1 -7.34 -9.57 -8.61
HG12 EU0 B 1 -9.13 -9.52 -8.51
HG23 EU0 B 1 -6.19 -8.07 -6.79
HG22 EU0 B 1 -6.09 -9.76 -6.33
HG21 EU0 B 1 -6.61 -8.56 -5.13
HT11 EU0 B 1 -6.80 -6.74 -9.55
N HYP B 2 -10.52 -8.37 -4.45
CA HYP B 2 -10.81 -8.46 -3.01
C HYP B 2 -9.69 -9.16 -2.23
O HYP B 2 -9.12 -10.15 -2.68
CB HYP B 2 -12.18 -9.16 -2.90
CG HYP B 2 -12.85 -8.82 -4.24
CD HYP B 2 -11.67 -8.85 -5.21
OD1 HYP B 2 -13.41 -7.51 -4.23
HA HYP B 2 -10.92 -7.44 -2.64
HB2 HYP B 2 -12.03 -10.24 -2.84
HB3 HYP B 2 -12.74 -8.79 -2.05
HG HYP B 2 -13.61 -9.56 -4.49
HD22 HYP B 2 -11.49 -9.88 -5.54
HD23 HYP B 2 -11.88 -8.21 -6.07
HD1 HYP B 2 -13.78 -7.36 -3.35
N ILE B 3 -9.34 -8.57 -1.09
CA ILE B 3 -8.04 -8.73 -0.40
C ILE B 3 -8.01 -10.02 0.42
N THR B 4 -6.85 -10.66 0.59
CA THR B 4 -6.63 -11.79 1.52
C THR B 4 -6.01 -11.33 2.83
N TYR B 5 -6.49 -11.85 3.97
CA TYR B 5 -5.87 -11.60 5.28
C TYR B 5 -6.10 -12.76 6.26
O LE1 B 6 -4.08 -12.83 9.95
C LE1 B 6 -4.98 -13.58 9.57
CA LE1 B 6 -5.09 -14.07 8.11
N LE1 B 6 -5.13 -12.96 7.16
CB LE1 B 6 -4.01 -15.14 7.76
C9 LE1 B 6 -3.83 -16.21 8.85
C8 LE1 B 6 -2.62 -14.52 7.51
SG LE1 B 6 -4.49 -15.95 6.17
HA LE1 B 6 -6.04 -14.59 8.06
H LE1 B 6 -4.32 -12.35 7.11
H9 LE1 B 6 -3.23 -17.03 8.47
H9A LE1 B 6 -4.80 -16.59 9.18
H9B LE1 B 6 -3.32 -15.78 9.72
H8 LE1 B 6 -2.66 -13.86 6.65
H8A LE1 B 6 -1.89 -15.30 7.29
H8B LE1 B 6 -2.28 -13.95 8.38
N ASN B 7 -5.87 -14.05 10.44
CA ASN B 7 -5.86 -13.79 11.88
C ASN B 7 -4.93 -14.82 12.56
N ARG B 8 -3.62 -14.52 12.63
CA ARG B 8 -2.63 -15.44 13.25
C ARG B 8 -2.94 -15.72 14.72
N DAB B 9 -3.54 -14.75 15.41
CA DAB B 9 -3.93 -14.84 16.82
C DAB B 9 -5.07 -15.86 17.09
O DAB B 9 -5.36 -16.14 18.26
CB DAB B 9 -4.27 -13.41 17.31
CG DAB B 9 -4.62 -13.36 18.81
ND DAB B 9 -4.93 -11.99 19.27
H DAB B 9 -3.68 -13.88 14.94
HA DAB B 9 -3.07 -15.19 17.39
HB2 DAB B 9 -3.40 -12.77 17.13
HB3 DAB B 9 -5.11 -13.03 16.73
HG2 DAB B 9 -5.50 -14.00 18.97
HG3 DAB B 9 -3.79 -13.79 19.39
HD1 DAB B 9 -5.65 -11.56 18.72
HD2 DAB B 9 -4.11 -11.38 19.27
HD3 DAB B 9 -5.21 -12.00 20.24
N THR B 10 -5.66 -16.47 16.06
CA THR B 10 -6.51 -17.67 16.19
C THR B 10 -6.07 -18.79 15.26
N 4FO B 11 -5.73 -18.51 13.99
CA 4FO B 11 -5.36 -19.54 13.00
C 4FO B 11 -6.19 -19.50 11.69
O 4FO B 11 -6.17 -20.49 10.96
CB 4FO B 11 -3.84 -19.45 12.73
CG 4FO B 11 -2.97 -20.21 13.75
NZ 4FO B 11 -3.07 -19.64 15.11
H 4FO B 11 -5.80 -17.54 13.68
HA 4FO B 11 -5.56 -20.53 13.41
HB2 4FO B 11 -3.54 -18.41 12.68
HB3 4FO B 11 -3.64 -19.90 11.76
HG3 4FO B 11 -3.27 -21.27 13.76
HG2 4FO B 11 -1.93 -20.16 13.41
HZ3 4FO B 11 -2.47 -20.13 15.76
HZ2 4FO B 11 -4.04 -19.74 15.44
HZ1 4FO B 11 -2.84 -18.65 15.12
N LYS B 12 -6.99 -18.45 11.44
CA LYS B 12 -8.07 -18.45 10.43
C LYS B 12 -8.00 -17.23 9.50
N CYS B 13 -8.44 -17.38 8.24
CA CYS B 13 -8.30 -16.36 7.20
C CYS B 13 -9.65 -15.86 6.64
N DAB B 14 -9.67 -14.69 6.01
CA DAB B 14 -10.83 -14.08 5.37
C DAB B 14 -10.48 -13.28 4.08
O DAB B 14 -9.30 -13.10 3.75
CB DAB B 14 -11.51 -13.15 6.38
CG DAB B 14 -11.91 -13.74 7.74
ND DAB B 14 -12.81 -14.91 7.58
H DAB B 14 -8.77 -14.21 5.87
HA DAB B 14 -11.53 -14.86 5.07
HB2 DAB B 14 -10.81 -12.34 6.60
HB3 DAB B 14 -12.40 -12.69 5.94
HG2 DAB B 14 -11.00 -14.05 8.27
HG3 DAB B 14 -12.41 -12.97 8.32
HD1 DAB B 14 -12.28 -15.66 7.12
HD2 DAB B 14 -13.64 -14.68 7.03
HD3 DAB B 14 -13.09 -15.27 8.47
N ARG B 15 -11.52 -12.77 3.39
CA ARG B 15 -11.40 -11.74 2.34
C ARG B 15 -12.30 -10.53 2.57
N TYR B 16 -12.07 -9.44 1.83
CA TYR B 16 -12.70 -8.11 1.97
C TYR B 16 -12.70 -7.33 0.66
N GLY A 1 -13.69 -18.93 -3.51
CA GLY A 1 -13.37 -19.99 -2.52
C GLY A 1 -11.99 -19.72 -1.93
N LYS A 2 -11.20 -20.78 -1.66
CA LYS A 2 -9.74 -20.67 -1.49
C LYS A 2 -9.08 -20.15 -2.78
N THR A 3 -9.60 -20.57 -3.92
CA THR A 3 -9.36 -20.02 -5.27
C THR A 3 -9.53 -18.50 -5.30
N GLY A 4 -8.65 -17.83 -6.05
CA GLY A 4 -8.40 -16.38 -6.06
C GLY A 4 -6.95 -16.04 -6.41
N ASP A 5 -6.11 -17.06 -6.56
CA ASP A 5 -4.90 -17.14 -7.39
C ASP A 5 -5.02 -16.48 -8.78
N THR A 6 -6.23 -16.46 -9.35
CA THR A 6 -6.61 -15.73 -10.57
C THR A 6 -6.44 -14.21 -10.47
N ASP A 7 -6.56 -13.67 -9.26
CA ASP A 7 -6.67 -12.24 -8.97
C ASP A 7 -5.47 -11.71 -8.17
N GLN A 8 -4.86 -12.57 -7.34
CA GLN A 8 -3.91 -12.17 -6.29
C GLN A 8 -4.48 -11.06 -5.36
N PRO A 9 -5.66 -11.28 -4.73
CA PRO A 9 -6.30 -10.30 -3.86
C PRO A 9 -5.38 -9.99 -2.67
N ILE A 10 -5.20 -8.69 -2.37
CA ILE A 10 -4.01 -8.22 -1.67
C ILE A 10 -3.87 -8.87 -0.29
N HIS A 11 -2.88 -9.76 -0.17
CA HIS A 11 -2.72 -10.67 0.95
C HIS A 11 -1.90 -10.04 2.08
N ILE A 12 -2.44 -10.08 3.30
CA ILE A 12 -1.88 -9.45 4.49
C ILE A 12 -1.78 -10.46 5.66
N GLU A 13 -0.61 -10.50 6.30
CA GLU A 13 -0.21 -11.48 7.31
C GLU A 13 0.26 -10.73 8.59
N SER A 14 -0.35 -11.03 9.75
CA SER A 14 0.10 -10.50 11.06
C SER A 14 -0.46 -11.26 12.28
N ASP A 15 0.17 -11.04 13.45
CA ASP A 15 -0.17 -11.64 14.75
C ASP A 15 -1.52 -11.17 15.31
N GLN A 16 -1.96 -9.97 14.92
CA GLN A 16 -3.26 -9.38 15.22
C GLN A 16 -3.69 -8.41 14.10
N GLN A 17 -4.99 -8.43 13.82
CA GLN A 17 -5.68 -7.49 12.93
C GLN A 17 -7.18 -7.50 13.25
N SER A 18 -7.85 -6.36 13.06
CA SER A 18 -9.24 -6.12 13.46
C SER A 18 -10.11 -5.70 12.27
N LEU A 19 -11.41 -6.02 12.33
CA LEU A 19 -12.42 -5.61 11.37
C LEU A 19 -13.64 -5.07 12.13
N ASP A 20 -14.06 -3.86 11.82
CA ASP A 20 -15.25 -3.21 12.34
C ASP A 20 -16.54 -3.75 11.68
N MET A 21 -17.60 -3.92 12.46
CA MET A 21 -18.90 -4.43 12.01
C MET A 21 -19.85 -3.34 11.49
N GLN A 22 -19.68 -2.07 11.87
CA GLN A 22 -20.65 -0.99 11.62
C GLN A 22 -20.05 0.27 10.98
N GLY A 23 -18.77 0.59 11.21
CA GLY A 23 -17.99 1.57 10.43
C GLY A 23 -17.06 0.92 9.39
N ASN A 24 -16.91 -0.42 9.44
CA ASN A 24 -16.21 -1.28 8.47
C ASN A 24 -14.77 -0.89 8.10
N VAL A 25 -14.06 -0.17 8.98
CA VAL A 25 -12.60 -0.03 8.92
C VAL A 25 -11.91 -1.34 9.35
N VAL A 26 -10.78 -1.65 8.71
CA VAL A 26 -9.90 -2.78 9.04
C VAL A 26 -8.53 -2.22 9.46
N THR A 27 -7.93 -2.78 10.51
CA THR A 27 -6.63 -2.34 11.02
C THR A 27 -5.68 -3.50 11.30
N PHE A 28 -4.39 -3.27 11.08
CA PHE A 28 -3.29 -4.20 11.30
C PHE A 28 -2.23 -3.53 12.16
N THR A 29 -1.63 -4.30 13.08
CA THR A 29 -0.56 -3.87 14.00
C THR A 29 0.47 -4.99 14.18
N GLY A 30 1.70 -4.66 14.58
CA GLY A 30 2.75 -5.65 14.87
C GLY A 30 3.44 -6.18 13.60
N ASN A 31 3.60 -7.49 13.47
CA ASN A 31 4.33 -8.09 12.35
C ASN A 31 3.49 -8.06 11.06
N VAL A 32 3.29 -6.90 10.44
CA VAL A 32 2.46 -6.76 9.23
C VAL A 32 3.31 -6.91 7.96
N VAL A 33 2.91 -7.87 7.11
CA VAL A 33 3.49 -8.09 5.78
C VAL A 33 2.39 -8.03 4.72
N VAL A 34 2.61 -7.25 3.66
CA VAL A 34 1.76 -7.21 2.45
C VAL A 34 2.54 -7.90 1.32
N THR A 35 2.13 -9.11 0.93
CA THR A 35 3.00 -10.05 0.18
C THR A 35 2.94 -9.89 -1.36
N GLN A 36 2.64 -8.69 -1.86
CA GLN A 36 2.04 -8.46 -3.19
C GLN A 36 3.01 -8.51 -4.40
N GLY A 37 3.88 -9.53 -4.46
CA GLY A 37 4.69 -9.84 -5.65
C GLY A 37 5.73 -8.77 -5.98
N THR A 38 5.45 -7.95 -6.99
CA THR A 38 6.27 -6.77 -7.35
C THR A 38 6.01 -5.56 -6.45
N ILE A 39 4.87 -5.50 -5.76
CA ILE A 39 4.53 -4.50 -4.76
C ILE A 39 4.90 -5.06 -3.38
N LYS A 40 5.77 -4.36 -2.64
CA LYS A 40 6.09 -4.69 -1.24
C LYS A 40 5.98 -3.45 -0.37
N ILE A 41 5.21 -3.54 0.70
CA ILE A 41 4.97 -2.43 1.64
C ILE A 41 5.32 -2.94 3.04
N ASN A 42 6.09 -2.17 3.81
CA ASN A 42 6.31 -2.48 5.23
C ASN A 42 6.16 -1.24 6.13
N ALA A 43 5.39 -1.47 7.19
CA ALA A 43 4.97 -0.60 8.28
C ALA A 43 4.34 -1.53 9.32
N ASP A 44 4.58 -1.36 10.63
CA ASP A 44 3.90 -2.20 11.64
C ASP A 44 2.39 -1.89 11.72
N LYS A 45 2.00 -0.64 11.42
CA LYS A 45 0.62 -0.14 11.37
C LYS A 45 0.13 0.00 9.93
N VAL A 46 -0.97 -0.66 9.60
CA VAL A 46 -1.68 -0.50 8.32
C VAL A 46 -3.19 -0.41 8.57
N VAL A 47 -3.88 0.46 7.84
CA VAL A 47 -5.34 0.66 7.91
C VAL A 47 -5.91 0.53 6.51
N VAL A 48 -7.01 -0.22 6.35
CA VAL A 48 -7.71 -0.37 5.06
C VAL A 48 -9.22 -0.25 5.23
N THR A 49 -9.95 0.25 4.23
CA THR A 49 -11.42 0.25 4.23
C THR A 49 -12.03 0.45 2.84
N ARG A 50 -13.28 0.04 2.65
CA ARG A 50 -14.08 0.14 1.42
C ARG A 50 -14.97 1.39 1.44
N PRO A 51 -14.64 2.45 0.68
CA PRO A 51 -15.40 3.71 0.69
C PRO A 51 -16.71 3.58 -0.10
N GLY A 52 -17.75 3.01 0.54
CA GLY A 52 -19.12 2.93 0.02
C GLY A 52 -19.55 1.53 -0.43
N ASN A 53 -20.73 1.44 -1.03
CA ASN A 53 -21.41 0.18 -1.37
C ASN A 53 -20.77 -0.63 -2.52
N GLU A 54 -19.75 -0.09 -3.18
CA GLU A 54 -19.05 -0.73 -4.31
C GLU A 54 -17.69 -1.33 -3.94
N LYS A 55 -17.25 -2.30 -4.76
CA LYS A 55 -16.31 -3.37 -4.39
C LYS A 55 -14.94 -3.11 -5.02
N GLY A 56 -13.87 -3.61 -4.44
CA GLY A 56 -12.53 -3.56 -5.05
C GLY A 56 -12.00 -2.13 -5.24
N LYS A 57 -12.40 -1.20 -4.39
CA LYS A 57 -12.16 0.26 -4.50
C LYS A 57 -11.57 0.89 -3.22
N GLU A 58 -10.94 0.04 -2.44
CA GLU A 58 -10.52 0.26 -1.05
C GLU A 58 -9.37 1.25 -0.92
N VAL A 59 -9.33 1.99 0.18
CA VAL A 59 -8.15 2.74 0.61
C VAL A 59 -7.22 1.81 1.41
N ILE A 60 -5.91 1.94 1.23
CA ILE A 60 -4.86 1.39 2.08
C ILE A 60 -3.94 2.53 2.51
N GLU A 61 -3.71 2.68 3.82
CA GLU A 61 -2.75 3.62 4.40
C GLU A 61 -1.82 2.87 5.39
N GLY A 62 -0.52 2.86 5.08
CA GLY A 62 0.54 2.32 5.94
C GLY A 62 1.19 3.44 6.77
N PHE A 63 0.98 3.43 8.09
CA PHE A 63 1.43 4.44 9.06
C PHE A 63 2.71 4.01 9.78
N GLY A 64 3.76 3.66 9.04
CA GLY A 64 4.94 2.99 9.59
C GLY A 64 5.82 3.83 10.52
N ASN A 65 5.91 5.14 10.30
CA ASN A 65 6.77 6.06 11.06
C ASN A 65 8.25 5.60 11.26
N PRO A 66 8.96 5.08 10.23
CA PRO A 66 8.68 5.22 8.80
C PRO A 66 7.99 4.02 8.14
N ALA A 67 7.32 4.29 7.02
CA ALA A 67 6.86 3.30 6.05
C ALA A 67 7.86 3.20 4.88
N THR A 68 8.03 2.01 4.29
CA THR A 68 8.83 1.87 3.06
C THR A 68 8.14 1.01 2.01
N PHE A 69 8.48 1.30 0.75
CA PHE A 69 7.86 0.75 -0.45
C PHE A 69 8.92 0.10 -1.35
N TYR A 70 8.57 -0.98 -2.03
CA TYR A 70 9.28 -1.56 -3.16
C TYR A 70 8.28 -1.76 -4.31
N GLN A 71 8.71 -1.41 -5.51
CA GLN A 71 7.98 -1.54 -6.76
C GLN A 71 8.92 -2.11 -7.82
N MET A 72 8.36 -2.72 -8.88
CA MET A 72 9.07 -2.86 -10.15
C MET A 72 8.25 -2.22 -11.27
N GLN A 73 8.90 -1.35 -12.06
CA GLN A 73 8.36 -0.91 -13.33
C GLN A 73 8.34 -2.10 -14.30
N ASP A 74 7.23 -2.32 -15.02
CA ASP A 74 6.94 -3.54 -15.80
C ASP A 74 8.06 -3.93 -16.77
N ASN A 75 8.76 -2.92 -17.31
CA ASN A 75 9.94 -3.03 -18.17
C ASN A 75 11.23 -3.40 -17.39
N GLY A 76 11.11 -4.28 -16.39
CA GLY A 76 12.22 -4.87 -15.63
C GLY A 76 13.00 -3.93 -14.71
N LYS A 77 12.40 -2.87 -14.15
CA LYS A 77 13.14 -1.83 -13.37
C LYS A 77 12.72 -1.81 -11.89
N PRO A 78 13.35 -2.59 -10.99
CA PRO A 78 13.02 -2.62 -9.57
C PRO A 78 13.55 -1.37 -8.83
N VAL A 79 12.77 -0.84 -7.87
CA VAL A 79 13.04 0.44 -7.17
C VAL A 79 12.43 0.51 -5.76
N LYS A 80 12.92 1.46 -4.93
CA LYS A 80 12.51 1.72 -3.54
C LYS A 80 11.89 3.11 -3.32
N GLY A 81 10.88 3.12 -2.45
CA GLY A 81 10.37 4.31 -1.77
C GLY A 81 10.48 4.24 -0.24
N ARG A 82 10.32 5.40 0.41
CA ARG A 82 10.41 5.67 1.86
C ARG A 82 9.53 6.87 2.21
N ALA A 83 8.87 6.86 3.38
CA ALA A 83 8.07 7.97 3.90
C ALA A 83 7.78 7.80 5.41
N SER A 84 7.08 8.73 6.04
CA SER A 84 6.40 8.46 7.32
C SER A 84 5.11 7.65 7.11
N LYS A 85 4.41 7.87 5.98
CA LYS A 85 3.16 7.20 5.60
C LYS A 85 3.10 6.93 4.09
N MET A 86 2.50 5.81 3.69
CA MET A 86 2.23 5.45 2.28
C MET A 86 0.74 5.12 2.07
N ARG A 87 0.13 5.72 1.04
CA ARG A 87 -1.19 5.36 0.50
C ARG A 87 -1.07 4.50 -0.76
N TYR A 88 -1.96 3.51 -0.87
CA TYR A 88 -2.38 2.89 -2.12
C TYR A 88 -3.93 2.78 -2.14
N GLU A 89 -4.57 2.72 -3.32
CA GLU A 89 -6.03 2.63 -3.43
C GLU A 89 -6.43 1.64 -4.54
N LEU A 90 -7.33 0.71 -4.21
CA LEU A 90 -7.62 -0.48 -5.04
C LEU A 90 -8.48 -0.20 -6.28
N GLN A 91 -9.07 0.99 -6.41
CA GLN A 91 -9.73 1.43 -7.64
C GLN A 91 -8.74 2.07 -8.62
N ASN A 92 -7.45 2.11 -8.28
CA ASN A 92 -6.47 3.05 -8.81
C ASN A 92 -5.14 2.34 -9.16
N ASP A 93 -4.37 2.96 -10.05
CA ASP A 93 -2.98 2.57 -10.36
C ASP A 93 -1.92 3.43 -9.61
N TYR A 94 -2.35 4.45 -8.85
CA TYR A 94 -1.45 5.43 -8.20
C TYR A 94 -1.08 5.08 -6.74
N VAL A 95 0.01 5.67 -6.25
CA VAL A 95 0.49 5.65 -4.87
C VAL A 95 0.77 7.10 -4.45
N VAL A 96 0.53 7.46 -3.19
CA VAL A 96 0.93 8.79 -2.68
C VAL A 96 1.52 8.69 -1.26
N LEU A 97 2.67 9.34 -1.07
CA LEU A 97 3.47 9.30 0.15
C LEU A 97 3.25 10.56 1.00
N THR A 98 3.56 10.49 2.30
CA THR A 98 3.42 11.64 3.21
C THR A 98 4.45 11.63 4.34
N GLY A 99 5.02 12.80 4.62
CA GLY A 99 6.01 13.06 5.68
C GLY A 99 7.41 12.58 5.31
N ASN A 100 8.32 13.52 5.03
CA ASN A 100 9.73 13.29 4.69
C ASN A 100 9.97 12.18 3.64
N ALA A 101 9.10 12.11 2.63
CA ALA A 101 9.08 11.04 1.66
C ALA A 101 10.18 11.16 0.59
N TYR A 102 10.59 10.00 0.08
CA TYR A 102 11.76 9.81 -0.76
C TYR A 102 11.56 8.64 -1.72
N LEU A 103 11.99 8.80 -2.98
CA LEU A 103 12.10 7.73 -3.98
C LEU A 103 13.52 7.68 -4.58
N GLU A 104 13.93 6.51 -5.07
CA GLU A 104 15.07 6.36 -5.97
C GLU A 104 14.68 5.62 -7.25
N GLN A 105 15.41 5.91 -8.33
CA GLN A 105 15.36 5.18 -9.58
C GLN A 105 16.68 5.38 -10.34
N LEU A 106 17.03 4.45 -11.24
CA LEU A 106 18.16 4.60 -12.18
C LEU A 106 17.77 5.57 -13.32
N ASP A 107 17.53 6.82 -12.92
CA ASP A 107 16.92 7.92 -13.67
C ASP A 107 17.11 9.21 -12.85
N SER A 108 16.64 9.22 -11.59
CA SER A 108 16.81 10.30 -10.61
C SER A 108 16.29 9.88 -9.22
N ASN A 109 16.72 10.60 -8.19
CA ASN A 109 16.10 10.56 -6.85
C ASN A 109 15.05 11.67 -6.71
N ILE A 110 14.06 11.47 -5.84
CA ILE A 110 13.05 12.48 -5.50
C ILE A 110 12.92 12.58 -3.98
N LYS A 111 12.94 13.81 -3.45
CA LYS A 111 12.50 14.15 -2.07
C LYS A 111 11.29 15.09 -2.17
N GLY A 112 10.27 14.81 -1.38
CA GLY A 112 9.10 15.68 -1.18
C GLY A 112 8.31 15.22 0.04
N ASP A 113 7.73 16.15 0.80
CA ASP A 113 6.94 15.78 1.99
C ASP A 113 5.52 15.32 1.65
N LYS A 114 5.16 15.50 0.36
CA LYS A 114 4.28 14.63 -0.43
C LYS A 114 5.06 14.21 -1.69
N ILE A 115 4.87 12.98 -2.16
CA ILE A 115 5.30 12.50 -3.50
C ILE A 115 4.17 11.63 -4.08
N THR A 116 3.87 11.77 -5.37
CA THR A 116 2.94 10.90 -6.10
C THR A 116 3.69 9.92 -7.01
N TYR A 117 3.20 8.70 -7.11
CA TYR A 117 3.81 7.59 -7.84
C TYR A 117 2.70 6.64 -8.32
N LEU A 118 3.06 5.50 -8.92
CA LEU A 118 2.14 4.54 -9.53
C LEU A 118 2.78 3.14 -9.63
N VAL A 119 1.95 2.11 -9.72
CA VAL A 119 2.36 0.70 -9.62
C VAL A 119 2.84 0.09 -10.96
N LYS A 120 3.42 0.91 -11.86
CA LYS A 120 3.74 0.58 -13.26
C LYS A 120 5.00 1.30 -13.78
N GLU A 121 5.44 0.94 -14.99
CA GLU A 121 6.27 1.83 -15.85
C GLU A 121 5.48 3.04 -16.34
N GLN A 122 5.34 4.05 -15.47
CA GLN A 122 5.26 5.47 -15.83
C GLN A 122 6.18 6.27 -14.87
N LYS A 123 6.52 7.51 -15.25
CA LYS A 123 7.49 8.32 -14.46
C LYS A 123 6.90 8.72 -13.10
N MET A 124 7.72 8.57 -12.05
CA MET A 124 7.44 9.07 -10.70
C MET A 124 7.15 10.58 -10.71
N GLN A 125 6.13 11.02 -9.98
CA GLN A 125 5.67 12.41 -9.99
C GLN A 125 6.24 13.19 -8.79
N ALA A 126 7.38 13.83 -9.01
CA ALA A 126 7.75 15.03 -8.26
C ALA A 126 6.71 16.13 -8.52
N PHE A 127 6.37 16.90 -7.49
CA PHE A 127 5.28 17.89 -7.55
C PHE A 127 5.51 19.05 -6.56
N SER A 128 4.58 20.01 -6.48
CA SER A 128 4.63 21.16 -5.56
C SER A 128 3.26 21.40 -4.91
N ASP A 129 3.24 22.17 -3.81
CA ASP A 129 2.04 22.47 -3.05
C ASP A 129 2.12 23.89 -2.45
N LYS A 130 0.97 24.41 -2.01
CA LYS A 130 0.77 25.69 -1.32
C LYS A 130 -0.24 25.62 -0.17
N GLY A 131 -0.94 24.48 0.00
CA GLY A 131 -1.81 24.19 1.13
C GLY A 131 -3.11 25.00 1.21
N ARG A 132 -3.88 24.71 2.26
CA ARG A 132 -5.09 25.40 2.72
C ARG A 132 -5.41 24.96 4.14
N ARG A 133 -6.42 25.55 4.78
CA ARG A 133 -6.82 25.15 6.14
C ARG A 133 -7.23 23.67 6.23
NT1 EU0 B 1 -9.49 -3.96 -6.68
CT EU0 B 1 -8.66 -4.35 -7.56
NT2 EU0 B 1 -8.24 -3.49 -8.41
N EU0 B 1 -8.19 -5.56 -7.60
CA EU0 B 1 -8.75 -6.77 -6.90
CB EU0 B 1 -7.80 -7.96 -7.17
CG1 EU0 B 1 -7.74 -8.31 -8.68
CG2 EU0 B 1 -6.37 -7.70 -6.65
C EU0 B 1 -9.09 -6.63 -5.39
O EU0 B 1 -8.62 -5.70 -4.74
HT12 EU0 B 1 -9.45 -4.43 -5.75
HT22 EU0 B 1 -8.46 -2.50 -8.20
HT21 EU0 B 1 -7.50 -3.71 -9.07
H EU0 B 1 -7.47 -5.75 -8.29
HA EU0 B 1 -9.68 -7.03 -7.41
HB EU0 B 1 -8.20 -8.82 -6.65
HG11 EU0 B 1 -7.12 -9.18 -8.84
HG13 EU0 B 1 -7.33 -7.49 -9.27
HG12 EU0 B 1 -8.74 -8.55 -9.05
HG23 EU0 B 1 -5.87 -6.92 -7.23
HG22 EU0 B 1 -5.77 -8.61 -6.75
HG21 EU0 B 1 -6.39 -7.41 -5.60
HT11 EU0 B 1 -9.86 -2.99 -6.72
N HYP B 2 -9.95 -7.48 -4.78
CA HYP B 2 -10.26 -7.42 -3.35
C HYP B 2 -9.03 -7.57 -2.43
O HYP B 2 -7.94 -7.92 -2.89
CB HYP B 2 -11.28 -8.52 -3.10
CG HYP B 2 -11.98 -8.68 -4.45
CD HYP B 2 -10.83 -8.45 -5.44
OD1 HYP B 2 -12.98 -7.70 -4.62
HA HYP B 2 -10.72 -6.45 -3.14
HB2 HYP B 2 -10.78 -9.45 -2.84
HB3 HYP B 2 -11.99 -8.24 -2.31
HG HYP B 2 -12.41 -9.68 -4.56
HD22 HYP B 2 -10.29 -9.39 -5.60
HD23 HYP B 2 -11.23 -8.08 -6.38
HD1 HYP B 2 -13.61 -7.80 -3.90
N ILE B 3 -9.23 -7.39 -1.14
CA ILE B 3 -8.21 -7.62 -0.10
C ILE B 3 -8.37 -9.04 0.47
N THR B 4 -7.32 -9.59 1.09
CA THR B 4 -7.31 -10.87 1.79
C THR B 4 -6.40 -10.76 3.02
N TYR B 5 -6.78 -11.35 4.16
CA TYR B 5 -5.88 -11.46 5.30
C TYR B 5 -5.91 -12.83 5.98
O LE1 B 6 -3.26 -13.42 9.14
C LE1 B 6 -4.25 -14.10 8.88
CA LE1 B 6 -4.68 -14.42 7.44
N LE1 B 6 -4.82 -13.19 6.64
CB LE1 B 6 -3.75 -15.45 6.73
C9 LE1 B 6 -3.40 -16.64 7.66
C8 LE1 B 6 -2.41 -14.83 6.28
SG LE1 B 6 -4.59 -16.08 5.22
HA LE1 B 6 -5.65 -14.89 7.50
H LE1 B 6 -4.01 -12.57 6.58
H9 LE1 B 6 -4.29 -17.03 8.13
H9A LE1 B 6 -2.70 -16.33 8.43
H9B LE1 B 6 -2.93 -17.43 7.06
H8 LE1 B 6 -1.88 -14.41 7.13
H8A LE1 B 6 -2.58 -14.03 5.56
H8B LE1 B 6 -1.79 -15.59 5.81
N ASN B 7 -4.99 -14.64 9.86
CA ASN B 7 -4.69 -14.46 11.27
C ASN B 7 -3.59 -15.45 11.70
N ARG B 8 -2.35 -14.97 11.87
CA ARG B 8 -1.21 -15.77 12.38
C ARG B 8 -1.50 -16.45 13.71
N DAB B 9 -2.27 -15.78 14.56
CA DAB B 9 -2.63 -16.24 15.90
C DAB B 9 -3.56 -17.47 15.99
O DAB B 9 -3.72 -18.02 17.07
CB DAB B 9 -3.22 -15.04 16.68
CG DAB B 9 -2.39 -14.72 17.92
ND DAB B 9 -2.67 -13.34 18.38
H DAB B 9 -2.59 -14.88 14.25
HA DAB B 9 -1.70 -16.54 16.39
HB2 DAB B 9 -3.25 -14.17 16.02
HB3 DAB B 9 -4.24 -15.25 16.98
HG2 DAB B 9 -2.61 -15.44 18.70
HG3 DAB B 9 -1.33 -14.79 17.66
HD1 DAB B 9 -2.07 -13.08 19.16
HD2 DAB B 9 -3.64 -13.23 18.64
HD3 DAB B 9 -2.46 -12.68 17.62
N THR B 10 -4.16 -17.91 14.86
CA THR B 10 -4.98 -19.13 14.77
C THR B 10 -4.63 -19.93 13.53
N 4FO B 11 -4.66 -19.30 12.36
CA 4FO B 11 -4.43 -19.91 11.05
C 4FO B 11 -5.57 -19.65 10.05
O 4FO B 11 -5.43 -19.94 8.86
CB 4FO B 11 -3.04 -19.49 10.51
CG 4FO B 11 -1.97 -19.26 11.58
NZ 4FO B 11 -1.70 -20.46 12.39
H 4FO B 11 -4.92 -18.31 12.37
HA 4FO B 11 -4.40 -21.00 11.17
HB2 4FO B 11 -3.17 -18.54 9.98
HB3 4FO B 11 -2.70 -20.23 9.78
HG3 4FO B 11 -1.05 -18.91 11.09
HG2 4FO B 11 -2.33 -18.46 12.23
HZ3 4FO B 11 -1.06 -20.21 13.15
HZ2 4FO B 11 -1.32 -21.22 11.85
HZ1 4FO B 11 -2.56 -20.77 12.85
N LYS B 12 -6.70 -19.08 10.51
CA LYS B 12 -7.88 -18.80 9.69
C LYS B 12 -7.75 -17.46 8.95
N CYS B 13 -8.43 -17.36 7.80
CA CYS B 13 -8.28 -16.24 6.87
C CYS B 13 -9.62 -15.56 6.54
N DAB B 14 -9.58 -14.40 5.89
CA DAB B 14 -10.73 -13.69 5.34
C DAB B 14 -10.45 -13.08 3.94
O DAB B 14 -9.31 -12.70 3.66
CB DAB B 14 -11.15 -12.55 6.29
CG DAB B 14 -11.14 -12.87 7.79
ND DAB B 14 -12.08 -13.95 8.13
H DAB B 14 -8.66 -14.03 5.65
HA DAB B 14 -11.57 -14.39 5.22
HB2 DAB B 14 -10.45 -11.73 6.14
HB3 DAB B 14 -12.13 -12.18 6.01
HG2 DAB B 14 -10.12 -13.13 8.08
HG3 DAB B 14 -11.41 -11.95 8.33
HD1 DAB B 14 -13.02 -13.73 7.86
HD2 DAB B 14 -12.06 -14.12 9.14
HD3 DAB B 14 -11.77 -14.81 7.68
N ARG B 15 -11.50 -12.85 3.14
CA ARG B 15 -11.51 -11.83 2.07
C ARG B 15 -12.02 -10.50 2.63
N TYR B 16 -11.81 -9.41 1.89
CA TYR B 16 -12.48 -8.13 2.06
C TYR B 16 -12.70 -7.48 0.69
N GLY A 1 -6.44 -17.49 -3.19
CA GLY A 1 -6.82 -18.19 -1.96
C GLY A 1 -5.75 -19.20 -1.60
N LYS A 2 -6.13 -20.42 -1.19
CA LYS A 2 -5.20 -21.49 -0.77
C LYS A 2 -5.53 -22.81 -1.47
N THR A 3 -6.74 -23.33 -1.24
CA THR A 3 -7.48 -24.03 -2.28
C THR A 3 -8.14 -22.94 -3.13
N GLY A 4 -7.96 -23.00 -4.45
CA GLY A 4 -8.21 -21.86 -5.34
C GLY A 4 -7.23 -20.73 -5.05
N ASP A 5 -6.05 -20.78 -5.67
CA ASP A 5 -4.99 -19.77 -5.57
C ASP A 5 -5.39 -18.40 -6.15
N THR A 6 -6.35 -18.40 -7.09
CA THR A 6 -6.20 -17.73 -8.38
C THR A 6 -6.58 -16.24 -8.42
N ASP A 7 -6.84 -15.63 -7.26
CA ASP A 7 -6.92 -14.17 -7.16
C ASP A 7 -5.53 -13.51 -7.18
N GLN A 8 -4.47 -14.28 -6.86
CA GLN A 8 -3.22 -13.80 -6.27
C GLN A 8 -3.44 -12.67 -5.24
N PRO A 9 -4.30 -12.90 -4.23
CA PRO A 9 -4.87 -11.85 -3.39
C PRO A 9 -3.82 -11.17 -2.51
N ILE A 10 -4.11 -9.95 -2.04
CA ILE A 10 -3.19 -9.24 -1.14
C ILE A 10 -3.05 -10.00 0.17
N HIS A 11 -1.85 -10.52 0.46
CA HIS A 11 -1.60 -11.35 1.62
C HIS A 11 -0.83 -10.60 2.71
N ILE A 12 -1.32 -10.78 3.95
CA ILE A 12 -0.95 -10.02 5.15
C ILE A 12 -1.14 -10.92 6.39
N GLU A 13 -0.14 -11.01 7.27
CA GLU A 13 -0.32 -11.43 8.67
C GLU A 13 -0.33 -10.20 9.59
N SER A 14 -1.11 -10.20 10.67
CA SER A 14 -1.02 -9.18 11.74
C SER A 14 -1.18 -9.77 13.16
N ASP A 15 -0.43 -9.24 14.13
CA ASP A 15 -0.46 -9.68 15.53
C ASP A 15 -1.69 -9.17 16.29
N GLN A 16 -2.18 -7.98 15.93
CA GLN A 16 -3.48 -7.45 16.34
C GLN A 16 -4.17 -6.81 15.12
N GLN A 17 -5.48 -6.58 15.22
CA GLN A 17 -6.28 -5.94 14.17
C GLN A 17 -7.61 -5.41 14.72
N SER A 18 -8.26 -4.56 13.94
CA SER A 18 -9.59 -4.00 14.20
C SER A 18 -10.39 -3.82 12.91
N LEU A 19 -11.71 -3.75 13.02
CA LEU A 19 -12.65 -3.69 11.90
C LEU A 19 -13.91 -2.90 12.31
N ASP A 20 -14.24 -1.86 11.57
CA ASP A 20 -15.52 -1.15 11.69
C ASP A 20 -16.22 -1.01 10.32
N MET A 21 -17.49 -1.37 10.29
CA MET A 21 -18.36 -1.30 9.11
C MET A 21 -19.09 0.05 8.98
N GLN A 22 -19.03 0.93 9.99
CA GLN A 22 -19.61 2.27 9.94
C GLN A 22 -18.65 3.21 9.18
N GLY A 23 -17.43 3.38 9.67
CA GLY A 23 -16.33 4.06 8.99
C GLY A 23 -15.75 3.30 7.79
N ASN A 24 -16.14 2.03 7.59
CA ASN A 24 -15.66 1.16 6.49
C ASN A 24 -14.12 1.03 6.49
N VAL A 25 -13.54 0.61 7.63
CA VAL A 25 -12.09 0.47 7.83
C VAL A 25 -11.74 -0.91 8.37
N VAL A 26 -10.70 -1.54 7.81
CA VAL A 26 -9.95 -2.66 8.40
C VAL A 26 -8.56 -2.16 8.81
N THR A 27 -8.08 -2.57 9.98
CA THR A 27 -6.81 -2.12 10.58
C THR A 27 -5.97 -3.32 10.97
N PHE A 28 -4.67 -3.28 10.71
CA PHE A 28 -3.70 -4.35 10.98
C PHE A 28 -2.46 -3.78 11.68
N THR A 29 -1.99 -4.43 12.76
CA THR A 29 -0.78 -3.99 13.48
C THR A 29 0.11 -5.17 13.94
N GLY A 30 1.39 -4.87 14.16
CA GLY A 30 2.41 -5.81 14.63
C GLY A 30 3.56 -6.00 13.65
N ASN A 31 4.18 -7.18 13.65
CA ASN A 31 5.17 -7.60 12.68
C ASN A 31 4.50 -7.94 11.33
N VAL A 32 4.11 -6.89 10.60
CA VAL A 32 3.28 -6.91 9.39
C VAL A 32 4.14 -6.82 8.12
N VAL A 33 3.76 -7.60 7.11
CA VAL A 33 4.23 -7.50 5.72
C VAL A 33 3.01 -7.55 4.81
N VAL A 34 2.96 -6.72 3.77
CA VAL A 34 1.88 -6.69 2.77
C VAL A 34 2.47 -7.05 1.40
N THR A 35 1.82 -7.96 0.68
CA THR A 35 2.30 -8.50 -0.61
C THR A 35 1.17 -8.65 -1.61
N GLN A 36 1.37 -8.22 -2.87
CA GLN A 36 0.42 -8.44 -3.98
C GLN A 36 1.07 -8.29 -5.36
N GLY A 37 0.95 -9.31 -6.21
CA GLY A 37 1.67 -9.34 -7.50
C GLY A 37 3.17 -9.13 -7.31
N THR A 38 3.75 -8.16 -8.03
CA THR A 38 5.15 -7.73 -7.88
C THR A 38 5.37 -6.63 -6.82
N ILE A 39 4.32 -6.21 -6.10
CA ILE A 39 4.36 -5.12 -5.12
C ILE A 39 4.56 -5.68 -3.71
N LYS A 40 5.40 -5.01 -2.92
CA LYS A 40 5.47 -5.17 -1.46
C LYS A 40 5.21 -3.83 -0.77
N ILE A 41 4.57 -3.85 0.40
CA ILE A 41 4.47 -2.70 1.31
C ILE A 41 4.84 -3.16 2.73
N ASN A 42 5.59 -2.34 3.46
CA ASN A 42 5.94 -2.57 4.85
C ASN A 42 5.66 -1.34 5.73
N ALA A 43 4.86 -1.58 6.77
CA ALA A 43 4.71 -0.79 7.97
C ALA A 43 4.16 -1.72 9.07
N ASP A 44 4.56 -1.51 10.31
CA ASP A 44 4.08 -2.21 11.51
C ASP A 44 2.66 -1.77 11.96
N LYS A 45 2.15 -0.69 11.35
CA LYS A 45 0.76 -0.22 11.45
C LYS A 45 0.22 0.01 10.03
N VAL A 46 -0.92 -0.61 9.69
CA VAL A 46 -1.55 -0.57 8.35
C VAL A 46 -3.06 -0.45 8.48
N VAL A 47 -3.71 0.23 7.53
CA VAL A 47 -5.17 0.30 7.37
C VAL A 47 -5.58 0.07 5.91
N VAL A 48 -6.83 -0.34 5.69
CA VAL A 48 -7.49 -0.37 4.38
C VAL A 48 -8.95 0.09 4.51
N THR A 49 -9.43 0.90 3.56
CA THR A 49 -10.75 1.54 3.60
C THR A 49 -11.31 1.85 2.21
N ARG A 50 -12.59 2.22 2.12
CA ARG A 50 -13.40 2.29 0.90
C ARG A 50 -13.54 3.74 0.40
N PRO A 51 -12.80 4.17 -0.65
CA PRO A 51 -12.56 5.58 -0.98
C PRO A 51 -13.69 6.30 -1.74
N GLY A 52 -14.91 5.72 -1.78
CA GLY A 52 -16.05 6.22 -2.55
C GLY A 52 -16.70 5.11 -3.38
N ASN A 53 -18.03 5.08 -3.38
CA ASN A 53 -18.86 3.86 -3.41
C ASN A 53 -18.86 3.02 -4.70
N GLU A 54 -18.10 3.35 -5.74
CA GLU A 54 -17.91 2.41 -6.85
C GLU A 54 -17.01 1.23 -6.47
N LYS A 55 -17.38 0.04 -6.93
CA LYS A 55 -17.05 -1.24 -6.28
C LYS A 55 -15.66 -1.77 -6.66
N GLY A 56 -15.18 -2.74 -5.87
CA GLY A 56 -14.00 -3.56 -6.20
C GLY A 56 -12.64 -2.86 -6.08
N LYS A 57 -12.59 -1.66 -5.49
CA LYS A 57 -11.37 -0.88 -5.25
C LYS A 57 -11.42 -0.25 -3.84
N GLU A 58 -10.27 -0.14 -3.20
CA GLU A 58 -10.07 0.21 -1.79
C GLU A 58 -8.70 0.90 -1.66
N VAL A 59 -8.57 1.84 -0.74
CA VAL A 59 -7.31 2.54 -0.46
C VAL A 59 -6.64 1.95 0.78
N ILE A 60 -5.37 1.57 0.63
CA ILE A 60 -4.48 1.06 1.69
C ILE A 60 -3.58 2.20 2.16
N GLU A 61 -3.31 2.27 3.46
CA GLU A 61 -2.22 3.08 4.01
C GLU A 61 -1.35 2.33 5.02
N GLY A 62 -0.05 2.59 4.99
CA GLY A 62 0.89 2.26 6.06
C GLY A 62 1.12 3.49 6.96
N PHE A 63 0.81 3.37 8.24
CA PHE A 63 1.04 4.38 9.29
C PHE A 63 2.36 4.08 10.03
N GLY A 64 3.44 3.84 9.27
CA GLY A 64 4.69 3.27 9.80
C GLY A 64 5.49 4.25 10.65
N ASN A 65 5.95 5.36 10.06
CA ASN A 65 6.96 6.26 10.61
C ASN A 65 8.24 5.53 11.07
N PRO A 66 8.99 4.87 10.15
CA PRO A 66 8.87 4.93 8.69
C PRO A 66 7.95 3.86 8.08
N ALA A 67 7.48 4.09 6.86
CA ALA A 67 6.82 3.12 5.99
C ALA A 67 7.51 3.06 4.62
N THR A 68 7.49 1.89 3.96
CA THR A 68 8.15 1.68 2.66
C THR A 68 7.33 0.83 1.70
N PHE A 69 7.56 1.01 0.39
CA PHE A 69 6.91 0.30 -0.71
C PHE A 69 7.95 -0.12 -1.77
N TYR A 70 7.68 -1.17 -2.53
CA TYR A 70 8.55 -1.70 -3.60
C TYR A 70 7.74 -2.15 -4.83
N GLN A 71 8.28 -1.94 -6.04
CA GLN A 71 7.72 -2.42 -7.31
C GLN A 71 8.80 -2.76 -8.35
N MET A 72 8.53 -3.77 -9.17
CA MET A 72 9.33 -4.24 -10.31
C MET A 72 9.16 -3.37 -11.57
N GLN A 73 10.16 -3.41 -12.45
CA GLN A 73 10.16 -2.78 -13.77
C GLN A 73 10.89 -3.71 -14.76
N ASP A 74 10.31 -3.91 -15.95
CA ASP A 74 10.77 -4.86 -16.98
C ASP A 74 12.07 -4.39 -17.67
N ASN A 75 12.28 -3.07 -17.65
CA ASN A 75 13.54 -2.33 -17.84
C ASN A 75 14.69 -2.77 -16.89
N GLY A 76 14.44 -3.71 -15.97
CA GLY A 76 15.40 -4.15 -14.97
C GLY A 76 15.72 -3.05 -13.96
N LYS A 77 14.75 -2.19 -13.67
CA LYS A 77 14.89 -0.99 -12.80
C LYS A 77 13.90 -1.00 -11.61
N PRO A 78 13.80 -2.07 -10.80
CA PRO A 78 12.94 -2.06 -9.63
C PRO A 78 13.31 -0.91 -8.67
N VAL A 79 12.32 -0.31 -8.01
CA VAL A 79 12.49 0.84 -7.12
C VAL A 79 11.80 0.63 -5.77
N LYS A 80 12.23 1.38 -4.76
CA LYS A 80 11.55 1.49 -3.45
C LYS A 80 11.23 2.93 -3.06
N GLY A 81 10.01 3.14 -2.58
CA GLY A 81 9.53 4.40 -2.00
C GLY A 81 9.54 4.34 -0.47
N ARG A 82 9.79 5.47 0.20
CA ARG A 82 10.05 5.55 1.64
C ARG A 82 9.53 6.88 2.21
N ALA A 83 8.83 6.84 3.34
CA ALA A 83 8.28 8.04 3.99
C ALA A 83 7.86 7.75 5.45
N SER A 84 7.16 8.69 6.09
CA SER A 84 6.44 8.45 7.36
C SER A 84 5.14 7.65 7.11
N LYS A 85 4.30 8.14 6.20
CA LYS A 85 3.11 7.46 5.69
C LYS A 85 3.28 7.02 4.24
N MET A 86 2.63 5.92 3.92
CA MET A 86 2.58 5.28 2.61
C MET A 86 1.12 5.05 2.23
N ARG A 87 0.71 5.28 0.97
CA ARG A 87 -0.67 5.09 0.48
C ARG A 87 -0.69 4.46 -0.92
N TYR A 88 -1.67 3.59 -1.18
CA TYR A 88 -1.86 2.83 -2.42
C TYR A 88 -3.36 2.57 -2.70
N GLU A 89 -3.77 2.47 -3.98
CA GLU A 89 -5.15 2.20 -4.41
C GLU A 89 -5.26 0.86 -5.14
N LEU A 90 -6.27 0.03 -4.82
CA LEU A 90 -6.48 -1.32 -5.38
C LEU A 90 -6.80 -1.39 -6.88
N GLN A 91 -6.90 -0.23 -7.53
CA GLN A 91 -6.93 -0.08 -8.99
C GLN A 91 -5.54 -0.29 -9.64
N ASN A 92 -4.48 -0.46 -8.83
CA ASN A 92 -3.08 -0.60 -9.26
C ASN A 92 -2.57 0.59 -10.10
N ASP A 93 -3.11 1.79 -9.82
CA ASP A 93 -2.78 2.99 -10.59
C ASP A 93 -1.56 3.75 -10.04
N TYR A 94 -1.60 4.12 -8.76
CA TYR A 94 -0.60 4.99 -8.14
C TYR A 94 -0.33 4.64 -6.67
N VAL A 95 0.80 5.15 -6.20
CA VAL A 95 1.24 5.22 -4.80
C VAL A 95 1.49 6.68 -4.45
N VAL A 96 1.31 7.06 -3.19
CA VAL A 96 1.81 8.33 -2.65
C VAL A 96 2.52 8.12 -1.31
N LEU A 97 3.62 8.84 -1.15
CA LEU A 97 4.59 8.75 -0.06
C LEU A 97 4.58 10.09 0.67
N THR A 98 4.34 10.14 1.98
CA THR A 98 4.00 11.39 2.68
C THR A 98 4.67 11.51 4.06
N GLY A 99 5.19 12.69 4.36
CA GLY A 99 6.01 13.00 5.54
C GLY A 99 7.44 12.51 5.35
N ASN A 100 8.40 13.45 5.25
CA ASN A 100 9.82 13.18 4.98
C ASN A 100 10.03 12.23 3.77
N ALA A 101 9.31 12.47 2.68
CA ALA A 101 9.16 11.51 1.59
C ALA A 101 10.44 11.37 0.73
N TYR A 102 10.70 10.15 0.26
CA TYR A 102 11.79 9.74 -0.61
C TYR A 102 11.28 8.80 -1.70
N LEU A 103 11.71 9.06 -2.93
CA LEU A 103 11.55 8.20 -4.11
C LEU A 103 12.81 8.30 -4.97
N GLU A 104 13.11 7.27 -5.75
CA GLU A 104 14.28 7.21 -6.65
C GLU A 104 13.90 6.86 -8.09
N GLN A 105 14.68 7.36 -9.04
CA GLN A 105 14.54 7.24 -10.48
C GLN A 105 15.94 7.06 -11.10
N LEU A 106 16.04 6.65 -12.37
CA LEU A 106 17.31 6.53 -13.10
C LEU A 106 18.01 7.89 -13.33
N ASP A 107 17.28 9.00 -13.13
CA ASP A 107 17.78 10.37 -13.11
C ASP A 107 18.31 10.80 -11.73
N SER A 108 17.46 10.73 -10.69
CA SER A 108 17.73 11.33 -9.37
C SER A 108 16.83 10.75 -8.27
N ASN A 109 16.97 11.26 -7.03
CA ASN A 109 16.03 10.99 -5.93
C ASN A 109 15.25 12.25 -5.52
N ILE A 110 13.95 12.09 -5.31
CA ILE A 110 12.96 13.15 -5.08
C ILE A 110 12.70 13.31 -3.58
N LYS A 111 12.32 14.51 -3.13
CA LYS A 111 12.19 14.92 -1.72
C LYS A 111 11.07 15.94 -1.53
N GLY A 112 10.39 15.94 -0.38
CA GLY A 112 9.38 16.96 -0.03
C GLY A 112 8.37 16.50 1.02
N ASP A 113 7.28 17.25 1.19
CA ASP A 113 6.15 16.84 2.04
C ASP A 113 5.56 15.50 1.58
N LYS A 114 5.39 15.36 0.26
CA LYS A 114 4.79 14.19 -0.39
C LYS A 114 5.26 14.00 -1.82
N ILE A 115 5.32 12.74 -2.27
CA ILE A 115 5.75 12.34 -3.62
C ILE A 115 4.80 11.25 -4.12
N THR A 116 4.28 11.41 -5.34
CA THR A 116 3.44 10.41 -6.02
C THR A 116 4.30 9.53 -6.94
N TYR A 117 3.90 8.28 -7.13
CA TYR A 117 4.53 7.34 -8.06
C TYR A 117 3.48 6.52 -8.83
N LEU A 118 3.63 6.40 -10.15
CA LEU A 118 2.83 5.48 -10.96
C LEU A 118 3.48 4.09 -10.88
N VAL A 119 2.74 3.07 -10.44
CA VAL A 119 3.26 1.72 -10.12
C VAL A 119 3.57 0.84 -11.34
N LYS A 120 4.06 1.45 -12.41
CA LYS A 120 4.49 0.84 -13.68
C LYS A 120 6.03 0.95 -13.78
N GLU A 121 6.56 0.90 -15.00
CA GLU A 121 7.79 1.62 -15.37
C GLU A 121 7.81 3.05 -14.78
N GLN A 122 8.99 3.53 -14.43
CA GLN A 122 9.16 4.69 -13.56
C GLN A 122 8.52 5.99 -14.06
N LYS A 123 7.53 6.48 -13.30
CA LYS A 123 7.18 7.91 -13.28
C LYS A 123 6.78 8.39 -11.88
N MET A 124 7.54 9.37 -11.38
CA MET A 124 7.19 10.27 -10.28
C MET A 124 6.16 11.34 -10.71
N GLN A 125 5.33 11.82 -9.78
CA GLN A 125 4.60 13.08 -9.92
C GLN A 125 4.62 13.89 -8.62
N ALA A 126 4.96 15.18 -8.73
CA ALA A 126 4.89 16.15 -7.65
C ALA A 126 3.60 17.00 -7.74
N PHE A 127 3.18 17.54 -6.60
CA PHE A 127 2.06 18.48 -6.49
C PHE A 127 2.30 19.42 -5.29
N SER A 128 1.79 20.64 -5.35
CA SER A 128 2.11 21.72 -4.40
C SER A 128 1.32 21.64 -3.09
N ASP A 129 0.00 21.79 -3.15
CA ASP A 129 -0.89 21.94 -1.99
C ASP A 129 -0.83 20.75 -1.00
N LYS A 130 -1.15 21.03 0.26
CA LYS A 130 -1.14 20.10 1.41
C LYS A 130 -2.54 19.56 1.75
N GLY A 131 -3.52 19.78 0.86
CA GLY A 131 -4.88 19.22 0.90
C GLY A 131 -5.92 20.20 1.46
N ARG A 132 -6.20 21.33 0.77
CA ARG A 132 -7.19 22.32 1.22
C ARG A 132 -8.12 22.79 0.09
N ARG A 133 -9.41 22.90 0.39
CA ARG A 133 -10.26 23.82 -0.34
C ARG A 133 -10.07 25.26 0.14
NT1 EU0 B 1 -10.36 -5.97 -6.53
CT EU0 B 1 -9.21 -5.59 -6.95
NT2 EU0 B 1 -9.09 -4.35 -7.26
N EU0 B 1 -8.19 -6.39 -7.07
CA EU0 B 1 -8.13 -7.77 -6.50
CB EU0 B 1 -6.81 -8.47 -6.91
CG1 EU0 B 1 -6.68 -8.65 -8.44
CG2 EU0 B 1 -5.54 -7.77 -6.39
C EU0 B 1 -8.34 -7.82 -4.99
O EU0 B 1 -7.89 -6.93 -4.28
HT12 EU0 B 1 -10.50 -6.88 -6.09
HT22 EU0 B 1 -9.91 -3.74 -7.14
HT21 EU0 B 1 -8.17 -3.91 -7.47
H EU0 B 1 -7.30 -5.95 -7.30
HA EU0 B 1 -8.91 -8.35 -6.97
HB EU0 B 1 -6.84 -9.47 -6.47
HG11 EU0 B 1 -5.79 -9.25 -8.66
HG13 EU0 B 1 -6.59 -7.70 -8.94
HG12 EU0 B 1 -7.55 -9.19 -8.83
HG23 EU0 B 1 -5.43 -6.77 -6.82
HG22 EU0 B 1 -4.66 -8.37 -6.64
HG21 EU0 B 1 -5.57 -7.69 -5.30
HT11 EU0 B 1 -11.07 -5.23 -6.40
N HYP B 2 -9.08 -8.81 -4.44
CA HYP B 2 -9.25 -8.93 -2.99
C HYP B 2 -7.96 -8.99 -2.18
O HYP B 2 -6.96 -9.57 -2.59
CB HYP B 2 -10.07 -10.21 -2.80
CG HYP B 2 -11.03 -10.12 -3.99
CD HYP B 2 -10.05 -9.69 -5.09
OD1 HYP B 2 -12.01 -9.10 -3.78
HA HYP B 2 -9.84 -8.08 -2.65
HB2 HYP B 2 -9.44 -11.10 -2.91
HB3 HYP B 2 -10.59 -10.24 -1.84
HG HYP B 2 -11.49 -11.08 -4.21
HD22 HYP B 2 -9.54 -10.56 -5.49
HD23 HYP B 2 -10.59 -9.18 -5.88
HD1 HYP B 2 -12.15 -8.97 -2.82
N ILE B 3 -8.09 -8.55 -0.94
CA ILE B 3 -7.24 -8.94 0.17
C ILE B 3 -7.61 -10.39 0.55
N THR B 4 -6.64 -11.16 1.02
CA THR B 4 -6.85 -12.39 1.79
C THR B 4 -5.86 -12.39 2.95
N TYR B 5 -6.23 -11.65 3.99
CA TYR B 5 -5.42 -11.44 5.17
C TYR B 5 -5.62 -12.60 6.16
O LE1 B 6 -3.43 -12.26 9.60
C LE1 B 6 -4.32 -13.09 9.50
CA LE1 B 6 -4.70 -13.75 8.15
N LE1 B 6 -4.66 -12.77 7.05
CB LE1 B 6 -3.89 -15.01 7.76
C9 LE1 B 6 -3.85 -16.04 8.89
C8 LE1 B 6 -2.45 -14.64 7.42
SG LE1 B 6 -4.56 -15.79 6.23
HA LE1 B 6 -5.73 -14.07 8.27
H LE1 B 6 -3.81 -12.21 6.97
H9 LE1 B 6 -4.86 -16.25 9.24
H9A LE1 B 6 -3.28 -15.64 9.74
H9B LE1 B 6 -3.40 -16.95 8.53
H8 LE1 B 6 -1.84 -15.54 7.27
H8A LE1 B 6 -2.03 -14.05 8.23
H8B LE1 B 6 -2.40 -14.05 6.50
N ASN B 7 -5.06 -13.42 10.57
CA ASN B 7 -4.91 -12.84 11.90
C ASN B 7 -4.02 -13.76 12.76
N ARG B 8 -2.79 -13.33 13.09
CA ARG B 8 -1.84 -14.14 13.89
C ARG B 8 -2.32 -14.35 15.32
N DAB B 9 -3.21 -13.53 15.84
CA DAB B 9 -3.82 -13.73 17.16
C DAB B 9 -4.84 -14.90 17.24
O DAB B 9 -5.34 -15.18 18.32
CB DAB B 9 -4.44 -12.41 17.62
CG DAB B 9 -4.48 -12.34 19.15
ND DAB B 9 -5.07 -11.06 19.59
H DAB B 9 -3.52 -12.74 15.28
HA DAB B 9 -3.00 -13.98 17.84
HB2 DAB B 9 -3.86 -11.58 17.24
HB3 DAB B 9 -5.45 -12.33 17.22
HG2 DAB B 9 -5.06 -13.17 19.53
HG3 DAB B 9 -3.46 -12.43 19.53
HD1 DAB B 9 -4.50 -10.26 19.27
HD2 DAB B 9 -5.10 -10.99 20.60
HD3 DAB B 9 -5.99 -10.93 19.21
N THR B 10 -5.19 -15.53 16.10
CA THR B 10 -5.99 -16.78 16.05
C THR B 10 -5.48 -17.80 15.04
N 4FO B 11 -4.60 -17.38 14.13
CA 4FO B 11 -4.07 -18.12 12.99
C 4FO B 11 -5.01 -18.06 11.73
O 4FO B 11 -4.62 -18.59 10.69
CB 4FO B 11 -2.66 -17.55 12.71
CG 4FO B 11 -1.75 -18.37 11.81
NZ 4FO B 11 -1.83 -17.93 10.41
H 4FO B 11 -4.34 -16.40 14.17
HA 4FO B 11 -3.98 -19.17 13.27
HB2 4FO B 11 -2.15 -17.46 13.67
HB3 4FO B 11 -2.77 -16.56 12.29
HG3 4FO B 11 -0.71 -18.24 12.16
HG2 4FO B 11 -2.00 -19.43 11.89
HZ3 4FO B 11 -1.20 -18.45 9.81
HZ2 4FO B 11 -1.50 -16.94 10.32
HZ1 4FO B 11 -2.78 -18.01 10.07
N LYS B 12 -6.20 -17.44 11.83
CA LYS B 12 -7.34 -17.61 10.89
C LYS B 12 -7.51 -16.43 9.93
N CYS B 13 -8.15 -16.67 8.79
CA CYS B 13 -8.08 -15.79 7.62
C CYS B 13 -9.42 -15.14 7.22
N DAB B 14 -9.35 -14.09 6.41
CA DAB B 14 -10.51 -13.48 5.75
C DAB B 14 -10.20 -12.96 4.34
O DAB B 14 -9.20 -12.26 4.14
CB DAB B 14 -11.06 -12.33 6.61
CG DAB B 14 -11.48 -12.78 8.00
ND DAB B 14 -12.03 -11.63 8.75
H DAB B 14 -8.43 -13.74 6.16
HA DAB B 14 -11.30 -14.25 5.65
HB2 DAB B 14 -10.26 -11.59 6.68
HB3 DAB B 14 -11.91 -11.89 6.09
HG2 DAB B 14 -12.22 -13.58 7.91
HG3 DAB B 14 -10.60 -13.19 8.51
HD1 DAB B 14 -12.82 -11.23 8.28
HD2 DAB B 14 -11.31 -10.91 8.87
HD3 DAB B 14 -12.31 -11.93 9.68
N ARG B 15 -11.11 -13.19 3.39
CA ARG B 15 -11.22 -12.45 2.12
C ARG B 15 -11.78 -11.04 2.35
N TYR B 16 -11.40 -10.11 1.48
CA TYR B 16 -11.97 -8.76 1.33
C TYR B 16 -11.63 -8.25 -0.09
N GLY A 1 -11.85 -23.47 -10.65
CA GLY A 1 -11.05 -24.40 -9.83
C GLY A 1 -9.97 -23.64 -9.08
N LYS A 2 -8.70 -23.89 -9.39
CA LYS A 2 -7.61 -22.90 -9.23
C LYS A 2 -7.16 -22.55 -10.65
N THR A 3 -7.36 -21.29 -11.01
CA THR A 3 -7.59 -20.80 -12.37
C THR A 3 -7.42 -19.29 -12.38
N GLY A 4 -6.34 -18.77 -12.99
CA GLY A 4 -5.98 -17.34 -12.93
C GLY A 4 -5.27 -16.89 -11.64
N ASP A 5 -4.91 -17.82 -10.76
CA ASP A 5 -4.28 -17.62 -9.45
C ASP A 5 -2.98 -16.80 -9.41
N THR A 6 -2.41 -16.39 -10.55
CA THR A 6 -1.38 -15.33 -10.60
C THR A 6 -1.88 -14.01 -9.99
N ASP A 7 -3.19 -13.76 -9.98
CA ASP A 7 -3.82 -12.63 -9.28
C ASP A 7 -4.01 -12.88 -7.76
N GLN A 8 -3.21 -13.78 -7.17
CA GLN A 8 -3.23 -14.14 -5.76
C GLN A 8 -3.31 -12.92 -4.81
N PRO A 9 -4.14 -12.98 -3.76
CA PRO A 9 -4.54 -11.79 -3.00
C PRO A 9 -3.46 -11.27 -2.05
N ILE A 10 -3.64 -10.03 -1.62
CA ILE A 10 -3.06 -9.50 -0.38
C ILE A 10 -3.72 -10.21 0.80
N HIS A 11 -3.01 -11.17 1.41
CA HIS A 11 -3.18 -11.53 2.81
C HIS A 11 -2.70 -10.35 3.67
N ILE A 12 -3.35 -10.14 4.82
CA ILE A 12 -2.86 -9.24 5.87
C ILE A 12 -2.89 -9.96 7.22
N GLU A 13 -1.70 -10.31 7.74
CA GLU A 13 -1.50 -10.95 9.05
C GLU A 13 -0.38 -10.24 9.83
N SER A 14 -0.60 -10.11 11.14
CA SER A 14 0.13 -9.20 12.04
C SER A 14 -0.20 -9.49 13.51
N ASP A 15 0.65 -9.03 14.44
CA ASP A 15 0.49 -9.23 15.89
C ASP A 15 -0.85 -8.71 16.44
N GLN A 16 -1.29 -7.56 15.91
CA GLN A 16 -2.60 -6.97 16.20
C GLN A 16 -3.34 -6.60 14.90
N GLN A 17 -4.67 -6.67 14.95
CA GLN A 17 -5.58 -6.44 13.84
C GLN A 17 -7.02 -6.22 14.36
N SER A 18 -7.81 -5.42 13.65
CA SER A 18 -9.22 -5.11 13.95
C SER A 18 -10.05 -4.90 12.68
N LEU A 19 -11.37 -5.10 12.80
CA LEU A 19 -12.36 -4.97 11.72
C LEU A 19 -13.61 -4.28 12.30
N ASP A 20 -13.88 -3.04 11.86
CA ASP A 20 -15.02 -2.26 12.33
C ASP A 20 -16.35 -2.62 11.63
N MET A 21 -17.44 -2.49 12.37
CA MET A 21 -18.82 -2.77 11.95
C MET A 21 -19.59 -1.55 11.44
N GLN A 22 -19.24 -0.32 11.85
CA GLN A 22 -20.13 0.85 11.70
C GLN A 22 -19.72 1.85 10.60
N GLY A 23 -18.43 2.10 10.40
CA GLY A 23 -17.86 2.78 9.23
C GLY A 23 -17.08 1.84 8.29
N ASN A 24 -16.87 0.60 8.72
CA ASN A 24 -16.15 -0.48 8.04
C ASN A 24 -14.74 -0.07 7.60
N VAL A 25 -13.88 0.14 8.59
CA VAL A 25 -12.42 0.25 8.45
C VAL A 25 -11.75 -1.01 9.01
N VAL A 26 -10.69 -1.50 8.35
CA VAL A 26 -9.91 -2.67 8.78
C VAL A 26 -8.47 -2.24 9.04
N THR A 27 -7.91 -2.60 10.19
CA THR A 27 -6.61 -2.11 10.67
C THR A 27 -5.70 -3.25 11.11
N PHE A 28 -4.39 -3.08 10.93
CA PHE A 28 -3.37 -4.09 11.16
C PHE A 28 -2.11 -3.43 11.72
N THR A 29 -1.49 -4.04 12.72
CA THR A 29 -0.37 -3.45 13.48
C THR A 29 0.63 -4.52 13.95
N GLY A 30 1.92 -4.16 13.98
CA GLY A 30 3.03 -5.06 14.28
C GLY A 30 3.77 -5.50 13.01
N ASN A 31 4.22 -6.75 12.93
CA ASN A 31 4.81 -7.32 11.73
C ASN A 31 3.72 -7.56 10.67
N VAL A 32 3.41 -6.57 9.83
CA VAL A 32 2.32 -6.68 8.83
C VAL A 32 2.79 -7.31 7.51
N VAL A 33 2.21 -8.46 7.18
CA VAL A 33 2.29 -9.09 5.85
C VAL A 33 1.42 -8.33 4.85
N VAL A 34 1.93 -8.06 3.63
CA VAL A 34 1.16 -7.52 2.51
C VAL A 34 1.60 -8.19 1.20
N THR A 35 0.92 -9.24 0.76
CA THR A 35 1.28 -10.03 -0.44
C THR A 35 0.80 -9.41 -1.75
N GLN A 36 1.25 -8.19 -2.07
CA GLN A 36 0.98 -7.51 -3.35
C GLN A 36 1.89 -8.01 -4.50
N GLY A 37 2.25 -9.31 -4.52
CA GLY A 37 3.04 -9.94 -5.58
C GLY A 37 4.48 -9.41 -5.70
N THR A 38 4.85 -8.91 -6.89
CA THR A 38 6.21 -8.41 -7.20
C THR A 38 6.50 -7.07 -6.52
N ILE A 39 5.52 -6.18 -6.47
CA ILE A 39 5.44 -4.96 -5.63
C ILE A 39 5.61 -5.31 -4.15
N LYS A 40 6.08 -4.38 -3.30
CA LYS A 40 6.07 -4.56 -1.83
C LYS A 40 5.87 -3.26 -1.06
N ILE A 41 5.42 -3.42 0.18
CA ILE A 41 5.29 -2.38 1.21
C ILE A 41 5.94 -2.93 2.49
N ASN A 42 6.58 -2.06 3.28
CA ASN A 42 7.18 -2.42 4.57
C ASN A 42 6.91 -1.32 5.60
N ALA A 43 5.97 -1.58 6.50
CA ALA A 43 5.44 -0.66 7.51
C ALA A 43 4.78 -1.48 8.64
N ASP A 44 4.76 -0.97 9.87
CA ASP A 44 4.21 -1.68 11.04
C ASP A 44 2.78 -1.25 11.46
N LYS A 45 2.14 -0.36 10.67
CA LYS A 45 0.72 -0.03 10.73
C LYS A 45 0.14 -0.05 9.31
N VAL A 46 -1.00 -0.69 9.09
CA VAL A 46 -1.68 -0.81 7.79
C VAL A 46 -3.19 -0.67 7.96
N VAL A 47 -3.86 -0.02 7.01
CA VAL A 47 -5.32 0.22 7.03
C VAL A 47 -5.93 0.02 5.64
N VAL A 48 -7.15 -0.52 5.57
CA VAL A 48 -7.96 -0.66 4.33
C VAL A 48 -9.44 -0.38 4.64
N THR A 49 -10.17 0.25 3.71
CA THR A 49 -11.60 0.58 3.88
C THR A 49 -12.29 0.85 2.54
N ARG A 50 -13.61 0.61 2.49
CA ARG A 50 -14.39 0.50 1.24
C ARG A 50 -15.38 1.65 0.93
N PRO A 51 -15.19 2.94 1.31
CA PRO A 51 -16.05 4.02 0.81
C PRO A 51 -15.89 4.25 -0.71
N GLY A 52 -14.82 3.73 -1.31
CA GLY A 52 -14.73 3.49 -2.76
C GLY A 52 -15.62 2.32 -3.21
N ASN A 53 -16.93 2.40 -2.94
CA ASN A 53 -17.89 1.29 -3.01
C ASN A 53 -18.26 0.92 -4.47
N GLU A 54 -17.26 0.43 -5.21
CA GLU A 54 -17.34 0.03 -6.62
C GLU A 54 -16.82 -1.40 -6.84
N LYS A 55 -17.09 -1.97 -8.01
CA LYS A 55 -16.68 -3.31 -8.45
C LYS A 55 -15.17 -3.58 -8.25
N GLY A 56 -14.84 -4.36 -7.23
CA GLY A 56 -13.47 -4.75 -6.86
C GLY A 56 -12.53 -3.64 -6.33
N LYS A 57 -12.93 -2.36 -6.31
CA LYS A 57 -12.02 -1.24 -6.03
C LYS A 57 -11.76 -1.08 -4.53
N GLU A 58 -10.49 -0.95 -4.13
CA GLU A 58 -10.05 -0.80 -2.73
C GLU A 58 -8.99 0.30 -2.59
N VAL A 59 -8.77 0.76 -1.35
CA VAL A 59 -7.70 1.73 -1.01
C VAL A 59 -7.00 1.34 0.30
N ILE A 60 -5.66 1.30 0.28
CA ILE A 60 -4.82 0.77 1.35
C ILE A 60 -3.80 1.82 1.78
N GLU A 61 -3.58 1.95 3.09
CA GLU A 61 -2.47 2.71 3.68
C GLU A 61 -1.45 1.78 4.34
N GLY A 62 -0.18 2.14 4.26
CA GLY A 62 0.92 1.52 5.02
C GLY A 62 1.79 2.62 5.63
N PHE A 63 1.89 2.66 6.96
CA PHE A 63 2.55 3.74 7.69
C PHE A 63 3.27 3.21 8.93
N GLY A 64 4.28 3.94 9.36
CA GLY A 64 5.20 3.45 10.37
C GLY A 64 6.02 4.53 11.05
N ASN A 65 6.41 5.56 10.30
CA ASN A 65 7.35 6.59 10.75
C ASN A 65 8.69 6.00 11.23
N PRO A 66 9.41 5.22 10.38
CA PRO A 66 9.31 5.19 8.91
C PRO A 66 8.44 4.04 8.33
N ALA A 67 8.11 4.17 7.04
CA ALA A 67 7.49 3.17 6.17
C ALA A 67 8.17 3.20 4.78
N THR A 68 8.15 2.09 4.05
CA THR A 68 8.87 1.91 2.77
C THR A 68 8.07 1.14 1.72
N PHE A 69 8.49 1.26 0.46
CA PHE A 69 7.79 0.80 -0.74
C PHE A 69 8.80 0.29 -1.79
N TYR A 70 8.40 -0.71 -2.59
CA TYR A 70 9.22 -1.31 -3.64
C TYR A 70 8.45 -1.58 -4.94
N GLN A 71 9.14 -1.41 -6.07
CA GLN A 71 8.68 -1.70 -7.42
C GLN A 71 9.73 -2.49 -8.20
N MET A 72 9.40 -3.74 -8.51
CA MET A 72 9.94 -4.45 -9.67
C MET A 72 9.30 -3.87 -10.94
N GLN A 73 10.05 -3.77 -12.03
CA GLN A 73 9.56 -3.32 -13.34
C GLN A 73 10.26 -4.10 -14.45
N ASP A 74 9.51 -4.82 -15.28
CA ASP A 74 10.00 -5.85 -16.22
C ASP A 74 10.89 -5.29 -17.33
N ASN A 75 10.73 -4.02 -17.70
CA ASN A 75 11.63 -3.29 -18.61
C ASN A 75 12.95 -2.84 -17.94
N GLY A 76 13.24 -3.31 -16.73
CA GLY A 76 14.43 -2.96 -15.95
C GLY A 76 14.47 -1.49 -15.49
N LYS A 77 13.33 -0.95 -15.02
CA LYS A 77 13.22 0.44 -14.49
C LYS A 77 12.65 0.52 -13.06
N PRO A 78 13.15 -0.31 -12.10
CA PRO A 78 12.59 -0.40 -10.75
C PRO A 78 12.69 0.91 -9.96
N VAL A 79 11.87 1.02 -8.91
CA VAL A 79 11.91 2.12 -7.95
C VAL A 79 11.76 1.64 -6.50
N LYS A 80 12.17 2.47 -5.53
CA LYS A 80 11.77 2.34 -4.13
C LYS A 80 11.23 3.66 -3.57
N GLY A 81 10.43 3.56 -2.52
CA GLY A 81 9.85 4.70 -1.80
C GLY A 81 10.01 4.57 -0.29
N ARG A 82 9.90 5.70 0.40
CA ARG A 82 10.17 5.88 1.83
C ARG A 82 9.37 7.07 2.35
N ALA A 83 8.75 6.97 3.53
CA ALA A 83 7.90 8.01 4.10
C ALA A 83 7.63 7.78 5.60
N SER A 84 6.80 8.60 6.21
CA SER A 84 6.05 8.26 7.42
C SER A 84 4.82 7.40 7.08
N LYS A 85 4.10 7.79 6.02
CA LYS A 85 2.92 7.11 5.47
C LYS A 85 2.99 6.97 3.94
N MET A 86 2.51 5.83 3.47
CA MET A 86 2.17 5.50 2.08
C MET A 86 0.66 5.24 1.96
N ARG A 87 0.06 5.54 0.80
CA ARG A 87 -1.26 5.07 0.35
C ARG A 87 -1.19 4.53 -1.09
N TYR A 88 -1.99 3.50 -1.39
CA TYR A 88 -2.12 2.80 -2.68
C TYR A 88 -3.60 2.50 -2.99
N GLU A 89 -3.96 2.29 -4.25
CA GLU A 89 -5.33 2.03 -4.71
C GLU A 89 -5.39 0.84 -5.70
N LEU A 90 -6.55 0.17 -5.79
CA LEU A 90 -6.72 -1.11 -6.50
C LEU A 90 -7.44 -1.03 -7.85
N GLN A 91 -7.46 0.15 -8.49
CA GLN A 91 -7.41 0.20 -9.96
C GLN A 91 -5.99 -0.14 -10.46
N ASN A 92 -5.01 -0.09 -9.55
CA ASN A 92 -3.58 -0.31 -9.73
C ASN A 92 -2.95 0.82 -10.56
N ASP A 93 -3.24 2.07 -10.22
CA ASP A 93 -2.75 3.26 -10.92
C ASP A 93 -1.71 4.08 -10.14
N TYR A 94 -1.95 4.47 -8.88
CA TYR A 94 -1.05 5.37 -8.14
C TYR A 94 -0.77 5.01 -6.68
N VAL A 95 0.35 5.56 -6.21
CA VAL A 95 0.81 5.60 -4.82
C VAL A 95 1.05 7.06 -4.44
N VAL A 96 0.80 7.41 -3.18
CA VAL A 96 1.27 8.66 -2.58
C VAL A 96 2.04 8.38 -1.29
N LEU A 97 3.13 9.11 -1.10
CA LEU A 97 4.05 9.09 0.04
C LEU A 97 3.90 10.42 0.79
N THR A 98 3.90 10.43 2.12
CA THR A 98 3.70 11.65 2.94
C THR A 98 4.40 11.55 4.31
N GLY A 99 4.93 12.70 4.77
CA GLY A 99 5.77 12.86 5.95
C GLY A 99 7.20 12.41 5.66
N ASN A 100 8.12 13.34 5.41
CA ASN A 100 9.49 13.09 4.94
C ASN A 100 9.57 12.10 3.76
N ALA A 101 8.60 12.23 2.85
CA ALA A 101 8.46 11.43 1.65
C ALA A 101 9.73 11.45 0.78
N TYR A 102 10.11 10.29 0.27
CA TYR A 102 11.29 10.11 -0.56
C TYR A 102 10.98 9.03 -1.61
N LEU A 103 11.19 9.35 -2.88
CA LEU A 103 10.96 8.47 -4.03
C LEU A 103 12.29 8.28 -4.78
N GLU A 104 12.60 7.07 -5.25
CA GLU A 104 13.88 6.77 -5.88
C GLU A 104 13.75 5.83 -7.09
N GLN A 105 14.11 6.34 -8.27
CA GLN A 105 14.36 5.60 -9.49
C GLN A 105 15.84 5.70 -9.87
N LEU A 106 16.35 4.82 -10.76
CA LEU A 106 17.66 4.98 -11.41
C LEU A 106 17.80 6.32 -12.17
N ASP A 107 16.66 6.94 -12.49
CA ASP A 107 16.46 8.23 -13.15
C ASP A 107 16.58 9.44 -12.20
N SER A 108 16.23 9.30 -10.91
CA SER A 108 16.36 10.35 -9.88
C SER A 108 16.03 9.83 -8.48
N ASN A 109 16.68 10.41 -7.47
CA ASN A 109 16.44 10.19 -6.04
C ASN A 109 15.90 11.50 -5.42
N ILE A 110 14.63 11.54 -5.04
CA ILE A 110 13.91 12.78 -4.69
C ILE A 110 13.45 12.76 -3.23
N LYS A 111 13.95 13.71 -2.42
CA LYS A 111 13.41 14.09 -1.10
C LYS A 111 12.29 15.13 -1.28
N GLY A 112 11.21 14.98 -0.52
CA GLY A 112 10.16 15.97 -0.30
C GLY A 112 9.42 15.70 1.02
N ASP A 113 8.22 16.23 1.19
CA ASP A 113 7.35 15.90 2.33
C ASP A 113 5.97 15.35 1.95
N LYS A 114 5.58 15.46 0.67
CA LYS A 114 4.69 14.50 0.00
C LYS A 114 5.07 14.34 -1.49
N ILE A 115 4.99 13.11 -2.02
CA ILE A 115 5.36 12.76 -3.40
C ILE A 115 4.40 11.67 -3.91
N THR A 116 4.01 11.75 -5.18
CA THR A 116 3.18 10.79 -5.92
C THR A 116 4.05 9.92 -6.83
N TYR A 117 3.73 8.63 -6.92
CA TYR A 117 4.30 7.69 -7.89
C TYR A 117 3.16 6.97 -8.62
N LEU A 118 3.23 6.88 -9.95
CA LEU A 118 2.19 6.24 -10.76
C LEU A 118 2.67 4.85 -11.21
N VAL A 119 2.11 3.80 -10.61
CA VAL A 119 2.57 2.41 -10.75
C VAL A 119 2.39 1.87 -12.17
N LYS A 120 1.36 2.36 -12.88
CA LYS A 120 1.04 2.03 -14.27
C LYS A 120 1.68 3.00 -15.29
N GLU A 121 2.54 3.89 -14.83
CA GLU A 121 3.29 4.89 -15.62
C GLU A 121 4.82 4.80 -15.42
N GLN A 122 5.28 4.14 -14.35
CA GLN A 122 6.65 4.11 -13.85
C GLN A 122 7.21 5.49 -13.43
N LYS A 123 6.38 6.53 -13.28
CA LYS A 123 6.84 7.92 -13.09
C LYS A 123 6.25 8.63 -11.87
N MET A 124 6.69 9.88 -11.70
CA MET A 124 6.96 10.53 -10.41
C MET A 124 6.51 12.00 -10.47
N GLN A 125 5.76 12.47 -9.46
CA GLN A 125 5.19 13.82 -9.42
C GLN A 125 5.04 14.33 -7.97
N ALA A 126 4.88 15.64 -7.75
CA ALA A 126 4.49 16.22 -6.46
C ALA A 126 3.16 16.99 -6.58
N PHE A 127 2.37 17.03 -5.50
CA PHE A 127 1.08 17.75 -5.47
C PHE A 127 0.77 18.32 -4.08
N SER A 128 0.00 19.41 -4.03
CA SER A 128 -0.14 20.29 -2.84
C SER A 128 -1.55 20.28 -2.24
N ASP A 129 -2.33 19.23 -2.48
CA ASP A 129 -3.51 18.93 -1.66
C ASP A 129 -3.11 18.71 -0.20
N LYS A 130 -4.08 18.85 0.70
CA LYS A 130 -3.86 18.79 2.16
C LYS A 130 -4.87 17.84 2.84
N GLY A 131 -5.50 16.98 2.03
CA GLY A 131 -6.75 16.28 2.36
C GLY A 131 -7.95 17.23 2.46
N ARG A 132 -9.16 16.69 2.23
CA ARG A 132 -10.45 17.26 2.68
C ARG A 132 -11.55 16.19 2.61
N ARG A 133 -12.73 16.53 3.11
CA ARG A 133 -13.96 15.78 2.82
C ARG A 133 -14.99 16.60 2.04
NT1 EU0 B 1 -5.48 -7.68 -9.47
CT EU0 B 1 -4.74 -6.97 -8.72
NT2 EU0 B 1 -4.04 -6.07 -9.31
N EU0 B 1 -4.70 -7.08 -7.43
CA EU0 B 1 -5.09 -8.30 -6.69
CB EU0 B 1 -3.86 -9.06 -6.13
CG1 EU0 B 1 -2.78 -9.32 -7.21
CG2 EU0 B 1 -3.21 -8.38 -4.92
C EU0 B 1 -6.16 -8.05 -5.61
O EU0 B 1 -6.24 -6.94 -5.07
HT12 EU0 B 1 -6.03 -8.45 -9.05
HT22 EU0 B 1 -4.23 -5.93 -10.30
HT21 EU0 B 1 -3.63 -5.30 -8.76
H EU0 B 1 -4.26 -6.31 -6.89
HA EU0 B 1 -5.54 -9.00 -7.38
HB EU0 B 1 -4.24 -10.03 -5.81
HG11 EU0 B 1 -2.32 -8.40 -7.52
HG13 EU0 B 1 -3.24 -9.80 -8.07
HG12 EU0 B 1 -2.02 -9.99 -6.80
HG23 EU0 B 1 -2.88 -7.37 -5.18
HG22 EU0 B 1 -2.36 -8.96 -4.58
HG21 EU0 B 1 -3.93 -8.30 -4.11
HT11 EU0 B 1 -5.04 -8.05 -10.34
N HYP B 2 -6.98 -9.04 -5.22
CA HYP B 2 -7.95 -8.89 -4.14
C HYP B 2 -7.27 -8.67 -2.78
O HYP B 2 -6.12 -9.03 -2.59
CB HYP B 2 -8.82 -10.16 -4.14
CG HYP B 2 -8.55 -10.81 -5.50
CD HYP B 2 -7.11 -10.37 -5.81
OD1 HYP B 2 -9.44 -10.30 -6.47
HA HYP B 2 -8.58 -8.02 -4.36
HB2 HYP B 2 -8.50 -10.84 -3.35
HB3 HYP B 2 -9.87 -9.91 -4.02
HG HYP B 2 -8.62 -11.90 -5.45
HD22 HYP B 2 -6.41 -11.06 -5.34
HD23 HYP B 2 -6.96 -10.37 -6.89
HD1 HYP B 2 -9.07 -10.50 -7.35
N ILE B 3 -8.05 -8.21 -1.80
CA ILE B 3 -7.67 -8.19 -0.38
C ILE B 3 -8.39 -9.34 0.33
N THR B 4 -7.68 -10.03 1.22
CA THR B 4 -8.25 -10.97 2.20
C THR B 4 -7.66 -10.73 3.59
N TYR B 5 -8.52 -10.72 4.60
CA TYR B 5 -8.13 -10.48 5.99
C TYR B 5 -8.74 -11.53 6.93
O LE1 B 6 -6.53 -12.75 10.17
C LE1 B 6 -7.45 -13.44 9.73
CA LE1 B 6 -7.81 -13.38 8.23
N LE1 B 6 -7.89 -11.97 7.84
CB LE1 B 6 -6.80 -14.12 7.28
C9 LE1 B 6 -6.44 -15.52 7.77
C8 LE1 B 6 -5.49 -13.34 7.17
SG LE1 B 6 -7.43 -14.15 5.55
HA LE1 B 6 -8.79 -13.85 8.11
H LE1 B 6 -7.03 -11.45 7.98
H9 LE1 B 6 -7.34 -16.10 7.91
H9A LE1 B 6 -5.91 -15.46 8.72
H9B LE1 B 6 -5.79 -16.02 7.05
H8 LE1 B 6 -5.62 -12.41 6.61
H8A LE1 B 6 -4.75 -13.93 6.64
H8B LE1 B 6 -5.13 -13.09 8.16
N ASN B 7 -8.25 -14.11 10.57
CA ASN B 7 -8.25 -13.80 12.00
C ASN B 7 -7.19 -14.57 12.82
N ARG B 8 -6.54 -13.87 13.76
CA ARG B 8 -5.56 -14.42 14.72
C ARG B 8 -6.07 -15.60 15.54
N DAB B 9 -7.37 -15.71 15.79
CA DAB B 9 -7.96 -16.80 16.57
C DAB B 9 -8.52 -17.97 15.71
O DAB B 9 -9.14 -18.87 16.26
CB DAB B 9 -9.00 -16.19 17.52
CG DAB B 9 -9.44 -17.17 18.61
ND DAB B 9 -10.42 -16.52 19.51
H DAB B 9 -8.00 -15.02 15.40
HA DAB B 9 -7.17 -17.24 17.18
HB2 DAB B 9 -8.56 -15.31 17.98
HB3 DAB B 9 -9.87 -15.89 16.94
HG2 DAB B 9 -9.90 -18.05 18.15
HG3 DAB B 9 -8.55 -17.50 19.17
HD1 DAB B 9 -10.01 -15.71 19.96
HD2 DAB B 9 -10.71 -17.17 20.24
HD3 DAB B 9 -11.23 -16.24 18.99
N THR B 10 -8.37 -17.94 14.37
CA THR B 10 -8.88 -18.99 13.47
C THR B 10 -7.91 -19.37 12.35
N 4FO B 11 -6.96 -18.50 12.00
CA 4FO B 11 -6.12 -18.67 10.81
C 4FO B 11 -6.90 -18.46 9.48
O 4FO B 11 -6.32 -18.66 8.40
CB 4FO B 11 -4.88 -17.76 10.97
CG 4FO B 11 -3.69 -18.18 10.10
NZ 4FO B 11 -3.76 -17.63 8.73
H 4FO B 11 -6.92 -17.60 12.46
HA 4FO B 11 -5.77 -19.70 10.81
HB2 4FO B 11 -4.55 -17.82 12.00
HB3 4FO B 11 -5.15 -16.72 10.78
HG3 4FO B 11 -2.77 -17.80 10.57
HG2 4FO B 11 -3.64 -19.27 10.07
HZ3 4FO B 11 -2.97 -17.87 8.17
HZ2 4FO B 11 -3.64 -16.60 8.79
HZ1 4FO B 11 -4.64 -17.85 8.27
N LYS B 12 -8.20 -18.13 9.54
CA LYS B 12 -9.18 -18.25 8.45
C LYS B 12 -9.91 -16.92 8.15
N CYS B 13 -10.50 -16.83 6.96
CA CYS B 13 -10.52 -15.59 6.19
C CYS B 13 -11.88 -14.92 5.96
N DAB B 14 -11.86 -13.61 5.73
CA DAB B 14 -12.93 -12.76 5.23
C DAB B 14 -12.40 -11.74 4.18
O DAB B 14 -11.19 -11.60 4.00
CB DAB B 14 -13.59 -12.05 6.43
CG DAB B 14 -13.89 -12.90 7.65
ND DAB B 14 -14.81 -14.04 7.34
H DAB B 14 -10.94 -13.15 5.77
HA DAB B 14 -13.67 -13.38 4.72
HB2 DAB B 14 -12.90 -11.26 6.74
HB3 DAB B 14 -14.51 -11.56 6.09
HG2 DAB B 14 -12.94 -13.30 8.04
HG3 DAB B 14 -14.33 -12.27 8.42
HD1 DAB B 14 -15.68 -13.72 6.96
HD2 DAB B 14 -14.99 -14.58 8.18
HD3 DAB B 14 -14.33 -14.67 6.69
N ARG B 15 -13.29 -11.01 3.50
CA ARG B 15 -12.98 -10.00 2.48
C ARG B 15 -13.97 -8.81 2.60
N TYR B 16 -13.87 -7.87 1.66
CA TYR B 16 -15.03 -7.22 1.04
C TYR B 16 -15.34 -7.96 -0.27
N GLY A 1 11.06 -8.70 -15.29
CA GLY A 1 10.56 -9.04 -13.96
C GLY A 1 9.61 -10.19 -14.11
N LYS A 2 8.39 -10.05 -13.61
CA LYS A 2 7.24 -10.82 -14.10
C LYS A 2 5.93 -10.05 -13.87
N THR A 3 4.93 -10.32 -14.71
CA THR A 3 3.53 -10.27 -14.29
C THR A 3 3.15 -11.59 -13.59
N GLY A 4 2.06 -11.57 -12.82
CA GLY A 4 1.71 -12.67 -11.91
C GLY A 4 1.20 -12.11 -10.59
N ASP A 5 0.23 -11.20 -10.69
CA ASP A 5 -0.38 -10.47 -9.58
C ASP A 5 -1.69 -11.17 -9.14
N THR A 6 -2.51 -11.56 -10.12
CA THR A 6 -3.59 -12.57 -10.01
C THR A 6 -3.19 -13.81 -9.23
N ASP A 7 -1.95 -14.25 -9.43
CA ASP A 7 -1.35 -15.50 -8.97
C ASP A 7 -0.72 -15.38 -7.57
N GLN A 8 -0.51 -14.14 -7.11
CA GLN A 8 -0.06 -13.78 -5.77
C GLN A 8 -0.91 -12.60 -5.25
N PRO A 9 -2.22 -12.82 -4.98
CA PRO A 9 -3.15 -11.75 -4.59
C PRO A 9 -2.83 -11.14 -3.21
N ILE A 10 -3.51 -10.05 -2.84
CA ILE A 10 -3.23 -9.32 -1.58
C ILE A 10 -3.61 -10.18 -0.37
N HIS A 11 -2.59 -10.81 0.19
CA HIS A 11 -2.62 -11.49 1.48
C HIS A 11 -2.04 -10.58 2.56
N ILE A 12 -2.66 -10.58 3.75
CA ILE A 12 -2.22 -9.82 4.92
C ILE A 12 -2.24 -10.72 6.17
N GLU A 13 -1.15 -10.64 6.93
CA GLU A 13 -0.89 -11.34 8.19
C GLU A 13 -0.61 -10.36 9.32
N SER A 14 -1.01 -10.69 10.56
CA SER A 14 -1.09 -9.70 11.64
C SER A 14 -1.26 -10.27 13.05
N ASP A 15 -0.58 -9.66 14.02
CA ASP A 15 -0.70 -9.91 15.47
C ASP A 15 -1.99 -9.32 16.08
N GLN A 16 -2.19 -8.02 15.87
CA GLN A 16 -3.33 -7.24 16.36
C GLN A 16 -4.09 -6.64 15.16
N GLN A 17 -5.41 -6.70 15.25
CA GLN A 17 -6.28 -6.80 14.06
C GLN A 17 -7.76 -6.52 14.40
N SER A 18 -8.46 -5.81 13.52
CA SER A 18 -9.93 -5.68 13.52
C SER A 18 -10.47 -5.40 12.10
N LEU A 19 -11.73 -5.78 11.86
CA LEU A 19 -12.43 -5.74 10.57
C LEU A 19 -13.91 -5.48 10.84
N ASP A 20 -14.40 -4.27 10.53
CA ASP A 20 -15.84 -3.98 10.54
C ASP A 20 -16.41 -3.98 9.11
N MET A 21 -17.43 -4.81 8.90
CA MET A 21 -18.17 -4.94 7.64
C MET A 21 -19.37 -3.98 7.55
N GLN A 22 -19.74 -3.30 8.65
CA GLN A 22 -20.79 -2.28 8.68
C GLN A 22 -20.20 -0.89 8.43
N GLY A 23 -19.26 -0.44 9.28
CA GLY A 23 -18.47 0.78 9.08
C GLY A 23 -17.45 0.71 7.94
N ASN A 24 -17.17 -0.48 7.40
CA ASN A 24 -16.29 -0.71 6.24
C ASN A 24 -14.87 -0.13 6.41
N VAL A 25 -14.25 -0.47 7.54
CA VAL A 25 -12.84 -0.21 7.85
C VAL A 25 -12.17 -1.47 8.42
N VAL A 26 -10.91 -1.68 8.05
CA VAL A 26 -10.04 -2.76 8.52
C VAL A 26 -8.76 -2.14 9.09
N THR A 27 -8.21 -2.75 10.15
CA THR A 27 -7.07 -2.21 10.90
C THR A 27 -6.15 -3.34 11.37
N PHE A 28 -4.85 -3.08 11.39
CA PHE A 28 -3.80 -3.98 11.85
C PHE A 28 -2.72 -3.19 12.63
N THR A 29 -2.11 -3.82 13.63
CA THR A 29 -1.05 -3.25 14.48
C THR A 29 -0.04 -4.32 14.94
N GLY A 30 1.16 -3.88 15.37
CA GLY A 30 2.19 -4.77 15.91
C GLY A 30 2.94 -5.55 14.83
N ASN A 31 3.03 -6.87 14.96
CA ASN A 31 3.75 -7.69 13.98
C ASN A 31 2.84 -7.92 12.76
N VAL A 32 3.05 -7.22 11.64
CA VAL A 32 2.17 -7.19 10.46
C VAL A 32 2.95 -7.39 9.16
N VAL A 33 2.35 -8.09 8.19
CA VAL A 33 2.91 -8.43 6.88
C VAL A 33 1.87 -8.17 5.78
N VAL A 34 2.31 -7.60 4.65
CA VAL A 34 1.48 -7.30 3.47
C VAL A 34 2.20 -7.80 2.20
N THR A 35 1.49 -8.57 1.37
CA THR A 35 2.09 -9.29 0.23
C THR A 35 1.16 -9.35 -0.98
N GLN A 36 1.68 -8.96 -2.16
CA GLN A 36 1.11 -9.31 -3.48
C GLN A 36 2.20 -9.33 -4.58
N GLY A 37 1.94 -10.02 -5.70
CA GLY A 37 2.61 -9.89 -7.01
C GLY A 37 4.14 -9.77 -6.99
N THR A 38 4.61 -8.52 -7.05
CA THR A 38 6.03 -8.11 -6.93
C THR A 38 6.27 -7.08 -5.81
N ILE A 39 5.20 -6.49 -5.26
CA ILE A 39 5.17 -5.35 -4.33
C ILE A 39 5.75 -5.71 -2.96
N LYS A 40 6.36 -4.73 -2.27
CA LYS A 40 6.60 -4.73 -0.80
C LYS A 40 6.04 -3.44 -0.19
N ILE A 41 5.46 -3.54 1.01
CA ILE A 41 5.10 -2.43 1.93
C ILE A 41 5.34 -2.92 3.36
N ASN A 42 5.93 -2.12 4.25
CA ASN A 42 6.14 -2.51 5.65
C ASN A 42 5.82 -1.40 6.66
N ALA A 43 5.22 -1.80 7.79
CA ALA A 43 4.82 -0.99 8.93
C ALA A 43 4.52 -1.92 10.12
N ASP A 44 4.39 -1.40 11.35
CA ASP A 44 3.61 -2.11 12.38
C ASP A 44 2.10 -2.08 12.06
N LYS A 45 1.67 -1.00 11.39
CA LYS A 45 0.27 -0.56 11.36
C LYS A 45 -0.22 -0.27 9.96
N VAL A 46 -1.29 -0.96 9.59
CA VAL A 46 -1.88 -0.99 8.25
C VAL A 46 -3.38 -0.89 8.38
N VAL A 47 -4.04 -0.17 7.47
CA VAL A 47 -5.50 -0.01 7.44
C VAL A 47 -6.03 -0.19 6.02
N VAL A 48 -7.31 -0.56 5.90
CA VAL A 48 -8.07 -0.56 4.64
C VAL A 48 -9.41 0.12 4.87
N THR A 49 -9.83 0.99 3.94
CA THR A 49 -11.09 1.76 4.01
C THR A 49 -11.72 1.88 2.63
N ARG A 50 -13.04 2.03 2.58
CA ARG A 50 -13.89 1.78 1.40
C ARG A 50 -14.45 3.08 0.80
N PRO A 51 -13.73 3.82 -0.09
CA PRO A 51 -14.19 5.07 -0.71
C PRO A 51 -15.32 4.90 -1.74
N GLY A 52 -16.35 4.11 -1.44
CA GLY A 52 -17.56 3.97 -2.25
C GLY A 52 -18.43 2.78 -1.84
N ASN A 53 -19.69 2.81 -2.25
CA ASN A 53 -20.61 1.67 -2.19
C ASN A 53 -20.33 0.62 -3.29
N GLU A 54 -19.76 1.08 -4.41
CA GLU A 54 -19.53 0.26 -5.60
C GLU A 54 -18.39 -0.76 -5.43
N LYS A 55 -18.40 -1.77 -6.28
CA LYS A 55 -17.31 -2.76 -6.34
C LYS A 55 -16.01 -2.08 -6.79
N GLY A 56 -14.88 -2.48 -6.19
CA GLY A 56 -13.57 -1.88 -6.45
C GLY A 56 -13.51 -0.39 -6.11
N LYS A 57 -13.80 -0.03 -4.86
CA LYS A 57 -13.68 1.35 -4.31
C LYS A 57 -13.00 1.26 -2.95
N GLU A 58 -11.69 1.10 -2.96
CA GLU A 58 -10.98 0.38 -1.90
C GLU A 58 -9.53 0.88 -1.75
N VAL A 59 -9.16 1.41 -0.59
CA VAL A 59 -7.82 2.01 -0.36
C VAL A 59 -7.12 1.45 0.88
N ILE A 60 -5.86 1.09 0.71
CA ILE A 60 -4.94 0.55 1.72
C ILE A 60 -3.94 1.65 2.12
N GLU A 61 -3.67 1.82 3.41
CA GLU A 61 -2.61 2.69 3.92
C GLU A 61 -1.74 2.01 4.98
N GLY A 62 -0.46 2.39 5.05
CA GLY A 62 0.54 1.84 5.96
C GLY A 62 1.32 2.94 6.67
N PHE A 63 1.26 2.97 8.01
CA PHE A 63 1.77 4.03 8.87
C PHE A 63 3.08 3.62 9.56
N GLY A 64 4.05 3.15 8.78
CA GLY A 64 5.32 2.60 9.30
C GLY A 64 6.17 3.61 10.08
N ASN A 65 6.24 4.87 9.64
CA ASN A 65 7.01 5.97 10.23
C ASN A 65 8.37 5.57 10.88
N PRO A 66 9.33 5.01 10.10
CA PRO A 66 9.43 5.03 8.63
C PRO A 66 8.58 3.96 7.93
N ALA A 67 7.95 4.36 6.83
CA ALA A 67 7.23 3.51 5.89
C ALA A 67 8.00 3.39 4.56
N THR A 68 7.88 2.25 3.90
CA THR A 68 8.47 2.00 2.58
C THR A 68 7.49 1.33 1.62
N PHE A 69 7.78 1.45 0.33
CA PHE A 69 7.08 0.80 -0.77
C PHE A 69 8.08 0.43 -1.88
N TYR A 70 7.89 -0.70 -2.55
CA TYR A 70 8.63 -1.09 -3.75
C TYR A 70 7.67 -1.52 -4.88
N GLN A 71 7.99 -1.14 -6.12
CA GLN A 71 7.37 -1.67 -7.32
C GLN A 71 8.40 -2.10 -8.37
N MET A 72 8.13 -3.28 -8.96
CA MET A 72 8.85 -3.79 -10.12
C MET A 72 8.21 -3.20 -11.39
N GLN A 73 9.04 -2.60 -12.25
CA GLN A 73 8.60 -1.95 -13.49
C GLN A 73 9.26 -2.64 -14.68
N ASP A 74 8.50 -3.45 -15.42
CA ASP A 74 8.97 -4.22 -16.58
C ASP A 74 9.05 -3.41 -17.89
N ASN A 75 8.84 -2.09 -17.81
CA ASN A 75 9.52 -1.11 -18.66
C ASN A 75 11.06 -1.09 -18.43
N GLY A 76 11.58 -1.90 -17.49
CA GLY A 76 12.99 -2.12 -17.17
C GLY A 76 13.53 -1.22 -16.05
N LYS A 77 12.67 -0.56 -15.26
CA LYS A 77 13.06 0.57 -14.39
C LYS A 77 12.49 0.47 -12.95
N PRO A 78 12.72 -0.64 -12.21
CA PRO A 78 12.18 -0.84 -10.87
C PRO A 78 12.57 0.27 -9.88
N VAL A 79 11.70 0.53 -8.90
CA VAL A 79 11.70 1.75 -8.08
C VAL A 79 11.14 1.49 -6.68
N LYS A 80 11.56 2.29 -5.69
CA LYS A 80 10.98 2.29 -4.34
C LYS A 80 10.71 3.71 -3.84
N GLY A 81 9.75 3.81 -2.93
CA GLY A 81 9.35 5.02 -2.22
C GLY A 81 9.46 4.84 -0.70
N ARG A 82 9.66 5.94 0.01
CA ARG A 82 9.96 6.00 1.44
C ARG A 82 9.31 7.26 2.04
N ALA A 83 8.73 7.13 3.23
CA ALA A 83 7.79 8.11 3.80
C ALA A 83 7.62 7.94 5.32
N SER A 84 6.77 8.77 5.94
CA SER A 84 6.07 8.40 7.19
C SER A 84 4.90 7.46 6.94
N LYS A 85 4.21 7.62 5.80
CA LYS A 85 2.97 6.93 5.42
C LYS A 85 2.99 6.49 3.95
N MET A 86 2.55 5.27 3.68
CA MET A 86 2.26 4.71 2.34
C MET A 86 0.73 4.67 2.07
N ARG A 87 0.31 4.83 0.81
CA ARG A 87 -1.08 4.65 0.33
C ARG A 87 -1.09 3.96 -1.05
N TYR A 88 -2.03 3.03 -1.27
CA TYR A 88 -2.39 2.55 -2.61
C TYR A 88 -3.91 2.21 -2.67
N GLU A 89 -4.56 2.50 -3.81
CA GLU A 89 -5.99 2.30 -4.02
C GLU A 89 -6.27 1.30 -5.15
N LEU A 90 -7.09 0.27 -4.89
CA LEU A 90 -7.40 -0.78 -5.86
C LEU A 90 -8.28 -0.31 -7.04
N GLN A 91 -8.70 0.97 -7.05
CA GLN A 91 -9.36 1.63 -8.18
C GLN A 91 -8.40 2.53 -9.00
N ASN A 92 -7.26 2.96 -8.45
CA ASN A 92 -6.39 3.96 -9.04
C ASN A 92 -4.91 3.61 -8.83
N ASP A 93 -4.12 3.54 -9.89
CA ASP A 93 -2.70 3.20 -9.84
C ASP A 93 -1.80 4.18 -9.06
N TYR A 94 -2.36 5.31 -8.59
CA TYR A 94 -1.67 6.34 -7.82
C TYR A 94 -1.18 5.87 -6.44
N VAL A 95 0.01 6.33 -6.10
CA VAL A 95 0.69 6.22 -4.80
C VAL A 95 1.18 7.60 -4.39
N VAL A 96 1.03 7.96 -3.10
CA VAL A 96 1.48 9.25 -2.56
C VAL A 96 2.26 9.07 -1.25
N LEU A 97 3.47 9.62 -1.24
CA LEU A 97 4.44 9.60 -0.15
C LEU A 97 4.30 10.86 0.72
N THR A 98 4.74 10.82 1.98
CA THR A 98 4.38 11.84 2.98
C THR A 98 5.48 12.08 4.02
N GLY A 99 5.60 13.33 4.48
CA GLY A 99 6.40 13.78 5.62
C GLY A 99 7.90 13.78 5.33
N ASN A 100 8.52 12.60 5.41
CA ASN A 100 9.85 12.37 4.85
C ASN A 100 9.71 11.67 3.50
N ALA A 101 8.97 12.28 2.56
CA ALA A 101 8.71 11.69 1.25
C ALA A 101 9.99 11.62 0.42
N TYR A 102 10.37 10.43 -0.02
CA TYR A 102 11.56 10.16 -0.82
C TYR A 102 11.27 9.06 -1.86
N LEU A 103 11.65 9.28 -3.12
CA LEU A 103 11.50 8.30 -4.21
C LEU A 103 12.87 8.04 -4.84
N GLU A 104 13.23 6.77 -5.06
CA GLU A 104 14.59 6.37 -5.45
C GLU A 104 14.57 5.26 -6.54
N GLN A 105 15.19 5.56 -7.68
CA GLN A 105 15.18 4.78 -8.92
C GLN A 105 16.60 4.72 -9.53
N LEU A 106 16.86 3.84 -10.50
CA LEU A 106 18.20 3.61 -11.10
C LEU A 106 18.77 4.74 -11.99
N ASP A 107 18.36 5.99 -11.76
CA ASP A 107 18.81 7.21 -12.45
C ASP A 107 18.84 8.38 -11.46
N SER A 108 17.67 8.69 -10.88
CA SER A 108 17.45 9.85 -10.00
C SER A 108 16.77 9.45 -8.69
N ASN A 109 16.95 10.30 -7.67
CA ASN A 109 16.16 10.28 -6.45
C ASN A 109 15.63 11.68 -6.08
N ILE A 110 14.45 11.74 -5.45
CA ILE A 110 13.70 12.98 -5.19
C ILE A 110 13.29 13.01 -3.71
N LYS A 111 13.31 14.19 -3.06
CA LYS A 111 12.92 14.41 -1.64
C LYS A 111 11.90 15.55 -1.51
N GLY A 112 10.97 15.43 -0.56
CA GLY A 112 10.11 16.54 -0.12
C GLY A 112 9.19 16.17 1.06
N ASP A 113 8.20 17.02 1.35
CA ASP A 113 7.07 16.68 2.23
C ASP A 113 6.04 15.76 1.55
N LYS A 114 5.97 15.83 0.21
CA LYS A 114 5.05 15.09 -0.66
C LYS A 114 5.69 14.76 -2.01
N ILE A 115 5.50 13.52 -2.47
CA ILE A 115 5.88 13.01 -3.80
C ILE A 115 4.80 12.03 -4.25
N THR A 116 4.45 12.03 -5.53
CA THR A 116 3.45 11.14 -6.13
C THR A 116 4.10 10.21 -7.17
N TYR A 117 3.56 9.01 -7.33
CA TYR A 117 4.02 7.95 -8.24
C TYR A 117 2.82 7.14 -8.75
N LEU A 118 2.97 6.35 -9.82
CA LEU A 118 1.93 5.42 -10.29
C LEU A 118 2.51 4.02 -10.51
N VAL A 119 1.81 2.97 -10.05
CA VAL A 119 2.35 1.60 -10.02
C VAL A 119 2.52 0.94 -11.39
N LYS A 120 1.90 1.48 -12.44
CA LYS A 120 1.87 0.95 -13.81
C LYS A 120 2.37 1.99 -14.82
N GLU A 121 1.88 3.21 -14.72
CA GLU A 121 2.34 4.37 -15.48
C GLU A 121 3.70 4.85 -14.92
N GLN A 122 4.81 4.45 -15.55
CA GLN A 122 6.19 4.58 -15.05
C GLN A 122 6.71 6.05 -14.94
N LYS A 123 6.14 6.86 -14.04
CA LYS A 123 6.50 8.27 -13.80
C LYS A 123 6.35 8.68 -12.33
N MET A 124 7.16 9.65 -11.92
CA MET A 124 7.02 10.45 -10.71
C MET A 124 6.23 11.73 -11.02
N GLN A 125 5.47 12.24 -10.06
CA GLN A 125 4.80 13.54 -10.11
C GLN A 125 5.07 14.34 -8.82
N ALA A 126 5.09 15.67 -8.95
CA ALA A 126 5.12 16.62 -7.84
C ALA A 126 4.17 17.80 -8.16
N PHE A 127 3.74 18.54 -7.14
CA PHE A 127 2.78 19.64 -7.30
C PHE A 127 3.14 20.86 -6.45
N SER A 128 2.98 22.05 -7.06
CA SER A 128 3.31 23.37 -6.51
C SER A 128 2.08 24.09 -5.93
N ASP A 129 1.91 23.98 -4.62
CA ASP A 129 0.95 24.73 -3.81
C ASP A 129 1.43 26.19 -3.59
N LYS A 130 1.43 26.70 -2.36
CA LYS A 130 1.87 28.07 -1.99
C LYS A 130 2.68 28.14 -0.67
N GLY A 131 3.14 26.99 -0.18
CA GLY A 131 3.83 26.83 1.09
C GLY A 131 3.06 25.88 2.01
N ARG A 132 3.74 24.84 2.51
CA ARG A 132 3.21 23.90 3.52
C ARG A 132 3.14 24.59 4.90
N ARG A 133 2.17 25.47 5.00
CA ARG A 133 1.98 26.40 6.11
C ARG A 133 1.19 25.75 7.25
NT1 EU0 B 1 -5.21 -7.07 -9.48
CT EU0 B 1 -5.58 -6.29 -8.54
NT2 EU0 B 1 -5.55 -5.03 -8.77
N EU0 B 1 -6.01 -6.71 -7.39
CA EU0 B 1 -6.37 -8.11 -7.01
CB EU0 B 1 -5.13 -8.99 -6.63
CG1 EU0 B 1 -4.83 -10.04 -7.71
CG2 EU0 B 1 -3.88 -8.18 -6.27
C EU0 B 1 -7.41 -8.13 -5.87
O EU0 B 1 -7.58 -7.11 -5.18
HT12 EU0 B 1 -4.48 -7.77 -9.21
HT22 EU0 B 1 -5.11 -4.68 -9.62
HT21 EU0 B 1 -5.80 -4.36 -8.04
H EU0 B 1 -6.22 -6.01 -6.67
HA EU0 B 1 -6.85 -8.57 -7.85
HB EU0 B 1 -5.39 -9.54 -5.74
HG11 EU0 B 1 -4.05 -10.71 -7.35
HG13 EU0 B 1 -4.47 -9.57 -8.63
HG12 EU0 B 1 -5.71 -10.63 -7.94
HG23 EU0 B 1 -3.51 -7.61 -7.12
HG22 EU0 B 1 -3.07 -8.84 -5.94
HG21 EU0 B 1 -4.11 -7.48 -5.47
HT11 EU0 B 1 -5.01 -6.66 -10.39
N HYP B 2 -8.03 -9.29 -5.56
CA HYP B 2 -8.73 -9.50 -4.31
C HYP B 2 -7.82 -9.30 -3.08
O HYP B 2 -6.61 -9.51 -3.17
CB HYP B 2 -9.27 -10.95 -4.34
CG HYP B 2 -9.27 -11.31 -5.83
CD HYP B 2 -8.09 -10.51 -6.37
OD1 HYP B 2 -10.49 -10.89 -6.43
HA HYP B 2 -9.57 -8.81 -4.26
HB2 HYP B 2 -8.58 -11.61 -3.82
HB3 HYP B 2 -10.26 -11.02 -3.90
HG HYP B 2 -9.13 -12.38 -5.97
HD22 HYP B 2 -7.18 -11.09 -6.23
HD23 HYP B 2 -8.24 -10.28 -7.43
HD1 HYP B 2 -10.57 -11.31 -7.29
N ILE B 3 -8.44 -8.98 -1.95
CA ILE B 3 -7.79 -8.80 -0.64
C ILE B 3 -8.30 -9.88 0.31
N THR B 4 -7.41 -10.49 1.10
CA THR B 4 -7.76 -11.44 2.17
C THR B 4 -6.80 -11.36 3.36
N TYR B 5 -7.38 -11.19 4.55
CA TYR B 5 -6.68 -11.07 5.84
C TYR B 5 -6.95 -12.29 6.72
O LE1 B 6 -5.42 -12.88 10.51
C LE1 B 6 -6.30 -13.51 9.93
CA LE1 B 6 -6.18 -13.90 8.43
N LE1 B 6 -5.99 -12.74 7.53
CB LE1 B 6 -5.17 -15.04 8.15
C9 LE1 B 6 -5.25 -16.18 9.19
C8 LE1 B 6 -3.72 -14.55 8.15
SG LE1 B 6 -5.53 -15.70 6.46
HA LE1 B 6 -7.14 -14.34 8.20
H LE1 B 6 -5.07 -12.31 7.47
H9 LE1 B 6 -4.67 -17.04 8.83
H9A LE1 B 6 -6.28 -16.50 9.35
H9B LE1 B 6 -4.82 -15.86 10.14
H8 LE1 B 6 -3.56 -13.82 7.36
H8A LE1 B 6 -3.04 -15.38 7.98
H8B LE1 B 6 -3.47 -14.09 9.11
N ASN B 7 -7.38 -13.96 10.61
CA ASN B 7 -7.52 -13.75 12.04
C ASN B 7 -6.70 -14.77 12.85
N ARG B 8 -5.38 -14.52 12.94
CA ARG B 8 -4.45 -15.10 13.93
C ARG B 8 -5.06 -15.19 15.32
N DAB B 9 -5.79 -14.17 15.72
CA DAB B 9 -6.29 -14.03 17.08
C DAB B 9 -7.63 -14.77 17.35
O DAB B 9 -8.13 -14.68 18.47
CB DAB B 9 -6.30 -12.52 17.40
CG DAB B 9 -6.28 -12.26 18.90
ND DAB B 9 -5.87 -10.86 19.16
H DAB B 9 -5.89 -13.38 15.08
HA DAB B 9 -5.56 -14.50 17.74
HB2 DAB B 9 -5.40 -12.07 16.96
HB3 DAB B 9 -7.18 -12.07 16.94
HG2 DAB B 9 -7.28 -12.46 19.32
HG3 DAB B 9 -5.58 -12.95 19.38
HD1 DAB B 9 -4.94 -10.70 18.78
HD2 DAB B 9 -5.85 -10.68 20.16
HD3 DAB B 9 -6.52 -10.22 18.73
N THR B 10 -8.17 -15.51 16.37
CA THR B 10 -9.32 -16.44 16.56
C THR B 10 -9.13 -17.77 15.83
N 4FO B 11 -8.67 -17.78 14.57
CA 4FO B 11 -8.21 -18.99 13.87
C 4FO B 11 -8.62 -19.15 12.38
O 4FO B 11 -8.28 -20.19 11.80
CB 4FO B 11 -6.67 -19.07 14.00
CG 4FO B 11 -6.12 -18.84 15.41
NZ 4FO B 11 -6.61 -19.86 16.37
H 4FO B 11 -8.55 -16.88 14.12
HA 4FO B 11 -8.63 -19.87 14.37
HB2 4FO B 11 -6.24 -18.30 13.35
HB3 4FO B 11 -6.34 -20.03 13.63
HG3 4FO B 11 -5.03 -18.87 15.36
HG2 4FO B 11 -6.41 -17.85 15.75
HZ3 4FO B 11 -6.21 -19.67 17.28
HZ2 4FO B 11 -6.39 -20.79 16.08
HZ1 4FO B 11 -7.62 -19.75 16.47
N LYS B 12 -9.32 -18.21 11.73
CA LYS B 12 -9.73 -18.31 10.31
C LYS B 12 -9.63 -17.00 9.53
N CYS B 13 -9.71 -17.04 8.20
CA CYS B 13 -9.45 -15.87 7.35
C CYS B 13 -10.72 -15.11 6.91
N DAB B 14 -10.52 -13.94 6.28
CA DAB B 14 -11.56 -13.03 5.82
C DAB B 14 -11.19 -12.39 4.46
O DAB B 14 -10.29 -11.54 4.40
CB DAB B 14 -11.77 -11.92 6.87
CG DAB B 14 -11.77 -12.42 8.31
ND DAB B 14 -11.92 -11.29 9.25
H DAB B 14 -9.56 -13.65 6.15
HA DAB B 14 -12.50 -13.58 5.69
HB2 DAB B 14 -10.96 -11.20 6.78
HB3 DAB B 14 -12.70 -11.41 6.66
HG2 DAB B 14 -12.57 -13.16 8.46
HG3 DAB B 14 -10.81 -12.92 8.50
HD1 DAB B 14 -12.83 -10.85 9.21
HD2 DAB B 14 -11.19 -10.61 9.08
HD3 DAB B 14 -11.73 -11.64 10.20
N ARG B 15 -11.94 -12.71 3.39
CA ARG B 15 -12.01 -11.88 2.18
C ARG B 15 -12.96 -10.71 2.43
N TYR B 16 -12.64 -9.52 1.92
CA TYR B 16 -13.31 -8.25 2.27
C TYR B 16 -14.57 -7.91 1.45
N GLY A 1 -10.62 -24.55 -0.33
CA GLY A 1 -10.53 -23.07 -0.31
C GLY A 1 -10.42 -22.55 -1.73
N LYS A 2 -10.06 -21.27 -1.92
CA LYS A 2 -9.65 -20.72 -3.24
C LYS A 2 -8.60 -19.61 -3.09
N THR A 3 -7.68 -19.57 -4.06
CA THR A 3 -6.30 -19.09 -3.90
C THR A 3 -6.15 -17.58 -4.15
N GLY A 4 -5.48 -17.17 -5.24
CA GLY A 4 -5.23 -15.77 -5.61
C GLY A 4 -4.03 -15.54 -6.53
N ASP A 5 -3.34 -16.59 -6.99
CA ASP A 5 -2.27 -16.56 -7.99
C ASP A 5 -2.66 -15.84 -9.30
N THR A 6 -3.92 -15.96 -9.70
CA THR A 6 -4.57 -15.22 -10.80
C THR A 6 -4.54 -13.71 -10.65
N ASP A 7 -4.51 -13.22 -9.42
CA ASP A 7 -4.70 -11.82 -9.04
C ASP A 7 -3.46 -11.21 -8.36
N GLN A 8 -2.57 -12.04 -7.83
CA GLN A 8 -1.43 -11.69 -6.96
C GLN A 8 -1.79 -10.61 -5.93
N PRO A 9 -2.84 -10.86 -5.11
CA PRO A 9 -3.50 -9.86 -4.28
C PRO A 9 -2.58 -9.29 -3.22
N ILE A 10 -3.02 -8.16 -2.67
CA ILE A 10 -2.48 -7.45 -1.52
C ILE A 10 -2.71 -8.32 -0.28
N HIS A 11 -1.77 -9.23 -0.02
CA HIS A 11 -1.81 -10.26 0.99
C HIS A 11 -1.18 -9.76 2.30
N ILE A 12 -1.90 -9.97 3.40
CA ILE A 12 -1.61 -9.38 4.72
C ILE A 12 -1.65 -10.43 5.83
N GLU A 13 -0.53 -10.54 6.54
CA GLU A 13 -0.42 -11.21 7.84
C GLU A 13 -0.25 -10.15 8.95
N SER A 14 -0.72 -10.47 10.17
CA SER A 14 -0.58 -9.60 11.35
C SER A 14 -0.49 -10.42 12.62
N ASP A 15 -0.48 -9.75 13.78
CA ASP A 15 -1.00 -10.33 15.02
C ASP A 15 -2.37 -9.74 15.38
N GLN A 16 -2.42 -8.58 16.04
CA GLN A 16 -3.68 -7.92 16.40
C GLN A 16 -4.17 -6.95 15.32
N GLN A 17 -5.48 -7.05 15.10
CA GLN A 17 -6.22 -6.51 13.96
C GLN A 17 -7.69 -6.31 14.38
N SER A 18 -8.45 -5.54 13.61
CA SER A 18 -9.91 -5.44 13.75
C SER A 18 -10.59 -5.29 12.39
N LEU A 19 -11.85 -5.69 12.29
CA LEU A 19 -12.73 -5.51 11.13
C LEU A 19 -14.00 -4.79 11.62
N ASP A 20 -13.99 -3.48 11.50
CA ASP A 20 -14.89 -2.56 12.19
C ASP A 20 -16.10 -2.25 11.28
N MET A 21 -17.06 -3.18 11.26
CA MET A 21 -18.17 -3.20 10.29
C MET A 21 -18.94 -1.87 10.22
N GLN A 22 -19.10 -1.19 11.36
CA GLN A 22 -19.79 0.10 11.49
C GLN A 22 -19.12 1.23 10.68
N GLY A 23 -17.82 1.12 10.37
CA GLY A 23 -17.11 2.01 9.45
C GLY A 23 -16.70 1.35 8.12
N ASN A 24 -16.98 0.06 7.92
CA ASN A 24 -16.44 -0.75 6.81
C ASN A 24 -14.88 -0.67 6.73
N VAL A 25 -14.23 -0.57 7.89
CA VAL A 25 -12.79 -0.45 8.08
C VAL A 25 -12.18 -1.80 8.45
N VAL A 26 -10.92 -2.05 8.08
CA VAL A 26 -10.06 -3.08 8.69
C VAL A 26 -8.75 -2.44 9.14
N THR A 27 -8.18 -2.91 10.25
CA THR A 27 -6.91 -2.43 10.81
C THR A 27 -5.99 -3.60 11.14
N PHE A 28 -4.68 -3.38 11.09
CA PHE A 28 -3.63 -4.35 11.43
C PHE A 28 -2.49 -3.66 12.20
N THR A 29 -1.89 -4.35 13.17
CA THR A 29 -0.83 -3.81 14.04
C THR A 29 0.20 -4.87 14.44
N GLY A 30 1.40 -4.41 14.80
CA GLY A 30 2.51 -5.24 15.28
C GLY A 30 3.37 -5.77 14.12
N ASN A 31 3.68 -7.08 14.15
CA ASN A 31 4.45 -7.73 13.09
C ASN A 31 3.55 -7.95 11.85
N VAL A 32 3.43 -6.92 11.02
CA VAL A 32 2.53 -6.89 9.84
C VAL A 32 3.30 -7.00 8.52
N VAL A 33 2.70 -7.71 7.56
CA VAL A 33 3.23 -7.95 6.21
C VAL A 33 2.28 -7.33 5.17
N VAL A 34 2.82 -6.78 4.08
CA VAL A 34 2.05 -6.46 2.88
C VAL A 34 2.83 -6.90 1.62
N THR A 35 2.22 -7.76 0.80
CA THR A 35 2.81 -8.28 -0.46
C THR A 35 1.79 -8.33 -1.58
N GLN A 36 2.18 -8.08 -2.82
CA GLN A 36 1.28 -8.00 -3.97
C GLN A 36 2.07 -8.24 -5.27
N GLY A 37 2.27 -9.51 -5.61
CA GLY A 37 3.09 -9.94 -6.75
C GLY A 37 4.53 -9.43 -6.64
N THR A 38 4.94 -8.58 -7.59
CA THR A 38 6.26 -7.93 -7.64
C THR A 38 6.41 -6.72 -6.71
N ILE A 39 5.37 -6.33 -5.96
CA ILE A 39 5.40 -5.20 -5.01
C ILE A 39 5.45 -5.73 -3.56
N LYS A 40 6.30 -5.09 -2.75
CA LYS A 40 6.47 -5.30 -1.30
C LYS A 40 6.27 -3.98 -0.57
N ILE A 41 5.53 -4.01 0.54
CA ILE A 41 5.29 -2.85 1.40
C ILE A 41 5.48 -3.27 2.87
N ASN A 42 6.00 -2.39 3.73
CA ASN A 42 6.13 -2.64 5.17
C ASN A 42 5.79 -1.41 6.04
N ALA A 43 5.10 -1.68 7.15
CA ALA A 43 4.73 -0.80 8.26
C ALA A 43 4.30 -1.69 9.46
N ASP A 44 4.27 -1.15 10.68
CA ASP A 44 3.59 -1.77 11.83
C ASP A 44 2.07 -1.56 11.72
N LYS A 45 1.62 -0.30 11.72
CA LYS A 45 0.21 0.05 11.65
C LYS A 45 -0.25 0.18 10.19
N VAL A 46 -1.31 -0.55 9.84
CA VAL A 46 -1.94 -0.54 8.52
C VAL A 46 -3.47 -0.50 8.68
N VAL A 47 -4.17 0.18 7.79
CA VAL A 47 -5.63 0.33 7.75
C VAL A 47 -6.14 0.21 6.32
N VAL A 48 -7.39 -0.25 6.13
CA VAL A 48 -8.16 -0.07 4.90
C VAL A 48 -9.54 0.49 5.25
N THR A 49 -10.07 1.40 4.43
CA THR A 49 -11.34 2.10 4.65
C THR A 49 -12.16 2.22 3.36
N ARG A 50 -13.48 2.42 3.49
CA ARG A 50 -14.46 2.49 2.38
C ARG A 50 -15.05 3.90 2.26
N PRO A 51 -14.48 4.78 1.40
CA PRO A 51 -15.07 6.09 1.10
C PRO A 51 -16.16 6.04 0.02
N GLY A 52 -16.24 4.95 -0.74
CA GLY A 52 -17.15 4.82 -1.89
C GLY A 52 -18.58 4.43 -1.52
N ASN A 53 -19.54 5.06 -2.19
CA ASN A 53 -20.94 4.63 -2.25
C ASN A 53 -21.18 3.63 -3.40
N GLU A 54 -20.49 3.81 -4.53
CA GLU A 54 -20.01 2.71 -5.38
C GLU A 54 -18.96 1.85 -4.63
N LYS A 55 -18.81 0.58 -5.00
CA LYS A 55 -18.15 -0.45 -4.17
C LYS A 55 -17.03 -1.19 -4.93
N GLY A 56 -16.12 -1.83 -4.18
CA GLY A 56 -14.81 -2.18 -4.70
C GLY A 56 -13.94 -0.93 -4.90
N LYS A 57 -13.95 -0.05 -3.89
CA LYS A 57 -13.42 1.33 -3.93
C LYS A 57 -12.60 1.67 -2.68
N GLU A 58 -11.99 0.63 -2.10
CA GLU A 58 -11.40 0.69 -0.78
C GLU A 58 -10.04 1.39 -0.82
N VAL A 59 -9.62 1.99 0.29
CA VAL A 59 -8.38 2.79 0.38
C VAL A 59 -7.53 2.27 1.51
N ILE A 60 -6.33 1.77 1.17
CA ILE A 60 -5.32 1.26 2.09
C ILE A 60 -4.45 2.44 2.52
N GLU A 61 -4.11 2.50 3.80
CA GLU A 61 -3.15 3.44 4.37
C GLU A 61 -2.21 2.72 5.37
N GLY A 62 -0.93 3.09 5.35
CA GLY A 62 0.10 2.56 6.25
C GLY A 62 0.75 3.69 7.04
N PHE A 63 0.87 3.53 8.36
CA PHE A 63 1.38 4.51 9.32
C PHE A 63 2.66 4.02 10.00
N GLY A 64 3.55 3.40 9.23
CA GLY A 64 4.75 2.73 9.75
C GLY A 64 5.70 3.68 10.49
N ASN A 65 5.88 4.91 9.98
CA ASN A 65 6.79 5.94 10.51
C ASN A 65 8.14 5.42 11.07
N PRO A 66 8.97 4.76 10.25
CA PRO A 66 8.94 4.73 8.77
C PRO A 66 8.04 3.65 8.16
N ALA A 67 7.52 3.93 6.96
CA ALA A 67 6.89 2.98 6.05
C ALA A 67 7.69 2.92 4.74
N THR A 68 7.78 1.74 4.12
CA THR A 68 8.61 1.53 2.92
C THR A 68 7.88 0.77 1.82
N PHE A 69 8.27 1.08 0.58
CA PHE A 69 7.79 0.50 -0.67
C PHE A 69 8.97 -0.07 -1.46
N TYR A 70 8.72 -1.18 -2.16
CA TYR A 70 9.60 -1.71 -3.18
C TYR A 70 8.79 -2.31 -4.33
N GLN A 71 9.22 -2.05 -5.56
CA GLN A 71 8.70 -2.71 -6.76
C GLN A 71 9.83 -3.38 -7.53
N MET A 72 9.68 -4.67 -7.82
CA MET A 72 10.43 -5.38 -8.84
C MET A 72 9.83 -5.10 -10.22
N GLN A 73 10.65 -4.93 -11.27
CA GLN A 73 10.19 -4.56 -12.60
C GLN A 73 10.97 -5.27 -13.72
N ASP A 74 10.23 -5.79 -14.71
CA ASP A 74 10.72 -6.47 -15.92
C ASP A 74 11.68 -5.62 -16.76
N ASN A 75 11.57 -4.29 -16.63
CA ASN A 75 12.48 -3.27 -17.16
C ASN A 75 13.96 -3.42 -16.76
N GLY A 76 14.32 -4.33 -15.86
CA GLY A 76 15.63 -4.39 -15.20
C GLY A 76 15.88 -3.22 -14.24
N LYS A 77 14.86 -2.38 -14.00
CA LYS A 77 14.90 -1.16 -13.20
C LYS A 77 13.85 -1.22 -12.08
N PRO A 78 14.08 -2.05 -11.04
CA PRO A 78 13.25 -2.07 -9.83
C PRO A 78 13.54 -0.84 -8.96
N VAL A 79 12.58 -0.37 -8.14
CA VAL A 79 12.69 0.92 -7.43
C VAL A 79 12.17 0.90 -5.98
N LYS A 80 12.74 1.77 -5.13
CA LYS A 80 12.43 1.96 -3.70
C LYS A 80 11.60 3.22 -3.45
N GLY A 81 10.69 3.18 -2.47
CA GLY A 81 10.05 4.35 -1.87
C GLY A 81 10.06 4.28 -0.34
N ARG A 82 10.10 5.43 0.35
CA ARG A 82 10.18 5.50 1.83
C ARG A 82 9.57 6.80 2.35
N ALA A 83 8.77 6.73 3.41
CA ALA A 83 8.06 7.87 4.00
C ALA A 83 7.62 7.61 5.47
N SER A 84 6.94 8.58 6.10
CA SER A 84 6.26 8.37 7.39
C SER A 84 4.95 7.59 7.21
N LYS A 85 4.18 7.98 6.19
CA LYS A 85 2.85 7.47 5.84
C LYS A 85 2.78 7.17 4.34
N MET A 86 1.93 6.21 3.94
CA MET A 86 1.67 5.88 2.54
C MET A 86 0.21 5.46 2.32
N ARG A 87 -0.33 5.66 1.10
CA ARG A 87 -1.68 5.26 0.67
C ARG A 87 -1.66 4.56 -0.69
N TYR A 88 -2.59 3.61 -0.89
CA TYR A 88 -2.92 2.94 -2.16
C TYR A 88 -4.44 2.69 -2.23
N GLU A 89 -5.11 3.03 -3.32
CA GLU A 89 -6.54 2.72 -3.52
C GLU A 89 -6.73 1.43 -4.33
N LEU A 90 -7.60 0.52 -3.89
CA LEU A 90 -7.84 -0.79 -4.52
C LEU A 90 -8.17 -0.68 -6.04
N GLN A 91 -8.87 0.38 -6.42
CA GLN A 91 -9.37 0.64 -7.77
C GLN A 91 -8.35 1.32 -8.69
N ASN A 92 -7.25 1.88 -8.16
CA ASN A 92 -6.34 2.79 -8.86
C ASN A 92 -4.89 2.35 -8.62
N ASP A 93 -4.15 1.93 -9.65
CA ASP A 93 -2.78 1.38 -9.49
C ASP A 93 -1.72 2.47 -9.30
N TYR A 94 -1.84 3.11 -8.14
CA TYR A 94 -1.27 4.37 -7.73
C TYR A 94 -0.83 4.29 -6.26
N VAL A 95 0.18 5.07 -5.88
CA VAL A 95 0.60 5.29 -4.49
C VAL A 95 0.88 6.77 -4.27
N VAL A 96 0.49 7.26 -3.10
CA VAL A 96 0.99 8.54 -2.55
C VAL A 96 1.73 8.29 -1.24
N LEU A 97 2.90 8.90 -1.09
CA LEU A 97 3.76 8.86 0.08
C LEU A 97 3.72 10.22 0.80
N THR A 98 3.85 10.24 2.12
CA THR A 98 3.75 11.49 2.92
C THR A 98 4.65 11.45 4.17
N GLY A 99 5.37 12.55 4.40
CA GLY A 99 6.33 12.72 5.49
C GLY A 99 7.64 11.94 5.25
N ASN A 100 8.78 12.49 5.69
CA ASN A 100 10.14 12.00 5.43
C ASN A 100 10.51 11.70 3.94
N ALA A 101 9.64 11.99 2.97
CA ALA A 101 9.46 11.15 1.78
C ALA A 101 10.66 11.15 0.81
N TYR A 102 10.92 9.99 0.20
CA TYR A 102 11.97 9.77 -0.80
C TYR A 102 11.61 8.62 -1.76
N LEU A 103 12.01 8.74 -3.04
CA LEU A 103 11.84 7.73 -4.08
C LEU A 103 12.98 7.84 -5.10
N GLU A 104 13.56 6.73 -5.55
CA GLU A 104 14.67 6.72 -6.51
C GLU A 104 14.35 6.00 -7.84
N GLN A 105 15.23 6.16 -8.82
CA GLN A 105 15.14 5.56 -10.15
C GLN A 105 16.55 5.39 -10.74
N LEU A 106 16.70 4.47 -11.70
CA LEU A 106 17.88 4.40 -12.59
C LEU A 106 17.83 5.53 -13.64
N ASP A 107 17.91 6.77 -13.16
CA ASP A 107 17.98 8.05 -13.89
C ASP A 107 18.32 9.16 -12.89
N SER A 108 17.41 9.39 -11.95
CA SER A 108 17.43 10.46 -10.94
C SER A 108 16.58 10.05 -9.73
N ASN A 109 16.41 10.93 -8.74
CA ASN A 109 15.68 10.62 -7.50
C ASN A 109 14.99 11.86 -6.91
N ILE A 110 13.93 11.64 -6.14
CA ILE A 110 12.91 12.63 -5.78
C ILE A 110 12.68 12.65 -4.26
N LYS A 111 12.46 13.85 -3.73
CA LYS A 111 12.40 14.16 -2.29
C LYS A 111 11.22 15.10 -1.99
N GLY A 112 10.57 14.95 -0.83
CA GLY A 112 9.56 15.92 -0.41
C GLY A 112 8.86 15.61 0.92
N ASP A 113 7.84 16.40 1.22
CA ASP A 113 6.78 16.13 2.20
C ASP A 113 5.66 15.24 1.62
N LYS A 114 5.50 15.27 0.29
CA LYS A 114 4.54 14.46 -0.48
C LYS A 114 5.19 13.95 -1.78
N ILE A 115 4.97 12.69 -2.14
CA ILE A 115 5.47 12.06 -3.39
C ILE A 115 4.38 11.18 -4.00
N THR A 116 4.32 11.13 -5.33
CA THR A 116 3.30 10.50 -6.18
C THR A 116 3.96 9.41 -7.03
N TYR A 117 3.34 8.23 -7.15
CA TYR A 117 3.90 7.08 -7.91
C TYR A 117 2.81 6.19 -8.52
N LEU A 118 3.08 5.48 -9.62
CA LEU A 118 2.18 4.47 -10.18
C LEU A 118 2.71 3.05 -9.92
N VAL A 119 1.98 2.23 -9.15
CA VAL A 119 2.41 0.83 -8.92
C VAL A 119 2.20 -0.07 -10.14
N LYS A 120 1.44 0.41 -11.14
CA LYS A 120 1.30 -0.22 -12.46
C LYS A 120 2.50 0.01 -13.39
N GLU A 121 3.22 1.13 -13.26
CA GLU A 121 4.28 1.52 -14.20
C GLU A 121 5.25 2.55 -13.63
N GLN A 122 6.54 2.39 -13.98
CA GLN A 122 7.71 3.16 -13.54
C GLN A 122 7.59 4.68 -13.83
N LYS A 123 6.83 5.41 -12.99
CA LYS A 123 6.48 6.84 -13.17
C LYS A 123 6.29 7.55 -11.82
N MET A 124 7.08 8.60 -11.57
CA MET A 124 7.21 9.30 -10.28
C MET A 124 6.83 10.79 -10.40
N GLN A 125 6.40 11.43 -9.30
CA GLN A 125 6.17 12.88 -9.25
C GLN A 125 6.31 13.46 -7.82
N ALA A 126 6.62 14.76 -7.73
CA ALA A 126 6.43 15.63 -6.57
C ALA A 126 6.13 17.07 -7.07
N PHE A 127 5.18 17.75 -6.44
CA PHE A 127 4.53 18.95 -7.00
C PHE A 127 4.71 20.22 -6.14
N SER A 128 4.58 21.39 -6.77
CA SER A 128 4.97 22.70 -6.22
C SER A 128 3.90 23.45 -5.41
N ASP A 129 2.92 22.77 -4.81
CA ASP A 129 1.96 23.45 -3.91
C ASP A 129 2.63 23.88 -2.59
N LYS A 130 3.61 23.08 -2.15
CA LYS A 130 4.40 23.14 -0.91
C LYS A 130 3.60 23.17 0.42
N GLY A 131 2.27 23.27 0.36
CA GLY A 131 1.39 23.45 1.51
C GLY A 131 0.78 22.16 2.06
N ARG A 132 -0.25 22.35 2.89
CA ARG A 132 -0.98 21.31 3.62
C ARG A 132 -2.45 21.70 3.77
N ARG A 133 -3.32 20.71 3.78
CA ARG A 133 -4.74 20.83 4.12
C ARG A 133 -5.16 19.75 5.12
NT1 EU0 B 1 -4.55 -3.97 -9.59
CT EU0 B 1 -5.15 -3.51 -8.56
NT2 EU0 B 1 -5.67 -2.35 -8.65
N EU0 B 1 -5.25 -4.18 -7.46
CA EU0 B 1 -5.21 -5.65 -7.22
CB EU0 B 1 -3.78 -6.25 -7.12
CG1 EU0 B 1 -3.23 -6.82 -8.44
CG2 EU0 B 1 -2.70 -5.32 -6.53
C EU0 B 1 -6.05 -5.95 -5.97
O EU0 B 1 -6.18 -5.06 -5.12
HT12 EU0 B 1 -3.96 -4.78 -9.47
HT22 EU0 B 1 -5.36 -1.77 -9.45
HT21 EU0 B 1 -6.30 -1.98 -7.91
H EU0 B 1 -5.56 -3.63 -6.65
HA EU0 B 1 -5.71 -6.14 -8.05
HB EU0 B 1 -3.86 -7.11 -6.44
HG11 EU0 B 1 -3.99 -7.44 -8.94
HG13 EU0 B 1 -2.37 -7.47 -8.22
HG12 EU0 B 1 -2.89 -6.04 -9.12
HG23 EU0 B 1 -2.44 -4.55 -7.25
HG22 EU0 B 1 -1.81 -5.89 -6.30
HG21 EU0 B 1 -3.07 -4.84 -5.62
HT11 EU0 B 1 -4.28 -3.24 -10.29
N HYP B 2 -6.68 -7.13 -5.79
CA HYP B 2 -7.60 -7.36 -4.67
C HYP B 2 -6.88 -7.39 -3.32
O HYP B 2 -5.69 -7.68 -3.27
CB HYP B 2 -8.30 -8.71 -4.94
CG HYP B 2 -7.80 -9.17 -6.31
CD HYP B 2 -6.57 -8.32 -6.61
OD1 HYP B 2 -8.78 -8.96 -7.31
HA HYP B 2 -8.35 -6.57 -4.65
HB2 HYP B 2 -7.99 -9.45 -4.19
HB3 HYP B 2 -9.37 -8.59 -4.92
HG HYP B 2 -7.56 -10.23 -6.27
HD22 HYP B 2 -5.67 -8.88 -6.33
HD23 HYP B 2 -6.53 -8.08 -7.67
HD1 HYP B 2 -8.65 -9.69 -7.96
N ILE B 3 -7.61 -7.22 -2.21
CA ILE B 3 -7.10 -7.50 -0.85
C ILE B 3 -7.25 -8.97 -0.45
N THR B 4 -6.42 -9.41 0.49
CA THR B 4 -6.62 -10.60 1.31
C THR B 4 -5.84 -10.47 2.61
N TYR B 5 -6.43 -10.88 3.72
CA TYR B 5 -5.71 -11.06 4.99
C TYR B 5 -6.03 -12.42 5.61
O LE1 B 6 -5.46 -12.44 9.54
C LE1 B 6 -6.12 -13.28 8.91
CA LE1 B 6 -5.62 -13.86 7.57
N LE1 B 6 -5.27 -12.78 6.64
CB LE1 B 6 -4.47 -14.89 7.78
C9 LE1 B 6 -4.58 -15.70 9.08
C8 LE1 B 6 -3.08 -14.21 7.81
SG LE1 B 6 -4.46 -16.07 6.37
HA LE1 B 6 -6.46 -14.42 7.16
H LE1 B 6 -4.48 -12.19 6.86
H9 LE1 B 6 -3.86 -16.52 9.07
H9A LE1 B 6 -5.59 -16.12 9.18
H9B LE1 B 6 -4.38 -15.08 9.94
H8 LE1 B 6 -2.85 -13.75 6.85
H8A LE1 B 6 -2.30 -14.96 8.01
H8B LE1 B 6 -3.04 -13.46 8.59
N ASN B 7 -7.26 -13.78 9.39
CA ASN B 7 -7.83 -13.42 10.68
C ASN B 7 -7.25 -14.31 11.80
N ARG B 8 -6.24 -13.79 12.50
CA ARG B 8 -5.60 -14.36 13.71
C ARG B 8 -6.54 -14.50 14.90
N DAB B 9 -7.81 -14.13 14.77
CA DAB B 9 -8.81 -14.19 15.82
C DAB B 9 -10.09 -15.00 15.38
O DAB B 9 -11.02 -15.10 16.17
CB DAB B 9 -9.06 -12.74 16.30
CG DAB B 9 -8.00 -12.12 17.24
ND DAB B 9 -6.66 -11.97 16.65
H DAB B 9 -8.11 -13.76 13.87
HA DAB B 9 -8.42 -14.75 16.67
HB2 DAB B 9 -9.21 -12.09 15.44
HB3 DAB B 9 -10.00 -12.74 16.85
HG2 DAB B 9 -8.36 -11.13 17.54
HG3 DAB B 9 -7.93 -12.72 18.15
HD1 DAB B 9 -6.66 -11.44 15.79
HD2 DAB B 9 -6.24 -12.88 16.49
HD3 DAB B 9 -6.03 -11.49 17.29
N THR B 10 -10.09 -15.64 14.20
CA THR B 10 -11.10 -16.65 13.77
C THR B 10 -10.51 -17.82 12.94
N 4FO B 11 -9.28 -17.73 12.44
CA 4FO B 11 -8.66 -18.73 11.58
C 4FO B 11 -9.10 -18.66 10.09
O 4FO B 11 -8.55 -19.37 9.25
CB 4FO B 11 -7.13 -18.60 11.77
CG 4FO B 11 -6.27 -19.73 11.19
NZ 4FO B 11 -5.92 -19.50 9.77
H 4FO B 11 -8.78 -16.85 12.58
HA 4FO B 11 -8.96 -19.71 11.95
HB2 4FO B 11 -6.93 -18.59 12.85
HB3 4FO B 11 -6.78 -17.65 11.37
HG3 4FO B 11 -5.35 -19.79 11.78
HG2 4FO B 11 -6.80 -20.68 11.31
HZ3 4FO B 11 -6.79 -19.47 9.23
HZ2 4FO B 11 -5.36 -20.25 9.40
HZ1 4FO B 11 -5.44 -18.62 9.63
N LYS B 12 -10.02 -17.76 9.73
CA LYS B 12 -10.44 -17.54 8.33
C LYS B 12 -9.45 -16.66 7.57
N CYS B 13 -9.37 -16.78 6.24
CA CYS B 13 -8.46 -16.00 5.39
C CYS B 13 -9.11 -15.66 4.03
N DAB B 14 -8.57 -14.65 3.34
CA DAB B 14 -9.29 -13.91 2.27
C DAB B 14 -10.58 -13.22 2.81
O DAB B 14 -10.67 -12.97 4.01
CB DAB B 14 -9.43 -14.78 0.99
CG DAB B 14 -8.09 -15.46 0.60
ND DAB B 14 -8.11 -16.04 -0.77
H DAB B 14 -7.88 -14.11 3.86
HA DAB B 14 -8.64 -13.08 2.00
HB2 DAB B 14 -10.19 -15.54 1.14
HB3 DAB B 14 -9.73 -14.13 0.17
HG2 DAB B 14 -7.30 -14.73 0.67
HG3 DAB B 14 -7.88 -16.25 1.34
HD1 DAB B 14 -7.21 -16.45 -1.01
HD2 DAB B 14 -8.25 -15.32 -1.47
HD3 DAB B 14 -8.78 -16.79 -0.89
N ARG B 15 -11.52 -12.81 1.93
CA ARG B 15 -12.62 -11.83 2.20
C ARG B 15 -12.12 -10.47 2.75
N TYR B 16 -13.06 -9.57 3.09
CA TYR B 16 -12.83 -8.22 3.64
C TYR B 16 -13.55 -8.09 4.99
N GLY A 1 -8.20 -10.49 -22.44
CA GLY A 1 -6.95 -10.47 -21.65
C GLY A 1 -6.91 -11.65 -20.71
N LYS A 2 -6.09 -11.60 -19.65
CA LYS A 2 -6.07 -12.56 -18.54
C LYS A 2 -5.64 -11.83 -17.26
N THR A 3 -6.11 -12.29 -16.11
CA THR A 3 -5.96 -11.61 -14.81
C THR A 3 -5.75 -12.65 -13.71
N GLY A 4 -4.84 -12.39 -12.76
CA GLY A 4 -4.76 -13.13 -11.49
C GLY A 4 -5.57 -12.45 -10.37
N ASP A 5 -6.07 -11.25 -10.65
CA ASP A 5 -6.25 -10.12 -9.74
C ASP A 5 -7.26 -10.28 -8.62
N THR A 6 -8.16 -11.26 -8.71
CA THR A 6 -9.21 -11.51 -7.71
C THR A 6 -8.72 -12.40 -6.57
N ASP A 7 -8.18 -13.58 -6.89
CA ASP A 7 -7.84 -14.66 -5.95
C ASP A 7 -6.32 -14.90 -5.83
N GLN A 8 -5.53 -14.09 -6.54
CA GLN A 8 -4.15 -13.74 -6.20
C GLN A 8 -4.04 -12.22 -5.94
N PRO A 9 -4.70 -11.69 -4.89
CA PRO A 9 -4.65 -10.28 -4.50
C PRO A 9 -3.40 -10.00 -3.62
N ILE A 10 -3.47 -8.96 -2.78
CA ILE A 10 -2.47 -8.68 -1.74
C ILE A 10 -2.59 -9.70 -0.60
N HIS A 11 -1.45 -10.17 -0.09
CA HIS A 11 -1.38 -10.83 1.21
C HIS A 11 -1.26 -9.81 2.33
N ILE A 12 -2.11 -9.92 3.36
CA ILE A 12 -2.09 -9.08 4.57
C ILE A 12 -2.30 -9.96 5.80
N GLU A 13 -1.40 -9.84 6.76
CA GLU A 13 -1.41 -10.56 8.05
C GLU A 13 -0.88 -9.66 9.17
N SER A 14 -1.13 -10.03 10.42
CA SER A 14 -0.69 -9.25 11.59
C SER A 14 -0.67 -10.07 12.89
N ASP A 15 -0.15 -9.46 13.96
CA ASP A 15 -0.39 -9.93 15.33
C ASP A 15 -1.84 -9.65 15.77
N GLN A 16 -2.32 -8.42 15.55
CA GLN A 16 -3.63 -7.91 15.94
C GLN A 16 -4.28 -7.14 14.78
N GLN A 17 -5.62 -7.16 14.74
CA GLN A 17 -6.41 -6.69 13.60
C GLN A 17 -7.87 -6.45 14.00
N SER A 18 -8.58 -5.59 13.28
CA SER A 18 -9.98 -5.22 13.57
C SER A 18 -10.76 -4.80 12.32
N LEU A 19 -12.09 -4.83 12.44
CA LEU A 19 -13.07 -4.64 11.36
C LEU A 19 -14.31 -3.88 11.86
N ASP A 20 -14.75 -2.89 11.11
CA ASP A 20 -15.96 -2.09 11.30
C ASP A 20 -16.82 -2.07 10.02
N MET A 21 -18.12 -1.75 10.17
CA MET A 21 -19.11 -1.72 9.09
C MET A 21 -19.87 -0.39 8.95
N GLN A 22 -19.63 0.60 9.81
CA GLN A 22 -20.32 1.90 9.81
C GLN A 22 -19.37 3.09 9.59
N GLY A 23 -18.15 3.02 10.12
CA GLY A 23 -17.02 3.85 9.66
C GLY A 23 -16.50 3.44 8.28
N ASN A 24 -16.77 2.19 7.85
CA ASN A 24 -16.28 1.52 6.66
C ASN A 24 -14.79 1.13 6.75
N VAL A 25 -14.27 0.83 7.96
CA VAL A 25 -12.84 0.70 8.25
C VAL A 25 -12.40 -0.73 8.65
N VAL A 26 -11.21 -1.14 8.21
CA VAL A 26 -10.45 -2.33 8.67
C VAL A 26 -9.02 -1.92 9.09
N THR A 27 -8.33 -2.72 9.91
CA THR A 27 -7.08 -2.33 10.57
C THR A 27 -6.15 -3.51 10.90
N PHE A 28 -4.83 -3.30 10.82
CA PHE A 28 -3.75 -4.28 11.13
C PHE A 28 -2.56 -3.63 11.85
N THR A 29 -1.73 -4.41 12.54
CA THR A 29 -0.53 -3.95 13.27
C THR A 29 0.72 -4.81 13.03
N GLY A 30 1.89 -4.22 13.27
CA GLY A 30 3.19 -4.87 13.42
C GLY A 30 3.67 -5.56 12.16
N ASN A 31 3.35 -6.86 12.03
CA ASN A 31 3.93 -7.78 11.06
C ASN A 31 3.37 -7.63 9.62
N VAL A 32 2.90 -6.43 9.25
CA VAL A 32 2.03 -6.23 8.07
C VAL A 32 2.83 -6.21 6.76
N VAL A 33 3.16 -7.41 6.27
CA VAL A 33 3.87 -7.69 5.00
C VAL A 33 2.96 -7.55 3.76
N VAL A 34 2.40 -6.35 3.57
CA VAL A 34 1.48 -5.99 2.47
C VAL A 34 2.17 -6.22 1.11
N THR A 35 1.93 -7.37 0.49
CA THR A 35 2.71 -7.84 -0.68
C THR A 35 1.84 -8.42 -1.79
N GLN A 36 2.19 -8.11 -3.04
CA GLN A 36 1.50 -8.59 -4.25
C GLN A 36 2.45 -8.59 -5.47
N GLY A 37 2.87 -9.78 -5.92
CA GLY A 37 3.82 -9.91 -7.02
C GLY A 37 5.20 -9.34 -6.66
N THR A 38 5.71 -8.42 -7.48
CA THR A 38 6.94 -7.65 -7.20
C THR A 38 6.74 -6.49 -6.21
N ILE A 39 5.49 -6.10 -5.90
CA ILE A 39 5.17 -4.95 -5.04
C ILE A 39 5.21 -5.37 -3.56
N LYS A 40 5.91 -4.58 -2.73
CA LYS A 40 5.95 -4.68 -1.27
C LYS A 40 5.71 -3.31 -0.61
N ILE A 41 4.89 -3.32 0.43
CA ILE A 41 4.78 -2.29 1.47
C ILE A 41 5.01 -2.98 2.83
N ASN A 42 5.70 -2.31 3.75
CA ASN A 42 5.76 -2.71 5.16
C ASN A 42 5.56 -1.47 6.05
N ALA A 43 4.62 -1.57 7.00
CA ALA A 43 4.28 -0.51 7.95
C ALA A 43 3.67 -1.09 9.25
N ASP A 44 4.05 -0.54 10.39
CA ASP A 44 3.74 -1.01 11.75
C ASP A 44 2.27 -0.78 12.16
N LYS A 45 1.56 0.10 11.46
CA LYS A 45 0.11 0.24 11.48
C LYS A 45 -0.39 0.23 10.05
N VAL A 46 -1.50 -0.46 9.79
CA VAL A 46 -2.24 -0.34 8.52
C VAL A 46 -3.72 -0.08 8.80
N VAL A 47 -4.34 0.72 7.95
CA VAL A 47 -5.79 0.97 7.86
C VAL A 47 -6.28 0.68 6.44
N VAL A 48 -7.54 0.28 6.33
CA VAL A 48 -8.24 -0.08 5.09
C VAL A 48 -9.61 0.58 5.10
N THR A 49 -10.07 1.10 3.96
CA THR A 49 -11.45 1.57 3.80
C THR A 49 -11.91 1.61 2.33
N ARG A 50 -13.21 1.74 2.08
CA ARG A 50 -13.78 2.14 0.79
C ARG A 50 -13.99 3.67 0.81
N PRO A 51 -13.18 4.48 0.12
CA PRO A 51 -12.93 5.89 0.48
C PRO A 51 -14.02 6.90 0.05
N GLY A 52 -15.30 6.58 0.22
CA GLY A 52 -16.45 7.42 -0.12
C GLY A 52 -17.64 6.62 -0.64
N ASN A 53 -18.37 7.18 -1.61
CA ASN A 53 -19.47 6.54 -2.32
C ASN A 53 -19.01 5.50 -3.37
N GLU A 54 -17.71 5.42 -3.67
CA GLU A 54 -17.15 4.58 -4.72
C GLU A 54 -17.19 3.08 -4.37
N LYS A 55 -18.33 2.43 -4.61
CA LYS A 55 -18.53 0.97 -4.55
C LYS A 55 -17.83 0.20 -5.70
N GLY A 56 -16.58 0.56 -5.96
CA GLY A 56 -15.70 0.00 -6.99
C GLY A 56 -14.20 0.15 -6.70
N LYS A 57 -13.79 0.79 -5.59
CA LYS A 57 -12.40 0.79 -5.12
C LYS A 57 -12.29 0.75 -3.60
N GLU A 58 -11.14 0.29 -3.14
CA GLU A 58 -10.70 0.35 -1.75
C GLU A 58 -9.40 1.19 -1.67
N VAL A 59 -9.00 1.58 -0.46
CA VAL A 59 -7.71 2.19 -0.17
C VAL A 59 -7.07 1.50 1.03
N ILE A 60 -5.75 1.32 0.93
CA ILE A 60 -4.83 1.04 2.05
C ILE A 60 -4.12 2.34 2.41
N GLU A 61 -4.00 2.64 3.70
CA GLU A 61 -2.93 3.51 4.22
C GLU A 61 -2.12 2.76 5.28
N GLY A 62 -0.81 3.00 5.33
CA GLY A 62 0.11 2.36 6.27
C GLY A 62 1.07 3.36 6.89
N PHE A 63 1.28 3.29 8.20
CA PHE A 63 2.09 4.22 8.99
C PHE A 63 3.19 3.45 9.74
N GLY A 64 4.44 3.90 9.65
CA GLY A 64 5.60 3.19 10.21
C GLY A 64 6.85 4.04 10.47
N ASN A 65 6.71 5.37 10.46
CA ASN A 65 7.70 6.38 10.88
C ASN A 65 9.19 5.92 11.02
N PRO A 66 9.90 5.58 9.92
CA PRO A 66 9.43 5.60 8.53
C PRO A 66 9.23 4.20 7.92
N ALA A 67 8.06 3.98 7.30
CA ALA A 67 7.68 2.81 6.52
C ALA A 67 8.51 2.64 5.23
N THR A 68 8.41 1.47 4.60
CA THR A 68 9.18 1.09 3.39
C THR A 68 8.30 0.64 2.22
N PHE A 69 8.74 0.96 1.00
CA PHE A 69 8.17 0.51 -0.27
C PHE A 69 9.25 -0.06 -1.20
N TYR A 70 8.92 -1.13 -1.95
CA TYR A 70 9.76 -1.72 -3.00
C TYR A 70 8.90 -2.28 -4.15
N GLN A 71 9.40 -2.19 -5.38
CA GLN A 71 8.74 -2.70 -6.59
C GLN A 71 9.76 -2.88 -7.74
N MET A 72 9.44 -3.66 -8.78
CA MET A 72 10.20 -3.74 -10.03
C MET A 72 9.27 -3.70 -11.25
N GLN A 73 9.60 -2.89 -12.26
CA GLN A 73 8.96 -2.98 -13.58
C GLN A 73 9.46 -4.17 -14.40
N ASP A 74 8.61 -4.61 -15.32
CA ASP A 74 8.85 -5.63 -16.37
C ASP A 74 10.12 -5.33 -17.20
N ASN A 75 10.39 -4.06 -17.51
CA ASN A 75 11.59 -3.61 -18.22
C ASN A 75 12.87 -3.55 -17.34
N GLY A 76 12.94 -4.36 -16.28
CA GLY A 76 14.13 -4.48 -15.41
C GLY A 76 14.42 -3.24 -14.57
N LYS A 77 13.39 -2.44 -14.23
CA LYS A 77 13.55 -1.17 -13.49
C LYS A 77 13.11 -1.35 -12.02
N PRO A 78 14.02 -1.64 -11.08
CA PRO A 78 13.69 -1.64 -9.65
C PRO A 78 13.41 -0.22 -9.14
N VAL A 79 12.52 -0.11 -8.15
CA VAL A 79 12.15 1.12 -7.48
C VAL A 79 12.01 0.89 -5.98
N LYS A 80 12.28 1.92 -5.16
CA LYS A 80 12.08 1.86 -3.70
C LYS A 80 11.67 3.22 -3.14
N GLY A 81 11.06 3.24 -1.95
CA GLY A 81 10.63 4.48 -1.30
C GLY A 81 10.52 4.37 0.23
N ARG A 82 10.48 5.54 0.87
CA ARG A 82 10.45 5.73 2.32
C ARG A 82 9.60 6.94 2.69
N ALA A 83 8.78 6.83 3.73
CA ALA A 83 7.97 7.93 4.30
C ALA A 83 7.48 7.56 5.71
N SER A 84 6.91 8.50 6.46
CA SER A 84 6.21 8.16 7.72
C SER A 84 4.88 7.43 7.46
N LYS A 85 4.13 7.90 6.46
CA LYS A 85 2.86 7.35 5.95
C LYS A 85 2.99 6.97 4.46
N MET A 86 2.30 5.90 4.11
CA MET A 86 2.13 5.33 2.77
C MET A 86 0.62 5.19 2.46
N ARG A 87 0.23 5.29 1.18
CA ARG A 87 -1.14 5.05 0.69
C ARG A 87 -1.12 4.34 -0.66
N TYR A 88 -2.14 3.52 -0.93
CA TYR A 88 -2.35 2.79 -2.19
C TYR A 88 -3.86 2.69 -2.49
N GLU A 89 -4.28 3.17 -3.67
CA GLU A 89 -5.66 3.12 -4.16
C GLU A 89 -5.88 1.85 -5.02
N LEU A 90 -6.48 0.81 -4.43
CA LEU A 90 -6.36 -0.60 -4.82
C LEU A 90 -6.76 -0.97 -6.25
N GLN A 91 -7.69 -0.21 -6.84
CA GLN A 91 -8.18 -0.43 -8.20
C GLN A 91 -7.12 -0.08 -9.26
N ASN A 92 -6.22 0.86 -8.95
CA ASN A 92 -5.40 1.59 -9.92
C ASN A 92 -3.90 1.38 -9.67
N ASP A 93 -3.05 2.03 -10.48
CA ASP A 93 -1.60 2.08 -10.26
C ASP A 93 -1.18 3.00 -9.08
N TYR A 94 -2.11 3.77 -8.48
CA TYR A 94 -1.77 4.93 -7.65
C TYR A 94 -1.32 4.58 -6.22
N VAL A 95 -0.07 4.93 -5.94
CA VAL A 95 0.54 5.04 -4.61
C VAL A 95 0.80 6.51 -4.29
N VAL A 96 0.75 6.90 -3.01
CA VAL A 96 1.23 8.22 -2.56
C VAL A 96 1.82 8.16 -1.13
N LEU A 97 2.85 8.96 -0.87
CA LEU A 97 3.60 9.03 0.37
C LEU A 97 3.21 10.28 1.18
N THR A 98 3.45 10.28 2.49
CA THR A 98 3.27 11.46 3.35
C THR A 98 4.24 11.45 4.54
N GLY A 99 4.86 12.59 4.82
CA GLY A 99 5.85 12.77 5.89
C GLY A 99 7.23 12.30 5.44
N ASN A 100 8.09 13.26 5.08
CA ASN A 100 9.47 13.09 4.63
C ASN A 100 9.65 12.07 3.47
N ALA A 101 8.70 12.08 2.54
CA ALA A 101 8.68 11.23 1.35
C ALA A 101 9.99 11.24 0.55
N TYR A 102 10.54 10.07 0.31
CA TYR A 102 11.66 9.81 -0.58
C TYR A 102 11.31 8.64 -1.51
N LEU A 103 11.50 8.80 -2.81
CA LEU A 103 11.17 7.79 -3.83
C LEU A 103 12.27 7.73 -4.90
N GLU A 104 12.62 6.53 -5.30
CA GLU A 104 13.79 6.24 -6.13
C GLU A 104 13.43 5.26 -7.24
N GLN A 105 13.71 5.68 -8.48
CA GLN A 105 13.59 4.88 -9.70
C GLN A 105 15.00 4.54 -10.19
N LEU A 106 15.18 3.46 -10.96
CA LEU A 106 16.48 3.13 -11.58
C LEU A 106 16.72 3.97 -12.85
N ASP A 107 16.67 5.30 -12.66
CA ASP A 107 16.90 6.38 -13.63
C ASP A 107 16.91 7.75 -12.93
N SER A 108 16.02 7.99 -11.95
CA SER A 108 16.00 9.23 -11.16
C SER A 108 15.36 9.06 -9.76
N ASN A 109 15.67 9.97 -8.83
CA ASN A 109 15.18 9.95 -7.44
C ASN A 109 14.72 11.33 -6.95
N ILE A 110 13.77 11.36 -6.02
CA ILE A 110 13.12 12.57 -5.51
C ILE A 110 12.97 12.50 -3.98
N LYS A 111 13.28 13.60 -3.28
CA LYS A 111 12.95 13.84 -1.86
C LYS A 111 12.00 15.04 -1.78
N GLY A 112 10.83 14.86 -1.18
CA GLY A 112 9.90 15.90 -0.75
C GLY A 112 9.31 15.55 0.63
N ASP A 113 8.07 15.95 0.90
CA ASP A 113 7.31 15.46 2.06
C ASP A 113 5.99 14.75 1.66
N LYS A 114 5.51 14.98 0.44
CA LYS A 114 4.55 14.14 -0.30
C LYS A 114 5.07 13.84 -1.71
N ILE A 115 5.03 12.56 -2.12
CA ILE A 115 5.34 12.12 -3.50
C ILE A 115 4.32 11.05 -3.94
N THR A 116 3.86 11.13 -5.19
CA THR A 116 2.97 10.14 -5.85
C THR A 116 3.79 9.15 -6.69
N TYR A 117 3.35 7.90 -6.81
CA TYR A 117 3.93 6.91 -7.71
C TYR A 117 2.85 6.07 -8.42
N LEU A 118 3.18 5.58 -9.62
CA LEU A 118 2.36 4.69 -10.43
C LEU A 118 3.07 3.32 -10.48
N VAL A 119 2.56 2.31 -9.77
CA VAL A 119 3.37 1.13 -9.36
C VAL A 119 3.98 0.32 -10.52
N LYS A 120 3.31 0.24 -11.67
CA LYS A 120 3.82 -0.44 -12.88
C LYS A 120 4.83 0.40 -13.68
N GLU A 121 4.98 1.69 -13.37
CA GLU A 121 5.49 2.68 -14.32
C GLU A 121 6.87 3.25 -13.99
N GLN A 122 7.49 3.78 -15.04
CA GLN A 122 8.65 4.66 -15.05
C GLN A 122 8.30 6.13 -14.65
N LYS A 123 7.28 6.33 -13.81
CA LYS A 123 6.93 7.65 -13.26
C LYS A 123 6.49 7.62 -11.79
N MET A 124 7.27 8.30 -10.96
CA MET A 124 6.75 9.15 -9.89
C MET A 124 6.02 10.38 -10.47
N GLN A 125 5.25 11.07 -9.64
CA GLN A 125 4.95 12.50 -9.79
C GLN A 125 5.16 13.21 -8.48
N ALA A 126 5.83 14.36 -8.52
CA ALA A 126 6.20 15.17 -7.36
C ALA A 126 5.92 16.66 -7.61
N PHE A 127 6.18 17.45 -6.58
CA PHE A 127 6.13 18.91 -6.52
C PHE A 127 7.18 19.38 -5.49
N SER A 128 7.33 20.69 -5.28
CA SER A 128 8.09 21.24 -4.16
C SER A 128 7.15 21.64 -3.02
N ASP A 129 7.17 20.90 -1.90
CA ASP A 129 6.18 21.00 -0.81
C ASP A 129 6.02 22.40 -0.19
N LYS A 130 7.04 23.27 -0.32
CA LYS A 130 6.96 24.66 0.16
C LYS A 130 6.01 25.53 -0.67
N GLY A 131 5.78 25.22 -1.95
CA GLY A 131 4.86 25.93 -2.86
C GLY A 131 4.78 27.45 -2.67
N ARG A 132 3.56 27.97 -2.54
CA ARG A 132 3.27 29.38 -2.17
C ARG A 132 3.23 29.63 -0.64
N ARG A 133 3.58 28.63 0.17
CA ARG A 133 3.54 28.75 1.63
C ARG A 133 4.62 29.70 2.16
NT1 EU0 B 1 -5.94 -5.39 -9.77
CT EU0 B 1 -5.86 -4.49 -8.86
NT2 EU0 B 1 -5.52 -3.30 -9.20
N EU0 B 1 -6.12 -4.72 -7.62
CA EU0 B 1 -6.62 -5.96 -6.98
CB EU0 B 1 -5.45 -6.87 -6.48
CG1 EU0 B 1 -4.50 -7.35 -7.59
CG2 EU0 B 1 -4.60 -6.21 -5.39
C EU0 B 1 -7.58 -5.62 -5.82
O EU0 B 1 -7.43 -4.54 -5.24
HT12 EU0 B 1 -6.02 -6.37 -9.48
HT22 EU0 B 1 -5.47 -3.04 -10.19
HT21 EU0 B 1 -5.52 -2.57 -8.47
H EU0 B 1 -6.08 -3.89 -7.00
HA EU0 B 1 -7.18 -6.54 -7.70
HB EU0 B 1 -5.93 -7.75 -6.04
HG11 EU0 B 1 -5.07 -7.81 -8.39
HG13 EU0 B 1 -3.82 -8.09 -7.20
HG12 EU0 B 1 -3.93 -6.52 -8.00
HG23 EU0 B 1 -4.13 -5.30 -5.77
HG22 EU0 B 1 -3.81 -6.88 -5.07
HG21 EU0 B 1 -5.21 -5.95 -4.53
HT11 EU0 B 1 -5.51 -5.26 -10.70
N HYP B 2 -8.52 -6.47 -5.39
CA HYP B 2 -9.27 -6.28 -4.14
C HYP B 2 -8.38 -6.51 -2.91
O HYP B 2 -7.30 -7.10 -3.02
CB HYP B 2 -10.43 -7.29 -4.18
CG HYP B 2 -10.48 -7.78 -5.63
CD HYP B 2 -9.03 -7.66 -6.07
OD1 HYP B 2 -11.30 -6.94 -6.42
HA HYP B 2 -9.67 -5.26 -4.10
HB2 HYP B 2 -10.21 -8.13 -3.52
HB3 HYP B 2 -11.37 -6.82 -3.87
HG HYP B 2 -10.83 -8.81 -5.68
HD22 HYP B 2 -8.47 -8.54 -5.73
HD23 HYP B 2 -8.97 -7.56 -7.15
HD1 HYP B 2 -12.16 -6.88 -6.02
N ILE B 3 -8.86 -6.13 -1.72
CA ILE B 3 -8.17 -6.44 -0.46
C ILE B 3 -8.51 -7.87 0.01
N THR B 4 -7.51 -8.53 0.63
CA THR B 4 -7.67 -9.77 1.40
C THR B 4 -6.79 -9.73 2.65
N TYR B 5 -7.22 -10.41 3.71
CA TYR B 5 -6.43 -10.57 4.94
C TYR B 5 -6.59 -11.95 5.56
O LE1 B 6 -4.69 -12.50 9.10
C LE1 B 6 -5.48 -13.35 8.66
CA LE1 B 6 -5.63 -13.63 7.15
N LE1 B 6 -5.59 -12.38 6.36
CB LE1 B 6 -4.62 -14.68 6.61
C9 LE1 B 6 -4.50 -15.93 7.52
C8 LE1 B 6 -3.20 -14.11 6.50
SG LE1 B 6 -5.13 -15.20 4.93
HA LE1 B 6 -6.61 -14.07 7.03
H LE1 B 6 -4.75 -11.80 6.41
H9 LE1 B 6 -5.49 -16.32 7.77
H9A LE1 B 6 -3.98 -15.68 8.44
H9B LE1 B 6 -3.95 -16.70 7.00
H8 LE1 B 6 -2.87 -13.70 7.45
H8A LE1 B 6 -3.15 -13.32 5.74
H8B LE1 B 6 -2.50 -14.90 6.19
N ASN B 7 -6.24 -14.08 9.49
CA ASN B 7 -6.23 -13.93 10.94
C ASN B 7 -5.30 -14.97 11.61
N ARG B 8 -4.25 -14.47 12.28
CA ARG B 8 -3.28 -15.30 13.03
C ARG B 8 -3.92 -16.11 14.16
N DAB B 9 -4.95 -15.57 14.81
CA DAB B 9 -5.60 -16.19 15.96
C DAB B 9 -6.69 -17.24 15.59
O DAB B 9 -7.13 -17.96 16.48
CB DAB B 9 -6.13 -15.04 16.85
CG DAB B 9 -6.42 -15.44 18.31
ND DAB B 9 -7.70 -16.16 18.46
H DAB B 9 -5.32 -14.69 14.46
HA DAB B 9 -4.84 -16.73 16.52
HB2 DAB B 9 -5.37 -14.27 16.89
HB3 DAB B 9 -7.02 -14.60 16.40
HG2 DAB B 9 -5.59 -16.06 18.67
HG3 DAB B 9 -6.44 -14.53 18.91
HD1 DAB B 9 -7.85 -16.42 19.42
HD2 DAB B 9 -7.69 -17.02 17.91
HD3 DAB B 9 -8.48 -15.60 18.15
N THR B 10 -7.14 -17.33 14.33
CA THR B 10 -8.14 -18.33 13.88
C THR B 10 -7.67 -19.21 12.72
N 4FO B 11 -6.59 -18.85 12.01
CA 4FO B 11 -6.05 -19.71 10.94
C 4FO B 11 -6.90 -19.71 9.65
O 4FO B 11 -6.88 -20.69 8.91
CB 4FO B 11 -4.60 -19.33 10.63
CG 4FO B 11 -3.75 -18.81 11.79
NZ 4FO B 11 -3.78 -19.71 12.97
H 4FO B 11 -6.28 -17.89 12.09
HA 4FO B 11 -6.05 -20.75 11.30
HB2 4FO B 11 -4.61 -18.53 9.88
HB3 4FO B 11 -4.10 -20.19 10.18
HG3 4FO B 11 -2.72 -18.64 11.45
HG2 4FO B 11 -4.16 -17.84 12.09
HZ3 4FO B 11 -3.30 -20.58 12.79
HZ2 4FO B 11 -4.72 -19.87 13.25
HZ1 4FO B 11 -3.32 -19.21 13.74
N LYS B 12 -7.67 -18.64 9.42
CA LYS B 12 -8.52 -18.44 8.24
C LYS B 12 -8.67 -16.96 7.89
N CYS B 13 -9.27 -16.68 6.74
CA CYS B 13 -9.04 -15.46 5.97
C CYS B 13 -10.32 -14.75 5.52
N DAB B 14 -10.15 -13.59 4.92
CA DAB B 14 -11.20 -12.68 4.45
C DAB B 14 -10.79 -11.90 3.15
O DAB B 14 -9.63 -11.91 2.75
CB DAB B 14 -11.52 -11.72 5.61
CG DAB B 14 -12.84 -12.05 6.31
ND DAB B 14 -13.27 -10.93 7.15
H DAB B 14 -9.19 -13.24 4.84
HA DAB B 14 -12.09 -13.26 4.20
HB2 DAB B 14 -10.71 -11.71 6.34
HB3 DAB B 14 -11.58 -10.71 5.20
HG2 DAB B 14 -13.61 -12.25 5.56
HG3 DAB B 14 -12.70 -12.96 6.91
HD1 DAB B 14 -12.56 -10.61 7.81
HD2 DAB B 14 -14.16 -11.08 7.60
HD3 DAB B 14 -13.45 -10.12 6.54
N ARG B 15 -11.77 -11.23 2.54
CA ARG B 15 -11.59 -10.12 1.58
C ARG B 15 -11.57 -8.84 2.42
N TYR B 16 -12.76 -8.22 2.55
CA TYR B 16 -13.25 -7.68 3.82
C TYR B 16 -13.67 -8.84 4.76
N GLY A 1 -6.61 -18.44 -9.09
CA GLY A 1 -6.10 -19.43 -10.05
C GLY A 1 -5.93 -20.76 -9.35
N LYS A 2 -4.71 -21.30 -9.32
CA LYS A 2 -4.40 -22.60 -8.69
C LYS A 2 -3.05 -22.65 -7.98
N THR A 3 -2.01 -22.09 -8.62
CA THR A 3 -0.65 -22.00 -8.08
C THR A 3 -0.08 -20.63 -8.46
N GLY A 4 0.25 -19.78 -7.49
CA GLY A 4 0.76 -18.44 -7.75
C GLY A 4 0.78 -17.53 -6.52
N ASP A 5 1.43 -16.36 -6.66
CA ASP A 5 1.46 -15.27 -5.68
C ASP A 5 0.20 -14.38 -5.87
N THR A 6 0.31 -13.22 -6.52
CA THR A 6 -0.78 -12.24 -6.79
C THR A 6 -1.84 -12.70 -7.81
N ASP A 7 -1.90 -14.00 -8.09
CA ASP A 7 -3.11 -14.72 -8.51
C ASP A 7 -4.18 -14.71 -7.38
N GLN A 8 -3.73 -14.58 -6.14
CA GLN A 8 -4.53 -14.48 -4.93
C GLN A 8 -4.86 -13.02 -4.59
N PRO A 9 -5.93 -12.76 -3.82
CA PRO A 9 -6.14 -11.48 -3.16
C PRO A 9 -4.94 -11.09 -2.26
N ILE A 10 -4.71 -9.79 -2.07
CA ILE A 10 -3.52 -9.26 -1.34
C ILE A 10 -3.44 -9.89 0.06
N HIS A 11 -2.35 -10.60 0.36
CA HIS A 11 -2.18 -11.26 1.64
C HIS A 11 -1.50 -10.35 2.69
N ILE A 12 -2.10 -10.28 3.89
CA ILE A 12 -1.74 -9.41 5.01
C ILE A 12 -1.76 -10.20 6.33
N GLU A 13 -0.86 -9.87 7.26
CA GLU A 13 -0.84 -10.40 8.63
C GLU A 13 -1.04 -9.29 9.67
N SER A 14 -1.47 -9.64 10.89
CA SER A 14 -1.41 -8.74 12.06
C SER A 14 -1.48 -9.45 13.41
N ASP A 15 -1.15 -8.73 14.49
CA ASP A 15 -1.21 -9.23 15.88
C ASP A 15 -2.44 -8.70 16.61
N GLN A 16 -2.87 -7.49 16.25
CA GLN A 16 -4.05 -6.79 16.74
C GLN A 16 -4.81 -6.22 15.51
N GLN A 17 -5.79 -6.99 15.03
CA GLN A 17 -6.75 -6.57 14.01
C GLN A 17 -7.95 -5.84 14.63
N SER A 18 -8.58 -4.96 13.85
CA SER A 18 -9.73 -4.13 14.24
C SER A 18 -10.56 -3.77 13.00
N LEU A 19 -11.87 -3.57 13.17
CA LEU A 19 -12.84 -3.37 12.08
C LEU A 19 -14.01 -2.53 12.60
N ASP A 20 -14.33 -1.42 11.92
CA ASP A 20 -15.52 -0.61 12.19
C ASP A 20 -16.63 -0.89 11.16
N MET A 21 -17.73 -1.50 11.63
CA MET A 21 -18.88 -1.89 10.82
C MET A 21 -19.76 -0.71 10.36
N GLN A 22 -19.65 0.46 11.00
CA GLN A 22 -20.34 1.69 10.57
C GLN A 22 -19.39 2.65 9.84
N GLY A 23 -18.16 2.82 10.34
CA GLY A 23 -17.11 3.62 9.69
C GLY A 23 -16.54 3.01 8.41
N ASN A 24 -16.80 1.72 8.14
CA ASN A 24 -16.35 1.01 6.93
C ASN A 24 -14.81 1.02 6.75
N VAL A 25 -14.08 0.80 7.83
CA VAL A 25 -12.61 0.72 7.85
C VAL A 25 -12.16 -0.55 8.59
N VAL A 26 -11.12 -1.20 8.06
CA VAL A 26 -10.37 -2.28 8.70
C VAL A 26 -8.97 -1.76 9.08
N THR A 27 -8.40 -2.22 10.18
CA THR A 27 -7.11 -1.75 10.70
C THR A 27 -6.33 -2.92 11.31
N PHE A 28 -5.05 -2.98 10.96
CA PHE A 28 -4.10 -4.04 11.28
C PHE A 28 -2.91 -3.41 12.01
N THR A 29 -2.55 -3.96 13.18
CA THR A 29 -1.45 -3.48 14.02
C THR A 29 -0.68 -4.63 14.66
N GLY A 30 0.53 -4.35 15.15
CA GLY A 30 1.54 -5.37 15.48
C GLY A 30 2.51 -5.53 14.31
N ASN A 31 3.16 -6.68 14.16
CA ASN A 31 4.00 -6.89 12.99
C ASN A 31 3.16 -7.20 11.75
N VAL A 32 3.14 -6.25 10.81
CA VAL A 32 2.22 -6.19 9.66
C VAL A 32 3.01 -6.05 8.34
N VAL A 33 2.55 -6.77 7.32
CA VAL A 33 3.15 -6.84 5.97
C VAL A 33 2.08 -6.78 4.89
N VAL A 34 2.44 -6.38 3.67
CA VAL A 34 1.54 -6.40 2.49
C VAL A 34 2.24 -7.13 1.34
N THR A 35 1.55 -8.08 0.70
CA THR A 35 2.14 -8.93 -0.36
C THR A 35 1.29 -9.00 -1.63
N GLN A 36 1.88 -8.52 -2.74
CA GLN A 36 1.33 -8.62 -4.10
C GLN A 36 2.44 -8.47 -5.16
N GLY A 37 2.79 -9.55 -5.86
CA GLY A 37 3.64 -9.55 -7.04
C GLY A 37 5.03 -8.96 -6.78
N THR A 38 5.41 -7.99 -7.60
CA THR A 38 6.65 -7.22 -7.46
C THR A 38 6.58 -6.15 -6.37
N ILE A 39 5.40 -5.70 -5.95
CA ILE A 39 5.25 -4.64 -4.94
C ILE A 39 5.51 -5.22 -3.54
N LYS A 40 6.26 -4.48 -2.71
CA LYS A 40 6.50 -4.79 -1.29
C LYS A 40 6.41 -3.53 -0.43
N ILE A 41 5.89 -3.68 0.79
CA ILE A 41 5.63 -2.60 1.76
C ILE A 41 5.89 -3.10 3.18
N ASN A 42 6.53 -2.29 4.02
CA ASN A 42 6.53 -2.48 5.48
C ASN A 42 5.93 -1.26 6.19
N ALA A 43 4.97 -1.54 7.08
CA ALA A 43 4.20 -0.58 7.85
C ALA A 43 3.48 -1.30 9.00
N ASP A 44 3.99 -1.21 10.22
CA ASP A 44 3.48 -1.93 11.40
C ASP A 44 2.16 -1.36 11.98
N LYS A 45 1.56 -0.39 11.27
CA LYS A 45 0.10 -0.29 11.09
C LYS A 45 -0.24 -0.28 9.59
N VAL A 46 -1.25 -1.05 9.20
CA VAL A 46 -1.96 -0.89 7.91
C VAL A 46 -3.44 -0.65 8.18
N VAL A 47 -4.08 0.16 7.34
CA VAL A 47 -5.53 0.37 7.30
C VAL A 47 -6.05 0.12 5.89
N VAL A 48 -7.29 -0.36 5.77
CA VAL A 48 -7.95 -0.56 4.47
C VAL A 48 -9.44 -0.21 4.52
N THR A 49 -9.94 0.42 3.44
CA THR A 49 -11.33 0.83 3.25
C THR A 49 -11.71 0.81 1.76
N ARG A 50 -12.92 1.19 1.38
CA ARG A 50 -13.37 1.31 -0.03
C ARG A 50 -14.53 2.32 -0.13
N PRO A 51 -14.28 3.60 -0.50
CA PRO A 51 -15.33 4.62 -0.59
C PRO A 51 -16.09 4.60 -1.94
N GLY A 52 -15.42 4.26 -3.04
CA GLY A 52 -16.02 4.24 -4.38
C GLY A 52 -16.98 3.06 -4.63
N ASN A 53 -17.56 3.00 -5.82
CA ASN A 53 -18.32 1.85 -6.33
C ASN A 53 -17.63 1.10 -7.49
N GLU A 54 -16.46 1.60 -7.94
CA GLU A 54 -15.54 0.90 -8.82
C GLU A 54 -15.09 -0.42 -8.19
N LYS A 55 -14.83 -1.45 -9.00
CA LYS A 55 -14.24 -2.72 -8.54
C LYS A 55 -12.71 -2.64 -8.45
N GLY A 56 -12.24 -1.56 -7.84
CA GLY A 56 -10.86 -1.09 -7.81
C GLY A 56 -10.69 0.27 -7.14
N LYS A 57 -11.48 0.54 -6.09
CA LYS A 57 -11.31 1.71 -5.20
C LYS A 57 -11.12 1.29 -3.75
N GLU A 58 -10.64 0.07 -3.55
CA GLU A 58 -10.16 -0.42 -2.26
C GLU A 58 -8.86 0.35 -1.96
N VAL A 59 -8.85 1.11 -0.87
CA VAL A 59 -7.77 2.03 -0.48
C VAL A 59 -7.02 1.42 0.69
N ILE A 60 -5.73 1.15 0.50
CA ILE A 60 -4.80 0.73 1.56
C ILE A 60 -3.95 1.95 1.94
N GLU A 61 -3.73 2.16 3.24
CA GLU A 61 -2.66 3.04 3.74
C GLU A 61 -1.83 2.32 4.81
N GLY A 62 -0.50 2.54 4.79
CA GLY A 62 0.46 1.93 5.69
C GLY A 62 1.24 2.99 6.46
N PHE A 63 1.12 3.00 7.79
CA PHE A 63 1.86 3.85 8.72
C PHE A 63 3.04 3.07 9.30
N GLY A 64 4.20 3.72 9.44
CA GLY A 64 5.37 3.11 10.08
C GLY A 64 6.30 4.11 10.77
N ASN A 65 6.55 5.27 10.15
CA ASN A 65 7.47 6.30 10.67
C ASN A 65 8.84 5.72 11.14
N PRO A 66 9.63 5.09 10.24
CA PRO A 66 9.48 5.07 8.79
C PRO A 66 8.58 3.94 8.25
N ALA A 67 8.04 4.14 7.05
CA ALA A 67 7.43 3.13 6.19
C ALA A 67 8.21 3.05 4.85
N THR A 68 8.21 1.90 4.20
CA THR A 68 9.03 1.63 3.00
C THR A 68 8.25 1.00 1.85
N PHE A 69 8.73 1.22 0.61
CA PHE A 69 8.11 0.79 -0.64
C PHE A 69 9.15 0.24 -1.63
N TYR A 70 8.78 -0.77 -2.42
CA TYR A 70 9.53 -1.25 -3.58
C TYR A 70 8.57 -1.62 -4.72
N GLN A 71 9.00 -1.41 -5.98
CA GLN A 71 8.34 -1.93 -7.19
C GLN A 71 9.36 -2.19 -8.33
N MET A 72 9.06 -3.14 -9.22
CA MET A 72 9.84 -3.46 -10.43
C MET A 72 9.18 -2.85 -11.69
N GLN A 73 9.88 -2.82 -12.83
CA GLN A 73 9.28 -2.54 -14.15
C GLN A 73 9.94 -3.38 -15.25
N ASP A 74 9.17 -3.78 -16.26
CA ASP A 74 9.69 -4.42 -17.50
C ASP A 74 10.45 -3.39 -18.37
N ASN A 75 10.13 -2.10 -18.20
CA ASN A 75 10.89 -0.95 -18.72
C ASN A 75 12.35 -0.85 -18.22
N GLY A 76 12.86 -1.82 -17.45
CA GLY A 76 14.20 -1.79 -16.85
C GLY A 76 14.36 -0.80 -15.68
N LYS A 77 13.23 -0.29 -15.14
CA LYS A 77 13.20 0.75 -14.09
C LYS A 77 12.58 0.26 -12.77
N PRO A 78 13.25 -0.61 -12.00
CA PRO A 78 12.87 -0.85 -10.61
C PRO A 78 13.06 0.41 -9.76
N VAL A 79 12.31 0.50 -8.66
CA VAL A 79 12.22 1.68 -7.78
C VAL A 79 12.09 1.28 -6.31
N LYS A 80 12.50 2.17 -5.40
CA LYS A 80 12.11 2.10 -3.99
C LYS A 80 11.76 3.48 -3.42
N GLY A 81 11.09 3.48 -2.27
CA GLY A 81 10.68 4.69 -1.58
C GLY A 81 10.59 4.54 -0.06
N ARG A 82 10.53 5.69 0.62
CA ARG A 82 10.52 5.83 2.09
C ARG A 82 9.59 6.99 2.48
N ALA A 83 8.86 6.82 3.57
CA ALA A 83 7.88 7.78 4.09
C ALA A 83 7.76 7.68 5.63
N SER A 84 6.84 8.43 6.24
CA SER A 84 6.20 7.99 7.50
C SER A 84 4.91 7.21 7.25
N LYS A 85 4.17 7.56 6.20
CA LYS A 85 2.98 6.85 5.70
C LYS A 85 2.99 6.70 4.17
N MET A 86 2.54 5.53 3.71
CA MET A 86 2.24 5.18 2.31
C MET A 86 0.73 5.03 2.08
N ARG A 87 0.29 5.22 0.83
CA ARG A 87 -1.05 4.95 0.27
C ARG A 87 -0.94 4.13 -1.01
N TYR A 88 -1.91 3.25 -1.26
CA TYR A 88 -2.01 2.43 -2.47
C TYR A 88 -3.48 2.04 -2.75
N GLU A 89 -3.97 2.36 -3.95
CA GLU A 89 -5.31 2.01 -4.41
C GLU A 89 -5.31 0.77 -5.33
N LEU A 90 -6.30 -0.12 -5.14
CA LEU A 90 -6.49 -1.37 -5.90
C LEU A 90 -6.89 -1.20 -7.38
N GLN A 91 -6.87 0.03 -7.88
CA GLN A 91 -6.85 0.37 -9.30
C GLN A 91 -5.47 0.10 -9.93
N ASN A 92 -4.43 -0.06 -9.11
CA ASN A 92 -3.02 -0.07 -9.50
C ASN A 92 -2.68 1.08 -10.46
N ASP A 93 -3.08 2.29 -10.08
CA ASP A 93 -2.84 3.52 -10.83
C ASP A 93 -1.80 4.41 -10.13
N TYR A 94 -2.06 4.74 -8.87
CA TYR A 94 -1.20 5.59 -8.03
C TYR A 94 -0.87 4.95 -6.68
N VAL A 95 0.31 5.35 -6.18
CA VAL A 95 0.78 5.25 -4.80
C VAL A 95 1.10 6.67 -4.34
N VAL A 96 0.95 6.96 -3.04
CA VAL A 96 1.34 8.25 -2.46
C VAL A 96 2.15 8.02 -1.18
N LEU A 97 3.21 8.80 -0.99
CA LEU A 97 4.05 8.81 0.21
C LEU A 97 3.87 10.15 0.94
N THR A 98 3.98 10.15 2.27
CA THR A 98 3.88 11.36 3.12
C THR A 98 4.73 11.21 4.39
N GLY A 99 5.30 12.32 4.86
CA GLY A 99 6.25 12.40 5.98
C GLY A 99 7.68 12.12 5.49
N ASN A 100 8.43 13.19 5.25
CA ASN A 100 9.81 13.17 4.72
C ASN A 100 10.01 12.24 3.50
N ALA A 101 8.96 12.18 2.68
CA ALA A 101 8.77 11.29 1.55
C ALA A 101 9.93 11.34 0.54
N TYR A 102 10.30 10.17 0.04
CA TYR A 102 11.43 9.96 -0.86
C TYR A 102 11.14 8.80 -1.80
N LEU A 103 11.44 8.97 -3.09
CA LEU A 103 11.29 7.94 -4.14
C LEU A 103 12.47 8.00 -5.11
N GLU A 104 13.00 6.84 -5.50
CA GLU A 104 14.17 6.70 -6.35
C GLU A 104 14.02 5.64 -7.44
N GLN A 105 14.69 5.90 -8.57
CA GLN A 105 14.67 5.16 -9.83
C GLN A 105 16.05 5.26 -10.51
N LEU A 106 16.29 4.45 -11.55
CA LEU A 106 17.56 4.38 -12.28
C LEU A 106 18.11 5.75 -12.74
N ASP A 107 17.23 6.69 -13.11
CA ASP A 107 17.58 8.04 -13.54
C ASP A 107 17.81 9.04 -12.39
N SER A 108 17.09 8.92 -11.28
CA SER A 108 16.88 10.04 -10.34
C SER A 108 16.26 9.62 -9.01
N ASN A 109 16.34 10.49 -8.00
CA ASN A 109 15.47 10.46 -6.82
C ASN A 109 14.77 11.81 -6.62
N ILE A 110 13.65 11.79 -5.91
CA ILE A 110 12.98 13.00 -5.43
C ILE A 110 12.84 12.90 -3.90
N LYS A 111 13.25 13.96 -3.19
CA LYS A 111 12.91 14.23 -1.79
C LYS A 111 11.85 15.33 -1.74
N GLY A 112 10.83 15.11 -0.92
CA GLY A 112 9.80 16.07 -0.53
C GLY A 112 9.24 15.68 0.83
N ASP A 113 8.08 16.20 1.22
CA ASP A 113 7.38 15.72 2.41
C ASP A 113 5.99 15.12 2.12
N LYS A 114 5.52 15.20 0.86
CA LYS A 114 4.67 14.17 0.23
C LYS A 114 4.91 14.08 -1.29
N ILE A 115 4.82 12.88 -1.86
CA ILE A 115 5.15 12.56 -3.27
C ILE A 115 4.16 11.51 -3.81
N THR A 116 3.85 11.53 -5.10
CA THR A 116 3.07 10.49 -5.80
C THR A 116 3.97 9.60 -6.67
N TYR A 117 3.61 8.32 -6.83
CA TYR A 117 4.19 7.42 -7.82
C TYR A 117 3.08 6.83 -8.69
N LEU A 118 3.24 6.84 -10.01
CA LEU A 118 2.30 6.21 -10.94
C LEU A 118 2.72 4.74 -11.17
N VAL A 119 2.04 3.82 -10.49
CA VAL A 119 2.31 2.36 -10.54
C VAL A 119 1.76 1.68 -11.81
N LYS A 120 1.28 2.45 -12.78
CA LYS A 120 1.07 2.06 -14.20
C LYS A 120 2.39 1.85 -14.98
N GLU A 121 3.42 1.34 -14.29
CA GLU A 121 4.84 1.33 -14.70
C GLU A 121 5.33 2.66 -15.29
N GLN A 122 5.15 3.77 -14.56
CA GLN A 122 5.66 5.09 -14.95
C GLN A 122 6.80 5.55 -14.03
N LYS A 123 6.58 6.53 -13.12
CA LYS A 123 7.62 7.11 -12.26
C LYS A 123 7.06 7.82 -11.01
N MET A 124 7.96 8.41 -10.22
CA MET A 124 7.67 9.39 -9.16
C MET A 124 7.42 10.80 -9.69
N GLN A 125 6.56 11.56 -9.01
CA GLN A 125 6.32 12.99 -9.23
C GLN A 125 5.89 13.68 -7.93
N ALA A 126 6.52 14.83 -7.66
CA ALA A 126 6.18 15.74 -6.55
C ALA A 126 5.53 17.04 -7.08
N PHE A 127 5.13 17.92 -6.16
CA PHE A 127 4.57 19.24 -6.43
C PHE A 127 4.89 20.16 -5.23
N SER A 128 4.35 21.39 -5.16
CA SER A 128 4.48 22.25 -3.96
C SER A 128 3.93 21.62 -2.69
N ASP A 129 2.90 20.79 -2.85
CA ASP A 129 2.06 20.21 -1.83
C ASP A 129 1.27 19.02 -2.43
N LYS A 130 0.37 18.41 -1.65
CA LYS A 130 -0.83 17.74 -2.16
C LYS A 130 -2.00 17.96 -1.19
N GLY A 131 -2.56 19.16 -1.18
CA GLY A 131 -3.73 19.53 -0.37
C GLY A 131 -5.06 19.05 -0.99
N ARG A 132 -6.02 18.67 -0.13
CA ARG A 132 -7.40 18.34 -0.53
C ARG A 132 -8.34 18.46 0.67
N ARG A 133 -9.56 18.94 0.43
CA ARG A 133 -10.64 18.87 1.41
C ARG A 133 -12.00 18.57 0.79
NT1 EU0 B 1 -10.69 -5.65 -7.69
CT EU0 B 1 -9.51 -5.16 -7.70
NT2 EU0 B 1 -9.30 -4.07 -8.36
N EU0 B 1 -8.50 -5.77 -7.15
CA EU0 B 1 -8.53 -7.17 -6.64
CB EU0 B 1 -7.29 -7.98 -7.10
CG1 EU0 B 1 -7.23 -8.15 -8.62
CG2 EU0 B 1 -5.95 -7.40 -6.60
C EU0 B 1 -8.76 -7.23 -5.12
O EU0 B 1 -8.39 -6.29 -4.42
HT12 EU0 B 1 -10.99 -6.10 -6.82
HT22 EU0 B 1 -10.12 -3.60 -8.74
HT21 EU0 B 1 -8.41 -3.56 -8.26
H EU0 B 1 -7.72 -5.18 -6.86
HA EU0 B 1 -9.37 -7.67 -7.10
HB EU0 B 1 -7.39 -8.97 -6.66
HG11 EU0 B 1 -8.14 -8.61 -9.00
HG13 EU0 B 1 -6.39 -8.79 -8.89
HG12 EU0 B 1 -7.09 -7.18 -9.12
HG23 EU0 B 1 -5.74 -6.44 -7.07
HG22 EU0 B 1 -5.14 -8.08 -6.87
HG21 EU0 B 1 -5.96 -7.28 -5.52
HT11 EU0 B 1 -11.40 -5.14 -8.24
N HYP B 2 -9.36 -8.30 -4.57
CA HYP B 2 -9.74 -8.32 -3.15
C HYP B 2 -8.51 -8.41 -2.23
O HYP B 2 -7.38 -8.60 -2.68
CB HYP B 2 -10.72 -9.50 -3.00
CG HYP B 2 -11.14 -9.85 -4.42
CD HYP B 2 -9.90 -9.48 -5.23
OD1 HYP B 2 -12.22 -9.05 -4.86
HA HYP B 2 -10.27 -7.41 -2.91
HB2 HYP B 2 -10.24 -10.35 -2.54
HB3 HYP B 2 -11.59 -9.21 -2.42
HG HYP B 2 -11.38 -10.90 -4.52
HD22 HYP B 2 -9.17 -10.29 -5.17
HD23 HYP B 2 -10.18 -9.31 -6.27
HD1 HYP B 2 -12.86 -9.00 -4.14
N ILE B 3 -8.75 -8.34 -0.92
CA ILE B 3 -7.72 -8.45 0.12
C ILE B 3 -7.98 -9.69 1.00
N THR B 4 -6.97 -10.20 1.69
CA THR B 4 -7.09 -11.34 2.61
C THR B 4 -6.11 -11.19 3.76
N TYR B 5 -6.62 -11.35 4.99
CA TYR B 5 -5.88 -11.10 6.22
C TYR B 5 -5.93 -12.28 7.18
O LE1 B 6 -3.55 -12.31 10.49
C LE1 B 6 -4.46 -13.11 10.23
CA LE1 B 6 -4.67 -13.67 8.81
N LE1 B 6 -4.80 -12.60 7.80
CB LE1 B 6 -3.62 -14.74 8.41
C9 LE1 B 6 -3.41 -15.80 9.51
C8 LE1 B 6 -2.23 -14.14 8.13
SG LE1 B 6 -4.18 -15.55 6.86
HA LE1 B 6 -5.61 -14.21 8.85
H LE1 B 6 -3.96 -12.07 7.56
H9 LE1 B 6 -4.37 -16.17 9.88
H9A LE1 B 6 -2.85 -15.37 10.35
H9B LE1 B 6 -2.83 -16.64 9.11
H8 LE1 B 6 -1.52 -14.93 7.87
H8A LE1 B 6 -1.84 -13.61 8.99
H8B LE1 B 6 -2.27 -13.46 7.28
N ASN B 7 -5.26 -13.60 11.19
CA ASN B 7 -5.13 -13.24 12.59
C ASN B 7 -4.27 -14.27 13.34
N ARG B 8 -3.03 -13.87 13.66
CA ARG B 8 -2.14 -14.64 14.56
C ARG B 8 -2.82 -14.92 15.91
N DAB B 9 -3.63 -13.99 16.36
CA DAB B 9 -4.13 -13.87 17.72
C DAB B 9 -5.42 -14.64 18.02
O DAB B 9 -5.87 -14.63 19.17
CB DAB B 9 -4.27 -12.36 17.99
CG DAB B 9 -4.26 -11.98 19.46
ND DAB B 9 -4.41 -10.53 19.55
H DAB B 9 -3.79 -13.19 15.75
HA DAB B 9 -3.35 -14.27 18.39
HB2 DAB B 9 -3.43 -11.85 17.50
HB3 DAB B 9 -5.19 -12.01 17.54
HG2 DAB B 9 -5.07 -12.49 20.00
HG3 DAB B 9 -3.31 -12.29 19.90
HD1 DAB B 9 -3.72 -10.05 18.95
HD2 DAB B 9 -4.30 -10.13 20.47
HD3 DAB B 9 -5.29 -10.19 19.19
N THR B 10 -6.03 -15.32 17.03
CA THR B 10 -7.05 -16.37 17.26
C THR B 10 -6.79 -17.64 16.46
N 4FO B 11 -6.17 -17.57 15.29
CA 4FO B 11 -5.70 -18.77 14.57
C 4FO B 11 -6.19 -18.90 13.11
O 4FO B 11 -5.99 -19.95 12.51
CB 4FO B 11 -4.17 -18.83 14.73
CG 4FO B 11 -3.86 -19.19 16.19
NZ 4FO B 11 -2.51 -18.78 16.56
H 4FO B 11 -5.95 -16.67 14.89
HA 4FO B 11 -6.11 -19.66 15.04
HB2 4FO B 11 -3.75 -17.86 14.46
HB3 4FO B 11 -3.76 -19.60 14.07
HG3 4FO B 11 -4.58 -18.69 16.84
HG2 4FO B 11 -3.99 -20.28 16.32
HZ3 4FO B 11 -2.32 -19.03 17.52
HZ2 4FO B 11 -2.45 -17.76 16.51
HZ1 4FO B 11 -1.82 -19.19 15.96
N LYS B 12 -6.95 -17.93 12.59
CA LYS B 12 -7.73 -18.04 11.34
C LYS B 12 -7.60 -16.79 10.47
N CYS B 13 -8.04 -16.89 9.23
CA CYS B 13 -7.99 -15.81 8.24
C CYS B 13 -9.38 -15.36 7.79
N DAB B 14 -9.46 -14.26 7.05
CA DAB B 14 -10.63 -13.88 6.27
C DAB B 14 -10.23 -13.25 4.92
O DAB B 14 -9.19 -12.59 4.85
CB DAB B 14 -11.47 -12.85 7.03
CG DAB B 14 -11.64 -13.16 8.53
ND DAB B 14 -12.47 -12.10 9.14
H DAB B 14 -8.60 -13.72 6.89
HA DAB B 14 -11.24 -14.77 6.07
HB2 DAB B 14 -10.97 -11.89 6.94
HB3 DAB B 14 -12.45 -12.77 6.56
HG2 DAB B 14 -12.10 -14.14 8.64
HG3 DAB B 14 -10.65 -13.18 8.98
HD1 DAB B 14 -13.40 -12.09 8.73
HD2 DAB B 14 -12.06 -11.20 8.98
HD3 DAB B 14 -12.56 -12.26 10.14
N ARG B 15 -11.13 -13.28 3.92
CA ARG B 15 -11.07 -12.31 2.82
C ARG B 15 -11.67 -10.94 3.21
N TYR B 16 -11.46 -10.00 2.32
CA TYR B 16 -12.18 -8.73 2.14
C TYR B 16 -12.50 -8.65 0.64
N GLY A 1 -5.52 -21.57 3.36
CA GLY A 1 -6.03 -20.32 3.97
C GLY A 1 -7.19 -19.86 3.14
N LYS A 2 -6.98 -18.82 2.32
CA LYS A 2 -7.48 -18.85 0.93
C LYS A 2 -6.86 -20.04 0.17
N THR A 3 -7.42 -20.35 -1.00
CA THR A 3 -6.85 -21.26 -2.01
C THR A 3 -7.25 -20.78 -3.41
N GLY A 4 -6.63 -21.36 -4.45
CA GLY A 4 -6.57 -20.79 -5.80
C GLY A 4 -5.50 -19.69 -5.91
N ASP A 5 -4.73 -19.71 -6.99
CA ASP A 5 -3.59 -18.83 -7.25
C ASP A 5 -4.00 -17.49 -7.89
N THR A 6 -5.01 -17.53 -8.76
CA THR A 6 -5.12 -16.63 -9.92
C THR A 6 -5.68 -15.25 -9.57
N ASP A 7 -6.11 -15.03 -8.32
CA ASP A 7 -6.31 -13.70 -7.74
C ASP A 7 -4.99 -12.90 -7.63
N GLN A 8 -3.84 -13.59 -7.53
CA GLN A 8 -2.53 -13.07 -7.07
C GLN A 8 -2.67 -12.08 -5.89
N PRO A 9 -3.38 -12.49 -4.82
CA PRO A 9 -4.15 -11.59 -3.95
C PRO A 9 -3.29 -10.70 -3.06
N ILE A 10 -3.94 -9.70 -2.46
CA ILE A 10 -3.32 -8.88 -1.42
C ILE A 10 -3.23 -9.69 -0.12
N HIS A 11 -2.03 -9.74 0.48
CA HIS A 11 -1.72 -10.52 1.68
C HIS A 11 -1.23 -9.65 2.83
N ILE A 12 -1.69 -9.92 4.06
CA ILE A 12 -1.28 -9.23 5.30
C ILE A 12 -1.24 -10.23 6.48
N GLU A 13 -0.09 -10.36 7.15
CA GLU A 13 0.08 -11.07 8.45
C GLU A 13 0.30 -10.06 9.59
N SER A 14 -0.57 -10.05 10.60
CA SER A 14 -0.41 -9.20 11.81
C SER A 14 -0.69 -9.95 13.11
N ASP A 15 -0.16 -9.47 14.24
CA ASP A 15 -0.27 -10.19 15.54
C ASP A 15 -1.59 -9.92 16.29
N GLN A 16 -2.23 -8.82 15.91
CA GLN A 16 -3.62 -8.45 16.18
C GLN A 16 -4.14 -7.59 15.03
N GLN A 17 -5.46 -7.54 14.87
CA GLN A 17 -6.16 -6.83 13.79
C GLN A 17 -7.61 -6.54 14.19
N SER A 18 -8.27 -5.63 13.47
CA SER A 18 -9.63 -5.14 13.79
C SER A 18 -10.42 -4.77 12.54
N LEU A 19 -11.75 -4.71 12.67
CA LEU A 19 -12.72 -4.47 11.61
C LEU A 19 -13.84 -3.56 12.14
N ASP A 20 -13.97 -2.37 11.57
CA ASP A 20 -15.11 -1.46 11.77
C ASP A 20 -16.06 -1.55 10.57
N MET A 21 -17.27 -2.06 10.80
CA MET A 21 -18.32 -2.21 9.79
C MET A 21 -19.16 -0.93 9.59
N GLN A 22 -19.03 0.07 10.49
CA GLN A 22 -19.68 1.37 10.39
C GLN A 22 -18.81 2.33 9.56
N GLY A 23 -17.60 2.64 10.04
CA GLY A 23 -16.62 3.46 9.30
C GLY A 23 -15.99 2.76 8.11
N ASN A 24 -16.22 1.44 7.94
CA ASN A 24 -15.68 0.63 6.85
C ASN A 24 -14.14 0.69 6.78
N VAL A 25 -13.51 0.31 7.90
CA VAL A 25 -12.04 0.28 8.06
C VAL A 25 -11.62 -1.07 8.62
N VAL A 26 -10.49 -1.59 8.13
CA VAL A 26 -9.77 -2.75 8.68
C VAL A 26 -8.40 -2.28 9.13
N THR A 27 -7.83 -2.86 10.19
CA THR A 27 -6.59 -2.38 10.83
C THR A 27 -5.69 -3.53 11.25
N PHE A 28 -4.37 -3.33 11.13
CA PHE A 28 -3.33 -4.35 11.34
C PHE A 28 -2.13 -3.72 12.07
N THR A 29 -1.60 -4.37 13.12
CA THR A 29 -0.43 -3.86 13.86
C THR A 29 0.56 -4.94 14.31
N GLY A 30 1.77 -4.51 14.68
CA GLY A 30 2.93 -5.36 14.96
C GLY A 30 3.95 -5.24 13.82
N ASN A 31 5.01 -6.05 13.80
CA ASN A 31 5.97 -6.07 12.68
C ASN A 31 5.36 -6.76 11.44
N VAL A 32 4.59 -5.98 10.67
CA VAL A 32 3.72 -6.43 9.58
C VAL A 32 4.42 -6.37 8.22
N VAL A 33 4.07 -7.33 7.36
CA VAL A 33 4.43 -7.39 5.94
C VAL A 33 3.16 -7.36 5.10
N VAL A 34 3.18 -6.63 3.99
CA VAL A 34 2.09 -6.56 3.00
C VAL A 34 2.63 -6.82 1.60
N THR A 35 1.98 -7.68 0.82
CA THR A 35 2.35 -8.00 -0.57
C THR A 35 1.12 -8.08 -1.49
N GLN A 36 1.33 -7.89 -2.80
CA GLN A 36 0.32 -8.02 -3.87
C GLN A 36 0.99 -8.03 -5.25
N GLY A 37 0.87 -9.12 -6.02
CA GLY A 37 1.58 -9.25 -7.31
C GLY A 37 3.09 -8.99 -7.17
N THR A 38 3.60 -7.98 -7.88
CA THR A 38 5.01 -7.51 -7.80
C THR A 38 5.29 -6.49 -6.70
N ILE A 39 4.25 -6.04 -5.97
CA ILE A 39 4.30 -4.92 -5.02
C ILE A 39 4.47 -5.44 -3.58
N LYS A 40 5.24 -4.68 -2.78
CA LYS A 40 5.36 -4.86 -1.32
C LYS A 40 5.17 -3.52 -0.59
N ILE A 41 4.63 -3.57 0.62
CA ILE A 41 4.60 -2.47 1.59
C ILE A 41 5.06 -3.00 2.95
N ASN A 42 5.88 -2.24 3.68
CA ASN A 42 6.26 -2.53 5.07
C ASN A 42 6.09 -1.30 5.97
N ALA A 43 5.32 -1.50 7.04
CA ALA A 43 4.98 -0.55 8.09
C ALA A 43 4.34 -1.33 9.27
N ASP A 44 4.60 -0.96 10.52
CA ASP A 44 4.08 -1.70 11.68
C ASP A 44 2.59 -1.42 12.01
N LYS A 45 1.99 -0.51 11.25
CA LYS A 45 0.73 0.18 11.50
C LYS A 45 0.08 0.41 10.12
N VAL A 46 -0.96 -0.37 9.81
CA VAL A 46 -1.55 -0.46 8.47
C VAL A 46 -3.07 -0.53 8.57
N VAL A 47 -3.76 0.03 7.58
CA VAL A 47 -5.21 -0.06 7.40
C VAL A 47 -5.60 -0.40 5.95
N VAL A 48 -6.84 -0.86 5.76
CA VAL A 48 -7.54 -0.80 4.47
C VAL A 48 -8.98 -0.31 4.67
N THR A 49 -9.48 0.52 3.78
CA THR A 49 -10.82 1.13 3.84
C THR A 49 -11.43 1.26 2.44
N ARG A 50 -12.69 1.70 2.32
CA ARG A 50 -13.55 1.47 1.15
C ARG A 50 -14.43 2.66 0.78
N PRO A 51 -13.91 3.64 0.00
CA PRO A 51 -14.71 4.74 -0.53
C PRO A 51 -15.59 4.35 -1.73
N GLY A 52 -15.20 3.35 -2.53
CA GLY A 52 -15.96 2.93 -3.72
C GLY A 52 -17.00 1.83 -3.47
N ASN A 53 -17.89 1.62 -4.45
CA ASN A 53 -18.94 0.60 -4.44
C ASN A 53 -18.49 -0.72 -5.11
N GLU A 54 -18.02 -0.67 -6.37
CA GLU A 54 -17.24 -1.74 -7.02
C GLU A 54 -15.97 -2.12 -6.22
N LYS A 55 -15.41 -3.32 -6.41
CA LYS A 55 -14.11 -3.69 -5.82
C LYS A 55 -12.95 -3.68 -6.81
N GLY A 56 -11.83 -3.14 -6.35
CA GLY A 56 -10.98 -2.29 -7.19
C GLY A 56 -11.01 -0.81 -6.79
N LYS A 57 -11.83 -0.45 -5.78
CA LYS A 57 -11.95 0.93 -5.24
C LYS A 57 -11.88 0.97 -3.71
N GLU A 58 -11.20 -0.02 -3.14
CA GLU A 58 -10.64 -0.01 -1.79
C GLU A 58 -9.32 0.80 -1.74
N VAL A 59 -8.85 1.08 -0.53
CA VAL A 59 -7.73 1.98 -0.23
C VAL A 59 -6.87 1.38 0.88
N ILE A 60 -5.60 1.06 0.59
CA ILE A 60 -4.62 0.53 1.55
C ILE A 60 -3.69 1.66 1.98
N GLU A 61 -3.38 1.75 3.28
CA GLU A 61 -2.58 2.85 3.84
C GLU A 61 -1.71 2.36 5.01
N GLY A 62 -0.41 2.66 5.00
CA GLY A 62 0.59 2.14 5.93
C GLY A 62 1.52 3.23 6.46
N PHE A 63 1.70 3.28 7.79
CA PHE A 63 2.24 4.44 8.51
C PHE A 63 3.11 4.05 9.71
N GLY A 64 4.12 3.23 9.47
CA GLY A 64 5.02 2.73 10.50
C GLY A 64 5.87 3.82 11.18
N ASN A 65 6.11 4.96 10.52
CA ASN A 65 7.10 5.96 10.91
C ASN A 65 8.48 5.31 11.20
N PRO A 66 9.17 4.73 10.19
CA PRO A 66 8.94 4.89 8.75
C PRO A 66 7.93 3.91 8.12
N ALA A 67 7.54 4.18 6.89
CA ALA A 67 6.82 3.28 5.98
C ALA A 67 7.59 3.18 4.66
N THR A 68 7.61 1.99 4.05
CA THR A 68 8.33 1.73 2.80
C THR A 68 7.50 0.90 1.82
N PHE A 69 7.78 1.06 0.53
CA PHE A 69 7.06 0.46 -0.59
C PHE A 69 8.04 0.05 -1.71
N TYR A 70 7.71 -1.01 -2.45
CA TYR A 70 8.44 -1.51 -3.62
C TYR A 70 7.49 -1.84 -4.78
N GLN A 71 7.95 -1.62 -6.02
CA GLN A 71 7.33 -2.08 -7.27
C GLN A 71 8.40 -2.33 -8.34
N MET A 72 8.16 -3.25 -9.28
CA MET A 72 8.91 -3.34 -10.54
C MET A 72 8.07 -2.81 -11.71
N GLN A 73 8.69 -2.02 -12.58
CA GLN A 73 8.13 -1.56 -13.85
C GLN A 73 8.43 -2.60 -14.95
N ASP A 74 7.48 -2.85 -15.85
CA ASP A 74 7.58 -3.80 -16.98
C ASP A 74 8.68 -3.45 -18.01
N ASN A 75 9.18 -2.20 -17.99
CA ASN A 75 10.40 -1.76 -18.66
C ASN A 75 11.65 -2.53 -18.17
N GLY A 76 11.55 -3.30 -17.08
CA GLY A 76 12.66 -4.00 -16.44
C GLY A 76 13.43 -3.10 -15.48
N LYS A 77 12.70 -2.36 -14.62
CA LYS A 77 13.27 -1.43 -13.64
C LYS A 77 12.64 -1.64 -12.25
N PRO A 78 13.41 -2.08 -11.24
CA PRO A 78 12.95 -2.17 -9.86
C PRO A 78 13.04 -0.81 -9.15
N VAL A 79 11.96 -0.38 -8.50
CA VAL A 79 11.85 0.92 -7.83
C VAL A 79 11.14 0.82 -6.48
N LYS A 80 11.33 1.82 -5.63
CA LYS A 80 10.96 1.81 -4.22
C LYS A 80 10.77 3.23 -3.69
N GLY A 81 9.95 3.37 -2.65
CA GLY A 81 9.60 4.65 -2.02
C GLY A 81 9.55 4.54 -0.50
N ARG A 82 9.89 5.63 0.19
CA ARG A 82 10.33 5.64 1.59
C ARG A 82 9.83 6.92 2.26
N ALA A 83 9.09 6.84 3.36
CA ALA A 83 8.46 7.99 4.02
C ALA A 83 8.08 7.69 5.48
N SER A 84 7.25 8.52 6.11
CA SER A 84 6.52 8.16 7.32
C SER A 84 5.22 7.41 7.04
N LYS A 85 4.58 7.66 5.89
CA LYS A 85 3.25 7.14 5.50
C LYS A 85 3.20 6.88 3.99
N MET A 86 2.46 5.85 3.57
CA MET A 86 2.27 5.44 2.17
C MET A 86 0.83 4.97 1.92
N ARG A 87 0.27 5.25 0.74
CA ARG A 87 -1.07 4.80 0.32
C ARG A 87 -1.07 4.19 -1.08
N TYR A 88 -1.94 3.19 -1.29
CA TYR A 88 -2.21 2.52 -2.57
C TYR A 88 -3.71 2.54 -2.93
N GLU A 89 -3.99 2.38 -4.24
CA GLU A 89 -5.32 2.47 -4.86
C GLU A 89 -5.65 1.14 -5.57
N LEU A 90 -6.77 0.47 -5.24
CA LEU A 90 -7.04 -0.92 -5.66
C LEU A 90 -7.34 -1.12 -7.17
N GLN A 91 -7.33 -0.05 -7.95
CA GLN A 91 -7.38 -0.06 -9.43
C GLN A 91 -6.00 -0.36 -10.05
N ASN A 92 -4.93 -0.29 -9.24
CA ASN A 92 -3.54 -0.61 -9.61
C ASN A 92 -2.95 0.41 -10.60
N ASP A 93 -3.05 1.70 -10.26
CA ASP A 93 -2.59 2.83 -11.10
C ASP A 93 -1.49 3.68 -10.45
N TYR A 94 -1.58 3.95 -9.15
CA TYR A 94 -0.62 4.82 -8.46
C TYR A 94 -0.48 4.53 -6.96
N VAL A 95 0.56 5.12 -6.38
CA VAL A 95 0.94 5.15 -4.97
C VAL A 95 1.20 6.61 -4.59
N VAL A 96 1.00 6.96 -3.32
CA VAL A 96 1.58 8.17 -2.72
C VAL A 96 2.45 7.81 -1.52
N LEU A 97 3.57 8.51 -1.40
CA LEU A 97 4.46 8.56 -0.24
C LEU A 97 4.25 9.92 0.44
N THR A 98 4.19 9.99 1.77
CA THR A 98 3.78 11.21 2.51
C THR A 98 4.41 11.29 3.90
N GLY A 99 4.75 12.50 4.32
CA GLY A 99 5.48 12.80 5.55
C GLY A 99 6.95 12.43 5.42
N ASN A 100 7.81 13.43 5.23
CA ASN A 100 9.25 13.32 4.99
C ASN A 100 9.59 12.24 3.93
N ALA A 101 8.96 12.34 2.75
CA ALA A 101 9.02 11.31 1.72
C ALA A 101 10.21 11.42 0.76
N TYR A 102 10.56 10.27 0.19
CA TYR A 102 11.74 10.00 -0.62
C TYR A 102 11.38 8.93 -1.68
N LEU A 103 11.76 9.16 -2.93
CA LEU A 103 11.52 8.26 -4.07
C LEU A 103 12.80 8.16 -4.90
N GLU A 104 13.13 6.94 -5.35
CA GLU A 104 14.53 6.57 -5.63
C GLU A 104 14.62 5.60 -6.82
N GLN A 105 14.53 6.19 -8.01
CA GLN A 105 14.62 5.55 -9.34
C GLN A 105 16.01 5.82 -9.96
N LEU A 106 16.38 5.10 -11.03
CA LEU A 106 17.69 5.23 -11.71
C LEU A 106 18.02 6.66 -12.21
N ASP A 107 17.02 7.53 -12.33
CA ASP A 107 17.13 8.94 -12.72
C ASP A 107 17.53 9.87 -11.56
N SER A 108 16.93 9.69 -10.36
CA SER A 108 17.02 10.67 -9.28
C SER A 108 16.60 10.11 -7.91
N ASN A 109 17.04 10.78 -6.84
CA ASN A 109 16.61 10.54 -5.46
C ASN A 109 15.91 11.80 -4.89
N ILE A 110 14.59 11.73 -4.77
CA ILE A 110 13.69 12.88 -4.56
C ILE A 110 13.49 13.16 -3.06
N LYS A 111 12.99 14.35 -2.72
CA LYS A 111 12.70 14.84 -1.35
C LYS A 111 11.36 15.58 -1.33
N GLY A 112 10.60 15.46 -0.25
CA GLY A 112 9.43 16.33 0.01
C GLY A 112 8.34 15.63 0.82
N ASP A 113 7.46 16.38 1.47
CA ASP A 113 6.44 15.79 2.36
C ASP A 113 5.24 15.15 1.66
N LYS A 114 5.18 15.21 0.33
CA LYS A 114 4.39 14.33 -0.54
C LYS A 114 5.14 14.00 -1.84
N ILE A 115 5.08 12.75 -2.27
CA ILE A 115 5.51 12.31 -3.61
C ILE A 115 4.50 11.29 -4.13
N THR A 116 3.97 11.51 -5.33
CA THR A 116 3.16 10.52 -6.07
C THR A 116 4.05 9.69 -6.97
N TYR A 117 3.75 8.40 -7.11
CA TYR A 117 4.38 7.47 -8.03
C TYR A 117 3.30 6.68 -8.78
N LEU A 118 3.26 6.77 -10.10
CA LEU A 118 2.44 5.88 -10.94
C LEU A 118 3.00 4.47 -10.82
N VAL A 119 2.16 3.47 -10.58
CA VAL A 119 2.59 2.10 -10.25
C VAL A 119 2.86 1.23 -11.49
N LYS A 120 2.65 1.80 -12.69
CA LYS A 120 2.37 1.08 -13.94
C LYS A 120 2.88 1.85 -15.16
N GLU A 121 2.56 3.14 -15.24
CA GLU A 121 3.40 4.13 -15.92
C GLU A 121 4.61 4.44 -15.03
N GLN A 122 5.80 4.68 -15.60
CA GLN A 122 7.06 4.86 -14.87
C GLN A 122 7.29 6.30 -14.36
N LYS A 123 6.21 6.98 -13.93
CA LYS A 123 6.17 8.42 -13.66
C LYS A 123 6.11 8.76 -12.16
N MET A 124 6.88 9.77 -11.76
CA MET A 124 6.71 10.52 -10.51
C MET A 124 5.85 11.79 -10.72
N GLN A 125 5.11 12.21 -9.69
CA GLN A 125 4.54 13.56 -9.61
C GLN A 125 4.61 14.11 -8.17
N ALA A 126 5.33 15.22 -7.99
CA ALA A 126 5.30 16.02 -6.76
C ALA A 126 4.14 17.03 -6.79
N PHE A 127 3.63 17.38 -5.61
CA PHE A 127 2.59 18.39 -5.40
C PHE A 127 2.65 18.91 -3.96
N SER A 128 2.05 20.07 -3.68
CA SER A 128 1.86 20.56 -2.30
C SER A 128 0.43 21.03 -2.06
N ASP A 129 -0.29 20.29 -1.23
CA ASP A 129 -1.59 20.67 -0.66
C ASP A 129 -1.45 21.68 0.49
N LYS A 130 -0.43 21.49 1.34
CA LYS A 130 -0.11 22.26 2.57
C LYS A 130 -1.19 22.26 3.68
N GLY A 131 -2.47 22.13 3.34
CA GLY A 131 -3.63 22.25 4.23
C GLY A 131 -3.84 21.11 5.24
N ARG A 132 -2.82 20.80 6.06
CA ARG A 132 -2.91 19.84 7.16
C ARG A 132 -3.72 20.41 8.33
N ARG A 133 -5.02 20.50 8.12
CA ARG A 133 -5.98 20.79 9.18
C ARG A 133 -5.88 19.86 10.40
NT1 EU0 B 1 -9.70 -6.70 -8.88
CT EU0 B 1 -9.00 -5.93 -8.12
NT2 EU0 B 1 -8.96 -4.68 -8.41
N EU0 B 1 -8.33 -6.37 -7.10
CA EU0 B 1 -8.25 -7.77 -6.57
CB EU0 B 1 -6.86 -8.38 -6.90
CG1 EU0 B 1 -6.60 -8.41 -8.42
CG2 EU0 B 1 -5.70 -7.67 -6.19
C EU0 B 1 -8.66 -7.84 -5.08
O EU0 B 1 -8.75 -6.79 -4.43
HT12 EU0 B 1 -9.68 -7.72 -8.73
HT22 EU0 B 1 -9.51 -4.32 -9.21
HT21 EU0 B 1 -8.36 -4.01 -7.89
H EU0 B 1 -7.87 -5.66 -6.51
HA EU0 B 1 -8.98 -8.39 -7.08
HB EU0 B 1 -6.87 -9.41 -6.55
HG11 EU0 B 1 -5.70 -9.00 -8.62
HG13 EU0 B 1 -6.45 -7.40 -8.81
HG12 EU0 B 1 -7.43 -8.90 -8.94
HG23 EU0 B 1 -5.60 -6.63 -6.53
HG22 EU0 B 1 -4.77 -8.19 -6.40
HG21 EU0 B 1 -5.85 -7.68 -5.11
HT11 EU0 B 1 -10.27 -6.30 -9.63
N HYP B 2 -8.95 -9.02 -4.48
CA HYP B 2 -9.43 -9.11 -3.10
C HYP B 2 -8.28 -9.13 -2.06
O HYP B 2 -7.15 -9.52 -2.37
CB HYP B 2 -10.27 -10.38 -3.05
CG HYP B 2 -9.68 -11.29 -4.15
CD HYP B 2 -8.90 -10.35 -5.07
OD1 HYP B 2 -10.72 -11.94 -4.84
HA HYP B 2 -10.07 -8.27 -2.87
HB2 HYP B 2 -10.23 -10.87 -2.08
HB3 HYP B 2 -11.30 -10.14 -3.30
HG HYP B 2 -9.00 -12.01 -3.70
HD22 HYP B 2 -7.87 -10.70 -5.12
HD23 HYP B 2 -9.34 -10.35 -6.06
HD1 HYP B 2 -10.28 -12.57 -5.48
N ILE B 3 -8.63 -8.79 -0.82
CA ILE B 3 -7.75 -8.88 0.36
C ILE B 3 -7.85 -10.29 0.97
N THR B 4 -6.70 -10.82 1.42
CA THR B 4 -6.56 -11.99 2.30
C THR B 4 -5.72 -11.60 3.52
N TYR B 5 -6.40 -11.15 4.59
CA TYR B 5 -5.76 -10.65 5.80
C TYR B 5 -5.84 -11.68 6.93
O LE1 B 6 -2.96 -11.94 9.73
C LE1 B 6 -3.81 -12.83 9.68
CA LE1 B 6 -4.53 -13.21 8.35
N LE1 B 6 -4.71 -12.02 7.51
CB LE1 B 6 -3.87 -14.38 7.55
C9 LE1 B 6 -3.61 -15.62 8.43
C8 LE1 B 6 -2.54 -13.94 6.92
SG LE1 B 6 -4.93 -14.82 6.10
HA LE1 B 6 -5.51 -13.57 8.66
H LE1 B 6 -3.84 -11.54 7.24
H9 LE1 B 6 -2.94 -15.36 9.24
H9A LE1 B 6 -3.15 -16.40 7.84
H9B LE1 B 6 -4.54 -15.98 8.86
H8 LE1 B 6 -1.96 -13.40 7.65
H8A LE1 B 6 -2.73 -13.27 6.08
H8B LE1 B 6 -1.98 -14.80 6.56
N ASN B 7 -4.25 -13.42 10.80
CA ASN B 7 -3.81 -13.04 12.14
C ASN B 7 -2.77 -14.04 12.67
N ARG B 8 -1.47 -13.70 12.63
CA ARG B 8 -0.33 -14.56 13.03
C ARG B 8 -0.60 -15.32 14.32
N DAB B 9 -1.09 -14.58 15.30
CA DAB B 9 -1.25 -14.97 16.69
C DAB B 9 -2.39 -15.98 16.95
O DAB B 9 -2.59 -16.39 18.09
CB DAB B 9 -1.44 -13.62 17.40
CG DAB B 9 -1.38 -13.60 18.92
ND DAB B 9 -1.14 -12.20 19.33
H DAB B 9 -1.24 -13.61 15.06
HA DAB B 9 -0.31 -15.42 17.03
HB2 DAB B 9 -0.65 -12.97 17.04
HB3 DAB B 9 -2.39 -13.21 17.09
HG2 DAB B 9 -2.32 -13.98 19.32
HG3 DAB B 9 -0.55 -14.23 19.28
HD1 DAB B 9 -1.16 -12.04 20.32
HD2 DAB B 9 -1.75 -11.55 18.83
HD3 DAB B 9 -0.22 -11.91 18.98
N THR B 10 -3.12 -16.38 15.90
CA THR B 10 -4.06 -17.51 15.86
C THR B 10 -3.99 -18.30 14.54
N 4FO B 11 -3.15 -17.88 13.59
CA 4FO B 11 -3.11 -18.33 12.20
C 4FO B 11 -4.39 -18.05 11.37
O 4FO B 11 -4.45 -18.46 10.20
CB 4FO B 11 -1.86 -17.66 11.58
CG 4FO B 11 -1.48 -18.13 10.18
NZ 4FO B 11 -0.40 -17.28 9.64
H 4FO B 11 -2.51 -17.13 13.84
HA 4FO B 11 -2.96 -19.41 12.21
HB2 4FO B 11 -1.01 -17.84 12.24
HB3 4FO B 11 -2.03 -16.58 11.52
HG3 4FO B 11 -1.15 -19.18 10.23
HG2 4FO B 11 -2.35 -18.07 9.53
HZ3 4FO B 11 0.44 -17.21 10.20
HZ2 4FO B 11 -0.65 -16.28 9.57
HZ1 4FO B 11 -0.10 -17.53 8.70
N LYS B 12 -5.43 -17.39 11.91
CA LYS B 12 -6.77 -17.34 11.27
C LYS B 12 -6.91 -16.24 10.21
N CYS B 13 -7.43 -16.64 9.04
CA CYS B 13 -7.62 -15.77 7.88
C CYS B 13 -8.98 -15.07 7.85
N DAB B 14 -9.02 -13.97 7.11
CA DAB B 14 -10.15 -13.07 6.88
C DAB B 14 -10.01 -12.45 5.45
O DAB B 14 -8.95 -12.57 4.84
CB DAB B 14 -10.15 -11.95 7.95
CG DAB B 14 -9.83 -12.42 9.38
ND DAB B 14 -8.37 -12.41 9.61
H DAB B 14 -8.20 -13.72 6.57
HA DAB B 14 -11.08 -13.63 6.94
HB2 DAB B 14 -9.41 -11.22 7.65
HB3 DAB B 14 -11.12 -11.47 7.94
HG2 DAB B 14 -10.33 -11.75 10.10
HG3 DAB B 14 -10.24 -13.42 9.50
HD1 DAB B 14 -7.91 -12.77 8.79
HD2 DAB B 14 -8.10 -12.93 10.42
HD3 DAB B 14 -8.00 -11.47 9.72
N ARG B 15 -11.05 -11.78 4.93
CA ARG B 15 -11.05 -11.20 3.57
C ARG B 15 -11.77 -9.85 3.54
N TYR B 16 -11.48 -9.05 2.52
CA TYR B 16 -12.08 -7.73 2.27
C TYR B 16 -12.07 -7.40 0.76
N GLY A 1 -5.74 -24.49 -16.73
CA GLY A 1 -5.20 -23.60 -15.67
C GLY A 1 -5.17 -22.17 -16.16
N LYS A 2 -4.72 -21.21 -15.33
CA LYS A 2 -4.56 -19.80 -15.71
C LYS A 2 -3.39 -19.16 -14.96
N THR A 3 -2.67 -18.26 -15.61
CA THR A 3 -1.89 -17.18 -14.96
C THR A 3 -2.83 -16.36 -14.07
N GLY A 4 -2.41 -15.95 -12.87
CA GLY A 4 -3.28 -15.28 -11.88
C GLY A 4 -2.57 -14.21 -11.04
N ASP A 5 -1.35 -13.85 -11.43
CA ASP A 5 -0.28 -13.34 -10.57
C ASP A 5 -0.47 -11.86 -10.15
N THR A 6 -1.45 -11.18 -10.75
CA THR A 6 -1.99 -9.87 -10.30
C THR A 6 -3.53 -9.86 -10.20
N ASP A 7 -4.19 -10.93 -10.63
CA ASP A 7 -5.63 -11.17 -10.54
C ASP A 7 -6.05 -11.58 -9.12
N GLN A 8 -5.16 -12.32 -8.47
CA GLN A 8 -5.26 -12.83 -7.10
C GLN A 8 -5.50 -11.71 -6.07
N PRO A 9 -6.11 -12.02 -4.91
CA PRO A 9 -6.29 -11.03 -3.85
C PRO A 9 -4.95 -10.47 -3.35
N ILE A 10 -4.96 -9.23 -2.86
CA ILE A 10 -3.83 -8.74 -2.05
C ILE A 10 -3.79 -9.53 -0.76
N HIS A 11 -2.61 -10.04 -0.42
CA HIS A 11 -2.33 -10.82 0.78
C HIS A 11 -1.62 -9.96 1.83
N ILE A 12 -1.85 -10.26 3.11
CA ILE A 12 -1.37 -9.48 4.25
C ILE A 12 -1.01 -10.44 5.39
N GLU A 13 0.09 -10.17 6.09
CA GLU A 13 0.53 -10.96 7.25
C GLU A 13 0.71 -10.08 8.50
N SER A 14 0.07 -10.46 9.61
CA SER A 14 0.02 -9.68 10.88
C SER A 14 0.07 -10.56 12.14
N ASP A 15 0.01 -9.96 13.33
CA ASP A 15 -0.05 -10.72 14.60
C ASP A 15 -1.34 -10.53 15.41
N GLN A 16 -1.81 -9.30 15.57
CA GLN A 16 -3.11 -9.00 16.18
C GLN A 16 -3.91 -8.07 15.25
N GLN A 17 -5.24 -8.09 15.31
CA GLN A 17 -6.09 -7.30 14.42
C GLN A 17 -7.40 -6.85 15.09
N SER A 18 -7.93 -5.71 14.62
CA SER A 18 -9.22 -5.12 15.03
C SER A 18 -10.16 -5.03 13.83
N LEU A 19 -11.47 -5.19 14.09
CA LEU A 19 -12.53 -5.23 13.08
C LEU A 19 -13.68 -4.30 13.49
N ASP A 20 -14.15 -3.51 12.53
CA ASP A 20 -15.32 -2.64 12.61
C ASP A 20 -16.25 -2.88 11.41
N MET A 21 -17.55 -2.62 11.59
CA MET A 21 -18.57 -2.67 10.53
C MET A 21 -19.25 -1.32 10.25
N GLN A 22 -19.14 -0.32 11.13
CA GLN A 22 -19.84 0.96 11.04
C GLN A 22 -19.10 1.98 10.16
N GLY A 23 -17.77 1.98 10.17
CA GLY A 23 -16.91 2.50 9.10
C GLY A 23 -16.49 1.41 8.10
N ASN A 24 -16.80 0.15 8.39
CA ASN A 24 -16.40 -1.04 7.62
C ASN A 24 -14.87 -1.16 7.48
N VAL A 25 -14.17 -0.98 8.61
CA VAL A 25 -12.70 -0.97 8.70
C VAL A 25 -12.18 -2.30 9.26
N VAL A 26 -11.03 -2.78 8.76
CA VAL A 26 -10.17 -3.72 9.49
C VAL A 26 -8.81 -3.08 9.70
N THR A 27 -8.12 -3.40 10.80
CA THR A 27 -6.78 -2.88 11.09
C THR A 27 -5.88 -3.95 11.67
N PHE A 28 -4.76 -4.19 10.99
CA PHE A 28 -3.73 -5.15 11.31
C PHE A 28 -2.62 -4.50 12.15
N THR A 29 -2.02 -5.27 13.06
CA THR A 29 -1.04 -4.78 14.04
C THR A 29 0.03 -5.83 14.37
N GLY A 30 1.14 -5.39 14.97
CA GLY A 30 2.30 -6.20 15.33
C GLY A 30 3.51 -5.78 14.48
N ASN A 31 4.24 -6.75 13.95
CA ASN A 31 4.82 -6.57 12.61
C ASN A 31 3.71 -6.80 11.59
N VAL A 32 3.61 -5.96 10.56
CA VAL A 32 2.67 -6.14 9.45
C VAL A 32 3.40 -6.05 8.11
N VAL A 33 3.08 -6.93 7.17
CA VAL A 33 3.52 -6.86 5.78
C VAL A 33 2.36 -7.05 4.82
N VAL A 34 2.49 -6.52 3.60
CA VAL A 34 1.51 -6.64 2.52
C VAL A 34 2.21 -7.17 1.27
N THR A 35 1.59 -8.17 0.64
CA THR A 35 2.16 -8.99 -0.43
C THR A 35 1.16 -9.14 -1.59
N GLN A 36 1.59 -8.84 -2.81
CA GLN A 36 0.79 -8.99 -4.04
C GLN A 36 1.74 -9.05 -5.23
N GLY A 37 1.78 -10.17 -5.97
CA GLY A 37 2.71 -10.36 -7.08
C GLY A 37 4.17 -10.02 -6.68
N THR A 38 4.67 -8.87 -7.12
CA THR A 38 6.02 -8.36 -6.85
C THR A 38 6.11 -7.25 -5.79
N ILE A 39 4.97 -6.70 -5.33
CA ILE A 39 4.85 -5.56 -4.39
C ILE A 39 5.29 -5.97 -2.99
N LYS A 40 6.05 -5.09 -2.31
CA LYS A 40 6.52 -5.27 -0.91
C LYS A 40 6.25 -4.00 -0.09
N ILE A 41 5.59 -4.17 1.06
CA ILE A 41 5.31 -3.10 2.05
C ILE A 41 5.49 -3.69 3.46
N ASN A 42 6.06 -2.92 4.38
CA ASN A 42 6.19 -3.26 5.80
C ASN A 42 5.82 -2.08 6.70
N ALA A 43 5.18 -2.37 7.83
CA ALA A 43 4.53 -1.42 8.73
C ALA A 43 4.36 -2.04 10.13
N ASP A 44 4.03 -1.23 11.14
CA ASP A 44 3.62 -1.73 12.48
C ASP A 44 2.10 -1.66 12.71
N LYS A 45 1.37 -0.92 11.86
CA LYS A 45 -0.08 -1.03 11.63
C LYS A 45 -0.40 -0.89 10.14
N VAL A 46 -1.44 -1.59 9.68
CA VAL A 46 -2.03 -1.38 8.34
C VAL A 46 -3.56 -1.34 8.49
N VAL A 47 -4.20 -0.36 7.87
CA VAL A 47 -5.67 -0.26 7.77
C VAL A 47 -6.14 -0.69 6.38
N VAL A 48 -7.33 -1.30 6.33
CA VAL A 48 -8.03 -1.73 5.10
C VAL A 48 -9.52 -1.35 5.26
N THR A 49 -10.09 -0.65 4.30
CA THR A 49 -11.41 0.00 4.39
C THR A 49 -12.01 0.27 3.01
N ARG A 50 -13.35 0.37 2.92
CA ARG A 50 -14.10 0.41 1.64
C ARG A 50 -14.85 1.74 1.41
N PRO A 51 -14.18 2.91 1.36
CA PRO A 51 -14.81 4.21 1.14
C PRO A 51 -15.16 4.44 -0.35
N GLY A 52 -15.96 3.54 -0.92
CA GLY A 52 -16.38 3.58 -2.32
C GLY A 52 -17.48 2.56 -2.61
N ASN A 53 -18.45 2.96 -3.44
CA ASN A 53 -19.71 2.24 -3.68
C ASN A 53 -19.55 1.07 -4.68
N GLU A 54 -18.61 0.15 -4.44
CA GLU A 54 -18.25 -0.89 -5.41
C GLU A 54 -17.76 -2.20 -4.78
N LYS A 55 -18.14 -3.35 -5.36
CA LYS A 55 -17.83 -4.72 -4.89
C LYS A 55 -16.40 -5.20 -5.21
N GLY A 56 -15.44 -4.28 -5.27
CA GLY A 56 -14.05 -4.56 -5.66
C GLY A 56 -13.09 -3.37 -5.59
N LYS A 57 -13.49 -2.26 -4.94
CA LYS A 57 -12.69 -1.04 -4.75
C LYS A 57 -12.60 -0.71 -3.27
N GLU A 58 -11.40 -0.38 -2.82
CA GLU A 58 -10.95 -0.46 -1.42
C GLU A 58 -9.66 0.41 -1.25
N VAL A 59 -9.37 0.88 -0.03
CA VAL A 59 -8.23 1.75 0.29
C VAL A 59 -7.43 1.21 1.47
N ILE A 60 -6.19 0.79 1.19
CA ILE A 60 -5.18 0.38 2.16
C ILE A 60 -4.33 1.59 2.57
N GLU A 61 -4.04 1.76 3.85
CA GLU A 61 -2.96 2.66 4.32
C GLU A 61 -2.04 1.97 5.35
N GLY A 62 -0.74 2.30 5.29
CA GLY A 62 0.32 1.64 6.08
C GLY A 62 1.08 2.63 6.97
N PHE A 63 1.29 2.27 8.24
CA PHE A 63 1.75 3.15 9.30
C PHE A 63 3.03 2.64 9.99
N GLY A 64 3.82 3.58 10.51
CA GLY A 64 4.99 3.31 11.35
C GLY A 64 5.86 4.54 11.61
N ASN A 65 6.00 5.40 10.60
CA ASN A 65 6.87 6.58 10.58
C ASN A 65 8.34 6.25 10.98
N PRO A 66 9.21 5.90 10.02
CA PRO A 66 9.00 5.92 8.57
C PRO A 66 8.10 4.80 8.04
N ALA A 67 7.67 4.93 6.79
CA ALA A 67 7.07 3.91 5.96
C ALA A 67 7.91 3.70 4.69
N THR A 68 7.92 2.47 4.15
CA THR A 68 8.74 2.10 2.98
C THR A 68 8.02 1.13 2.05
N PHE A 69 8.29 1.25 0.74
CA PHE A 69 7.57 0.57 -0.35
C PHE A 69 8.55 0.14 -1.44
N TYR A 70 8.32 -1.06 -2.01
CA TYR A 70 9.03 -1.59 -3.17
C TYR A 70 8.04 -2.04 -4.27
N GLN A 71 8.36 -1.65 -5.51
CA GLN A 71 7.64 -1.99 -6.73
C GLN A 71 8.63 -2.51 -7.79
N MET A 72 8.46 -3.76 -8.23
CA MET A 72 9.27 -4.28 -9.35
C MET A 72 8.83 -3.61 -10.66
N GLN A 73 9.81 -3.23 -11.49
CA GLN A 73 9.58 -2.51 -12.74
C GLN A 73 10.58 -3.04 -13.77
N ASP A 74 10.15 -4.07 -14.50
CA ASP A 74 10.96 -4.94 -15.36
C ASP A 74 11.51 -4.25 -16.62
N ASN A 75 11.23 -2.95 -16.78
CA ASN A 75 11.97 -1.99 -17.61
C ASN A 75 13.41 -1.72 -17.10
N GLY A 76 14.04 -2.70 -16.44
CA GLY A 76 15.37 -2.63 -15.83
C GLY A 76 15.48 -1.81 -14.53
N LYS A 77 14.36 -1.42 -13.91
CA LYS A 77 14.33 -0.35 -12.89
C LYS A 77 13.30 -0.54 -11.75
N PRO A 78 13.42 -1.61 -10.94
CA PRO A 78 12.61 -1.78 -9.73
C PRO A 78 12.78 -0.60 -8.76
N VAL A 79 11.68 0.05 -8.43
CA VAL A 79 11.65 1.33 -7.70
C VAL A 79 11.26 1.12 -6.24
N LYS A 80 11.72 2.04 -5.40
CA LYS A 80 11.48 2.06 -3.96
C LYS A 80 11.25 3.50 -3.49
N GLY A 81 10.32 3.65 -2.55
CA GLY A 81 9.86 4.95 -2.05
C GLY A 81 9.68 4.92 -0.54
N ARG A 82 10.00 6.03 0.13
CA ARG A 82 10.12 6.15 1.58
C ARG A 82 9.47 7.45 2.08
N ALA A 83 8.72 7.38 3.17
CA ALA A 83 7.85 8.46 3.64
C ALA A 83 7.60 8.35 5.17
N SER A 84 6.68 9.14 5.72
CA SER A 84 6.09 8.93 7.05
C SER A 84 4.93 7.92 7.02
N LYS A 85 4.13 7.92 5.94
CA LYS A 85 2.93 7.09 5.77
C LYS A 85 2.79 6.59 4.33
N MET A 86 2.14 5.44 4.12
CA MET A 86 1.78 4.92 2.79
C MET A 86 0.26 4.84 2.58
N ARG A 87 -0.18 4.93 1.32
CA ARG A 87 -1.55 4.67 0.83
C ARG A 87 -1.49 3.86 -0.47
N TYR A 88 -2.48 3.00 -0.73
CA TYR A 88 -2.75 2.38 -2.03
C TYR A 88 -4.27 2.14 -2.21
N GLU A 89 -4.76 2.08 -3.45
CA GLU A 89 -6.19 1.94 -3.74
C GLU A 89 -6.45 0.86 -4.81
N LEU A 90 -7.48 0.04 -4.59
CA LEU A 90 -7.79 -1.17 -5.39
C LEU A 90 -8.48 -0.88 -6.74
N GLN A 91 -8.20 0.29 -7.34
CA GLN A 91 -8.60 0.73 -8.68
C GLN A 91 -7.79 1.94 -9.18
N ASN A 92 -7.24 2.77 -8.29
CA ASN A 92 -6.30 3.83 -8.65
C ASN A 92 -4.89 3.31 -8.35
N ASP A 93 -4.13 2.94 -9.40
CA ASP A 93 -2.81 2.33 -9.25
C ASP A 93 -1.74 3.36 -8.84
N TYR A 94 -1.83 3.80 -7.58
CA TYR A 94 -1.35 5.08 -7.11
C TYR A 94 -0.76 4.96 -5.70
N VAL A 95 0.39 5.61 -5.48
CA VAL A 95 1.01 5.79 -4.17
C VAL A 95 1.49 7.24 -4.07
N VAL A 96 0.83 8.02 -3.22
CA VAL A 96 1.38 9.30 -2.74
C VAL A 96 2.27 9.03 -1.53
N LEU A 97 3.55 9.39 -1.64
CA LEU A 97 4.53 9.28 -0.57
C LEU A 97 4.19 10.35 0.48
N THR A 98 3.50 9.92 1.53
CA THR A 98 2.76 10.82 2.42
C THR A 98 3.62 11.23 3.61
N GLY A 99 4.18 12.45 3.54
CA GLY A 99 5.05 13.03 4.56
C GLY A 99 6.52 12.61 4.41
N ASN A 100 7.42 13.57 4.60
CA ASN A 100 8.89 13.41 4.54
C ASN A 100 9.43 12.64 3.31
N ALA A 101 8.76 12.72 2.16
CA ALA A 101 8.98 11.81 1.03
C ALA A 101 10.42 11.76 0.47
N TYR A 102 10.84 10.57 0.03
CA TYR A 102 12.01 10.31 -0.80
C TYR A 102 11.73 9.16 -1.78
N LEU A 103 12.14 9.32 -3.04
CA LEU A 103 12.01 8.30 -4.09
C LEU A 103 13.31 8.21 -4.89
N GLU A 104 13.74 6.99 -5.22
CA GLU A 104 15.11 6.70 -5.64
C GLU A 104 15.13 5.66 -6.77
N GLN A 105 15.16 6.16 -8.02
CA GLN A 105 14.86 5.40 -9.24
C GLN A 105 15.94 5.58 -10.33
N LEU A 106 15.98 4.65 -11.30
CA LEU A 106 16.69 4.77 -12.58
C LEU A 106 15.93 5.73 -13.54
N ASP A 107 15.80 6.97 -13.07
CA ASP A 107 15.09 8.11 -13.66
C ASP A 107 15.61 9.40 -13.00
N SER A 108 15.51 9.45 -11.66
CA SER A 108 16.12 10.43 -10.76
C SER A 108 16.00 9.93 -9.31
N ASN A 109 16.70 10.56 -8.38
CA ASN A 109 16.49 10.41 -6.93
C ASN A 109 16.11 11.76 -6.30
N ILE A 110 14.97 11.81 -5.63
CA ILE A 110 14.23 13.05 -5.33
C ILE A 110 13.84 13.05 -3.85
N LYS A 111 14.07 14.19 -3.17
CA LYS A 111 13.54 14.50 -1.85
C LYS A 111 12.39 15.51 -1.98
N GLY A 112 11.37 15.36 -1.16
CA GLY A 112 10.34 16.38 -0.94
C GLY A 112 9.76 16.31 0.48
N ASP A 113 8.67 17.03 0.70
CA ASP A 113 7.74 16.81 1.80
C ASP A 113 6.68 15.75 1.42
N LYS A 114 6.25 15.75 0.15
CA LYS A 114 5.43 14.72 -0.53
C LYS A 114 5.91 14.51 -1.97
N ILE A 115 5.72 13.30 -2.51
CA ILE A 115 6.04 12.92 -3.90
C ILE A 115 4.88 12.08 -4.47
N THR A 116 4.56 12.27 -5.75
CA THR A 116 3.46 11.61 -6.45
C THR A 116 3.99 10.44 -7.31
N TYR A 117 3.43 9.23 -7.19
CA TYR A 117 3.85 8.06 -7.97
C TYR A 117 2.70 7.13 -8.37
N LEU A 118 2.77 6.52 -9.55
CA LEU A 118 1.77 5.59 -10.11
C LEU A 118 2.43 4.23 -10.41
N VAL A 119 1.94 3.15 -9.78
CA VAL A 119 2.71 1.92 -9.56
C VAL A 119 2.88 1.01 -10.77
N LYS A 120 2.24 1.33 -11.91
CA LYS A 120 2.41 0.60 -13.18
C LYS A 120 3.39 1.27 -14.15
N GLU A 121 3.96 2.42 -13.79
CA GLU A 121 4.95 3.18 -14.58
C GLU A 121 6.26 3.39 -13.78
N GLN A 122 7.32 3.85 -14.42
CA GLN A 122 8.63 4.14 -13.82
C GLN A 122 8.77 5.56 -13.25
N LYS A 123 7.80 6.44 -13.54
CA LYS A 123 7.89 7.90 -13.45
C LYS A 123 7.20 8.41 -12.18
N MET A 124 7.93 9.15 -11.34
CA MET A 124 7.34 10.00 -10.30
C MET A 124 7.00 11.39 -10.86
N GLN A 125 6.13 12.14 -10.18
CA GLN A 125 5.68 13.47 -10.60
C GLN A 125 5.77 14.51 -9.48
N ALA A 126 5.99 15.77 -9.87
CA ALA A 126 5.90 16.97 -9.05
C ALA A 126 5.44 18.17 -9.90
N PHE A 127 4.89 19.21 -9.27
CA PHE A 127 4.44 20.43 -9.97
C PHE A 127 4.62 21.70 -9.13
N SER A 128 4.34 22.86 -9.73
CA SER A 128 4.66 24.23 -9.29
C SER A 128 3.89 24.74 -8.04
N ASP A 129 3.50 23.87 -7.10
CA ASP A 129 2.25 24.07 -6.36
C ASP A 129 2.22 24.99 -5.14
N LYS A 130 1.04 25.62 -5.01
CA LYS A 130 0.79 26.92 -4.36
C LYS A 130 -0.18 26.80 -3.18
N GLY A 131 -0.65 25.59 -2.88
CA GLY A 131 -1.88 25.34 -2.11
C GLY A 131 -3.14 25.56 -2.96
N ARG A 132 -4.32 25.17 -2.43
CA ARG A 132 -5.63 25.38 -3.07
C ARG A 132 -6.82 25.37 -2.11
N ARG A 133 -6.68 24.66 -0.99
CA ARG A 133 -7.67 24.59 0.11
C ARG A 133 -6.99 24.81 1.46
NT1 EU0 B 1 -9.25 -6.12 -9.24
CT EU0 B 1 -9.48 -5.44 -8.16
NT2 EU0 B 1 -10.06 -4.31 -8.28
N EU0 B 1 -9.14 -5.90 -7.02
CA EU0 B 1 -8.99 -7.34 -6.64
CB EU0 B 1 -7.52 -7.87 -6.72
CG1 EU0 B 1 -6.96 -7.95 -8.15
CG2 EU0 B 1 -6.53 -7.10 -5.85
C EU0 B 1 -9.61 -7.58 -5.25
O EU0 B 1 -9.82 -6.60 -4.52
HT12 EU0 B 1 -8.63 -6.92 -9.16
HT22 EU0 B 1 -10.31 -3.92 -9.18
HT21 EU0 B 1 -10.26 -3.74 -7.43
H EU0 B 1 -9.34 -5.29 -6.21
HA EU0 B 1 -9.57 -7.95 -7.32
HB EU0 B 1 -7.54 -8.89 -6.35
HG11 EU0 B 1 -6.76 -6.95 -8.56
HG13 EU0 B 1 -7.62 -8.52 -8.80
HG12 EU0 B 1 -6.01 -8.48 -8.11
HG23 EU0 B 1 -6.36 -6.10 -6.25
HG22 EU0 B 1 -5.59 -7.64 -5.82
HG21 EU0 B 1 -6.91 -7.03 -4.83
HT11 EU0 B 1 -9.47 -5.71 -10.15
N HYP B 2 -9.89 -8.82 -4.81
CA HYP B 2 -10.28 -9.08 -3.42
C HYP B 2 -9.08 -8.90 -2.48
O HYP B 2 -7.96 -8.65 -2.92
CB HYP B 2 -10.85 -10.52 -3.40
CG HYP B 2 -10.76 -11.05 -4.85
CD HYP B 2 -9.81 -10.08 -5.55
OD1 HYP B 2 -12.02 -11.01 -5.48
HA HYP B 2 -11.07 -8.39 -3.12
HB2 HYP B 2 -10.29 -11.16 -2.74
HB3 HYP B 2 -11.90 -10.50 -3.08
HG HYP B 2 -10.36 -12.06 -4.87
HD22 HYP B 2 -8.79 -10.47 -5.49
HD23 HYP B 2 -10.09 -9.95 -6.59
HD1 HYP B 2 -11.98 -11.53 -6.29
N ILE B 3 -9.29 -9.06 -1.16
CA ILE B 3 -8.20 -9.03 -0.16
C ILE B 3 -8.29 -10.28 0.73
N THR B 4 -7.13 -10.79 1.14
CA THR B 4 -6.97 -11.91 2.06
C THR B 4 -5.87 -11.61 3.07
N TYR B 5 -5.94 -12.19 4.26
CA TYR B 5 -4.98 -11.91 5.32
C TYR B 5 -4.83 -13.07 6.30
O LE1 B 6 -1.75 -12.86 8.93
C LE1 B 6 -2.58 -13.78 9.00
CA LE1 B 6 -3.25 -14.36 7.75
N LE1 B 6 -3.62 -13.28 6.81
CB LE1 B 6 -2.37 -15.45 7.08
C9 LE1 B 6 -1.89 -16.53 8.06
C8 LE1 B 6 -1.11 -14.87 6.41
SG LE1 B 6 -3.33 -16.25 5.73
HA LE1 B 6 -4.16 -14.86 8.09
H LE1 B 6 -2.87 -12.66 6.51
H9 LE1 B 6 -1.45 -17.36 7.50
H9A LE1 B 6 -2.70 -16.90 8.67
H9B LE1 B 6 -1.12 -16.12 8.72
H8 LE1 B 6 -1.40 -14.12 5.68
H8A LE1 B 6 -0.56 -15.66 5.91
H8B LE1 B 6 -0.47 -14.39 7.16
N ASN B 7 -2.92 -14.30 10.19
CA ASN B 7 -2.60 -13.63 11.44
C ASN B 7 -2.03 -14.58 12.52
N ARG B 8 -0.86 -14.23 13.07
CA ARG B 8 -0.02 -15.09 13.92
C ARG B 8 -0.70 -15.46 15.23
N DAB B 9 -1.17 -14.52 16.04
CA DAB B 9 -1.88 -14.81 17.28
C DAB B 9 -3.38 -15.21 17.11
O DAB B 9 -4.13 -15.22 18.08
CB DAB B 9 -1.59 -13.69 18.31
CG DAB B 9 -2.08 -13.93 19.73
ND DAB B 9 -3.43 -13.38 19.93
H DAB B 9 -0.84 -13.55 15.89
HA DAB B 9 -1.41 -15.72 17.70
HB2 DAB B 9 -0.52 -13.57 18.36
HB3 DAB B 9 -2.00 -12.75 17.93
HG2 DAB B 9 -2.06 -15.01 19.94
HG3 DAB B 9 -1.39 -13.44 20.42
HD1 DAB B 9 -3.43 -12.38 19.72
HD2 DAB B 9 -3.76 -13.50 20.88
HD3 DAB B 9 -4.07 -13.86 19.30
N THR B 10 -3.79 -15.61 15.90
CA THR B 10 -5.02 -16.39 15.69
C THR B 10 -4.76 -17.73 14.98
N 4FO B 11 -3.55 -17.96 14.46
CA 4FO B 11 -3.17 -19.22 13.83
C 4FO B 11 -3.83 -19.44 12.43
O 4FO B 11 -3.66 -20.52 11.86
CB 4FO B 11 -1.65 -19.33 13.81
CG 4FO B 11 -1.08 -20.74 13.56
NZ 4FO B 11 -1.04 -21.08 12.12
H 4FO B 11 -2.86 -17.22 14.49
HA 4FO B 11 -3.56 -20.02 14.45
HB2 4FO B 11 -1.30 -19.05 14.82
HB3 4FO B 11 -1.22 -18.60 13.12
HG3 4FO B 11 -0.07 -20.77 13.96
HG2 4FO B 11 -1.68 -21.47 14.11
HZ3 4FO B 11 -1.98 -21.06 11.74
HZ2 4FO B 11 -0.68 -22.02 11.98
HZ1 4FO B 11 -0.47 -20.42 11.60
N LYS B 12 -4.58 -18.47 11.90
CA LYS B 12 -5.44 -18.65 10.71
C LYS B 12 -5.66 -17.35 9.93
N CYS B 13 -6.53 -17.42 8.93
CA CYS B 13 -6.70 -16.40 7.90
C CYS B 13 -8.16 -15.95 7.74
N DAB B 14 -8.41 -14.91 6.95
CA DAB B 14 -9.72 -14.61 6.36
C DAB B 14 -9.55 -13.96 4.96
O DAB B 14 -8.49 -13.41 4.67
CB DAB B 14 -10.48 -13.62 7.25
CG DAB B 14 -10.28 -13.78 8.76
ND DAB B 14 -11.00 -12.70 9.47
H DAB B 14 -7.60 -14.42 6.55
HA DAB B 14 -10.29 -15.53 6.26
HB2 DAB B 14 -10.15 -12.62 6.99
HB3 DAB B 14 -11.55 -13.68 7.02
HG2 DAB B 14 -10.64 -14.77 9.07
HG3 DAB B 14 -9.21 -13.72 8.97
HD1 DAB B 14 -10.80 -12.73 10.46
HD2 DAB B 14 -11.99 -12.76 9.32
HD3 DAB B 14 -10.69 -11.79 9.12
N ARG B 15 -10.65 -13.83 4.18
CA ARG B 15 -10.75 -12.71 3.23
C ARG B 15 -11.10 -11.39 3.94
N TYR B 16 -11.21 -10.32 3.14
CA TYR B 16 -12.37 -9.41 3.20
C TYR B 16 -13.43 -9.84 2.17
N GLY A 1 -3.61 -15.90 -2.04
CA GLY A 1 -2.71 -16.14 -0.90
C GLY A 1 -3.01 -17.49 -0.28
N LYS A 2 -2.86 -17.66 1.05
CA LYS A 2 -3.32 -18.88 1.77
C LYS A 2 -4.82 -19.18 1.59
N THR A 3 -5.59 -18.21 1.14
CA THR A 3 -6.83 -18.40 0.38
C THR A 3 -6.88 -17.32 -0.71
N GLY A 4 -7.72 -17.48 -1.74
CA GLY A 4 -7.98 -16.51 -2.80
C GLY A 4 -6.75 -16.15 -3.65
N ASP A 5 -6.51 -16.85 -4.76
CA ASP A 5 -5.27 -16.72 -5.53
C ASP A 5 -5.48 -16.37 -7.01
N THR A 6 -6.52 -16.91 -7.65
CA THR A 6 -7.04 -16.38 -8.93
C THR A 6 -7.63 -14.97 -8.79
N ASP A 7 -7.83 -14.51 -7.56
CA ASP A 7 -8.12 -13.13 -7.17
C ASP A 7 -6.96 -12.15 -7.48
N GLN A 8 -5.72 -12.65 -7.59
CA GLN A 8 -4.44 -11.90 -7.52
C GLN A 8 -4.45 -10.76 -6.47
N PRO A 9 -4.69 -11.09 -5.18
CA PRO A 9 -5.00 -10.11 -4.15
C PRO A 9 -3.76 -9.40 -3.60
N ILE A 10 -4.00 -8.43 -2.71
CA ILE A 10 -3.00 -8.07 -1.70
C ILE A 10 -3.07 -9.10 -0.57
N HIS A 11 -2.08 -10.00 -0.50
CA HIS A 11 -1.99 -11.01 0.56
C HIS A 11 -1.18 -10.46 1.75
N ILE A 12 -1.78 -10.54 2.93
CA ILE A 12 -1.35 -9.90 4.16
C ILE A 12 -1.19 -10.95 5.27
N GLU A 13 -0.31 -10.68 6.23
CA GLU A 13 -0.27 -11.35 7.53
C GLU A 13 -0.11 -10.32 8.65
N SER A 14 -0.82 -10.47 9.78
CA SER A 14 -0.61 -9.60 10.95
C SER A 14 -0.75 -10.34 12.28
N ASP A 15 -0.04 -9.89 13.31
CA ASP A 15 -0.12 -10.51 14.65
C ASP A 15 -1.25 -9.93 15.50
N GLN A 16 -1.57 -8.66 15.30
CA GLN A 16 -2.73 -7.96 15.86
C GLN A 16 -3.55 -7.34 14.72
N GLN A 17 -4.85 -7.19 14.93
CA GLN A 17 -5.81 -6.67 13.93
C GLN A 17 -7.15 -6.36 14.58
N SER A 18 -7.92 -5.43 14.00
CA SER A 18 -9.31 -5.16 14.37
C SER A 18 -10.20 -4.98 13.13
N LEU A 19 -11.48 -5.30 13.27
CA LEU A 19 -12.49 -5.27 12.20
C LEU A 19 -13.46 -4.11 12.48
N ASP A 20 -13.00 -2.90 12.20
CA ASP A 20 -13.57 -1.64 12.70
C ASP A 20 -14.79 -1.21 11.86
N MET A 21 -15.84 -2.04 11.88
CA MET A 21 -17.05 -2.03 11.03
C MET A 21 -17.65 -0.64 10.76
N GLN A 22 -17.69 0.24 11.77
CA GLN A 22 -18.33 1.56 11.66
C GLN A 22 -17.69 2.46 10.59
N GLY A 23 -16.41 2.24 10.26
CA GLY A 23 -15.72 2.95 9.17
C GLY A 23 -15.63 2.17 7.85
N ASN A 24 -16.19 0.96 7.75
CA ASN A 24 -15.80 -0.06 6.77
C ASN A 24 -14.27 -0.21 6.75
N VAL A 25 -13.70 -0.65 7.87
CA VAL A 25 -12.24 -0.72 8.08
C VAL A 25 -11.84 -2.12 8.53
N VAL A 26 -10.63 -2.52 8.16
CA VAL A 26 -9.84 -3.50 8.92
C VAL A 26 -8.44 -2.92 9.18
N THR A 27 -7.98 -2.98 10.42
CA THR A 27 -6.65 -2.54 10.84
C THR A 27 -5.74 -3.73 11.09
N PHE A 28 -4.43 -3.54 10.88
CA PHE A 28 -3.38 -4.53 11.13
C PHE A 28 -2.28 -3.89 11.97
N THR A 29 -1.78 -4.62 12.98
CA THR A 29 -0.79 -4.14 13.95
C THR A 29 0.18 -5.25 14.41
N GLY A 30 1.29 -4.85 15.03
CA GLY A 30 2.44 -5.73 15.22
C GLY A 30 3.17 -5.95 13.89
N ASN A 31 3.96 -7.01 13.76
CA ASN A 31 4.73 -7.23 12.52
C ASN A 31 3.79 -7.59 11.35
N VAL A 32 3.47 -6.60 10.51
CA VAL A 32 2.57 -6.76 9.35
C VAL A 32 3.39 -7.06 8.10
N VAL A 33 3.05 -8.17 7.45
CA VAL A 33 3.52 -8.51 6.10
C VAL A 33 2.47 -8.04 5.10
N VAL A 34 2.87 -7.32 4.06
CA VAL A 34 1.99 -6.93 2.94
C VAL A 34 2.66 -7.30 1.62
N THR A 35 2.00 -8.13 0.81
CA THR A 35 2.47 -8.58 -0.50
C THR A 35 1.41 -8.35 -1.58
N GLN A 36 1.84 -7.80 -2.71
CA GLN A 36 0.99 -7.44 -3.85
C GLN A 36 1.72 -7.85 -5.15
N GLY A 37 1.98 -9.15 -5.28
CA GLY A 37 2.87 -9.70 -6.31
C GLY A 37 4.30 -9.13 -6.21
N THR A 38 4.71 -8.36 -7.22
CA THR A 38 5.99 -7.63 -7.22
C THR A 38 6.05 -6.54 -6.13
N ILE A 39 4.92 -5.92 -5.75
CA ILE A 39 4.84 -4.84 -4.76
C ILE A 39 4.89 -5.38 -3.32
N LYS A 40 5.45 -4.58 -2.40
CA LYS A 40 5.45 -4.78 -0.93
C LYS A 40 5.34 -3.44 -0.19
N ILE A 41 4.86 -3.49 1.04
CA ILE A 41 4.73 -2.34 1.98
C ILE A 41 5.24 -2.77 3.35
N ASN A 42 5.90 -1.87 4.10
CA ASN A 42 6.30 -2.12 5.48
C ASN A 42 5.74 -1.04 6.42
N ALA A 43 4.97 -1.48 7.42
CA ALA A 43 4.54 -0.71 8.58
C ALA A 43 3.95 -1.64 9.64
N ASP A 44 4.33 -1.47 10.91
CA ASP A 44 3.73 -2.23 12.03
C ASP A 44 2.40 -1.63 12.55
N LYS A 45 1.85 -0.66 11.79
CA LYS A 45 0.42 -0.30 11.79
C LYS A 45 -0.07 0.06 10.37
N VAL A 46 -1.09 -0.66 9.90
CA VAL A 46 -1.71 -0.53 8.57
C VAL A 46 -3.23 -0.48 8.70
N VAL A 47 -3.88 0.22 7.78
CA VAL A 47 -5.34 0.42 7.69
C VAL A 47 -5.80 0.03 6.29
N VAL A 48 -6.95 -0.65 6.19
CA VAL A 48 -7.76 -0.78 4.97
C VAL A 48 -9.07 -0.01 5.20
N THR A 49 -9.59 0.70 4.20
CA THR A 49 -10.84 1.49 4.32
C THR A 49 -11.57 1.71 2.99
N ARG A 50 -12.90 1.88 3.02
CA ARG A 50 -13.77 2.07 1.84
C ARG A 50 -14.41 3.48 1.76
N PRO A 51 -13.65 4.52 1.41
CA PRO A 51 -14.19 5.89 1.31
C PRO A 51 -15.10 6.09 0.10
N GLY A 52 -15.07 5.21 -0.92
CA GLY A 52 -16.03 5.23 -2.02
C GLY A 52 -17.27 4.40 -1.72
N ASN A 53 -18.43 4.84 -2.22
CA ASN A 53 -19.66 4.02 -2.29
C ASN A 53 -19.81 3.27 -3.63
N GLU A 54 -18.93 3.56 -4.59
CA GLU A 54 -18.73 2.76 -5.80
C GLU A 54 -18.07 1.41 -5.42
N LYS A 55 -18.49 0.33 -6.08
CA LYS A 55 -18.50 -1.03 -5.53
C LYS A 55 -17.12 -1.69 -5.40
N GLY A 56 -16.06 -1.07 -5.92
CA GLY A 56 -14.68 -1.53 -5.77
C GLY A 56 -13.74 -0.57 -5.03
N LYS A 57 -14.24 0.55 -4.47
CA LYS A 57 -13.41 1.70 -4.07
C LYS A 57 -12.91 1.68 -2.62
N GLU A 58 -12.12 0.65 -2.34
CA GLU A 58 -11.29 0.45 -1.15
C GLU A 58 -9.91 1.16 -1.26
N VAL A 59 -9.19 1.30 -0.15
CA VAL A 59 -7.90 1.98 0.03
C VAL A 59 -7.06 1.23 1.08
N ILE A 60 -5.73 1.23 0.94
CA ILE A 60 -4.79 0.90 2.03
C ILE A 60 -3.95 2.13 2.41
N GLU A 61 -3.75 2.33 3.70
CA GLU A 61 -2.78 3.29 4.27
C GLU A 61 -1.85 2.61 5.29
N GLY A 62 -0.53 2.79 5.14
CA GLY A 62 0.50 2.22 6.00
C GLY A 62 1.39 3.29 6.63
N PHE A 63 1.66 3.18 7.95
CA PHE A 63 2.23 4.28 8.74
C PHE A 63 3.42 3.80 9.61
N GLY A 64 4.45 3.24 8.98
CA GLY A 64 5.57 2.60 9.70
C GLY A 64 6.41 3.54 10.57
N ASN A 65 6.35 4.85 10.32
CA ASN A 65 7.10 5.91 11.01
C ASN A 65 8.62 5.60 11.25
N PRO A 66 9.40 5.19 10.21
CA PRO A 66 9.10 5.34 8.78
C PRO A 66 8.39 4.14 8.11
N ALA A 67 7.58 4.43 7.10
CA ALA A 67 7.01 3.49 6.16
C ALA A 67 7.92 3.30 4.94
N THR A 68 7.95 2.09 4.37
CA THR A 68 8.62 1.81 3.08
C THR A 68 7.73 1.07 2.06
N PHE A 69 8.09 1.24 0.79
CA PHE A 69 7.39 0.79 -0.42
C PHE A 69 8.37 0.16 -1.41
N TYR A 70 7.94 -0.75 -2.26
CA TYR A 70 8.71 -1.26 -3.41
C TYR A 70 7.81 -1.54 -4.63
N GLN A 71 8.32 -1.30 -5.84
CA GLN A 71 7.79 -1.86 -7.10
C GLN A 71 8.91 -2.19 -8.10
N MET A 72 8.79 -3.34 -8.77
CA MET A 72 9.66 -3.78 -9.85
C MET A 72 9.32 -3.06 -11.17
N GLN A 73 10.32 -2.77 -11.99
CA GLN A 73 10.17 -2.22 -13.34
C GLN A 73 11.25 -2.80 -14.27
N ASP A 74 10.81 -3.55 -15.27
CA ASP A 74 11.64 -4.32 -16.21
C ASP A 74 12.50 -3.46 -17.16
N ASN A 75 12.25 -2.15 -17.20
CA ASN A 75 13.00 -1.15 -17.98
C ASN A 75 14.41 -0.87 -17.40
N GLY A 76 15.00 -1.84 -16.70
CA GLY A 76 16.15 -1.68 -15.82
C GLY A 76 15.92 -0.61 -14.74
N LYS A 77 14.73 -0.57 -14.12
CA LYS A 77 14.21 0.63 -13.44
C LYS A 77 13.54 0.44 -12.06
N PRO A 78 13.79 -0.62 -11.27
CA PRO A 78 13.02 -0.89 -10.04
C PRO A 78 13.13 0.24 -9.00
N VAL A 79 12.06 0.40 -8.21
CA VAL A 79 11.88 1.51 -7.27
C VAL A 79 11.67 1.02 -5.84
N LYS A 80 12.05 1.85 -4.88
CA LYS A 80 11.52 1.83 -3.53
C LYS A 80 11.18 3.24 -3.05
N GLY A 81 10.30 3.32 -2.06
CA GLY A 81 9.86 4.57 -1.45
C GLY A 81 10.02 4.52 0.07
N ARG A 82 10.23 5.68 0.67
CA ARG A 82 10.62 5.87 2.08
C ARG A 82 9.98 7.15 2.59
N ALA A 83 9.12 7.07 3.62
CA ALA A 83 8.36 8.23 4.12
C ALA A 83 7.87 8.00 5.57
N SER A 84 7.10 8.91 6.14
CA SER A 84 6.34 8.64 7.37
C SER A 84 5.13 7.73 7.13
N LYS A 85 4.47 7.90 5.97
CA LYS A 85 3.22 7.24 5.57
C LYS A 85 3.22 6.91 4.07
N MET A 86 2.61 5.77 3.72
CA MET A 86 2.25 5.35 2.36
C MET A 86 0.73 5.18 2.24
N ARG A 87 0.19 5.32 1.02
CA ARG A 87 -1.15 4.91 0.60
C ARG A 87 -1.12 4.25 -0.78
N TYR A 88 -2.01 3.28 -0.97
CA TYR A 88 -2.37 2.73 -2.29
C TYR A 88 -3.89 2.60 -2.42
N GLU A 89 -4.44 3.07 -3.54
CA GLU A 89 -5.85 2.94 -3.86
C GLU A 89 -6.11 1.59 -4.54
N LEU A 90 -6.90 0.70 -3.94
CA LEU A 90 -7.16 -0.68 -4.42
C LEU A 90 -7.99 -0.79 -5.71
N GLN A 91 -8.15 0.34 -6.39
CA GLN A 91 -9.24 0.74 -7.27
C GLN A 91 -8.77 1.61 -8.44
N ASN A 92 -7.55 2.15 -8.34
CA ASN A 92 -6.91 3.11 -9.24
C ASN A 92 -5.42 2.70 -9.39
N ASP A 93 -4.66 3.34 -10.28
CA ASP A 93 -3.25 2.94 -10.53
C ASP A 93 -2.21 3.58 -9.59
N TYR A 94 -2.60 4.53 -8.72
CA TYR A 94 -1.64 5.39 -8.01
C TYR A 94 -1.27 4.95 -6.59
N VAL A 95 0.01 5.10 -6.26
CA VAL A 95 0.61 5.06 -4.92
C VAL A 95 0.98 6.50 -4.52
N VAL A 96 0.82 6.85 -3.24
CA VAL A 96 1.32 8.13 -2.70
C VAL A 96 1.98 7.96 -1.34
N LEU A 97 3.12 8.62 -1.16
CA LEU A 97 3.90 8.69 0.08
C LEU A 97 3.87 10.11 0.66
N THR A 98 4.00 10.25 1.98
CA THR A 98 3.80 11.54 2.69
C THR A 98 4.66 11.67 3.95
N GLY A 99 5.12 12.90 4.22
CA GLY A 99 5.92 13.30 5.38
C GLY A 99 7.36 12.81 5.29
N ASN A 100 8.31 13.70 4.95
CA ASN A 100 9.67 13.36 4.54
C ASN A 100 9.69 12.23 3.49
N ALA A 101 8.88 12.40 2.44
CA ALA A 101 8.74 11.46 1.36
C ALA A 101 9.97 11.46 0.45
N TYR A 102 10.55 10.29 0.24
CA TYR A 102 11.69 10.05 -0.63
C TYR A 102 11.36 8.88 -1.56
N LEU A 103 11.51 9.11 -2.86
CA LEU A 103 11.34 8.10 -3.91
C LEU A 103 12.70 7.84 -4.53
N GLU A 104 13.09 6.57 -4.63
CA GLU A 104 14.44 6.16 -5.01
C GLU A 104 14.40 4.99 -5.99
N GLN A 105 15.07 5.14 -7.12
CA GLN A 105 14.81 4.34 -8.32
C GLN A 105 16.07 4.21 -9.18
N LEU A 106 16.17 3.12 -9.96
CA LEU A 106 17.21 2.94 -10.98
C LEU A 106 16.93 3.80 -12.25
N ASP A 107 16.86 5.13 -12.03
CA ASP A 107 16.58 6.22 -12.97
C ASP A 107 16.99 7.56 -12.33
N SER A 108 16.47 7.84 -11.13
CA SER A 108 16.76 9.02 -10.31
C SER A 108 16.19 8.86 -8.89
N ASN A 109 16.55 9.76 -7.97
CA ASN A 109 15.97 9.86 -6.62
C ASN A 109 15.39 11.27 -6.40
N ILE A 110 14.31 11.38 -5.61
CA ILE A 110 13.61 12.64 -5.31
C ILE A 110 13.28 12.73 -3.81
N LYS A 111 13.52 13.89 -3.19
CA LYS A 111 12.92 14.32 -1.91
C LYS A 111 11.72 15.23 -2.17
N GLY A 112 10.67 15.05 -1.37
CA GLY A 112 9.57 15.97 -1.18
C GLY A 112 8.89 15.67 0.16
N ASP A 113 7.66 16.16 0.34
CA ASP A 113 6.86 15.84 1.53
C ASP A 113 5.45 15.32 1.18
N LYS A 114 5.13 15.29 -0.12
CA LYS A 114 4.34 14.24 -0.77
C LYS A 114 5.04 13.82 -2.05
N ILE A 115 5.07 12.52 -2.36
CA ILE A 115 5.50 11.99 -3.67
C ILE A 115 4.51 10.93 -4.14
N THR A 116 4.10 11.04 -5.41
CA THR A 116 3.14 10.17 -6.08
C THR A 116 3.85 9.29 -7.15
N TYR A 117 3.42 8.04 -7.27
CA TYR A 117 3.97 7.01 -8.15
C TYR A 117 2.85 6.09 -8.70
N LEU A 118 3.10 5.25 -9.71
CA LEU A 118 2.09 4.34 -10.31
C LEU A 118 2.51 2.87 -10.23
N VAL A 119 1.54 1.97 -10.03
CA VAL A 119 1.81 0.52 -9.96
C VAL A 119 2.20 -0.11 -11.32
N LYS A 120 1.80 0.52 -12.42
CA LYS A 120 2.05 0.09 -13.81
C LYS A 120 3.45 0.50 -14.29
N GLU A 121 3.59 1.73 -14.79
CA GLU A 121 4.86 2.28 -15.31
C GLU A 121 5.27 3.58 -14.59
N GLN A 122 6.57 3.73 -14.33
CA GLN A 122 7.14 4.81 -13.53
C GLN A 122 6.70 6.22 -13.95
N LYS A 123 6.05 6.94 -13.03
CA LYS A 123 5.91 8.41 -13.05
C LYS A 123 6.81 8.98 -11.95
N MET A 124 7.08 10.28 -11.98
CA MET A 124 7.78 10.98 -10.89
C MET A 124 7.12 12.34 -10.60
N GLN A 125 7.16 12.75 -9.33
CA GLN A 125 6.57 14.00 -8.84
C GLN A 125 7.43 14.56 -7.69
N ALA A 126 7.54 15.89 -7.61
CA ALA A 126 8.28 16.65 -6.60
C ALA A 126 7.46 17.91 -6.22
N PHE A 127 8.11 18.92 -5.65
CA PHE A 127 7.60 20.30 -5.62
C PHE A 127 8.74 21.32 -5.82
N SER A 128 8.40 22.60 -5.97
CA SER A 128 9.36 23.71 -6.03
C SER A 128 8.86 24.86 -5.13
N ASP A 129 8.22 25.90 -5.69
CA ASP A 129 7.48 26.89 -4.91
C ASP A 129 5.95 26.77 -4.95
N LYS A 130 5.34 27.34 -3.90
CA LYS A 130 3.97 27.15 -3.42
C LYS A 130 3.14 28.43 -3.54
N GLY A 131 3.77 29.61 -3.55
CA GLY A 131 3.12 30.94 -3.63
C GLY A 131 2.57 31.30 -5.02
N ARG A 132 1.98 30.33 -5.73
CA ARG A 132 1.67 30.35 -7.17
C ARG A 132 0.44 31.19 -7.54
N ARG A 133 0.27 32.34 -6.90
CA ARG A 133 -0.78 33.31 -7.23
C ARG A 133 -0.37 34.73 -6.84
NT1 EU0 B 1 -10.58 -5.94 -7.66
CT EU0 B 1 -9.66 -5.08 -7.38
NT2 EU0 B 1 -10.02 -3.85 -7.26
N EU0 B 1 -8.42 -5.41 -7.23
CA EU0 B 1 -8.04 -6.69 -6.56
CB EU0 B 1 -6.53 -6.97 -6.70
CG1 EU0 B 1 -6.08 -7.05 -8.17
CG2 EU0 B 1 -5.63 -5.97 -5.95
C EU0 B 1 -8.53 -6.73 -5.10
O EU0 B 1 -8.66 -5.67 -4.48
HT12 EU0 B 1 -10.30 -6.90 -7.90
HT22 EU0 B 1 -11.01 -3.61 -7.22
HT21 EU0 B 1 -9.34 -3.17 -6.87
H EU0 B 1 -7.79 -4.63 -7.03
HA EU0 B 1 -8.52 -7.51 -7.10
HB EU0 B 1 -6.36 -7.96 -6.26
HG11 EU0 B 1 -6.19 -6.09 -8.67
HG13 EU0 B 1 -6.66 -7.80 -8.70
HG12 EU0 B 1 -5.03 -7.35 -8.21
HG23 EU0 B 1 -5.75 -4.96 -6.36
HG22 EU0 B 1 -4.59 -6.27 -6.05
HG21 EU0 B 1 -5.88 -5.96 -4.89
HT11 EU0 B 1 -11.54 -5.63 -7.80
N HYP B 2 -8.86 -7.90 -4.53
CA HYP B 2 -9.27 -8.00 -3.13
C HYP B 2 -8.06 -8.07 -2.19
O HYP B 2 -6.91 -8.11 -2.63
CB HYP B 2 -10.18 -9.24 -3.08
CG HYP B 2 -9.72 -10.11 -4.24
CD HYP B 2 -8.83 -9.23 -5.11
OD1 HYP B 2 -10.81 -10.57 -5.00
HA HYP B 2 -9.88 -7.13 -2.84
HB2 HYP B 2 -10.08 -9.78 -2.14
HB3 HYP B 2 -11.21 -8.92 -3.23
HG HYP B 2 -9.15 -10.95 -3.82
HD22 HYP B 2 -7.80 -9.62 -5.09
HD23 HYP B 2 -9.19 -9.23 -6.13
HD1 HYP B 2 -10.75 -11.56 -4.97
N ILE B 3 -8.32 -8.11 -0.89
CA ILE B 3 -7.32 -8.33 0.18
C ILE B 3 -7.48 -9.76 0.72
N THR B 4 -6.42 -10.36 1.29
CA THR B 4 -6.55 -11.55 2.14
C THR B 4 -5.53 -11.54 3.26
N TYR B 5 -5.98 -11.35 4.51
CA TYR B 5 -5.14 -11.36 5.71
C TYR B 5 -5.22 -12.70 6.45
O LE1 B 6 -2.60 -13.01 9.40
C LE1 B 6 -3.57 -13.77 9.26
CA LE1 B 6 -4.00 -14.30 7.88
N LE1 B 6 -4.07 -13.20 6.89
CB LE1 B 6 -3.15 -15.50 7.37
C9 LE1 B 6 -3.09 -16.66 8.39
C8 LE1 B 6 -1.70 -15.10 7.09
SG LE1 B 6 -3.83 -16.07 5.75
HA LE1 B 6 -5.00 -14.70 8.02
H LE1 B 6 -3.21 -12.75 6.60
H9 LE1 B 6 -2.58 -17.52 7.95
H9A LE1 B 6 -4.08 -16.96 8.69
H9B LE1 B 6 -2.54 -16.36 9.28
H8 LE1 B 6 -1.68 -14.37 6.29
H8A LE1 B 6 -1.13 -15.98 6.75
H8B LE1 B 6 -1.22 -14.70 7.98
N ASN B 7 -4.31 -14.14 10.31
CA ASN B 7 -4.08 -13.74 11.70
C ASN B 7 -3.01 -14.64 12.34
N ARG B 8 -1.84 -14.08 12.65
CA ARG B 8 -0.68 -14.84 13.16
C ARG B 8 -0.90 -15.40 14.56
N DAB B 9 -1.75 -14.79 15.39
CA DAB B 9 -2.19 -15.39 16.65
C DAB B 9 -3.21 -16.54 16.43
O DAB B 9 -2.89 -17.69 16.75
CB DAB B 9 -2.77 -14.33 17.61
CG DAB B 9 -1.75 -13.69 18.55
ND DAB B 9 -0.95 -12.70 17.84
H DAB B 9 -2.25 -13.98 15.02
HA DAB B 9 -1.33 -15.85 17.13
HB2 DAB B 9 -3.31 -13.56 17.05
HB3 DAB B 9 -3.50 -14.83 18.25
HG2 DAB B 9 -2.29 -13.18 19.35
HG3 DAB B 9 -1.11 -14.45 18.99
HD1 DAB B 9 -0.26 -12.18 18.39
HD2 DAB B 9 -1.49 -11.97 17.37
HD3 DAB B 9 -0.32 -13.08 17.12
N THR B 10 -4.41 -16.26 15.91
CA THR B 10 -5.52 -17.25 15.87
C THR B 10 -5.36 -18.30 14.77
N 4FO B 11 -4.45 -18.07 13.83
CA 4FO B 11 -4.00 -19.05 12.85
C 4FO B 11 -4.62 -18.87 11.45
O 4FO B 11 -4.17 -19.48 10.48
CB 4FO B 11 -2.45 -19.09 12.90
CG 4FO B 11 -2.04 -19.58 14.29
NZ 4FO B 11 -0.62 -19.26 14.57
H 4FO B 11 -4.05 -17.13 13.76
HA 4FO B 11 -4.34 -20.04 13.17
HB2 4FO B 11 -2.07 -18.10 12.70
HB3 4FO B 11 -2.08 -19.78 12.14
HG3 4FO B 11 -2.67 -19.10 15.04
HG2 4FO B 11 -2.21 -20.65 14.34
HZ3 4FO B 11 -0.39 -19.58 15.49
HZ2 4FO B 11 -0.51 -18.24 14.59
HZ1 4FO B 11 0.00 -19.65 13.88
N LYS B 12 -5.75 -18.14 11.38
CA LYS B 12 -6.77 -18.29 10.34
C LYS B 12 -6.80 -17.12 9.35
N CYS B 13 -7.31 -17.39 8.16
CA CYS B 13 -7.29 -16.47 7.02
C CYS B 13 -8.67 -15.90 6.71
N DAB B 14 -8.71 -14.64 6.27
CA DAB B 14 -9.95 -13.93 5.97
C DAB B 14 -9.79 -12.99 4.76
O DAB B 14 -9.02 -12.03 4.80
CB DAB B 14 -10.37 -13.19 7.25
CG DAB B 14 -11.79 -12.62 7.25
ND DAB B 14 -11.88 -11.31 6.61
H DAB B 14 -7.85 -14.10 6.27
HA DAB B 14 -10.73 -14.67 5.72
HB2 DAB B 14 -10.33 -13.92 8.06
HB3 DAB B 14 -9.64 -12.42 7.47
HG2 DAB B 14 -12.47 -13.34 6.77
HG3 DAB B 14 -12.10 -12.53 8.30
HD1 DAB B 14 -12.82 -10.93 6.67
HD2 DAB B 14 -11.68 -11.32 5.60
HD3 DAB B 14 -11.25 -10.62 7.02
N ARG B 15 -10.61 -13.20 3.72
CA ARG B 15 -10.69 -12.28 2.57
C ARG B 15 -11.25 -10.90 2.96
N TYR B 16 -10.94 -9.88 2.16
CA TYR B 16 -11.73 -8.69 1.92
C TYR B 16 -12.02 -8.71 0.41
N GLY A 1 -14.81 -15.58 -15.82
CA GLY A 1 -13.54 -16.29 -16.09
C GLY A 1 -12.83 -16.58 -14.78
N LYS A 2 -11.52 -16.81 -14.83
CA LYS A 2 -10.62 -16.89 -13.66
C LYS A 2 -9.31 -16.15 -13.98
N THR A 3 -8.59 -15.74 -12.95
CA THR A 3 -7.64 -14.62 -13.00
C THR A 3 -6.59 -14.75 -11.91
N GLY A 4 -5.44 -14.09 -12.06
CA GLY A 4 -4.34 -14.19 -11.08
C GLY A 4 -4.61 -13.43 -9.78
N ASP A 5 -5.19 -12.24 -9.87
CA ASP A 5 -5.50 -11.37 -8.73
C ASP A 5 -6.71 -11.85 -7.93
N THR A 6 -7.67 -12.54 -8.56
CA THR A 6 -8.84 -13.16 -7.88
C THR A 6 -8.50 -14.39 -7.04
N ASP A 7 -7.26 -14.88 -7.12
CA ASP A 7 -6.84 -16.17 -6.58
C ASP A 7 -5.53 -16.07 -5.78
N GLN A 8 -4.65 -15.13 -6.14
CA GLN A 8 -3.53 -14.64 -5.33
C GLN A 8 -3.64 -13.10 -5.17
N PRO A 9 -4.65 -12.62 -4.41
CA PRO A 9 -4.82 -11.19 -4.09
C PRO A 9 -3.72 -10.70 -3.12
N ILE A 10 -3.85 -9.44 -2.68
CA ILE A 10 -3.04 -8.84 -1.63
C ILE A 10 -3.03 -9.75 -0.39
N HIS A 11 -1.85 -9.98 0.19
CA HIS A 11 -1.65 -10.85 1.34
C HIS A 11 -0.99 -10.10 2.51
N ILE A 12 -1.54 -10.29 3.73
CA ILE A 12 -1.05 -9.68 4.97
C ILE A 12 -1.06 -10.72 6.12
N GLU A 13 0.11 -11.04 6.67
CA GLU A 13 0.23 -11.87 7.88
C GLU A 13 0.21 -11.00 9.15
N SER A 14 -0.59 -11.36 10.16
CA SER A 14 -0.49 -10.72 11.48
C SER A 14 -1.02 -11.56 12.64
N ASP A 15 -0.50 -11.26 13.83
CA ASP A 15 -1.03 -11.71 15.12
C ASP A 15 -2.27 -10.92 15.51
N GLN A 16 -2.19 -9.60 15.34
CA GLN A 16 -3.20 -8.61 15.68
C GLN A 16 -3.93 -8.18 14.40
N GLN A 17 -5.25 -8.37 14.37
CA GLN A 17 -6.12 -7.90 13.30
C GLN A 17 -7.58 -7.85 13.74
N SER A 18 -8.32 -6.83 13.30
CA SER A 18 -9.78 -6.70 13.46
C SER A 18 -10.42 -6.23 12.15
N LEU A 19 -11.68 -6.61 11.91
CA LEU A 19 -12.52 -6.07 10.83
C LEU A 19 -13.55 -5.13 11.45
N ASP A 20 -13.20 -3.86 11.49
CA ASP A 20 -13.87 -2.79 12.21
C ASP A 20 -15.05 -2.27 11.37
N MET A 21 -16.11 -3.09 11.31
CA MET A 21 -17.27 -3.00 10.43
C MET A 21 -17.88 -1.60 10.29
N GLN A 22 -17.92 -0.81 11.37
CA GLN A 22 -18.49 0.53 11.40
C GLN A 22 -17.81 1.51 10.41
N GLY A 23 -16.52 1.33 10.11
CA GLY A 23 -15.81 2.05 9.05
C GLY A 23 -15.59 1.24 7.77
N ASN A 24 -16.10 0.00 7.71
CA ASN A 24 -15.64 -1.04 6.78
C ASN A 24 -14.10 -1.14 6.77
N VAL A 25 -13.51 -1.00 7.95
CA VAL A 25 -12.05 -0.93 8.16
C VAL A 25 -11.50 -2.32 8.44
N VAL A 26 -10.23 -2.55 8.12
CA VAL A 26 -9.41 -3.58 8.78
C VAL A 26 -8.20 -2.90 9.43
N THR A 27 -7.75 -3.40 10.57
CA THR A 27 -6.60 -2.89 11.32
C THR A 27 -5.50 -3.94 11.48
N PHE A 28 -4.23 -3.49 11.55
CA PHE A 28 -3.03 -4.30 11.80
C PHE A 28 -2.02 -3.54 12.66
N THR A 29 -1.25 -4.26 13.51
CA THR A 29 -0.22 -3.70 14.40
C THR A 29 0.95 -4.65 14.68
N GLY A 30 2.16 -4.10 14.80
CA GLY A 30 3.40 -4.81 15.14
C GLY A 30 3.97 -5.63 13.98
N ASN A 31 3.68 -6.93 13.99
CA ASN A 31 4.32 -7.95 13.14
C ASN A 31 3.75 -7.98 11.70
N VAL A 32 3.76 -6.84 11.01
CA VAL A 32 2.99 -6.61 9.77
C VAL A 32 3.88 -6.52 8.53
N VAL A 33 3.45 -7.21 7.47
CA VAL A 33 4.04 -7.18 6.12
C VAL A 33 2.90 -7.19 5.11
N VAL A 34 2.97 -6.39 4.04
CA VAL A 34 1.98 -6.39 2.94
C VAL A 34 2.66 -6.74 1.62
N THR A 35 2.06 -7.63 0.83
CA THR A 35 2.55 -7.98 -0.52
C THR A 35 1.43 -8.20 -1.52
N GLN A 36 1.65 -7.81 -2.77
CA GLN A 36 0.76 -8.04 -3.91
C GLN A 36 1.54 -8.09 -5.24
N GLY A 37 1.83 -9.30 -5.73
CA GLY A 37 2.68 -9.50 -6.91
C GLY A 37 4.12 -8.99 -6.68
N THR A 38 4.58 -8.07 -7.53
CA THR A 38 5.86 -7.38 -7.39
C THR A 38 5.87 -6.29 -6.31
N ILE A 39 4.71 -5.87 -5.80
CA ILE A 39 4.61 -4.79 -4.81
C ILE A 39 4.79 -5.35 -3.39
N LYS A 40 5.56 -4.61 -2.58
CA LYS A 40 5.64 -4.79 -1.12
C LYS A 40 5.43 -3.45 -0.42
N ILE A 41 4.74 -3.47 0.72
CA ILE A 41 4.65 -2.34 1.66
C ILE A 41 4.95 -2.85 3.07
N ASN A 42 5.78 -2.11 3.82
CA ASN A 42 6.06 -2.38 5.23
C ASN A 42 5.83 -1.14 6.09
N ALA A 43 5.10 -1.34 7.19
CA ALA A 43 4.76 -0.38 8.22
C ALA A 43 4.26 -1.13 9.47
N ASP A 44 4.68 -0.73 10.67
CA ASP A 44 4.24 -1.32 11.96
C ASP A 44 2.70 -1.35 12.12
N LYS A 45 2.02 -0.27 11.71
CA LYS A 45 0.56 -0.23 11.63
C LYS A 45 0.06 0.01 10.20
N VAL A 46 -0.97 -0.75 9.83
CA VAL A 46 -1.60 -0.71 8.51
C VAL A 46 -3.12 -0.78 8.69
N VAL A 47 -3.85 -0.09 7.81
CA VAL A 47 -5.31 -0.16 7.73
C VAL A 47 -5.79 -0.34 6.29
N VAL A 48 -6.96 -0.95 6.14
CA VAL A 48 -7.77 -0.96 4.91
C VAL A 48 -9.06 -0.19 5.17
N THR A 49 -9.62 0.46 4.15
CA THR A 49 -11.05 0.86 4.14
C THR A 49 -11.61 0.88 2.71
N ARG A 50 -12.93 1.00 2.57
CA ARG A 50 -13.70 0.85 1.32
C ARG A 50 -14.36 2.19 0.92
N PRO A 51 -13.60 3.20 0.45
CA PRO A 51 -14.12 4.54 0.21
C PRO A 51 -15.10 4.65 -0.96
N GLY A 52 -15.10 3.71 -1.91
CA GLY A 52 -16.12 3.65 -2.96
C GLY A 52 -17.37 2.89 -2.52
N ASN A 53 -18.53 3.27 -3.07
CA ASN A 53 -19.73 2.43 -3.05
C ASN A 53 -19.80 1.48 -4.26
N GLU A 54 -18.91 1.66 -5.25
CA GLU A 54 -18.70 0.73 -6.36
C GLU A 54 -17.73 -0.39 -5.92
N LYS A 55 -18.02 -1.65 -6.31
CA LYS A 55 -17.45 -2.88 -5.73
C LYS A 55 -16.00 -3.20 -6.16
N GLY A 56 -15.09 -2.28 -5.87
CA GLY A 56 -13.65 -2.44 -6.10
C GLY A 56 -12.76 -1.28 -5.65
N LYS A 57 -13.32 -0.08 -5.39
CA LYS A 57 -12.54 1.07 -4.91
C LYS A 57 -12.29 0.99 -3.40
N GLU A 58 -11.34 0.15 -3.04
CA GLU A 58 -10.88 -0.21 -1.69
C GLU A 58 -9.39 0.16 -1.55
N VAL A 59 -8.94 0.62 -0.38
CA VAL A 59 -7.66 1.33 -0.20
C VAL A 59 -6.88 0.87 1.02
N ILE A 60 -5.54 0.92 0.94
CA ILE A 60 -4.61 0.72 2.07
C ILE A 60 -3.98 2.06 2.47
N GLU A 61 -3.84 2.28 3.78
CA GLU A 61 -2.96 3.31 4.38
C GLU A 61 -2.02 2.62 5.41
N GLY A 62 -0.72 2.89 5.37
CA GLY A 62 0.29 2.26 6.23
C GLY A 62 1.17 3.30 6.92
N PHE A 63 1.06 3.43 8.25
CA PHE A 63 1.67 4.47 9.06
C PHE A 63 2.89 3.92 9.83
N GLY A 64 3.94 3.57 9.09
CA GLY A 64 5.09 2.84 9.64
C GLY A 64 6.00 3.66 10.55
N ASN A 65 6.02 5.00 10.39
CA ASN A 65 6.89 5.92 11.13
C ASN A 65 8.39 5.51 11.19
N PRO A 66 9.05 5.13 10.07
CA PRO A 66 8.64 5.31 8.66
C PRO A 66 7.95 4.09 8.02
N ALA A 67 7.22 4.33 6.94
CA ALA A 67 6.71 3.32 6.01
C ALA A 67 7.61 3.24 4.76
N THR A 68 7.74 2.05 4.18
CA THR A 68 8.48 1.82 2.93
C THR A 68 7.69 0.99 1.92
N PHE A 69 7.91 1.28 0.63
CA PHE A 69 7.23 0.71 -0.53
C PHE A 69 8.27 0.24 -1.57
N TYR A 70 7.99 -0.86 -2.24
CA TYR A 70 8.81 -1.44 -3.30
C TYR A 70 7.93 -1.91 -4.46
N GLN A 71 8.42 -1.75 -5.70
CA GLN A 71 7.82 -2.18 -6.96
C GLN A 71 8.94 -2.51 -7.97
N MET A 72 8.62 -3.21 -9.07
CA MET A 72 9.57 -3.56 -10.13
C MET A 72 9.02 -3.19 -11.51
N GLN A 73 9.93 -3.11 -12.49
CA GLN A 73 9.63 -3.01 -13.92
C GLN A 73 10.29 -4.18 -14.65
N ASP A 74 9.60 -4.77 -15.63
CA ASP A 74 10.15 -5.74 -16.59
C ASP A 74 11.32 -5.16 -17.41
N ASN A 75 11.44 -3.83 -17.46
CA ASN A 75 12.60 -3.05 -17.92
C ASN A 75 13.93 -3.39 -17.20
N GLY A 76 13.95 -4.29 -16.20
CA GLY A 76 15.10 -4.59 -15.35
C GLY A 76 15.40 -3.47 -14.36
N LYS A 77 14.36 -3.00 -13.65
CA LYS A 77 14.43 -1.83 -12.75
C LYS A 77 13.63 -2.10 -11.47
N PRO A 78 14.27 -2.36 -10.31
CA PRO A 78 13.61 -2.24 -9.01
C PRO A 78 13.45 -0.76 -8.65
N VAL A 79 12.34 -0.38 -8.03
CA VAL A 79 12.04 0.99 -7.59
C VAL A 79 11.45 0.97 -6.19
N LYS A 80 11.77 1.96 -5.36
CA LYS A 80 11.32 1.99 -3.96
C LYS A 80 11.09 3.41 -3.43
N GLY A 81 10.11 3.52 -2.54
CA GLY A 81 9.70 4.75 -1.87
C GLY A 81 9.69 4.61 -0.34
N ARG A 82 9.81 5.73 0.36
CA ARG A 82 9.94 5.83 1.82
C ARG A 82 9.28 7.11 2.30
N ALA A 83 8.49 7.05 3.36
CA ALA A 83 7.76 8.19 3.92
C ALA A 83 7.42 7.93 5.41
N SER A 84 6.72 8.85 6.09
CA SER A 84 6.10 8.52 7.38
C SER A 84 4.88 7.60 7.20
N LYS A 85 4.16 7.77 6.09
CA LYS A 85 2.98 6.99 5.68
C LYS A 85 3.02 6.65 4.19
N MET A 86 2.59 5.42 3.84
CA MET A 86 2.40 4.92 2.47
C MET A 86 0.90 4.62 2.18
N ARG A 87 0.44 4.75 0.93
CA ARG A 87 -0.92 4.32 0.50
C ARG A 87 -0.95 3.89 -0.97
N TYR A 88 -1.79 2.89 -1.26
CA TYR A 88 -2.18 2.45 -2.60
C TYR A 88 -3.67 2.10 -2.65
N GLU A 89 -4.34 2.28 -3.80
CA GLU A 89 -5.74 1.84 -3.99
C GLU A 89 -5.78 0.54 -4.81
N LEU A 90 -6.55 -0.44 -4.35
CA LEU A 90 -6.61 -1.78 -4.91
C LEU A 90 -7.43 -1.88 -6.21
N GLN A 91 -7.60 -0.76 -6.93
CA GLN A 91 -8.24 -0.68 -8.26
C GLN A 91 -7.67 0.45 -9.16
N ASN A 92 -6.72 1.28 -8.71
CA ASN A 92 -6.12 2.34 -9.52
C ASN A 92 -4.64 2.57 -9.18
N ASP A 93 -3.86 2.94 -10.18
CA ASP A 93 -2.44 2.62 -10.32
C ASP A 93 -1.47 3.59 -9.60
N TYR A 94 -1.97 4.30 -8.58
CA TYR A 94 -1.37 5.51 -8.03
C TYR A 94 -1.20 5.48 -6.49
N VAL A 95 -0.18 6.19 -6.01
CA VAL A 95 0.35 6.13 -4.65
C VAL A 95 0.42 7.53 -4.02
N VAL A 96 -0.04 7.67 -2.77
CA VAL A 96 0.08 8.93 -1.99
C VAL A 96 0.91 8.73 -0.72
N LEU A 97 2.23 8.88 -0.92
CA LEU A 97 3.25 9.05 0.12
C LEU A 97 2.92 10.28 0.98
N THR A 98 3.19 10.25 2.29
CA THR A 98 2.98 11.42 3.16
C THR A 98 3.98 11.47 4.31
N GLY A 99 4.58 12.65 4.50
CA GLY A 99 5.62 12.91 5.49
C GLY A 99 6.99 12.42 5.03
N ASN A 100 8.00 13.30 5.04
CA ASN A 100 9.41 12.99 4.78
C ASN A 100 9.72 12.25 3.45
N ALA A 101 8.80 12.29 2.47
CA ALA A 101 8.81 11.43 1.29
C ALA A 101 10.13 11.39 0.50
N TYR A 102 10.50 10.19 0.07
CA TYR A 102 11.69 9.83 -0.70
C TYR A 102 11.31 8.74 -1.72
N LEU A 103 11.95 8.75 -2.88
CA LEU A 103 11.82 7.75 -3.94
C LEU A 103 13.17 7.53 -4.64
N GLU A 104 13.37 6.40 -5.30
CA GLU A 104 14.53 6.18 -6.17
C GLU A 104 14.28 5.21 -7.32
N GLN A 105 15.04 5.46 -8.40
CA GLN A 105 14.97 4.83 -9.71
C GLN A 105 16.36 4.90 -10.37
N LEU A 106 16.61 4.13 -11.43
CA LEU A 106 17.95 4.03 -12.04
C LEU A 106 18.44 5.35 -12.67
N ASP A 107 17.55 6.31 -12.90
CA ASP A 107 17.82 7.65 -13.41
C ASP A 107 17.79 8.77 -12.36
N SER A 108 17.29 8.54 -11.12
CA SER A 108 17.26 9.56 -10.05
C SER A 108 16.91 9.03 -8.65
N ASN A 109 17.40 9.72 -7.62
CA ASN A 109 16.84 9.74 -6.27
C ASN A 109 16.00 11.02 -6.10
N ILE A 110 14.84 10.94 -5.46
CA ILE A 110 13.83 12.01 -5.40
C ILE A 110 13.44 12.28 -3.95
N LYS A 111 13.20 13.56 -3.59
CA LYS A 111 12.88 14.01 -2.23
C LYS A 111 11.74 15.03 -2.20
N GLY A 112 10.92 14.97 -1.16
CA GLY A 112 9.92 15.97 -0.79
C GLY A 112 9.37 15.76 0.64
N ASP A 113 8.21 16.33 0.94
CA ASP A 113 7.36 15.89 2.06
C ASP A 113 6.29 14.88 1.59
N LYS A 114 5.82 15.05 0.35
CA LYS A 114 5.06 14.13 -0.50
C LYS A 114 5.71 14.08 -1.90
N ILE A 115 5.55 12.96 -2.62
CA ILE A 115 6.02 12.80 -4.02
C ILE A 115 4.91 12.10 -4.82
N THR A 116 4.63 12.59 -6.03
CA THR A 116 3.67 11.97 -6.96
C THR A 116 4.40 11.01 -7.89
N TYR A 117 4.06 9.72 -7.79
CA TYR A 117 4.69 8.62 -8.53
C TYR A 117 3.67 7.48 -8.77
N LEU A 118 3.87 6.71 -9.83
CA LEU A 118 2.93 5.65 -10.27
C LEU A 118 3.46 4.25 -9.95
N VAL A 119 2.56 3.27 -9.84
CA VAL A 119 2.92 1.83 -9.83
C VAL A 119 3.20 1.32 -11.26
N LYS A 120 2.97 2.17 -12.28
CA LYS A 120 2.73 1.81 -13.69
C LYS A 120 3.31 2.86 -14.63
N GLU A 121 4.39 2.50 -15.32
CA GLU A 121 5.31 3.39 -16.07
C GLU A 121 6.01 4.44 -15.18
N GLN A 122 7.32 4.61 -15.38
CA GLN A 122 8.31 4.99 -14.35
C GLN A 122 8.41 6.50 -14.03
N LYS A 123 7.25 7.14 -13.85
CA LYS A 123 7.10 8.60 -13.87
C LYS A 123 6.95 9.18 -12.46
N MET A 124 7.94 9.94 -12.04
CA MET A 124 7.79 11.00 -11.03
C MET A 124 7.18 12.24 -11.71
N GLN A 125 6.10 12.79 -11.14
CA GLN A 125 5.56 14.08 -11.56
C GLN A 125 6.13 15.21 -10.71
N ALA A 126 7.10 15.94 -11.27
CA ALA A 126 7.65 17.17 -10.69
C ALA A 126 6.68 18.36 -10.84
N PHE A 127 6.99 19.47 -10.16
CA PHE A 127 6.29 20.74 -10.22
C PHE A 127 7.27 21.91 -10.06
N SER A 128 6.82 23.14 -10.33
CA SER A 128 7.57 24.39 -10.06
C SER A 128 6.67 25.43 -9.41
N ASP A 129 6.17 25.09 -8.22
CA ASP A 129 5.51 25.98 -7.26
C ASP A 129 4.38 26.87 -7.80
N LYS A 130 3.54 26.28 -8.66
CA LYS A 130 2.29 26.86 -9.17
C LYS A 130 1.18 26.82 -8.11
N GLY A 131 1.39 27.53 -7.00
CA GLY A 131 0.53 27.50 -5.81
C GLY A 131 0.68 26.20 -5.02
N ARG A 132 1.87 25.93 -4.49
CA ARG A 132 2.31 24.65 -3.88
C ARG A 132 1.68 24.29 -2.52
N ARG A 133 0.41 24.61 -2.34
CA ARG A 133 -0.45 24.04 -1.32
C ARG A 133 -0.33 22.52 -1.15
NT1 EU0 B 1 -10.16 -6.51 -8.55
CT EU0 B 1 -9.61 -5.65 -7.77
NT2 EU0 B 1 -9.56 -4.43 -8.16
N EU0 B 1 -9.11 -5.94 -6.61
CA EU0 B 1 -9.52 -7.08 -5.74
CB EU0 B 1 -8.69 -8.38 -5.97
CG1 EU0 B 1 -9.34 -9.35 -6.98
CG2 EU0 B 1 -7.22 -8.11 -6.29
C EU0 B 1 -9.48 -6.70 -4.24
O EU0 B 1 -8.71 -5.82 -3.87
HT12 EU0 B 1 -9.89 -7.48 -8.42
HT22 EU0 B 1 -10.17 -4.10 -8.93
HT21 EU0 B 1 -9.10 -3.73 -7.55
H EU0 B 1 -8.59 -5.19 -6.14
HA EU0 B 1 -10.56 -7.32 -5.95
HB EU0 B 1 -8.68 -8.91 -5.01
HG11 EU0 B 1 -8.85 -10.30 -6.90
HG13 EU0 B 1 -9.23 -9.00 -8.00
HG12 EU0 B 1 -10.40 -9.49 -6.75
HG23 EU0 B 1 -7.13 -7.68 -7.29
HG22 EU0 B 1 -6.66 -9.05 -6.26
HG21 EU0 B 1 -6.79 -7.42 -5.56
HT11 EU0 B 1 -10.41 -6.21 -9.50
N HYP B 2 -10.26 -7.38 -3.37
CA HYP B 2 -10.16 -7.22 -1.91
C HYP B 2 -8.82 -7.75 -1.35
O HYP B 2 -8.12 -8.52 -2.00
CB HYP B 2 -11.31 -8.04 -1.34
CG HYP B 2 -11.50 -9.17 -2.36
CD HYP B 2 -11.20 -8.46 -3.69
OD1 HYP B 2 -12.80 -9.70 -2.31
HA HYP B 2 -10.28 -6.18 -1.64
HB2 HYP B 2 -11.07 -8.45 -0.37
HB3 HYP B 2 -12.22 -7.43 -1.30
HG HYP B 2 -10.76 -9.95 -2.18
HD22 HYP B 2 -10.79 -9.17 -4.39
HD23 HYP B 2 -12.12 -8.03 -4.08
HD1 HYP B 2 -13.01 -9.84 -1.35
N ILE B 3 -8.54 -7.39 -0.10
CA ILE B 3 -7.35 -7.86 0.64
C ILE B 3 -7.64 -9.21 1.32
N THR B 4 -6.70 -10.15 1.21
CA THR B 4 -6.60 -11.35 2.06
C THR B 4 -5.63 -11.11 3.21
N TYR B 5 -6.01 -11.51 4.43
CA TYR B 5 -5.24 -11.30 5.65
C TYR B 5 -5.39 -12.46 6.64
O LE1 B 6 -2.76 -13.50 9.67
C LE1 B 6 -3.71 -14.20 9.34
CA LE1 B 6 -4.19 -14.23 7.86
N LE1 B 6 -4.31 -12.87 7.29
CB LE1 B 6 -3.35 -15.17 6.93
C9 LE1 B 6 -3.13 -16.57 7.51
C8 LE1 B 6 -1.94 -14.61 6.70
SG LE1 B 6 -4.12 -15.23 5.25
HA LE1 B 6 -5.18 -14.67 7.90
H LE1 B 6 -3.44 -12.35 7.13
H9 LE1 B 6 -2.56 -16.52 8.44
H9A LE1 B 6 -2.58 -17.19 6.81
H9B LE1 B 6 -4.08 -17.04 7.71
H8 LE1 B 6 -1.34 -15.32 6.13
H8A LE1 B 6 -1.46 -14.44 7.66
H8B LE1 B 6 -1.98 -13.68 6.13
N ASN B 7 -4.41 -14.93 10.23
CA ASN B 7 -4.15 -14.93 11.67
C ASN B 7 -2.98 -15.87 12.02
N ARG B 8 -1.88 -15.35 12.58
CA ARG B 8 -0.75 -16.20 13.04
C ARG B 8 -1.14 -17.25 14.07
N DAB B 9 -2.07 -16.93 14.98
CA DAB B 9 -2.47 -17.86 16.04
C DAB B 9 -3.29 -19.10 15.56
O DAB B 9 -3.67 -19.92 16.39
CB DAB B 9 -3.20 -17.05 17.14
CG DAB B 9 -3.48 -17.88 18.40
ND DAB B 9 -4.04 -17.03 19.47
H DAB B 9 -2.39 -15.98 14.97
HA DAB B 9 -1.56 -18.27 16.48
HB2 DAB B 9 -2.57 -16.21 17.40
HB3 DAB B 9 -4.15 -16.68 16.73
HG2 DAB B 9 -4.17 -18.68 18.16
HG3 DAB B 9 -2.54 -18.34 18.73
HD1 DAB B 9 -3.38 -16.31 19.73
HD2 DAB B 9 -4.22 -17.60 20.29
HD3 DAB B 9 -4.90 -16.61 19.17
N THR B 10 -3.60 -19.21 14.26
CA THR B 10 -4.24 -20.39 13.65
C THR B 10 -3.65 -20.77 12.29
N 4FO B 11 -2.92 -19.86 11.64
CA 4FO B 11 -2.50 -19.99 10.24
C 4FO B 11 -3.66 -19.73 9.24
O 4FO B 11 -3.43 -19.84 8.03
CB 4FO B 11 -1.28 -19.07 10.03
CG 4FO B 11 -0.58 -19.28 8.69
NZ 4FO B 11 0.61 -18.43 8.58
H 4FO B 11 -2.80 -18.94 12.06
HA 4FO B 11 -2.18 -21.03 10.09
HB2 4FO B 11 -0.56 -19.26 10.83
HB3 4FO B 11 -1.60 -18.03 10.10
HG3 4FO B 11 -0.30 -20.33 8.60
HG2 4FO B 11 -1.28 -19.05 7.88
HZ3 4FO B 11 0.38 -17.42 8.60
HZ2 4FO B 11 1.08 -18.54 7.69
HZ1 4FO B 11 1.28 -18.55 9.33
N LYS B 12 -4.87 -19.41 9.72
CA LYS B 12 -6.10 -19.37 8.90
C LYS B 12 -6.46 -17.96 8.43
N CYS B 13 -6.97 -17.89 7.21
CA CYS B 13 -7.11 -16.66 6.44
C CYS B 13 -8.50 -16.03 6.49
N DAB B 14 -8.55 -14.75 6.15
CA DAB B 14 -9.69 -13.86 6.23
C DAB B 14 -9.65 -12.90 5.01
O DAB B 14 -8.57 -12.67 4.45
CB DAB B 14 -9.60 -13.07 7.55
CG DAB B 14 -9.22 -13.96 8.74
ND DAB B 14 -9.02 -13.17 9.96
H DAB B 14 -7.67 -14.29 5.90
HA DAB B 14 -10.62 -14.44 6.20
HB2 DAB B 14 -8.83 -12.31 7.44
HB3 DAB B 14 -10.55 -12.58 7.74
HG2 DAB B 14 -9.99 -14.71 8.89
HG3 DAB B 14 -8.28 -14.48 8.50
HD1 DAB B 14 -9.84 -12.67 10.26
HD2 DAB B 14 -8.24 -12.50 9.84
HD3 DAB B 14 -8.67 -13.75 10.72
N ARG B 15 -10.77 -12.33 4.58
CA ARG B 15 -10.84 -11.39 3.45
C ARG B 15 -12.09 -10.51 3.53
N TYR B 16 -12.10 -9.41 2.77
CA TYR B 16 -13.33 -8.75 2.29
C TYR B 16 -13.95 -9.59 1.16
N GLY A 1 -6.20 -24.39 -17.61
CA GLY A 1 -5.95 -22.95 -17.79
C GLY A 1 -4.71 -22.54 -17.01
N LYS A 2 -4.54 -21.25 -16.70
CA LYS A 2 -3.48 -20.75 -15.81
C LYS A 2 -4.00 -19.65 -14.89
N THR A 3 -3.38 -19.58 -13.72
CA THR A 3 -3.47 -18.54 -12.70
C THR A 3 -2.22 -17.63 -12.72
N GLY A 4 -1.99 -16.80 -11.68
CA GLY A 4 -0.97 -15.76 -11.64
C GLY A 4 -1.08 -14.88 -10.39
N ASP A 5 -1.25 -13.57 -10.54
CA ASP A 5 -1.51 -12.65 -9.41
C ASP A 5 -2.74 -13.03 -8.56
N THR A 6 -3.70 -13.75 -9.15
CA THR A 6 -4.84 -14.35 -8.41
C THR A 6 -4.46 -15.44 -7.41
N ASP A 7 -3.22 -15.95 -7.43
CA ASP A 7 -2.67 -16.88 -6.43
C ASP A 7 -2.09 -16.16 -5.22
N GLN A 8 -1.99 -14.83 -5.26
CA GLN A 8 -1.57 -13.96 -4.15
C GLN A 8 -2.58 -12.82 -3.92
N PRO A 9 -3.87 -13.11 -3.61
CA PRO A 9 -4.80 -12.10 -3.12
C PRO A 9 -4.20 -11.43 -1.88
N ILE A 10 -4.24 -10.09 -1.83
CA ILE A 10 -3.23 -9.24 -1.17
C ILE A 10 -2.91 -9.78 0.23
N HIS A 11 -1.71 -10.29 0.40
CA HIS A 11 -1.37 -11.01 1.60
C HIS A 11 -0.94 -10.04 2.70
N ILE A 12 -1.66 -10.07 3.83
CA ILE A 12 -1.39 -9.18 4.96
C ILE A 12 -1.32 -9.96 6.27
N GLU A 13 -0.14 -9.91 6.88
CA GLU A 13 0.21 -10.48 8.18
C GLU A 13 0.16 -9.40 9.27
N SER A 14 -0.52 -9.65 10.38
CA SER A 14 -0.36 -8.91 11.63
C SER A 14 -0.84 -9.72 12.82
N ASP A 15 -0.49 -9.30 14.03
CA ASP A 15 -0.99 -9.96 15.24
C ASP A 15 -2.37 -9.43 15.69
N GLN A 16 -2.62 -8.12 15.51
CA GLN A 16 -3.91 -7.46 15.73
C GLN A 16 -4.44 -6.88 14.41
N GLN A 17 -5.73 -7.08 14.13
CA GLN A 17 -6.41 -6.61 12.92
C GLN A 17 -7.94 -6.61 13.11
N SER A 18 -8.66 -5.73 12.40
CA SER A 18 -10.11 -5.54 12.54
C SER A 18 -10.82 -5.18 11.21
N LEU A 19 -12.14 -5.34 11.18
CA LEU A 19 -13.03 -5.07 10.04
C LEU A 19 -14.33 -4.43 10.55
N ASP A 20 -14.53 -3.13 10.31
CA ASP A 20 -15.77 -2.43 10.67
C ASP A 20 -16.92 -2.70 9.68
N MET A 21 -18.15 -2.74 10.20
CA MET A 21 -19.39 -2.95 9.44
C MET A 21 -20.02 -1.65 8.93
N GLN A 22 -19.80 -0.51 9.60
CA GLN A 22 -20.68 0.68 9.45
C GLN A 22 -20.13 1.80 8.54
N GLY A 23 -18.83 2.07 8.61
CA GLY A 23 -18.07 2.90 7.66
C GLY A 23 -17.02 2.10 6.88
N ASN A 24 -16.90 0.80 7.15
CA ASN A 24 -16.01 -0.16 6.52
C ASN A 24 -14.52 0.24 6.54
N VAL A 25 -14.05 0.67 7.70
CA VAL A 25 -12.61 0.80 7.99
C VAL A 25 -12.04 -0.56 8.40
N VAL A 26 -10.92 -0.93 7.81
CA VAL A 26 -10.14 -2.16 8.09
C VAL A 26 -8.80 -1.74 8.68
N THR A 27 -8.30 -2.42 9.72
CA THR A 27 -7.08 -2.03 10.43
C THR A 27 -6.16 -3.20 10.75
N PHE A 28 -4.88 -2.90 10.96
CA PHE A 28 -3.79 -3.81 11.32
C PHE A 28 -2.82 -3.08 12.26
N THR A 29 -2.33 -3.75 13.32
CA THR A 29 -1.24 -3.25 14.19
C THR A 29 -0.31 -4.35 14.68
N GLY A 30 0.92 -3.95 15.05
CA GLY A 30 2.07 -4.84 15.14
C GLY A 30 2.71 -5.02 13.76
N ASN A 31 3.90 -5.63 13.68
CA ASN A 31 4.73 -5.60 12.47
C ASN A 31 3.98 -6.19 11.24
N VAL A 32 3.76 -5.36 10.21
CA VAL A 32 2.94 -5.69 9.03
C VAL A 32 3.81 -5.96 7.80
N VAL A 33 3.39 -6.98 7.02
CA VAL A 33 3.81 -7.20 5.63
C VAL A 33 2.56 -7.04 4.75
N VAL A 34 2.67 -6.35 3.62
CA VAL A 34 1.66 -6.32 2.54
C VAL A 34 2.34 -6.68 1.22
N THR A 35 1.87 -7.73 0.53
CA THR A 35 2.36 -8.09 -0.82
C THR A 35 1.25 -8.55 -1.77
N GLN A 36 1.46 -8.27 -3.05
CA GLN A 36 0.66 -8.72 -4.21
C GLN A 36 1.51 -8.52 -5.47
N GLY A 37 1.26 -9.24 -6.57
CA GLY A 37 1.97 -9.07 -7.85
C GLY A 37 3.49 -8.88 -7.71
N THR A 38 3.95 -7.63 -7.86
CA THR A 38 5.34 -7.18 -7.72
C THR A 38 5.52 -6.03 -6.71
N ILE A 39 4.58 -5.87 -5.76
CA ILE A 39 4.47 -4.79 -4.77
C ILE A 39 4.85 -5.32 -3.37
N LYS A 40 5.56 -4.50 -2.56
CA LYS A 40 5.78 -4.74 -1.12
C LYS A 40 5.64 -3.47 -0.28
N ILE A 41 4.82 -3.51 0.77
CA ILE A 41 4.73 -2.48 1.83
C ILE A 41 5.10 -3.06 3.20
N ASN A 42 5.78 -2.28 4.05
CA ASN A 42 5.96 -2.59 5.48
C ASN A 42 5.68 -1.37 6.37
N ALA A 43 5.10 -1.64 7.55
CA ALA A 43 4.70 -0.69 8.57
C ALA A 43 4.41 -1.43 9.89
N ASP A 44 4.18 -0.73 11.01
CA ASP A 44 3.61 -1.31 12.25
C ASP A 44 2.13 -0.94 12.48
N LYS A 45 1.56 -0.17 11.56
CA LYS A 45 0.12 0.09 11.41
C LYS A 45 -0.24 0.08 9.93
N VAL A 46 -1.33 -0.59 9.56
CA VAL A 46 -1.95 -0.47 8.23
C VAL A 46 -3.45 -0.26 8.37
N VAL A 47 -4.03 0.54 7.49
CA VAL A 47 -5.46 0.83 7.38
C VAL A 47 -5.89 0.56 5.95
N VAL A 48 -7.10 0.04 5.74
CA VAL A 48 -7.67 -0.23 4.41
C VAL A 48 -9.18 0.08 4.42
N THR A 49 -9.77 0.42 3.28
CA THR A 49 -11.23 0.61 3.16
C THR A 49 -11.72 0.41 1.72
N ARG A 50 -13.04 0.26 1.58
CA ARG A 50 -13.78 0.08 0.33
C ARG A 50 -14.60 1.36 0.06
N PRO A 51 -14.04 2.37 -0.65
CA PRO A 51 -14.57 3.73 -0.74
C PRO A 51 -15.77 3.83 -1.72
N GLY A 52 -16.84 3.11 -1.41
CA GLY A 52 -18.05 3.01 -2.23
C GLY A 52 -18.61 1.60 -2.26
N ASN A 53 -19.86 1.45 -2.73
CA ASN A 53 -20.57 0.17 -2.84
C ASN A 53 -20.09 -0.69 -4.04
N GLU A 54 -18.79 -0.73 -4.31
CA GLU A 54 -18.20 -1.29 -5.54
C GLU A 54 -16.81 -1.93 -5.30
N LYS A 55 -16.26 -2.57 -6.35
CA LYS A 55 -14.86 -3.04 -6.44
C LYS A 55 -14.10 -2.41 -7.61
N GLY A 56 -12.80 -2.24 -7.50
CA GLY A 56 -11.91 -1.69 -8.54
C GLY A 56 -11.22 -0.37 -8.18
N LYS A 57 -11.47 0.17 -6.97
CA LYS A 57 -10.53 1.02 -6.24
C LYS A 57 -10.78 0.82 -4.74
N GLU A 58 -9.86 0.13 -4.09
CA GLU A 58 -9.87 -0.14 -2.66
C GLU A 58 -8.58 0.41 -2.06
N VAL A 59 -8.68 1.11 -0.94
CA VAL A 59 -7.58 1.86 -0.32
C VAL A 59 -6.76 0.93 0.56
N ILE A 60 -5.42 1.05 0.49
CA ILE A 60 -4.50 0.58 1.53
C ILE A 60 -3.57 1.74 1.93
N GLU A 61 -3.65 2.19 3.17
CA GLU A 61 -2.75 3.16 3.79
C GLU A 61 -1.84 2.51 4.85
N GLY A 62 -0.54 2.40 4.55
CA GLY A 62 0.48 2.00 5.50
C GLY A 62 1.04 3.18 6.29
N PHE A 63 1.07 3.05 7.62
CA PHE A 63 1.59 4.02 8.59
C PHE A 63 2.76 3.36 9.33
N GLY A 64 3.95 3.46 8.75
CA GLY A 64 5.13 2.78 9.28
C GLY A 64 5.94 3.63 10.24
N ASN A 65 6.03 4.94 9.97
CA ASN A 65 6.78 5.91 10.76
C ASN A 65 8.15 5.37 11.28
N PRO A 66 9.05 4.88 10.39
CA PRO A 66 9.02 4.95 8.93
C PRO A 66 8.38 3.74 8.22
N ALA A 67 7.82 3.98 7.03
CA ALA A 67 7.29 2.98 6.09
C ALA A 67 8.24 2.75 4.91
N THR A 68 8.17 1.55 4.30
CA THR A 68 8.92 1.25 3.06
C THR A 68 8.04 0.66 1.96
N PHE A 69 8.21 1.19 0.75
CA PHE A 69 7.59 0.77 -0.50
C PHE A 69 8.62 0.10 -1.42
N TYR A 70 8.23 -0.92 -2.17
CA TYR A 70 8.97 -1.45 -3.32
C TYR A 70 8.02 -1.88 -4.44
N GLN A 71 8.46 -1.66 -5.69
CA GLN A 71 7.78 -2.05 -6.92
C GLN A 71 8.82 -2.58 -7.92
N MET A 72 8.65 -3.83 -8.40
CA MET A 72 9.44 -4.31 -9.54
C MET A 72 8.99 -3.60 -10.83
N GLN A 73 9.95 -3.19 -11.66
CA GLN A 73 9.74 -2.51 -12.94
C GLN A 73 10.79 -3.04 -13.92
N ASP A 74 10.38 -4.07 -14.67
CA ASP A 74 11.27 -5.12 -15.17
C ASP A 74 12.07 -4.76 -16.43
N ASN A 75 11.98 -3.50 -16.89
CA ASN A 75 12.96 -2.85 -17.79
C ASN A 75 14.34 -2.61 -17.11
N GLY A 76 14.65 -3.34 -16.04
CA GLY A 76 15.79 -3.10 -15.16
C GLY A 76 15.73 -1.75 -14.43
N LYS A 77 14.53 -1.31 -14.03
CA LYS A 77 14.27 -0.03 -13.34
C LYS A 77 13.38 -0.17 -12.09
N PRO A 78 13.53 -1.20 -11.22
CA PRO A 78 12.74 -1.32 -10.00
C PRO A 78 12.89 -0.08 -9.11
N VAL A 79 11.84 0.27 -8.36
CA VAL A 79 11.81 1.49 -7.54
C VAL A 79 11.40 1.18 -6.12
N LYS A 80 11.90 1.97 -5.17
CA LYS A 80 11.58 1.91 -3.75
C LYS A 80 11.29 3.30 -3.19
N GLY A 81 10.52 3.34 -2.10
CA GLY A 81 10.08 4.58 -1.45
C GLY A 81 10.17 4.49 0.07
N ARG A 82 10.49 5.62 0.70
CA ARG A 82 10.98 5.72 2.07
C ARG A 82 10.43 7.00 2.71
N ALA A 83 9.44 6.86 3.58
CA ALA A 83 8.62 7.94 4.13
C ALA A 83 8.11 7.59 5.54
N SER A 84 7.26 8.43 6.15
CA SER A 84 6.46 8.03 7.31
C SER A 84 5.26 7.15 6.92
N LYS A 85 4.62 7.48 5.79
CA LYS A 85 3.31 6.96 5.36
C LYS A 85 3.34 6.64 3.85
N MET A 86 2.67 5.57 3.42
CA MET A 86 2.33 5.25 2.03
C MET A 86 0.82 4.98 1.88
N ARG A 87 0.20 5.36 0.75
CA ARG A 87 -1.06 4.80 0.24
C ARG A 87 -0.87 4.16 -1.14
N TYR A 88 -1.62 3.10 -1.39
CA TYR A 88 -1.91 2.51 -2.70
C TYR A 88 -3.44 2.38 -2.88
N GLU A 89 -3.92 2.32 -4.12
CA GLU A 89 -5.33 2.01 -4.43
C GLU A 89 -5.47 0.93 -5.51
N LEU A 90 -6.43 0.02 -5.31
CA LEU A 90 -6.65 -1.17 -6.15
C LEU A 90 -7.33 -0.93 -7.50
N GLN A 91 -7.31 0.32 -7.97
CA GLN A 91 -7.26 0.65 -9.41
C GLN A 91 -5.91 0.24 -10.05
N ASN A 92 -4.90 -0.08 -9.23
CA ASN A 92 -3.59 -0.62 -9.64
C ASN A 92 -2.78 0.39 -10.48
N ASP A 93 -2.73 1.63 -9.98
CA ASP A 93 -2.56 2.81 -10.84
C ASP A 93 -1.63 3.87 -10.25
N TYR A 94 -1.83 4.26 -8.98
CA TYR A 94 -0.99 5.22 -8.28
C TYR A 94 -0.65 4.78 -6.85
N VAL A 95 0.49 5.30 -6.37
CA VAL A 95 1.00 5.24 -5.00
C VAL A 95 1.28 6.68 -4.56
N VAL A 96 0.99 7.03 -3.30
CA VAL A 96 1.32 8.34 -2.73
C VAL A 96 1.94 8.21 -1.34
N LEU A 97 3.06 8.91 -1.11
CA LEU A 97 3.83 8.90 0.14
C LEU A 97 3.61 10.21 0.89
N THR A 98 3.71 10.16 2.22
CA THR A 98 3.51 11.31 3.11
C THR A 98 4.43 11.27 4.33
N GLY A 99 4.82 12.44 4.82
CA GLY A 99 5.72 12.59 5.95
C GLY A 99 7.17 12.38 5.53
N ASN A 100 7.84 13.50 5.23
CA ASN A 100 9.25 13.61 4.85
C ASN A 100 9.69 12.69 3.67
N ALA A 101 8.74 12.33 2.80
CA ALA A 101 8.87 11.32 1.76
C ALA A 101 10.12 11.41 0.85
N TYR A 102 10.63 10.24 0.48
CA TYR A 102 11.67 10.00 -0.52
C TYR A 102 11.21 8.87 -1.45
N LEU A 103 11.43 9.00 -2.76
CA LEU A 103 11.13 7.94 -3.73
C LEU A 103 12.16 7.98 -4.87
N GLU A 104 12.88 6.87 -5.03
CA GLU A 104 14.30 6.90 -5.36
C GLU A 104 14.67 5.90 -6.47
N GLN A 105 14.73 6.39 -7.72
CA GLN A 105 15.04 5.63 -8.94
C GLN A 105 16.52 5.82 -9.36
N LEU A 106 17.06 4.91 -10.17
CA LEU A 106 18.45 4.95 -10.66
C LEU A 106 18.77 6.25 -11.43
N ASP A 107 17.84 6.69 -12.28
CA ASP A 107 17.91 7.95 -13.04
C ASP A 107 17.80 9.19 -12.14
N SER A 108 16.70 9.31 -11.39
CA SER A 108 16.34 10.50 -10.61
C SER A 108 15.81 10.10 -9.23
N ASN A 109 16.25 10.81 -8.18
CA ASN A 109 15.84 10.52 -6.81
C ASN A 109 15.07 11.71 -6.23
N ILE A 110 13.79 11.51 -5.89
CA ILE A 110 12.86 12.59 -5.56
C ILE A 110 12.73 12.66 -4.03
N LYS A 111 13.01 13.85 -3.45
CA LYS A 111 13.00 14.13 -2.01
C LYS A 111 12.05 15.28 -1.69
N GLY A 112 11.17 15.09 -0.70
CA GLY A 112 10.26 16.13 -0.22
C GLY A 112 9.53 15.72 1.06
N ASP A 113 8.24 16.04 1.14
CA ASP A 113 7.30 15.66 2.20
C ASP A 113 6.17 14.73 1.69
N LYS A 114 5.84 14.87 0.40
CA LYS A 114 4.57 14.48 -0.24
C LYS A 114 4.86 14.17 -1.72
N ILE A 115 4.79 12.90 -2.10
CA ILE A 115 5.24 12.39 -3.42
C ILE A 115 4.23 11.37 -3.96
N THR A 116 3.87 11.49 -5.23
CA THR A 116 3.13 10.46 -5.98
C THR A 116 4.07 9.70 -6.92
N TYR A 117 3.83 8.41 -7.10
CA TYR A 117 4.42 7.57 -8.13
C TYR A 117 3.32 6.76 -8.83
N LEU A 118 3.42 6.59 -10.15
CA LEU A 118 2.44 5.82 -10.93
C LEU A 118 2.98 4.42 -11.23
N VAL A 119 2.20 3.37 -10.92
CA VAL A 119 2.54 1.96 -11.21
C VAL A 119 2.19 1.61 -12.66
N LYS A 120 2.90 2.29 -13.55
CA LYS A 120 2.53 2.57 -14.95
C LYS A 120 3.82 2.70 -15.79
N GLU A 121 3.75 3.41 -16.90
CA GLU A 121 4.86 4.23 -17.40
C GLU A 121 5.54 4.98 -16.24
N GLN A 122 6.87 4.97 -16.18
CA GLN A 122 7.59 5.37 -14.96
C GLN A 122 7.57 6.89 -14.71
N LYS A 123 6.53 7.37 -14.00
CA LYS A 123 6.43 8.77 -13.55
C LYS A 123 6.37 8.90 -12.03
N MET A 124 7.24 9.77 -11.52
CA MET A 124 7.19 10.37 -10.18
C MET A 124 6.63 11.80 -10.25
N GLN A 125 6.13 12.31 -9.12
CA GLN A 125 5.74 13.70 -8.93
C GLN A 125 5.89 14.12 -7.45
N ALA A 126 6.67 15.17 -7.19
CA ALA A 126 6.59 15.95 -5.95
C ALA A 126 5.71 17.19 -6.14
N PHE A 127 5.20 17.75 -5.05
CA PHE A 127 4.19 18.83 -5.08
C PHE A 127 4.63 20.07 -4.29
N SER A 128 3.80 21.12 -4.37
CA SER A 128 3.97 22.51 -3.88
C SER A 128 4.15 22.64 -2.35
N ASP A 129 3.40 23.51 -1.65
CA ASP A 129 3.75 23.87 -0.27
C ASP A 129 3.82 22.67 0.70
N LYS A 130 4.72 22.81 1.67
CA LYS A 130 5.07 21.85 2.73
C LYS A 130 5.56 22.55 4.02
N GLY A 131 5.59 23.88 4.06
CA GLY A 131 5.93 24.63 5.26
C GLY A 131 4.93 24.35 6.39
N ARG A 132 5.40 24.39 7.65
CA ARG A 132 4.61 24.00 8.84
C ARG A 132 3.62 25.08 9.28
N ARG A 133 2.80 25.50 8.33
CA ARG A 133 1.95 26.70 8.28
C ARG A 133 1.85 27.58 9.52
NT1 EU0 B 1 -5.55 -8.38 -9.12
CT EU0 B 1 -5.60 -7.31 -8.42
NT2 EU0 B 1 -5.37 -6.21 -9.04
N EU0 B 1 -5.88 -7.30 -7.16
CA EU0 B 1 -6.52 -8.41 -6.40
CB EU0 B 1 -5.51 -9.50 -5.92
CG1 EU0 B 1 -5.54 -10.80 -6.74
CG2 EU0 B 1 -4.06 -9.01 -5.75
C EU0 B 1 -7.33 -7.89 -5.19
O EU0 B 1 -6.97 -6.84 -4.64
HT12 EU0 B 1 -4.90 -9.11 -8.73
HT22 EU0 B 1 -5.06 -6.24 -10.02
HT21 EU0 B 1 -5.29 -5.31 -8.54
H EU0 B 1 -5.85 -6.40 -6.67
HA EU0 B 1 -7.22 -8.91 -7.05
HB EU0 B 1 -5.84 -9.78 -4.92
HG11 EU0 B 1 -5.21 -10.64 -7.76
HG13 EU0 B 1 -6.55 -11.21 -6.76
HG12 EU0 B 1 -4.88 -11.54 -6.28
HG23 EU0 B 1 -3.61 -8.77 -6.72
HG22 EU0 B 1 -3.46 -9.78 -5.28
HG21 EU0 B 1 -4.04 -8.12 -5.13
HT11 EU0 B 1 -5.44 -8.30 -10.13
N HYP B 2 -8.34 -8.62 -4.69
CA HYP B 2 -8.88 -8.45 -3.33
C HYP B 2 -7.89 -8.92 -2.25
O HYP B 2 -6.90 -9.58 -2.57
CB HYP B 2 -10.18 -9.27 -3.27
CG HYP B 2 -10.50 -9.59 -4.73
CD HYP B 2 -9.12 -9.63 -5.38
OD1 HYP B 2 -11.28 -8.57 -5.32
HA HYP B 2 -9.12 -7.40 -3.16
HB2 HYP B 2 -10.02 -10.21 -2.74
HB3 HYP B 2 -10.99 -8.71 -2.80
HG HYP B 2 -11.01 -10.56 -4.83
HD22 HYP B 2 -8.66 -10.61 -5.24
HD23 HYP B 2 -9.21 -9.42 -6.45
HD1 HYP B 2 -11.92 -8.27 -4.67
N ILE B 3 -8.17 -8.65 -0.97
CA ILE B 3 -7.28 -8.92 0.17
C ILE B 3 -7.42 -10.40 0.61
N THR B 4 -6.35 -11.03 1.10
CA THR B 4 -6.42 -12.22 1.97
C THR B 4 -5.41 -12.12 3.12
N TYR B 5 -5.94 -11.80 4.29
CA TYR B 5 -5.20 -11.36 5.47
C TYR B 5 -5.35 -12.34 6.65
O LE1 B 6 -3.22 -12.35 10.23
C LE1 B 6 -4.01 -13.23 9.90
CA LE1 B 6 -4.19 -13.62 8.42
N LE1 B 6 -4.34 -12.47 7.51
CB LE1 B 6 -3.12 -14.61 7.88
C9 LE1 B 6 -2.91 -15.83 8.79
C8 LE1 B 6 -1.74 -13.93 7.73
SG LE1 B 6 -3.61 -15.16 6.19
HA LE1 B 6 -5.12 -14.19 8.40
H LE1 B 6 -3.53 -11.87 7.37
H9 LE1 B 6 -2.27 -16.56 8.30
H9A LE1 B 6 -3.86 -16.30 9.04
H9B LE1 B 6 -2.43 -15.52 9.73
H8 LE1 B 6 -1.78 -13.13 6.99
H8A LE1 B 6 -1.00 -14.66 7.41
H8B LE1 B 6 -1.42 -13.51 8.68
N ASN B 7 -4.76 -13.86 10.81
CA ASN B 7 -4.84 -13.52 12.24
C ASN B 7 -3.87 -14.37 13.06
N ARG B 8 -2.72 -13.79 13.47
CA ARG B 8 -1.68 -14.54 14.21
C ARG B 8 -2.07 -14.88 15.66
N DAB B 9 -3.04 -14.20 16.26
CA DAB B 9 -3.64 -14.68 17.51
C DAB B 9 -4.48 -15.97 17.30
O DAB B 9 -4.18 -17.00 17.90
CB DAB B 9 -4.51 -13.58 18.17
CG DAB B 9 -3.74 -12.67 19.12
ND DAB B 9 -2.88 -11.75 18.37
H DAB B 9 -3.33 -13.33 15.83
HA DAB B 9 -2.84 -14.95 18.21
HB2 DAB B 9 -5.02 -12.99 17.41
HB3 DAB B 9 -5.27 -14.07 18.78
HG2 DAB B 9 -4.45 -12.08 19.71
HG3 DAB B 9 -3.13 -13.27 19.80
HD1 DAB B 9 -2.13 -12.19 17.83
HD2 DAB B 9 -2.33 -11.13 18.95
HD3 DAB B 9 -3.37 -11.09 17.77
N THR B 10 -5.52 -15.92 16.46
CA THR B 10 -6.52 -17.01 16.37
C THR B 10 -6.02 -18.21 15.57
N 4FO B 11 -5.37 -17.99 14.42
CA 4FO B 11 -4.65 -19.07 13.72
C 4FO B 11 -5.00 -19.24 12.22
O 4FO B 11 -4.43 -20.10 11.56
CB 4FO B 11 -3.13 -18.90 13.94
CG 4FO B 11 -2.75 -18.39 15.34
NZ 4FO B 11 -3.21 -19.27 16.43
H 4FO B 11 -5.28 -17.05 14.08
HA 4FO B 11 -4.92 -20.03 14.15
HB2 4FO B 11 -2.76 -18.17 13.22
HB3 4FO B 11 -2.63 -19.85 13.74
HG3 4FO B 11 -1.66 -18.25 15.39
HG2 4FO B 11 -3.21 -17.41 15.46
HZ3 4FO B 11 -3.08 -18.77 17.31
HZ2 4FO B 11 -2.73 -20.15 16.45
HZ1 4FO B 11 -4.22 -19.41 16.37
N LYS B 12 -5.97 -18.45 11.69
CA LYS B 12 -6.47 -18.59 10.31
C LYS B 12 -6.59 -17.24 9.59
N CYS B 13 -7.04 -17.30 8.32
CA CYS B 13 -7.17 -16.12 7.47
C CYS B 13 -8.63 -15.64 7.28
N DAB B 14 -8.74 -14.45 6.68
CA DAB B 14 -9.94 -13.71 6.31
C DAB B 14 -9.68 -12.95 4.97
O DAB B 14 -8.53 -12.83 4.55
CB DAB B 14 -10.39 -12.77 7.46
CG DAB B 14 -9.51 -12.65 8.71
ND DAB B 14 -8.25 -11.92 8.50
H DAB B 14 -7.87 -14.04 6.34
HA DAB B 14 -10.74 -14.42 6.11
HB2 DAB B 14 -10.59 -11.78 7.06
HB3 DAB B 14 -11.35 -13.15 7.80
HG2 DAB B 14 -10.09 -12.13 9.49
HG3 DAB B 14 -9.29 -13.65 9.08
HD1 DAB B 14 -7.71 -11.86 9.37
HD2 DAB B 14 -8.37 -10.96 8.18
HD3 DAB B 14 -7.64 -12.39 7.83
N ARG B 15 -10.71 -12.41 4.30
CA ARG B 15 -10.59 -11.69 3.01
C ARG B 15 -11.50 -10.47 2.95
N TYR B 16 -11.20 -9.52 2.06
CA TYR B 16 -11.98 -8.29 1.84
C TYR B 16 -11.79 -7.70 0.43
#